data_7SVM
#
_entry.id   7SVM
#
_cell.length_a   162.288
_cell.length_b   244.937
_cell.length_c   261.487
_cell.angle_alpha   90.000
_cell.angle_beta   90.000
_cell.angle_gamma   90.000
#
_symmetry.space_group_name_H-M   'C 2 2 21'
#
loop_
_entity.id
_entity.type
_entity.pdbx_description
1 polymer 'Dipeptidyl peptidase 8'
2 non-polymer (2S)-2-amino-1-(1,3-dihydro-2H-isoindol-2-yl)-2-[(1r,4S)-4-(pyrrolidin-1-yl)cyclohexyl]ethan-1-one
3 non-polymer 'trimethylamine oxide'
4 water water
#
_entity_poly.entity_id   1
_entity_poly.type   'polypeptide(L)'
_entity_poly.pdbx_seq_one_letter_code
;MWKRSEQMKIKSGKCNMAAAMETEQLGVEIFETADCEENIESQDRPKLEPFYVERYSWSQLKKLLADTRKYHGYMMAKAP
HDFMFVKRNDPDGPHSDRIYYLAMSGENRENTLFYSEIPKTINRAAVLMLSWKPLLDLFQATLDYGMYSREEELLRERKR
IGTVGIASYDYHQGSGTFLFQAGSGIYHVKDGGPQGFTQQPLRPNLVETSCPNIRMDPKLCPADPDWIAFIHSNDIWISN
IVTREERRLTYVHNELANMEEDARSAGVATFVLQEEFDRYSGYWWCPKAETTPSGGKILRILYEENDESEVEIIHVTSPM
LETRRADSFRYPKTGTANPKVTFKMSEIMIDAEGRIIDVIDKELIQPFEILFEGVEYIARAGWTPEGKYAWSILLDRSQT
RLQIVLISPELFIPVEDDVMERQRLIESVPDSVTPLIIYEETTDIWINIHDIFHVFPQSHEEEIEFIFASECKTGFRHLY
KITSILKESKYKRSSGGLPAPSDFKCPIKEEIAITSGEWEVLGRHGSNIQVDEVRRLVYFEGTKDSPLEHHLYVVSYVNP
GEVTRLTDRGYSHSCCISQHCDFFISKYSNQKNPHCVSLYKLSSPEDDPTCKTKEFWATILDSAGPLPDYTPPEIFSFES
TTGFTLYGMLYKPHDLQPGKKYPTVLFIYGGPQVQLVNNRFKGVKYFRLNTLASLGYVVVVIDNRGSCHRGLKFEGAFKY
KMGQIEIDDQVEGLQYLASRYDFIDLDRVGIHGWSYGGYLSLMALMQRSDIFRVAIAGAPVTLWIFYDTGYTERYMGHPD
QNEQGYYLGSVAMQAEKFPSEPNRLLLLHGFLDENVHFAHTSILLSFLVRAGKPYDLQIYPQERHSIRVPESGEHYELHL
LHYLQENLGSRIAALKVI
;
_entity_poly.pdbx_strand_id   A,B,C
#
loop_
_chem_comp.id
_chem_comp.type
_chem_comp.name
_chem_comp.formula
D06 non-polymer (2S)-2-amino-1-(1,3-dihydro-2H-isoindol-2-yl)-2-[(1r,4S)-4-(pyrrolidin-1-yl)cyclohexyl]ethan-1-one 'C20 H29 N3 O'
TMO non-polymer 'trimethylamine oxide' 'C3 H9 N O'
#
# COMPACT_ATOMS: atom_id res chain seq x y z
N LYS A 47 5.82 48.19 -45.14
CA LYS A 47 5.68 46.69 -45.22
C LYS A 47 5.96 46.15 -46.63
N LEU A 48 6.21 44.84 -46.67
CA LEU A 48 6.72 44.09 -47.84
C LEU A 48 5.65 43.20 -48.50
N GLU A 49 5.82 42.90 -49.78
CA GLU A 49 4.88 42.04 -50.53
C GLU A 49 5.31 40.56 -50.36
N PRO A 50 4.35 39.64 -50.11
CA PRO A 50 4.73 38.25 -49.98
C PRO A 50 5.16 37.62 -51.31
N PHE A 51 6.27 36.89 -51.30
CA PHE A 51 6.68 36.07 -52.46
C PHE A 51 5.96 34.76 -52.35
N TYR A 52 5.30 34.36 -53.42
CA TYR A 52 4.66 33.05 -53.55
C TYR A 52 5.45 32.16 -54.50
N VAL A 53 5.75 30.92 -54.06
CA VAL A 53 6.50 29.99 -54.89
C VAL A 53 5.69 29.61 -56.12
N GLU A 54 6.41 29.30 -57.20
CA GLU A 54 5.76 28.83 -58.42
C GLU A 54 5.12 27.48 -58.14
N ARG A 55 3.91 27.34 -58.66
CA ARG A 55 3.03 26.26 -58.32
C ARG A 55 3.14 25.21 -59.44
N TYR A 56 4.02 24.24 -59.23
CA TYR A 56 4.23 23.12 -60.13
C TYR A 56 3.22 21.99 -59.86
N SER A 57 2.83 21.26 -60.90
CA SER A 57 2.13 20.00 -60.79
C SER A 57 3.03 18.94 -60.21
N TRP A 58 2.40 17.86 -59.78
CA TRP A 58 3.12 16.72 -59.15
C TRP A 58 4.14 16.11 -60.15
N SER A 59 3.71 15.95 -61.40
CA SER A 59 4.56 15.43 -62.49
C SER A 59 5.74 16.34 -62.79
N GLN A 60 5.47 17.66 -62.88
CA GLN A 60 6.51 18.68 -63.06
C GLN A 60 7.54 18.67 -61.96
N LEU A 61 7.07 18.58 -60.72
CA LEU A 61 7.98 18.47 -59.57
C LEU A 61 8.83 17.21 -59.56
N LYS A 62 8.25 16.11 -60.05
CA LYS A 62 8.96 14.82 -60.18
C LYS A 62 10.13 14.95 -61.14
N LYS A 63 9.89 15.61 -62.29
CA LYS A 63 10.94 15.99 -63.29
C LYS A 63 12.00 16.86 -62.65
N LEU A 64 11.58 17.98 -62.07
CA LEU A 64 12.51 18.94 -61.44
C LEU A 64 13.47 18.27 -60.47
N LEU A 65 12.93 17.41 -59.64
CA LEU A 65 13.70 16.66 -58.68
C LEU A 65 14.63 15.63 -59.28
N ALA A 66 14.14 14.95 -60.31
CA ALA A 66 14.95 13.97 -61.07
C ALA A 66 16.12 14.64 -61.78
N ASP A 67 15.84 15.73 -62.51
CA ASP A 67 16.84 16.54 -63.20
C ASP A 67 17.98 17.02 -62.31
N THR A 68 17.66 17.54 -61.14
CA THR A 68 18.66 18.05 -60.20
C THR A 68 19.49 16.98 -59.50
N ARG A 69 19.02 15.73 -59.52
CA ARG A 69 19.75 14.57 -59.01
C ARG A 69 20.60 13.82 -60.10
N LYS A 70 20.37 14.05 -61.41
CA LYS A 70 21.04 13.31 -62.54
C LYS A 70 22.57 13.41 -62.58
N TYR A 71 23.10 14.62 -62.83
CA TYR A 71 24.56 14.92 -62.71
C TYR A 71 25.14 14.67 -61.28
N HIS A 72 24.28 14.85 -60.27
CA HIS A 72 24.60 14.63 -58.85
C HIS A 72 24.72 13.14 -58.37
N GLY A 73 24.62 12.14 -59.25
CA GLY A 73 24.75 10.71 -58.89
C GLY A 73 26.12 10.16 -58.41
N TYR A 74 27.21 10.84 -58.77
CA TYR A 74 28.61 10.47 -58.33
C TYR A 74 28.78 10.46 -56.81
N MET A 75 28.18 11.45 -56.16
CA MET A 75 28.33 11.71 -54.72
C MET A 75 27.77 10.61 -53.78
N MET A 76 26.87 9.74 -54.28
CA MET A 76 26.51 8.47 -53.58
C MET A 76 27.61 7.39 -53.82
N ALA A 77 28.70 7.51 -53.06
CA ALA A 77 29.89 6.62 -53.13
C ALA A 77 30.83 6.82 -51.91
N LYS A 78 31.14 5.76 -51.17
CA LYS A 78 31.95 5.85 -49.93
C LYS A 78 33.37 6.32 -50.24
N ALA A 79 33.76 7.41 -49.56
CA ALA A 79 35.14 7.88 -49.60
C ALA A 79 36.05 6.89 -48.90
N PRO A 80 37.34 6.82 -49.32
CA PRO A 80 38.32 5.98 -48.67
C PRO A 80 38.32 6.03 -47.16
N HIS A 81 38.33 4.85 -46.54
CA HIS A 81 38.30 4.73 -45.08
C HIS A 81 38.95 3.42 -44.62
N ASP A 82 39.04 3.25 -43.31
CA ASP A 82 39.62 2.10 -42.60
C ASP A 82 41.05 1.91 -43.09
N PHE A 83 41.83 2.98 -42.94
CA PHE A 83 43.21 2.98 -43.37
C PHE A 83 44.10 2.13 -42.48
N MET A 84 45.14 1.58 -43.08
CA MET A 84 46.18 0.89 -42.38
C MET A 84 47.48 1.04 -43.15
N PHE A 85 48.53 1.40 -42.43
CA PHE A 85 49.85 1.62 -43.00
C PHE A 85 50.73 0.42 -42.66
N VAL A 86 51.43 -0.09 -43.68
CA VAL A 86 52.38 -1.19 -43.49
C VAL A 86 53.70 -0.81 -44.15
N LYS A 87 54.78 -0.96 -43.40
CA LYS A 87 56.11 -0.62 -43.86
C LYS A 87 56.59 -1.64 -44.86
N ARG A 88 57.26 -1.15 -45.92
CA ARG A 88 57.87 -2.01 -46.93
C ARG A 88 59.18 -2.65 -46.46
N ASN A 89 59.96 -1.94 -45.65
CA ASN A 89 61.28 -2.39 -45.16
C ASN A 89 62.16 -2.94 -46.29
N ASP A 90 62.28 -2.13 -47.34
CA ASP A 90 63.04 -2.44 -48.53
C ASP A 90 63.97 -1.24 -48.74
N PRO A 91 65.21 -1.31 -48.25
CA PRO A 91 66.11 -0.13 -48.38
C PRO A 91 66.43 0.28 -49.83
N ASP A 92 66.42 -0.66 -50.77
CA ASP A 92 66.63 -0.36 -52.19
C ASP A 92 65.38 0.10 -52.97
N GLY A 93 64.19 -0.09 -52.41
CA GLY A 93 62.94 0.23 -53.09
C GLY A 93 62.55 1.69 -52.99
N PRO A 94 61.63 2.14 -53.88
CA PRO A 94 61.18 3.56 -53.86
C PRO A 94 60.09 3.93 -52.81
N HIS A 95 59.48 2.93 -52.14
CA HIS A 95 58.35 3.17 -51.27
C HIS A 95 58.67 2.85 -49.82
N SER A 96 58.21 3.72 -48.93
CA SER A 96 58.37 3.53 -47.48
C SER A 96 57.25 2.66 -46.95
N ASP A 97 56.02 2.95 -47.37
CA ASP A 97 54.81 2.24 -46.93
C ASP A 97 53.89 1.83 -48.09
N ARG A 98 53.00 0.89 -47.80
CA ARG A 98 51.79 0.58 -48.56
C ARG A 98 50.65 0.85 -47.61
N ILE A 99 49.66 1.59 -48.07
CA ILE A 99 48.45 1.82 -47.30
C ILE A 99 47.37 0.98 -47.90
N TYR A 100 46.56 0.38 -47.04
CA TYR A 100 45.38 -0.37 -47.41
C TYR A 100 44.16 0.36 -46.85
N TYR A 101 43.07 0.33 -47.60
CA TYR A 101 41.82 1.02 -47.23
C TYR A 101 40.61 0.43 -47.95
N LEU A 102 39.43 0.74 -47.45
CA LEU A 102 38.17 0.38 -48.08
C LEU A 102 37.64 1.59 -48.84
N ALA A 103 37.07 1.37 -50.02
CA ALA A 103 36.46 2.43 -50.82
C ALA A 103 35.59 1.83 -51.91
N MET A 104 34.80 2.68 -52.57
CA MET A 104 34.18 2.35 -53.89
C MET A 104 34.93 3.11 -54.98
N SER A 105 35.30 2.44 -56.07
CA SER A 105 35.86 3.13 -57.27
C SER A 105 34.87 4.14 -57.94
N GLY A 106 33.56 3.84 -57.88
CA GLY A 106 32.48 4.73 -58.40
C GLY A 106 31.06 4.38 -57.90
N GLU A 107 30.04 4.99 -58.51
CA GLU A 107 28.61 4.68 -58.20
C GLU A 107 28.19 3.32 -58.79
N ASN A 108 27.25 2.63 -58.14
CA ASN A 108 26.72 1.30 -58.58
C ASN A 108 27.85 0.21 -58.65
N ARG A 109 28.68 0.20 -57.62
CA ARG A 109 29.89 -0.64 -57.52
C ARG A 109 30.22 -0.86 -56.04
N GLU A 110 30.69 -2.06 -55.71
CA GLU A 110 30.81 -2.46 -54.31
C GLU A 110 32.04 -1.83 -53.61
N ASN A 111 31.92 -1.76 -52.29
CA ASN A 111 32.95 -1.28 -51.40
C ASN A 111 33.94 -2.41 -51.23
N THR A 112 35.21 -2.16 -51.51
CA THR A 112 36.25 -3.19 -51.47
C THR A 112 37.59 -2.65 -51.03
N LEU A 113 38.52 -3.57 -50.85
CA LEU A 113 39.87 -3.28 -50.43
C LEU A 113 40.72 -2.81 -51.61
N PHE A 114 41.39 -1.68 -51.38
CA PHE A 114 42.40 -1.13 -52.26
C PHE A 114 43.71 -0.94 -51.49
N TYR A 115 44.79 -0.78 -52.25
CA TYR A 115 46.05 -0.29 -51.72
C TYR A 115 46.64 0.80 -52.58
N SER A 116 47.46 1.64 -51.95
CA SER A 116 48.30 2.64 -52.63
C SER A 116 49.72 2.63 -52.07
N GLU A 117 50.66 3.18 -52.84
CA GLU A 117 52.08 3.10 -52.50
C GLU A 117 52.56 4.47 -52.05
N ILE A 118 53.13 4.55 -50.83
CA ILE A 118 53.65 5.81 -50.31
C ILE A 118 55.12 5.90 -50.66
N PRO A 119 55.53 6.88 -51.51
CA PRO A 119 56.95 6.94 -51.85
C PRO A 119 57.82 7.57 -50.76
N LYS A 120 59.07 7.13 -50.72
CA LYS A 120 60.12 7.69 -49.84
C LYS A 120 60.35 9.20 -50.01
N THR A 121 60.23 9.65 -51.27
CA THR A 121 60.39 11.04 -51.65
C THR A 121 59.31 11.48 -52.66
N ILE A 122 59.06 12.79 -52.73
CA ILE A 122 58.07 13.36 -53.67
C ILE A 122 58.66 14.54 -54.45
N ASN A 123 58.12 14.81 -55.63
CA ASN A 123 58.43 16.04 -56.36
C ASN A 123 57.51 17.11 -55.76
N ARG A 124 58.11 18.10 -55.09
CA ARG A 124 57.34 19.15 -54.40
C ARG A 124 56.85 20.27 -55.30
N ALA A 125 57.37 20.33 -56.53
CA ALA A 125 56.80 21.15 -57.63
C ALA A 125 55.39 20.73 -58.04
N ALA A 126 55.08 19.43 -57.89
CA ALA A 126 53.86 18.82 -58.38
C ALA A 126 53.00 18.31 -57.24
N VAL A 127 51.82 17.78 -57.60
CA VAL A 127 50.87 17.15 -56.66
C VAL A 127 50.74 15.68 -57.05
N LEU A 128 51.09 14.78 -56.13
CA LEU A 128 50.98 13.33 -56.37
C LEU A 128 49.56 12.85 -56.12
N MET A 129 48.91 12.32 -57.15
CA MET A 129 47.63 11.59 -57.02
C MET A 129 48.01 10.13 -56.85
N LEU A 130 47.70 9.52 -55.70
CA LEU A 130 48.00 8.07 -55.52
C LEU A 130 47.04 7.22 -56.33
N SER A 131 47.59 6.27 -57.09
CA SER A 131 46.80 5.26 -57.81
C SER A 131 46.19 4.32 -56.81
N TRP A 132 44.90 4.03 -57.01
CA TRP A 132 44.16 3.02 -56.23
C TRP A 132 44.33 1.70 -56.97
N LYS A 133 45.10 0.80 -56.37
CA LYS A 133 45.31 -0.55 -56.92
C LYS A 133 44.33 -1.49 -56.15
N PRO A 134 43.45 -2.23 -56.84
CA PRO A 134 42.55 -3.14 -56.10
C PRO A 134 43.30 -4.34 -55.54
N LEU A 135 43.06 -4.61 -54.27
CA LEU A 135 43.70 -5.74 -53.59
C LEU A 135 43.14 -7.07 -54.01
N LEU A 136 41.83 -7.13 -54.31
CA LEU A 136 41.12 -8.36 -54.61
C LEU A 136 40.80 -8.51 -56.07
N ASP A 137 40.70 -9.78 -56.52
CA ASP A 137 40.29 -10.12 -57.87
C ASP A 137 38.77 -10.12 -57.95
N LEU A 138 38.23 -9.05 -58.52
CA LEU A 138 36.82 -8.76 -58.64
C LEU A 138 36.45 -8.48 -60.10
N PHE A 139 37.21 -9.01 -61.06
CA PHE A 139 37.19 -8.57 -62.50
C PHE A 139 35.98 -9.06 -63.28
N GLN A 140 35.59 -10.32 -63.03
CA GLN A 140 34.24 -10.83 -63.30
C GLN A 140 33.84 -11.63 -62.05
N ALA A 141 33.69 -10.93 -60.93
CA ALA A 141 33.58 -11.56 -59.59
C ALA A 141 33.06 -10.62 -58.47
N THR A 142 31.74 -10.60 -58.31
CA THR A 142 31.04 -9.87 -57.20
C THR A 142 30.86 -10.75 -55.96
N LEU A 143 31.22 -10.20 -54.78
CA LEU A 143 31.06 -10.85 -53.47
C LEU A 143 29.68 -10.58 -52.83
N ASP A 144 29.36 -9.29 -52.60
CA ASP A 144 28.07 -8.86 -52.03
C ASP A 144 27.15 -8.38 -53.15
N TYR A 145 26.00 -9.03 -53.24
CA TYR A 145 24.79 -8.50 -53.88
C TYR A 145 23.99 -7.75 -52.77
N GLY A 146 22.91 -7.06 -53.11
CA GLY A 146 22.01 -6.48 -52.07
C GLY A 146 21.12 -7.43 -51.26
N MET A 147 21.24 -8.76 -51.48
CA MET A 147 20.33 -9.77 -50.94
C MET A 147 20.80 -10.20 -49.56
N TYR A 148 20.29 -9.51 -48.53
CA TYR A 148 20.70 -9.70 -47.13
C TYR A 148 19.78 -10.64 -46.33
N SER A 149 20.38 -11.41 -45.42
CA SER A 149 19.64 -12.10 -44.34
C SER A 149 19.00 -11.10 -43.37
N ARG A 150 18.08 -11.56 -42.53
CA ARG A 150 17.47 -10.72 -41.48
C ARG A 150 18.53 -10.17 -40.55
N GLU A 151 19.48 -11.03 -40.18
CA GLU A 151 20.58 -10.69 -39.29
C GLU A 151 21.46 -9.57 -39.86
N GLU A 152 21.78 -9.64 -41.15
CA GLU A 152 22.51 -8.56 -41.85
C GLU A 152 21.68 -7.27 -41.96
N GLU A 153 20.42 -7.37 -42.40
CA GLU A 153 19.47 -6.22 -42.47
C GLU A 153 19.46 -5.41 -41.19
N LEU A 154 19.30 -6.11 -40.08
CA LEU A 154 19.24 -5.50 -38.76
C LEU A 154 20.57 -4.88 -38.35
N LEU A 155 21.66 -5.64 -38.49
CA LEU A 155 23.00 -5.09 -38.20
C LEU A 155 23.30 -3.82 -38.99
N ARG A 156 22.85 -3.77 -40.24
CA ARG A 156 23.03 -2.58 -41.10
C ARG A 156 22.25 -1.39 -40.58
N GLU A 157 21.01 -1.64 -40.11
CA GLU A 157 20.22 -0.61 -39.39
C GLU A 157 20.91 -0.10 -38.13
N ARG A 158 21.44 -1.01 -37.33
CA ARG A 158 22.10 -0.64 -36.08
C ARG A 158 23.38 0.15 -36.31
N LYS A 159 24.17 -0.26 -37.29
CA LYS A 159 25.42 0.43 -37.66
C LYS A 159 25.20 1.64 -38.54
N ARG A 160 24.00 1.80 -39.08
CA ARG A 160 23.64 2.88 -40.00
C ARG A 160 24.44 2.89 -41.30
N ILE A 161 24.71 1.71 -41.83
CA ILE A 161 25.52 1.58 -43.05
C ILE A 161 24.61 1.27 -44.21
N GLY A 162 24.81 2.00 -45.30
CA GLY A 162 24.11 1.76 -46.56
C GLY A 162 24.98 1.27 -47.69
N THR A 163 26.16 0.71 -47.38
CA THR A 163 27.18 0.40 -48.36
C THR A 163 27.17 -1.08 -48.65
N VAL A 164 27.27 -1.40 -49.92
CA VAL A 164 27.26 -2.77 -50.36
C VAL A 164 28.73 -3.16 -50.44
N GLY A 165 29.05 -4.35 -49.96
CA GLY A 165 30.40 -4.93 -50.06
C GLY A 165 30.99 -5.20 -48.68
N ILE A 166 32.30 -4.98 -48.59
CA ILE A 166 33.02 -5.16 -47.34
C ILE A 166 32.81 -3.90 -46.52
N ALA A 167 32.26 -4.08 -45.34
CA ALA A 167 32.01 -2.99 -44.38
C ALA A 167 33.19 -2.79 -43.44
N SER A 168 33.95 -3.85 -43.16
CA SER A 168 35.17 -3.79 -42.37
C SER A 168 36.08 -5.00 -42.56
N TYR A 169 37.28 -4.93 -42.00
CA TYR A 169 38.25 -6.02 -42.06
C TYR A 169 39.14 -6.11 -40.86
N ASP A 170 39.74 -7.29 -40.65
CA ASP A 170 40.78 -7.55 -39.66
C ASP A 170 42.08 -7.73 -40.41
N TYR A 171 43.18 -7.49 -39.70
CA TYR A 171 44.54 -7.73 -40.20
C TYR A 171 45.43 -8.29 -39.09
N HIS A 172 46.31 -9.23 -39.44
CA HIS A 172 47.31 -9.74 -38.52
C HIS A 172 48.67 -9.41 -39.10
N GLN A 173 49.39 -8.48 -38.46
CA GLN A 173 50.62 -7.92 -39.02
C GLN A 173 51.76 -8.89 -39.14
N GLY A 174 51.87 -9.82 -38.18
CA GLY A 174 52.86 -10.88 -38.26
C GLY A 174 52.81 -11.75 -39.50
N SER A 175 51.60 -12.03 -39.98
CA SER A 175 51.34 -12.97 -41.09
C SER A 175 50.92 -12.28 -42.40
N GLY A 176 50.46 -11.03 -42.31
CA GLY A 176 49.86 -10.34 -43.43
C GLY A 176 48.45 -10.78 -43.79
N THR A 177 47.74 -11.40 -42.86
CA THR A 177 46.44 -12.01 -43.13
C THR A 177 45.34 -10.98 -42.98
N PHE A 178 44.60 -10.72 -44.06
CA PHE A 178 43.32 -9.98 -44.05
C PHE A 178 42.18 -10.96 -43.86
N LEU A 179 41.15 -10.54 -43.13
CA LEU A 179 39.94 -11.35 -42.90
C LEU A 179 38.74 -10.42 -42.96
N PHE A 180 37.72 -10.80 -43.72
CA PHE A 180 36.56 -9.96 -43.89
C PHE A 180 35.36 -10.75 -44.33
N GLN A 181 34.20 -10.34 -43.82
CA GLN A 181 32.91 -10.83 -44.29
C GLN A 181 32.50 -9.99 -45.49
N ALA A 182 31.89 -10.62 -46.48
CA ALA A 182 31.32 -9.90 -47.63
C ALA A 182 30.18 -10.74 -48.15
N GLY A 183 28.97 -10.34 -47.80
CA GLY A 183 27.78 -11.09 -48.14
C GLY A 183 27.72 -12.33 -47.29
N SER A 184 27.27 -13.42 -47.91
CA SER A 184 27.29 -14.77 -47.31
C SER A 184 28.67 -15.09 -46.68
N GLY A 185 29.70 -15.03 -47.51
CA GLY A 185 31.03 -15.52 -47.18
C GLY A 185 31.94 -14.75 -46.24
N ILE A 186 32.86 -15.51 -45.65
CA ILE A 186 34.00 -15.02 -44.93
C ILE A 186 35.20 -15.39 -45.79
N TYR A 187 36.03 -14.39 -46.06
CA TYR A 187 37.16 -14.51 -46.96
C TYR A 187 38.45 -14.07 -46.29
N HIS A 188 39.58 -14.55 -46.80
CA HIS A 188 40.89 -14.08 -46.41
C HIS A 188 41.86 -13.98 -47.58
N VAL A 189 42.80 -13.05 -47.49
CA VAL A 189 43.99 -12.94 -48.34
C VAL A 189 45.20 -12.55 -47.49
N LYS A 190 46.40 -12.75 -48.03
CA LYS A 190 47.65 -12.39 -47.37
C LYS A 190 48.35 -11.32 -48.20
N ASP A 191 48.81 -10.27 -47.54
CA ASP A 191 49.70 -9.26 -48.15
C ASP A 191 50.38 -8.43 -47.06
N GLY A 192 51.66 -8.13 -47.24
CA GLY A 192 52.42 -7.31 -46.30
C GLY A 192 53.21 -7.99 -45.20
N GLY A 193 53.12 -9.30 -45.08
CA GLY A 193 53.88 -10.05 -44.07
C GLY A 193 55.19 -10.59 -44.65
N PRO A 194 55.73 -11.70 -44.07
CA PRO A 194 56.85 -12.44 -44.68
C PRO A 194 56.61 -12.85 -46.13
N GLN A 195 55.37 -13.25 -46.47
CA GLN A 195 54.97 -13.61 -47.84
C GLN A 195 55.25 -12.50 -48.89
N GLY A 196 55.27 -11.24 -48.45
CA GLY A 196 55.73 -10.10 -49.24
C GLY A 196 54.56 -9.25 -49.72
N PHE A 197 54.80 -8.50 -50.80
CA PHE A 197 53.84 -7.53 -51.34
C PHE A 197 53.48 -7.89 -52.76
N THR A 198 52.19 -8.14 -52.98
CA THR A 198 51.66 -8.41 -54.30
C THR A 198 51.80 -7.18 -55.19
N GLN A 199 52.00 -7.40 -56.48
CA GLN A 199 51.88 -6.37 -57.50
C GLN A 199 50.64 -6.54 -58.36
N GLN A 200 49.68 -7.36 -57.90
CA GLN A 200 48.48 -7.69 -58.67
C GLN A 200 47.37 -8.21 -57.74
N PRO A 201 46.11 -8.15 -58.21
CA PRO A 201 45.01 -8.47 -57.29
C PRO A 201 44.97 -9.95 -56.88
N LEU A 202 44.57 -10.17 -55.64
CA LEU A 202 44.59 -11.48 -55.00
C LEU A 202 43.22 -12.13 -55.05
N ARG A 203 43.19 -13.44 -55.24
CA ARG A 203 41.97 -14.23 -55.14
C ARG A 203 41.56 -14.32 -53.69
N PRO A 204 40.33 -13.87 -53.38
CA PRO A 204 39.83 -14.07 -52.02
C PRO A 204 39.55 -15.53 -51.76
N ASN A 205 40.00 -15.99 -50.61
CA ASN A 205 39.87 -17.40 -50.25
C ASN A 205 38.74 -17.58 -49.28
N LEU A 206 37.75 -18.37 -49.66
CA LEU A 206 36.55 -18.59 -48.87
C LEU A 206 36.91 -19.48 -47.70
N VAL A 207 36.55 -19.05 -46.50
CA VAL A 207 36.54 -19.93 -45.35
C VAL A 207 35.33 -20.83 -45.52
N GLU A 208 35.59 -22.11 -45.68
CA GLU A 208 34.53 -23.06 -45.93
C GLU A 208 33.88 -23.43 -44.61
N THR A 209 32.71 -24.06 -44.69
CA THR A 209 31.86 -24.28 -43.53
C THR A 209 30.85 -25.36 -43.77
N SER A 210 30.44 -25.99 -42.67
CA SER A 210 29.27 -26.85 -42.60
C SER A 210 28.09 -26.16 -41.96
N CYS A 211 28.24 -24.91 -41.54
CA CYS A 211 27.16 -24.17 -40.90
C CYS A 211 26.08 -23.82 -41.92
N PRO A 212 24.81 -24.08 -41.59
CA PRO A 212 23.71 -23.79 -42.53
C PRO A 212 23.33 -22.32 -42.79
N ASN A 213 23.68 -21.43 -41.87
CA ASN A 213 23.10 -20.08 -41.80
C ASN A 213 24.23 -19.08 -41.86
N ILE A 214 23.85 -17.82 -42.03
CA ILE A 214 24.82 -16.74 -42.17
C ILE A 214 25.81 -16.74 -40.98
N ARG A 215 27.09 -16.61 -41.28
CA ARG A 215 28.13 -16.39 -40.27
C ARG A 215 28.43 -14.93 -40.18
N MET A 216 28.51 -14.44 -38.96
CA MET A 216 28.62 -13.03 -38.63
C MET A 216 29.84 -12.77 -37.75
N ASP A 217 30.31 -11.53 -37.80
CA ASP A 217 31.31 -11.01 -36.86
C ASP A 217 32.63 -11.81 -36.81
N PRO A 218 33.22 -12.07 -38.00
CA PRO A 218 34.45 -12.85 -38.00
C PRO A 218 35.59 -12.05 -37.44
N LYS A 219 36.41 -12.71 -36.59
CA LYS A 219 37.63 -12.09 -36.07
C LYS A 219 38.79 -13.05 -36.06
N LEU A 220 39.97 -12.57 -36.49
CA LEU A 220 41.23 -13.33 -36.42
C LEU A 220 41.71 -13.41 -35.02
N CYS A 221 42.19 -14.58 -34.63
CA CYS A 221 42.91 -14.74 -33.39
C CYS A 221 44.25 -14.04 -33.53
N PRO A 222 44.52 -12.99 -32.72
CA PRO A 222 45.84 -12.33 -32.80
C PRO A 222 47.05 -13.20 -32.42
N ALA A 223 46.81 -14.19 -31.57
CA ALA A 223 47.84 -15.16 -31.18
C ALA A 223 48.16 -16.21 -32.25
N ASP A 224 47.19 -16.53 -33.10
CA ASP A 224 47.34 -17.56 -34.14
C ASP A 224 46.44 -17.25 -35.31
N PRO A 225 47.02 -16.63 -36.37
CA PRO A 225 46.18 -16.23 -37.52
C PRO A 225 45.71 -17.36 -38.43
N ASP A 226 46.03 -18.62 -38.14
CA ASP A 226 45.33 -19.76 -38.74
C ASP A 226 43.90 -19.89 -38.20
N TRP A 227 43.57 -19.31 -37.05
CA TRP A 227 42.26 -19.45 -36.40
C TRP A 227 41.45 -18.19 -36.55
N ILE A 228 40.15 -18.37 -36.83
CA ILE A 228 39.15 -17.32 -36.75
C ILE A 228 38.03 -17.76 -35.84
N ALA A 229 37.25 -16.80 -35.37
CA ALA A 229 35.98 -17.06 -34.73
C ALA A 229 34.89 -16.32 -35.48
N PHE A 230 33.67 -16.80 -35.31
CA PHE A 230 32.49 -16.15 -35.84
C PHE A 230 31.28 -16.56 -35.06
N ILE A 231 30.18 -15.85 -35.33
CA ILE A 231 28.91 -16.11 -34.71
C ILE A 231 28.01 -16.74 -35.73
N HIS A 232 27.30 -17.78 -35.31
CA HIS A 232 26.32 -18.49 -36.11
C HIS A 232 25.13 -18.89 -35.24
N SER A 233 23.92 -18.49 -35.63
CA SER A 233 22.70 -18.72 -34.87
C SER A 233 22.91 -18.48 -33.36
N ASN A 234 23.43 -17.29 -33.06
CA ASN A 234 23.70 -16.81 -31.71
C ASN A 234 24.62 -17.64 -30.80
N ASP A 235 25.54 -18.38 -31.41
CA ASP A 235 26.62 -19.10 -30.70
C ASP A 235 27.94 -18.82 -31.37
N ILE A 236 29.02 -19.00 -30.61
CA ILE A 236 30.37 -18.73 -31.07
C ILE A 236 30.94 -20.05 -31.63
N TRP A 237 31.54 -19.92 -32.80
CA TRP A 237 32.25 -20.98 -33.45
C TRP A 237 33.67 -20.49 -33.70
N ILE A 238 34.60 -21.43 -33.88
CA ILE A 238 35.93 -21.15 -34.43
C ILE A 238 36.17 -22.01 -35.65
N SER A 239 37.12 -21.55 -36.46
CA SER A 239 37.49 -22.24 -37.67
C SER A 239 38.97 -21.99 -37.99
N ASN A 240 39.67 -23.05 -38.40
CA ASN A 240 41.05 -22.97 -38.85
C ASN A 240 41.05 -22.87 -40.36
N ILE A 241 41.66 -21.81 -40.85
CA ILE A 241 41.69 -21.51 -42.29
C ILE A 241 42.73 -22.27 -43.09
N VAL A 242 43.58 -23.05 -42.42
CA VAL A 242 44.55 -23.94 -43.08
C VAL A 242 44.07 -25.40 -43.02
N THR A 243 43.80 -25.89 -41.82
CA THR A 243 43.33 -27.27 -41.62
C THR A 243 41.88 -27.47 -42.01
N ARG A 244 41.10 -26.38 -42.14
CA ARG A 244 39.65 -26.43 -42.41
C ARG A 244 38.82 -27.02 -41.26
N GLU A 245 39.42 -27.19 -40.07
CA GLU A 245 38.71 -27.69 -38.88
C GLU A 245 37.82 -26.55 -38.36
N GLU A 246 36.64 -26.93 -37.90
CA GLU A 246 35.56 -26.00 -37.56
C GLU A 246 34.88 -26.58 -36.34
N ARG A 247 34.70 -25.75 -35.32
CA ARG A 247 34.20 -26.24 -34.03
C ARG A 247 33.30 -25.19 -33.40
N ARG A 248 32.13 -25.65 -32.96
CA ARG A 248 31.22 -24.87 -32.18
C ARG A 248 31.71 -24.82 -30.74
N LEU A 249 31.79 -23.61 -30.17
CA LEU A 249 32.22 -23.41 -28.78
C LEU A 249 31.14 -23.25 -27.72
N THR A 250 30.01 -22.66 -28.10
CA THR A 250 28.91 -22.41 -27.19
C THR A 250 27.65 -23.12 -27.70
N TYR A 251 26.83 -23.59 -26.75
CA TYR A 251 25.63 -24.41 -27.05
C TYR A 251 24.42 -23.80 -26.34
N VAL A 252 24.28 -22.52 -26.50
CA VAL A 252 23.36 -21.66 -25.76
C VAL A 252 22.03 -21.45 -26.51
N HIS A 253 22.04 -21.50 -27.83
CA HIS A 253 20.87 -21.32 -28.67
C HIS A 253 20.63 -22.54 -29.56
N ASN A 254 19.39 -23.02 -29.59
CA ASN A 254 18.87 -23.92 -30.63
C ASN A 254 18.10 -23.09 -31.68
N GLU A 255 18.62 -23.04 -32.92
CA GLU A 255 17.91 -22.41 -34.08
C GLU A 255 16.51 -23.00 -34.35
N LEU A 256 16.35 -24.31 -34.16
CA LEU A 256 15.07 -25.00 -34.37
C LEU A 256 13.97 -24.56 -33.38
N ALA A 257 14.35 -24.08 -32.18
CA ALA A 257 13.38 -23.51 -31.22
C ALA A 257 12.90 -22.11 -31.67
N ASN A 258 11.64 -21.82 -31.37
CA ASN A 258 11.05 -20.48 -31.56
C ASN A 258 11.48 -19.56 -30.38
N MET A 259 11.69 -18.28 -30.70
CA MET A 259 12.42 -17.34 -29.81
C MET A 259 11.78 -17.00 -28.44
N GLU A 260 10.47 -17.21 -28.32
CA GLU A 260 9.70 -17.02 -27.06
C GLU A 260 10.21 -17.96 -25.93
N GLU A 261 10.69 -19.17 -26.30
CA GLU A 261 11.40 -20.12 -25.38
C GLU A 261 12.92 -19.88 -25.32
N ASP A 262 13.51 -19.78 -26.51
CA ASP A 262 14.94 -19.84 -26.72
C ASP A 262 15.58 -18.42 -26.75
N ALA A 263 15.76 -17.87 -25.55
CA ALA A 263 16.15 -16.47 -25.36
C ALA A 263 17.61 -16.20 -25.02
N ARG A 264 18.46 -17.20 -25.08
CA ARG A 264 19.88 -17.04 -24.76
C ARG A 264 20.76 -16.93 -26.00
N SER A 265 21.89 -16.25 -25.85
CA SER A 265 22.84 -15.97 -26.93
C SER A 265 24.22 -15.73 -26.33
N ALA A 266 25.24 -15.96 -27.15
CA ALA A 266 26.63 -15.86 -26.75
C ALA A 266 27.43 -15.15 -27.82
N GLY A 267 28.28 -14.22 -27.42
CA GLY A 267 29.20 -13.58 -28.34
C GLY A 267 28.66 -12.44 -29.15
N VAL A 268 27.42 -12.06 -28.88
CA VAL A 268 26.79 -11.05 -29.69
C VAL A 268 26.15 -10.04 -28.77
N ALA A 269 26.15 -8.79 -29.22
CA ALA A 269 25.56 -7.67 -28.53
C ALA A 269 24.06 -7.61 -28.83
N THR A 270 23.26 -7.41 -27.79
CA THR A 270 21.82 -7.28 -27.92
C THR A 270 21.44 -5.90 -28.44
N PHE A 271 20.16 -5.75 -28.81
CA PHE A 271 19.62 -4.59 -29.50
C PHE A 271 20.09 -3.25 -28.93
N VAL A 272 19.96 -3.09 -27.63
CA VAL A 272 20.24 -1.81 -26.98
C VAL A 272 21.72 -1.46 -27.01
N LEU A 273 22.58 -2.47 -26.95
CA LEU A 273 24.00 -2.26 -27.09
C LEU A 273 24.35 -1.78 -28.50
N GLN A 274 23.74 -2.40 -29.48
CA GLN A 274 23.94 -2.04 -30.87
C GLN A 274 23.32 -0.70 -31.21
N GLU A 275 22.11 -0.45 -30.74
CA GLU A 275 21.37 0.76 -31.08
C GLU A 275 21.85 1.96 -30.31
N GLU A 276 22.10 1.78 -29.00
CA GLU A 276 22.40 2.88 -28.07
C GLU A 276 23.79 3.02 -27.52
N PHE A 277 24.65 2.03 -27.71
CA PHE A 277 26.06 2.09 -27.28
C PHE A 277 27.10 1.82 -28.35
N ASP A 278 26.68 1.65 -29.59
CA ASP A 278 27.58 1.34 -30.71
C ASP A 278 28.56 0.20 -30.37
N ARG A 279 28.05 -0.87 -29.77
CA ARG A 279 28.79 -2.10 -29.58
C ARG A 279 28.05 -3.21 -30.32
N TYR A 280 28.76 -3.82 -31.27
CA TYR A 280 28.22 -4.80 -32.18
C TYR A 280 28.76 -6.21 -31.93
N SER A 281 29.94 -6.33 -31.31
CA SER A 281 30.52 -7.60 -30.96
C SER A 281 30.40 -7.86 -29.47
N GLY A 282 30.25 -9.12 -29.11
CA GLY A 282 30.25 -9.59 -27.75
C GLY A 282 31.22 -10.72 -27.43
N TYR A 283 32.30 -10.84 -28.20
CA TYR A 283 33.41 -11.76 -27.86
C TYR A 283 34.73 -11.10 -28.23
N TRP A 284 35.77 -11.45 -27.49
CA TRP A 284 37.09 -10.84 -27.69
C TRP A 284 38.12 -11.93 -27.49
N TRP A 285 38.94 -12.16 -28.52
CA TRP A 285 40.08 -13.08 -28.43
C TRP A 285 41.10 -12.52 -27.44
N CYS A 286 41.64 -13.39 -26.59
CA CYS A 286 42.84 -13.10 -25.87
C CYS A 286 43.99 -12.94 -26.87
N PRO A 287 44.75 -11.83 -26.81
CA PRO A 287 45.78 -11.58 -27.83
C PRO A 287 47.07 -12.44 -27.73
N LYS A 288 47.22 -13.25 -26.68
CA LYS A 288 48.37 -14.19 -26.54
C LYS A 288 47.92 -15.61 -26.25
N ALA A 289 48.78 -16.54 -26.62
CA ALA A 289 48.61 -17.97 -26.39
C ALA A 289 49.51 -18.37 -25.23
N GLU A 290 48.95 -19.13 -24.30
CA GLU A 290 49.75 -19.82 -23.28
C GLU A 290 50.28 -21.09 -23.94
N THR A 291 51.60 -21.27 -23.97
CA THR A 291 52.22 -22.54 -24.39
C THR A 291 51.90 -23.67 -23.38
N THR A 292 51.69 -24.90 -23.90
CA THR A 292 51.55 -26.11 -23.10
C THR A 292 52.87 -26.90 -23.13
N PRO A 293 53.16 -27.71 -22.07
CA PRO A 293 54.38 -28.57 -22.10
C PRO A 293 54.47 -29.59 -23.28
N SER A 294 53.33 -29.99 -23.83
CA SER A 294 53.23 -30.88 -25.00
C SER A 294 53.76 -30.33 -26.36
N GLY A 295 54.06 -29.03 -26.45
CA GLY A 295 54.39 -28.36 -27.70
C GLY A 295 53.19 -27.64 -28.30
N GLY A 296 52.02 -27.74 -27.67
CA GLY A 296 50.78 -27.12 -28.16
C GLY A 296 50.57 -25.73 -27.57
N LYS A 297 49.30 -25.32 -27.49
CA LYS A 297 48.93 -24.03 -26.89
C LYS A 297 47.48 -23.97 -26.44
N ILE A 298 47.17 -22.90 -25.72
CA ILE A 298 45.84 -22.59 -25.22
C ILE A 298 45.47 -21.24 -25.80
N LEU A 299 44.31 -21.17 -26.45
CA LEU A 299 43.72 -19.92 -26.87
C LEU A 299 42.51 -19.65 -25.99
N ARG A 300 42.17 -18.38 -25.88
CA ARG A 300 41.07 -17.95 -25.03
C ARG A 300 40.23 -16.89 -25.73
N ILE A 301 38.91 -17.01 -25.55
CA ILE A 301 37.96 -16.02 -25.98
C ILE A 301 37.15 -15.66 -24.75
N LEU A 302 37.17 -14.37 -24.40
CA LEU A 302 36.24 -13.80 -23.45
C LEU A 302 34.98 -13.53 -24.21
N TYR A 303 33.84 -13.82 -23.59
CA TYR A 303 32.57 -13.46 -24.22
C TYR A 303 31.44 -13.12 -23.27
N GLU A 304 30.54 -12.28 -23.77
CA GLU A 304 29.31 -11.90 -23.10
C GLU A 304 28.29 -13.00 -23.40
N GLU A 305 27.63 -13.52 -22.38
CA GLU A 305 26.47 -14.41 -22.56
C GLU A 305 25.24 -13.67 -22.06
N ASN A 306 24.20 -13.63 -22.89
CA ASN A 306 22.99 -12.88 -22.66
C ASN A 306 21.82 -13.83 -22.53
N ASP A 307 20.88 -13.49 -21.63
CA ASP A 307 19.61 -14.16 -21.49
C ASP A 307 18.53 -13.08 -21.55
N GLU A 308 17.74 -13.12 -22.62
CA GLU A 308 16.68 -12.15 -22.92
C GLU A 308 15.29 -12.65 -22.50
N SER A 309 15.20 -13.68 -21.67
CA SER A 309 13.91 -14.32 -21.28
C SER A 309 12.86 -13.41 -20.67
N GLU A 310 13.29 -12.50 -19.82
CA GLU A 310 12.43 -11.54 -19.12
C GLU A 310 12.34 -10.18 -19.86
N VAL A 311 12.94 -10.05 -21.03
CA VAL A 311 12.80 -8.86 -21.87
C VAL A 311 11.48 -8.97 -22.58
N GLU A 312 10.77 -7.86 -22.68
CA GLU A 312 9.46 -7.84 -23.35
C GLU A 312 9.60 -8.11 -24.85
N ILE A 313 8.60 -8.78 -25.39
CA ILE A 313 8.50 -9.11 -26.82
C ILE A 313 7.46 -8.18 -27.45
N ILE A 314 7.91 -7.47 -28.48
CA ILE A 314 7.05 -6.78 -29.42
C ILE A 314 7.02 -7.50 -30.75
N HIS A 315 6.05 -7.12 -31.58
CA HIS A 315 5.90 -7.60 -32.93
C HIS A 315 5.97 -6.46 -33.90
N VAL A 316 6.91 -6.56 -34.83
CA VAL A 316 7.06 -5.64 -35.96
C VAL A 316 6.57 -6.35 -37.22
N THR A 317 5.89 -5.61 -38.09
CA THR A 317 5.45 -6.10 -39.38
C THR A 317 6.62 -6.68 -40.18
N SER A 318 6.43 -7.88 -40.69
CA SER A 318 7.42 -8.54 -41.48
C SER A 318 7.48 -7.83 -42.85
N PRO A 319 8.68 -7.60 -43.39
CA PRO A 319 8.86 -6.95 -44.70
C PRO A 319 8.08 -7.54 -45.87
N MET A 320 7.96 -8.86 -45.88
CA MET A 320 7.18 -9.57 -46.88
C MET A 320 5.72 -9.36 -46.59
N LEU A 321 5.20 -8.21 -47.00
CA LEU A 321 3.86 -7.75 -46.61
C LEU A 321 2.75 -8.70 -46.97
N GLU A 322 2.93 -9.37 -48.10
CA GLU A 322 2.03 -10.46 -48.54
C GLU A 322 1.80 -11.63 -47.55
N THR A 323 2.78 -11.90 -46.69
CA THR A 323 2.64 -12.93 -45.65
C THR A 323 1.65 -12.55 -44.58
N ARG A 324 1.53 -11.24 -44.33
CA ARG A 324 0.61 -10.65 -43.37
C ARG A 324 0.93 -11.18 -41.98
N ARG A 325 2.22 -11.05 -41.69
CA ARG A 325 2.83 -11.59 -40.50
C ARG A 325 3.73 -10.53 -39.90
N ALA A 326 4.30 -10.89 -38.77
CA ALA A 326 5.00 -10.01 -37.88
C ALA A 326 6.06 -10.83 -37.17
N ASP A 327 7.21 -10.23 -37.00
CA ASP A 327 8.38 -10.86 -36.42
C ASP A 327 8.44 -10.45 -34.97
N SER A 328 8.85 -11.37 -34.10
CA SER A 328 9.10 -11.07 -32.70
C SER A 328 10.44 -10.41 -32.50
N PHE A 329 10.48 -9.35 -31.67
CA PHE A 329 11.74 -8.72 -31.21
C PHE A 329 11.72 -8.60 -29.70
N ARG A 330 12.87 -8.87 -29.09
CA ARG A 330 13.13 -8.51 -27.69
C ARG A 330 13.49 -7.04 -27.62
N TYR A 331 12.62 -6.29 -26.97
CA TYR A 331 12.72 -4.80 -26.97
C TYR A 331 12.53 -4.38 -25.52
N PRO A 332 13.61 -3.97 -24.84
CA PRO A 332 13.46 -3.46 -23.50
C PRO A 332 12.99 -2.02 -23.53
N LYS A 333 11.67 -1.86 -23.33
CA LYS A 333 11.11 -0.54 -23.18
C LYS A 333 11.53 0.04 -21.83
N THR A 334 11.58 1.37 -21.81
CA THR A 334 11.84 2.13 -20.61
C THR A 334 11.18 1.56 -19.37
N GLY A 335 11.94 1.51 -18.28
CA GLY A 335 11.47 0.96 -17.02
C GLY A 335 11.22 -0.53 -16.96
N THR A 336 11.74 -1.32 -17.90
CA THR A 336 11.54 -2.78 -17.94
C THR A 336 12.87 -3.49 -18.05
N ALA A 337 12.86 -4.82 -17.99
CA ALA A 337 14.09 -5.57 -17.87
C ALA A 337 14.96 -5.49 -19.12
N ASN A 338 16.22 -5.14 -18.92
CA ASN A 338 17.29 -5.41 -19.87
C ASN A 338 17.67 -6.88 -19.73
N PRO A 339 18.45 -7.45 -20.71
CA PRO A 339 18.91 -8.82 -20.61
C PRO A 339 19.77 -9.11 -19.38
N LYS A 340 19.66 -10.32 -18.84
CA LYS A 340 20.59 -10.84 -17.84
C LYS A 340 21.91 -11.14 -18.58
N VAL A 341 22.98 -10.49 -18.16
CA VAL A 341 24.29 -10.59 -18.80
C VAL A 341 25.31 -11.19 -17.83
N THR A 342 26.27 -11.91 -18.38
CA THR A 342 27.46 -12.29 -17.63
C THR A 342 28.63 -12.41 -18.56
N PHE A 343 29.82 -12.54 -18.01
CA PHE A 343 31.01 -12.91 -18.79
C PHE A 343 31.22 -14.39 -18.66
N LYS A 344 31.66 -14.99 -19.75
CA LYS A 344 32.14 -16.33 -19.77
C LYS A 344 33.44 -16.34 -20.51
N MET A 345 34.14 -17.47 -20.44
CA MET A 345 35.44 -17.62 -21.11
C MET A 345 35.58 -19.01 -21.69
N SER A 346 36.07 -19.07 -22.92
CA SER A 346 36.24 -20.31 -23.63
C SER A 346 37.72 -20.52 -23.73
N GLU A 347 38.15 -21.70 -23.29
CA GLU A 347 39.55 -22.08 -23.21
C GLU A 347 39.70 -23.23 -24.20
N ILE A 348 40.59 -23.04 -25.16
CA ILE A 348 40.68 -23.91 -26.35
C ILE A 348 42.08 -24.47 -26.40
N MET A 349 42.23 -25.79 -26.19
CA MET A 349 43.52 -26.47 -26.20
C MET A 349 43.81 -26.98 -27.58
N ILE A 350 44.87 -26.45 -28.19
CA ILE A 350 45.36 -26.84 -29.53
C ILE A 350 46.63 -27.67 -29.36
N ASP A 351 46.81 -28.66 -30.22
CA ASP A 351 48.01 -29.52 -30.22
C ASP A 351 49.16 -28.88 -31.03
N ALA A 352 50.26 -29.62 -31.18
CA ALA A 352 51.47 -29.14 -31.89
C ALA A 352 51.28 -28.74 -33.36
N GLU A 353 50.36 -29.41 -34.06
CA GLU A 353 50.10 -29.17 -35.49
C GLU A 353 48.67 -28.63 -35.73
N GLY A 354 48.16 -27.83 -34.78
CA GLY A 354 46.95 -27.07 -34.94
C GLY A 354 45.60 -27.74 -34.75
N ARG A 355 45.57 -29.03 -34.38
CA ARG A 355 44.30 -29.73 -34.12
C ARG A 355 43.83 -29.39 -32.69
N ILE A 356 42.52 -29.16 -32.55
CA ILE A 356 41.88 -28.94 -31.25
C ILE A 356 41.91 -30.26 -30.51
N ILE A 357 42.48 -30.22 -29.31
CA ILE A 357 42.40 -31.29 -28.33
C ILE A 357 41.05 -31.21 -27.62
N ASP A 358 40.75 -30.06 -27.02
CA ASP A 358 39.58 -29.92 -26.12
C ASP A 358 39.16 -28.46 -26.01
N VAL A 359 37.89 -28.26 -25.62
CA VAL A 359 37.31 -26.95 -25.35
C VAL A 359 36.67 -27.02 -23.98
N ILE A 360 37.02 -26.05 -23.13
CA ILE A 360 36.52 -25.97 -21.76
C ILE A 360 35.81 -24.61 -21.66
N ASP A 361 34.48 -24.65 -21.46
CA ASP A 361 33.65 -23.48 -21.24
C ASP A 361 33.75 -23.13 -19.77
N LYS A 362 34.16 -21.90 -19.47
CA LYS A 362 34.36 -21.42 -18.12
C LYS A 362 33.44 -20.27 -17.77
N GLU A 363 33.05 -20.20 -16.50
CA GLU A 363 32.17 -19.15 -15.97
C GLU A 363 32.81 -18.50 -14.76
N LEU A 364 32.32 -17.32 -14.40
CA LEU A 364 32.81 -16.59 -13.25
C LEU A 364 32.60 -17.37 -11.96
N ILE A 365 33.64 -17.38 -11.12
CA ILE A 365 33.62 -18.07 -9.81
C ILE A 365 32.43 -17.69 -8.93
N GLN A 366 32.00 -16.43 -8.98
CA GLN A 366 30.76 -15.97 -8.32
C GLN A 366 29.92 -15.21 -9.35
N PRO A 367 28.60 -15.05 -9.09
CA PRO A 367 27.76 -14.38 -10.08
C PRO A 367 28.19 -12.95 -10.42
N PHE A 368 27.92 -12.57 -11.66
CA PHE A 368 28.22 -11.25 -12.20
C PHE A 368 27.64 -10.16 -11.32
N GLU A 369 26.38 -10.32 -10.91
CA GLU A 369 25.67 -9.35 -10.07
C GLU A 369 26.29 -9.15 -8.66
N ILE A 370 27.00 -10.17 -8.15
CA ILE A 370 27.76 -10.10 -6.90
C ILE A 370 29.10 -9.38 -7.12
N LEU A 371 29.87 -9.86 -8.10
CA LEU A 371 31.20 -9.31 -8.41
C LEU A 371 31.19 -7.87 -8.91
N PHE A 372 30.20 -7.54 -9.74
CA PHE A 372 30.02 -6.20 -10.29
C PHE A 372 28.69 -5.60 -9.81
N GLU A 373 28.51 -5.52 -8.49
CA GLU A 373 27.39 -4.85 -7.81
C GLU A 373 26.94 -3.61 -8.59
N GLY A 374 25.65 -3.57 -8.95
CA GLY A 374 25.04 -2.38 -9.55
C GLY A 374 25.21 -2.16 -11.05
N VAL A 375 25.93 -3.04 -11.74
CA VAL A 375 26.22 -2.89 -13.16
C VAL A 375 25.04 -3.43 -13.93
N GLU A 376 24.53 -2.62 -14.86
CA GLU A 376 23.46 -3.00 -15.80
C GLU A 376 24.01 -3.34 -17.21
N TYR A 377 24.92 -2.54 -17.73
CA TYR A 377 25.40 -2.66 -19.10
C TYR A 377 26.90 -2.96 -19.16
N ILE A 378 27.30 -3.87 -20.05
CA ILE A 378 28.70 -4.02 -20.45
C ILE A 378 28.86 -3.14 -21.67
N ALA A 379 29.44 -1.96 -21.49
CA ALA A 379 29.58 -0.99 -22.60
C ALA A 379 30.67 -1.38 -23.56
N ARG A 380 31.83 -1.73 -23.01
CA ARG A 380 32.99 -2.13 -23.80
C ARG A 380 33.76 -3.24 -23.09
N ALA A 381 34.49 -4.03 -23.87
CA ALA A 381 35.41 -4.98 -23.31
C ALA A 381 36.55 -5.31 -24.26
N GLY A 382 37.61 -5.85 -23.67
CA GLY A 382 38.81 -6.20 -24.41
C GLY A 382 39.78 -6.93 -23.52
N TRP A 383 41.03 -6.91 -23.93
CA TRP A 383 42.15 -7.45 -23.18
C TRP A 383 43.29 -6.45 -23.07
N THR A 384 44.12 -6.61 -22.04
CA THR A 384 45.35 -5.84 -21.91
C THR A 384 46.31 -6.34 -23.00
N PRO A 385 47.24 -5.48 -23.49
CA PRO A 385 48.09 -5.84 -24.64
C PRO A 385 48.87 -7.17 -24.54
N GLU A 386 49.30 -7.51 -23.34
CA GLU A 386 50.05 -8.77 -23.09
C GLU A 386 49.12 -9.95 -22.71
N GLY A 387 47.79 -9.75 -22.66
CA GLY A 387 46.83 -10.79 -22.30
C GLY A 387 46.66 -11.20 -20.86
N LYS A 388 47.32 -10.54 -19.90
CA LYS A 388 47.25 -10.95 -18.48
C LYS A 388 45.82 -10.79 -17.92
N TYR A 389 45.12 -9.74 -18.34
CA TYR A 389 43.77 -9.40 -17.84
C TYR A 389 42.82 -9.04 -18.97
N ALA A 390 41.57 -9.44 -18.82
CA ALA A 390 40.48 -8.91 -19.63
C ALA A 390 40.09 -7.62 -18.97
N TRP A 391 39.63 -6.66 -19.77
CA TRP A 391 39.06 -5.43 -19.20
C TRP A 391 37.65 -5.23 -19.67
N SER A 392 36.91 -4.43 -18.90
CA SER A 392 35.60 -4.02 -19.27
C SER A 392 35.26 -2.67 -18.70
N ILE A 393 34.49 -1.90 -19.47
CA ILE A 393 33.93 -0.64 -19.04
C ILE A 393 32.44 -0.89 -18.79
N LEU A 394 32.00 -0.62 -17.57
CA LEU A 394 30.73 -1.06 -17.03
C LEU A 394 29.92 0.11 -16.53
N LEU A 395 28.62 0.11 -16.84
CA LEU A 395 27.71 1.18 -16.44
C LEU A 395 26.65 0.67 -15.50
N ASP A 396 26.19 1.56 -14.62
CA ASP A 396 24.98 1.30 -13.85
C ASP A 396 23.76 1.62 -14.70
N ARG A 397 22.60 1.19 -14.23
CA ARG A 397 21.35 1.43 -14.96
C ARG A 397 21.07 2.90 -15.25
N SER A 398 21.32 3.79 -14.30
CA SER A 398 21.05 5.23 -14.53
C SER A 398 22.03 5.89 -15.52
N GLN A 399 23.16 5.21 -15.79
CA GLN A 399 24.24 5.65 -16.66
C GLN A 399 24.90 6.92 -16.19
N THR A 400 24.97 7.05 -14.86
CA THR A 400 25.70 8.10 -14.18
C THR A 400 26.95 7.58 -13.46
N ARG A 401 27.21 6.26 -13.49
CA ARG A 401 28.40 5.66 -12.85
C ARG A 401 29.06 4.76 -13.89
N LEU A 402 30.30 5.09 -14.23
CA LEU A 402 31.16 4.26 -15.03
C LEU A 402 32.19 3.68 -14.12
N GLN A 403 32.58 2.44 -14.39
CA GLN A 403 33.78 1.84 -13.84
C GLN A 403 34.51 0.99 -14.86
N ILE A 404 35.85 0.98 -14.75
CA ILE A 404 36.73 0.21 -15.60
C ILE A 404 37.26 -0.89 -14.71
N VAL A 405 37.13 -2.13 -15.16
CA VAL A 405 37.45 -3.29 -14.31
C VAL A 405 38.35 -4.23 -15.06
N LEU A 406 39.43 -4.66 -14.38
CA LEU A 406 40.27 -5.77 -14.87
C LEU A 406 39.80 -7.09 -14.28
N ILE A 407 39.75 -8.12 -15.12
CA ILE A 407 39.20 -9.43 -14.82
C ILE A 407 40.31 -10.42 -15.21
N SER A 408 40.92 -11.07 -14.22
CA SER A 408 41.91 -12.12 -14.51
C SER A 408 41.19 -13.36 -15.05
N PRO A 409 41.81 -14.08 -16.00
CA PRO A 409 41.31 -15.40 -16.38
C PRO A 409 41.22 -16.44 -15.26
N GLU A 410 42.10 -16.34 -14.25
CA GLU A 410 42.04 -17.15 -13.02
C GLU A 410 40.69 -17.05 -12.26
N LEU A 411 39.95 -15.96 -12.47
CA LEU A 411 38.59 -15.72 -11.96
C LEU A 411 37.45 -16.52 -12.61
N PHE A 412 37.75 -17.25 -13.69
CA PHE A 412 36.80 -18.15 -14.35
C PHE A 412 37.15 -19.59 -14.03
N ILE A 413 36.15 -20.40 -13.75
CA ILE A 413 36.31 -21.86 -13.53
C ILE A 413 35.47 -22.64 -14.52
N PRO A 414 35.77 -23.93 -14.76
CA PRO A 414 34.93 -24.75 -15.62
C PRO A 414 33.48 -24.81 -15.18
N VAL A 415 32.59 -24.90 -16.15
CA VAL A 415 31.18 -25.11 -15.90
C VAL A 415 31.05 -26.55 -15.43
N GLU A 416 30.45 -26.73 -14.25
CA GLU A 416 30.23 -28.04 -13.65
C GLU A 416 28.88 -28.04 -12.89
N ASP A 417 27.91 -28.77 -13.43
CA ASP A 417 26.61 -29.03 -12.76
C ASP A 417 26.76 -29.84 -11.44
N ASP A 418 27.63 -30.87 -11.46
CA ASP A 418 28.00 -31.69 -10.27
C ASP A 418 28.50 -30.84 -9.10
N VAL A 419 27.79 -30.90 -7.97
CA VAL A 419 27.90 -29.90 -6.91
C VAL A 419 29.18 -30.13 -6.07
N MET A 420 29.63 -31.40 -5.95
CA MET A 420 30.90 -31.74 -5.26
C MET A 420 32.13 -31.18 -5.97
N GLU A 421 32.38 -31.58 -7.24
CA GLU A 421 33.54 -31.05 -8.01
C GLU A 421 33.49 -29.55 -8.29
N ARG A 422 32.28 -28.94 -8.27
CA ARG A 422 32.16 -27.47 -8.36
C ARG A 422 32.81 -26.77 -7.16
N GLN A 423 32.63 -27.32 -5.95
CA GLN A 423 33.26 -26.74 -4.73
C GLN A 423 34.77 -26.88 -4.75
N ARG A 424 35.27 -28.06 -5.13
CA ARG A 424 36.71 -28.28 -5.37
C ARG A 424 37.30 -27.21 -6.29
N LEU A 425 36.59 -26.90 -7.38
CA LEU A 425 37.01 -25.85 -8.32
C LEU A 425 36.97 -24.45 -7.74
N ILE A 426 35.92 -24.14 -6.97
CA ILE A 426 35.81 -22.83 -6.29
C ILE A 426 36.93 -22.61 -5.27
N GLU A 427 37.08 -23.57 -4.37
CA GLU A 427 38.10 -23.54 -3.29
C GLU A 427 39.53 -23.45 -3.83
N SER A 428 39.78 -24.07 -4.99
CA SER A 428 41.10 -24.01 -5.66
C SER A 428 41.54 -22.61 -6.16
N VAL A 429 40.59 -21.71 -6.39
CA VAL A 429 40.91 -20.35 -6.83
C VAL A 429 41.21 -19.50 -5.58
N PRO A 430 42.42 -18.90 -5.52
CA PRO A 430 42.79 -18.19 -4.30
C PRO A 430 42.02 -16.90 -4.06
N ASP A 431 41.74 -16.61 -2.79
CA ASP A 431 41.00 -15.42 -2.35
C ASP A 431 41.52 -14.08 -2.88
N SER A 432 42.84 -14.00 -3.03
CA SER A 432 43.55 -12.84 -3.61
C SER A 432 43.15 -12.48 -5.04
N VAL A 433 42.69 -13.47 -5.81
CA VAL A 433 42.15 -13.25 -7.16
C VAL A 433 40.72 -12.66 -7.07
N THR A 434 40.62 -11.36 -7.33
CA THR A 434 39.35 -10.63 -7.36
C THR A 434 39.32 -9.71 -8.56
N PRO A 435 38.14 -9.18 -8.91
CA PRO A 435 38.16 -8.08 -9.88
C PRO A 435 38.82 -6.82 -9.30
N LEU A 436 39.35 -6.02 -10.20
CA LEU A 436 40.12 -4.84 -9.85
C LEU A 436 39.47 -3.68 -10.58
N ILE A 437 38.75 -2.83 -9.82
CA ILE A 437 38.17 -1.61 -10.36
C ILE A 437 39.28 -0.59 -10.39
N ILE A 438 39.88 -0.43 -11.57
CA ILE A 438 41.00 0.49 -11.77
C ILE A 438 40.60 1.97 -11.93
N TYR A 439 39.32 2.24 -12.14
CA TYR A 439 38.83 3.61 -12.32
C TYR A 439 37.33 3.64 -12.17
N GLU A 440 36.83 4.66 -11.49
CA GLU A 440 35.40 4.82 -11.20
C GLU A 440 35.12 6.32 -11.25
N GLU A 441 34.03 6.67 -11.90
CA GLU A 441 33.63 8.07 -12.07
C GLU A 441 32.13 8.16 -12.09
N THR A 442 31.64 9.31 -11.63
CA THR A 442 30.21 9.60 -11.53
C THR A 442 29.91 10.96 -12.14
N THR A 443 28.63 11.22 -12.38
CA THR A 443 28.17 12.53 -12.89
C THR A 443 26.70 12.78 -12.57
N ASP A 444 26.33 14.04 -12.36
CA ASP A 444 24.93 14.45 -12.21
C ASP A 444 24.14 14.39 -13.53
N ILE A 445 24.85 14.29 -14.68
CA ILE A 445 24.24 14.36 -16.00
C ILE A 445 24.19 12.95 -16.61
N TRP A 446 25.18 12.53 -17.41
CA TRP A 446 25.25 11.16 -17.88
C TRP A 446 26.65 10.87 -18.38
N ILE A 447 26.99 9.57 -18.36
CA ILE A 447 28.21 9.08 -18.99
C ILE A 447 27.92 8.92 -20.48
N ASN A 448 28.70 9.59 -21.31
CA ASN A 448 28.77 9.30 -22.74
C ASN A 448 29.90 8.33 -22.95
N ILE A 449 29.54 7.13 -23.43
CA ILE A 449 30.49 6.07 -23.74
C ILE A 449 31.27 6.48 -24.99
N HIS A 450 32.56 6.15 -24.98
CA HIS A 450 33.47 6.43 -26.07
C HIS A 450 34.44 5.26 -26.20
N ASP A 451 35.19 5.31 -27.27
CA ASP A 451 36.10 4.24 -27.69
C ASP A 451 37.57 4.46 -27.30
N ILE A 452 37.86 5.57 -26.63
CA ILE A 452 39.18 5.85 -26.08
C ILE A 452 39.47 5.05 -24.80
N PHE A 453 40.45 4.16 -24.91
CA PHE A 453 41.05 3.51 -23.75
C PHE A 453 42.34 2.82 -24.19
N HIS A 454 43.49 3.25 -23.67
CA HIS A 454 44.82 2.75 -24.08
C HIS A 454 45.61 2.32 -22.87
N VAL A 455 46.02 1.05 -22.83
CA VAL A 455 46.78 0.46 -21.75
C VAL A 455 48.24 0.34 -22.19
N PHE A 456 49.14 0.90 -21.40
CA PHE A 456 50.57 0.74 -21.61
C PHE A 456 51.07 -0.65 -21.16
N PRO A 457 52.24 -1.09 -21.67
CA PRO A 457 52.87 -2.32 -21.13
C PRO A 457 53.18 -2.17 -19.66
N GLN A 458 53.01 -3.24 -18.88
CA GLN A 458 53.29 -3.22 -17.44
C GLN A 458 54.78 -3.06 -17.12
N SER A 459 55.13 -1.99 -16.42
CA SER A 459 56.43 -1.87 -15.72
C SER A 459 56.51 -2.84 -14.55
N HIS A 460 55.45 -2.83 -13.72
CA HIS A 460 55.43 -3.48 -12.40
C HIS A 460 54.13 -4.31 -12.25
N GLU A 461 54.24 -5.50 -11.65
CA GLU A 461 53.09 -6.45 -11.48
C GLU A 461 51.88 -5.86 -10.74
N GLU A 462 52.14 -4.98 -9.76
CA GLU A 462 51.10 -4.38 -8.88
C GLU A 462 50.68 -2.93 -9.28
N GLU A 463 50.76 -2.60 -10.57
CA GLU A 463 50.54 -1.23 -11.04
C GLU A 463 50.15 -1.27 -12.52
N ILE A 464 49.14 -0.49 -12.91
CA ILE A 464 48.68 -0.40 -14.32
C ILE A 464 48.50 1.05 -14.74
N GLU A 465 48.96 1.34 -15.96
CA GLU A 465 49.12 2.71 -16.46
C GLU A 465 48.29 2.79 -17.74
N PHE A 466 47.43 3.79 -17.85
CA PHE A 466 46.54 3.90 -19.00
C PHE A 466 46.05 5.30 -19.27
N ILE A 467 45.60 5.50 -20.51
CA ILE A 467 44.93 6.74 -20.91
C ILE A 467 43.46 6.46 -21.11
N PHE A 468 42.65 7.31 -20.49
CA PHE A 468 41.20 7.31 -20.65
C PHE A 468 40.75 8.75 -20.90
N ALA A 469 39.50 8.91 -21.35
CA ALA A 469 38.91 10.20 -21.55
C ALA A 469 37.68 10.35 -20.67
N SER A 470 37.40 11.59 -20.23
CA SER A 470 36.22 11.86 -19.39
C SER A 470 35.78 13.30 -19.42
N GLU A 471 34.45 13.49 -19.37
CA GLU A 471 33.78 14.78 -19.16
C GLU A 471 33.41 14.99 -17.69
N CYS A 472 33.67 14.02 -16.82
CA CYS A 472 33.23 14.09 -15.41
C CYS A 472 34.02 15.07 -14.52
N LYS A 473 35.30 15.29 -14.80
CA LYS A 473 36.09 16.25 -14.00
C LYS A 473 35.64 17.68 -14.31
N THR A 474 35.71 18.08 -15.58
CA THR A 474 35.51 19.49 -16.00
C THR A 474 34.22 19.84 -16.74
N GLY A 475 33.50 18.84 -17.24
CA GLY A 475 32.33 19.07 -18.11
C GLY A 475 32.63 19.01 -19.61
N PHE A 476 33.91 18.93 -19.99
CA PHE A 476 34.35 18.68 -21.37
C PHE A 476 35.23 17.45 -21.38
N ARG A 477 35.12 16.65 -22.46
CA ARG A 477 35.86 15.40 -22.59
C ARG A 477 37.32 15.69 -22.82
N HIS A 478 38.15 15.25 -21.86
CA HIS A 478 39.60 15.39 -21.95
C HIS A 478 40.33 14.10 -21.66
N LEU A 479 41.62 14.08 -21.99
CA LEU A 479 42.47 12.90 -21.82
C LEU A 479 43.18 12.96 -20.49
N TYR A 480 43.25 11.82 -19.82
CA TYR A 480 43.86 11.68 -18.49
C TYR A 480 44.79 10.47 -18.53
N LYS A 481 46.00 10.60 -17.98
CA LYS A 481 46.90 9.47 -17.79
C LYS A 481 46.75 9.07 -16.33
N ILE A 482 46.32 7.83 -16.11
CA ILE A 482 45.96 7.31 -14.80
C ILE A 482 46.83 6.10 -14.52
N THR A 483 47.33 6.03 -13.29
CA THR A 483 48.10 4.90 -12.78
C THR A 483 47.37 4.39 -11.54
N SER A 484 46.98 3.12 -11.53
CA SER A 484 46.21 2.49 -10.43
C SER A 484 47.03 1.39 -9.79
N ILE A 485 46.85 1.20 -8.48
CA ILE A 485 47.55 0.17 -7.71
C ILE A 485 46.68 -1.10 -7.71
N LEU A 486 47.26 -2.21 -8.13
CA LEU A 486 46.61 -3.54 -8.08
C LEU A 486 46.96 -4.25 -6.75
N LYS A 487 46.27 -3.86 -5.67
CA LYS A 487 46.46 -4.49 -4.35
C LYS A 487 45.44 -5.61 -4.14
N GLU A 488 45.84 -6.58 -3.33
CA GLU A 488 44.97 -7.65 -2.84
C GLU A 488 43.76 -7.03 -2.09
N SER A 489 42.55 -7.49 -2.38
CA SER A 489 41.34 -6.93 -1.79
C SER A 489 41.16 -7.40 -0.35
N LYS A 490 40.57 -6.54 0.49
CA LYS A 490 40.11 -6.93 1.85
C LYS A 490 39.08 -8.06 1.84
N TYR A 491 38.27 -8.17 0.78
CA TYR A 491 37.35 -9.29 0.60
C TYR A 491 38.06 -10.63 0.32
N LYS A 492 37.77 -11.61 1.20
CA LYS A 492 38.23 -12.98 1.07
C LYS A 492 37.01 -13.95 0.96
N ARG A 493 36.81 -14.52 -0.23
CA ARG A 493 35.72 -15.49 -0.55
C ARG A 493 35.49 -16.59 0.47
N SER A 494 36.60 -17.23 0.87
CA SER A 494 36.66 -18.26 1.94
C SER A 494 35.76 -17.96 3.14
N SER A 495 35.89 -16.74 3.66
CA SER A 495 35.07 -16.26 4.79
C SER A 495 33.54 -16.29 4.58
N GLY A 496 33.12 -16.45 3.32
CA GLY A 496 31.78 -16.91 3.00
C GLY A 496 30.74 -15.82 2.89
N GLY A 497 31.15 -14.54 2.91
CA GLY A 497 30.25 -13.41 2.75
C GLY A 497 30.19 -12.97 1.31
N LEU A 498 29.44 -11.90 1.09
CA LEU A 498 29.36 -11.20 -0.19
C LEU A 498 30.27 -9.95 -0.09
N PRO A 499 30.93 -9.52 -1.19
CA PRO A 499 31.79 -8.34 -1.14
C PRO A 499 31.01 -7.03 -1.03
N ALA A 500 31.47 -6.13 -0.17
CA ALA A 500 30.89 -4.77 -0.02
C ALA A 500 31.25 -3.92 -1.25
N PRO A 501 30.47 -2.85 -1.55
CA PRO A 501 30.65 -2.10 -2.82
C PRO A 501 32.08 -1.59 -3.13
N SER A 502 32.71 -0.99 -2.12
CA SER A 502 34.08 -0.48 -2.21
C SER A 502 35.22 -1.54 -2.26
N ASP A 503 34.94 -2.80 -1.94
CA ASP A 503 36.00 -3.83 -1.77
C ASP A 503 36.93 -4.13 -2.96
N PHE A 504 36.48 -3.92 -4.18
CA PHE A 504 37.33 -4.13 -5.37
C PHE A 504 37.95 -2.86 -5.96
N LYS A 505 37.82 -1.71 -5.27
CA LYS A 505 38.34 -0.41 -5.78
C LYS A 505 39.84 -0.35 -5.60
N CYS A 506 40.56 -0.10 -6.68
CA CYS A 506 42.00 0.13 -6.68
C CYS A 506 42.27 1.59 -6.37
N PRO A 507 43.26 1.88 -5.47
CA PRO A 507 43.60 3.29 -5.30
C PRO A 507 44.31 3.88 -6.50
N ILE A 508 44.19 5.19 -6.65
CA ILE A 508 44.76 5.92 -7.77
C ILE A 508 46.10 6.51 -7.31
N LYS A 509 47.20 6.00 -7.87
CA LYS A 509 48.54 6.55 -7.64
C LYS A 509 48.73 7.96 -8.22
N GLU A 510 48.39 8.13 -9.49
CA GLU A 510 48.40 9.45 -10.14
C GLU A 510 47.31 9.54 -11.19
N GLU A 511 46.76 10.74 -11.36
CA GLU A 511 45.75 11.04 -12.37
C GLU A 511 46.13 12.39 -12.94
N ILE A 512 46.87 12.44 -14.06
CA ILE A 512 47.30 13.70 -14.68
C ILE A 512 46.46 13.99 -15.93
N ALA A 513 45.97 15.21 -16.00
CA ALA A 513 45.22 15.70 -17.15
C ALA A 513 46.22 16.02 -18.27
N ILE A 514 46.01 15.42 -19.43
CA ILE A 514 46.84 15.62 -20.61
C ILE A 514 46.31 16.81 -21.40
N THR A 515 44.98 16.92 -21.53
CA THR A 515 44.32 18.07 -22.14
C THR A 515 43.35 18.72 -21.14
N SER A 516 42.98 19.96 -21.45
CA SER A 516 42.00 20.70 -20.63
C SER A 516 41.51 21.94 -21.38
N GLY A 517 40.40 22.51 -20.93
CA GLY A 517 39.78 23.69 -21.54
C GLY A 517 38.30 23.51 -21.89
N GLU A 518 37.74 24.56 -22.47
CA GLU A 518 36.32 24.68 -22.82
C GLU A 518 36.08 24.17 -24.23
N TRP A 519 36.42 22.91 -24.43
CA TRP A 519 36.42 22.27 -25.73
C TRP A 519 36.66 20.78 -25.50
N GLU A 520 36.17 19.93 -26.40
CA GLU A 520 36.22 18.47 -26.21
C GLU A 520 37.22 17.77 -27.14
N VAL A 521 37.82 16.71 -26.61
CA VAL A 521 38.44 15.63 -27.38
C VAL A 521 37.33 14.75 -27.95
N LEU A 522 37.48 14.31 -29.19
CA LEU A 522 36.50 13.43 -29.85
C LEU A 522 36.89 11.98 -29.65
N GLY A 523 35.91 11.17 -29.22
CA GLY A 523 36.10 9.75 -28.96
C GLY A 523 35.01 8.76 -29.34
N ARG A 524 34.02 9.20 -30.12
CA ARG A 524 32.87 8.39 -30.52
C ARG A 524 32.77 8.47 -32.04
N HIS A 525 32.10 7.47 -32.63
CA HIS A 525 31.66 7.50 -34.03
C HIS A 525 32.81 7.62 -35.04
N GLY A 526 33.94 6.96 -34.72
CA GLY A 526 35.12 6.93 -35.59
C GLY A 526 36.32 7.70 -35.07
N SER A 527 36.07 8.77 -34.30
CA SER A 527 37.15 9.53 -33.64
C SER A 527 37.78 8.73 -32.50
N ASN A 528 39.10 8.72 -32.45
CA ASN A 528 39.86 8.01 -31.41
C ASN A 528 41.23 8.71 -31.29
N ILE A 529 42.14 8.07 -30.57
CA ILE A 529 43.51 8.52 -30.38
C ILE A 529 44.51 7.54 -30.96
N GLN A 530 45.76 7.99 -31.08
CA GLN A 530 46.90 7.19 -31.47
C GLN A 530 48.05 7.61 -30.57
N VAL A 531 48.63 6.64 -29.87
CA VAL A 531 49.67 6.87 -28.87
C VAL A 531 51.00 6.45 -29.49
N ASP A 532 51.99 7.36 -29.44
CA ASP A 532 53.37 7.09 -29.88
C ASP A 532 54.15 6.86 -28.61
N GLU A 533 54.37 5.58 -28.27
CA GLU A 533 55.11 5.21 -27.07
C GLU A 533 56.60 5.53 -27.13
N VAL A 534 57.17 5.73 -28.33
CA VAL A 534 58.58 6.10 -28.46
C VAL A 534 58.74 7.56 -28.09
N ARG A 535 58.09 8.43 -28.86
CA ARG A 535 58.14 9.90 -28.62
C ARG A 535 57.28 10.39 -27.45
N ARG A 536 56.44 9.52 -26.92
CA ARG A 536 55.63 9.76 -25.73
C ARG A 536 54.61 10.88 -25.92
N LEU A 537 53.90 10.73 -27.04
CA LEU A 537 52.93 11.67 -27.54
C LEU A 537 51.59 10.96 -27.75
N VAL A 538 50.52 11.76 -27.78
CA VAL A 538 49.19 11.24 -28.10
C VAL A 538 48.54 12.14 -29.16
N TYR A 539 48.09 11.52 -30.26
CA TYR A 539 47.39 12.23 -31.31
C TYR A 539 45.92 12.07 -31.03
N PHE A 540 45.14 13.14 -31.23
CA PHE A 540 43.70 13.12 -30.99
C PHE A 540 42.99 14.18 -31.81
N GLU A 541 41.69 13.96 -32.04
CA GLU A 541 40.83 14.95 -32.74
C GLU A 541 40.09 15.74 -31.70
N GLY A 542 39.85 17.02 -31.97
CA GLY A 542 39.12 17.87 -31.02
C GLY A 542 38.49 19.13 -31.55
N THR A 543 37.82 19.88 -30.67
CA THR A 543 37.14 21.16 -30.98
C THR A 543 37.82 22.43 -30.43
N LYS A 544 39.11 22.34 -30.11
CA LYS A 544 39.85 23.44 -29.46
C LYS A 544 39.75 24.76 -30.24
N ASP A 545 40.04 24.72 -31.53
CA ASP A 545 40.00 25.93 -32.38
C ASP A 545 38.60 26.48 -32.62
N SER A 546 37.60 25.62 -32.65
CA SER A 546 36.26 26.02 -33.00
C SER A 546 35.30 24.89 -32.74
N PRO A 547 34.08 25.18 -32.22
CA PRO A 547 33.05 24.14 -32.19
C PRO A 547 32.52 23.72 -33.60
N LEU A 548 32.77 24.53 -34.63
CA LEU A 548 32.35 24.24 -36.01
C LEU A 548 33.35 23.45 -36.86
N GLU A 549 34.52 23.10 -36.33
CA GLU A 549 35.57 22.40 -37.07
C GLU A 549 36.23 21.40 -36.15
N HIS A 550 36.37 20.17 -36.65
CA HIS A 550 37.19 19.16 -36.00
C HIS A 550 38.60 19.25 -36.54
N HIS A 551 39.59 19.15 -35.67
CA HIS A 551 41.00 19.23 -36.04
C HIS A 551 41.80 18.18 -35.33
N LEU A 552 42.97 17.90 -35.91
CA LEU A 552 43.89 16.93 -35.35
C LEU A 552 44.93 17.68 -34.53
N TYR A 553 45.17 17.14 -33.34
CA TYR A 553 46.11 17.71 -32.40
C TYR A 553 47.05 16.65 -31.89
N VAL A 554 48.21 17.11 -31.44
CA VAL A 554 49.19 16.26 -30.74
C VAL A 554 49.69 16.97 -29.49
N VAL A 555 50.04 16.17 -28.49
CA VAL A 555 50.48 16.64 -27.16
C VAL A 555 51.30 15.54 -26.47
N SER A 556 52.25 15.92 -25.60
CA SER A 556 52.97 14.93 -24.79
C SER A 556 52.03 14.35 -23.72
N TYR A 557 52.04 13.02 -23.56
CA TYR A 557 51.33 12.39 -22.41
C TYR A 557 52.11 12.35 -21.12
N VAL A 558 53.43 12.53 -21.18
CA VAL A 558 54.28 12.45 -20.00
C VAL A 558 54.44 13.82 -19.36
N ASN A 559 54.65 14.85 -20.18
CA ASN A 559 54.90 16.18 -19.66
C ASN A 559 54.00 17.19 -20.34
N PRO A 560 52.69 17.06 -20.14
CA PRO A 560 51.72 17.69 -21.04
C PRO A 560 51.72 19.20 -20.93
N GLY A 561 51.60 19.90 -22.08
CA GLY A 561 51.44 21.35 -22.09
C GLY A 561 50.83 21.89 -23.37
N GLU A 562 51.67 22.46 -24.23
CA GLU A 562 51.23 23.02 -25.50
C GLU A 562 50.60 21.92 -26.34
N VAL A 563 49.35 22.14 -26.72
CA VAL A 563 48.61 21.29 -27.65
C VAL A 563 48.84 21.88 -29.04
N THR A 564 49.42 21.09 -29.94
CA THR A 564 49.80 21.50 -31.28
C THR A 564 48.75 21.03 -32.28
N ARG A 565 48.15 21.94 -33.04
CA ARG A 565 47.21 21.62 -34.12
C ARG A 565 47.99 21.26 -35.37
N LEU A 566 47.63 20.14 -35.99
CA LEU A 566 48.28 19.67 -37.23
C LEU A 566 47.46 19.95 -38.49
N THR A 567 46.15 20.16 -38.39
CA THR A 567 45.32 20.34 -39.56
C THR A 567 45.08 21.82 -39.80
N ASP A 568 44.83 22.18 -41.06
CA ASP A 568 44.70 23.59 -41.46
C ASP A 568 43.32 24.12 -41.12
N ARG A 569 43.28 25.37 -40.65
CA ARG A 569 42.01 26.06 -40.33
C ARG A 569 41.23 26.32 -41.60
N GLY A 570 39.92 26.50 -41.45
CA GLY A 570 38.98 26.71 -42.57
C GLY A 570 38.34 25.48 -43.17
N TYR A 571 38.69 24.30 -42.64
CA TYR A 571 38.10 23.02 -42.95
C TYR A 571 37.87 22.24 -41.66
N SER A 572 36.86 21.36 -41.67
CA SER A 572 36.67 20.35 -40.63
C SER A 572 37.29 19.09 -41.16
N HIS A 573 37.92 18.33 -40.27
CA HIS A 573 38.74 17.17 -40.63
C HIS A 573 38.30 15.94 -39.83
N SER A 574 38.29 14.80 -40.50
CA SER A 574 38.23 13.47 -39.87
C SER A 574 39.51 12.77 -40.29
N CYS A 575 40.28 12.32 -39.33
CA CYS A 575 41.66 11.91 -39.53
C CYS A 575 41.91 10.54 -38.94
N CYS A 576 42.90 9.86 -39.49
CA CYS A 576 43.54 8.74 -38.79
C CYS A 576 45.00 8.68 -39.11
N ILE A 577 45.71 8.17 -38.11
CA ILE A 577 47.13 8.30 -37.98
C ILE A 577 47.70 6.91 -38.18
N SER A 578 48.77 6.83 -38.97
CA SER A 578 49.54 5.60 -39.11
C SER A 578 49.92 5.05 -37.76
N GLN A 579 49.77 3.75 -37.59
CA GLN A 579 50.28 3.05 -36.40
C GLN A 579 51.76 3.37 -36.07
N HIS A 580 52.55 3.67 -37.11
CA HIS A 580 53.96 4.11 -36.95
C HIS A 580 54.14 5.60 -36.64
N CYS A 581 53.07 6.37 -36.65
CA CYS A 581 53.02 7.74 -36.14
C CYS A 581 53.86 8.74 -36.92
N ASP A 582 54.04 8.45 -38.20
CA ASP A 582 54.79 9.30 -39.14
C ASP A 582 54.01 9.76 -40.37
N PHE A 583 52.76 9.31 -40.53
CA PHE A 583 51.79 9.93 -41.43
C PHE A 583 50.44 9.99 -40.77
N PHE A 584 49.60 10.88 -41.27
CA PHE A 584 48.18 10.80 -41.08
C PHE A 584 47.47 11.16 -42.38
N ILE A 585 46.19 10.79 -42.40
CA ILE A 585 45.27 11.03 -43.49
C ILE A 585 44.14 11.88 -42.94
N SER A 586 43.71 12.88 -43.71
CA SER A 586 42.59 13.72 -43.34
C SER A 586 41.58 13.67 -44.46
N LYS A 587 40.33 13.34 -44.11
CA LYS A 587 39.16 13.52 -44.95
C LYS A 587 38.63 14.88 -44.49
N TYR A 588 38.61 15.87 -45.39
CA TYR A 588 38.28 17.24 -45.01
C TYR A 588 37.39 17.93 -46.02
N SER A 589 36.54 18.82 -45.52
CA SER A 589 35.67 19.64 -46.34
C SER A 589 35.42 20.95 -45.63
N ASN A 590 34.72 21.83 -46.32
CA ASN A 590 34.09 22.95 -45.68
C ASN A 590 32.79 23.27 -46.40
N GLN A 591 32.10 24.27 -45.91
CA GLN A 591 30.80 24.67 -46.41
C GLN A 591 30.80 24.90 -47.96
N LYS A 592 31.88 25.47 -48.50
CA LYS A 592 32.02 25.74 -49.97
C LYS A 592 32.63 24.61 -50.83
N ASN A 593 33.25 23.61 -50.21
CA ASN A 593 34.17 22.67 -50.90
C ASN A 593 33.95 21.23 -50.53
N PRO A 594 33.65 20.35 -51.52
CA PRO A 594 33.38 18.95 -51.14
C PRO A 594 34.54 18.21 -50.53
N HIS A 595 34.24 17.08 -49.90
N HIS A 595 34.24 17.08 -49.91
CA HIS A 595 35.20 16.26 -49.19
CA HIS A 595 35.22 16.23 -49.23
C HIS A 595 36.38 15.84 -50.11
C HIS A 595 36.40 15.83 -50.13
N CYS A 596 37.61 16.03 -49.62
CA CYS A 596 38.87 15.52 -50.22
C CYS A 596 39.49 14.59 -49.21
N VAL A 597 40.39 13.72 -49.65
CA VAL A 597 41.20 12.91 -48.74
C VAL A 597 42.65 13.07 -49.17
N SER A 598 43.49 13.54 -48.24
CA SER A 598 44.92 13.75 -48.51
C SER A 598 45.77 13.07 -47.44
N LEU A 599 47.00 12.71 -47.84
CA LEU A 599 48.00 12.13 -46.93
C LEU A 599 49.03 13.21 -46.58
N TYR A 600 49.34 13.31 -45.28
CA TYR A 600 50.35 14.23 -44.76
C TYR A 600 51.44 13.43 -44.03
N LYS A 601 52.70 13.77 -44.31
CA LYS A 601 53.85 13.23 -43.57
C LYS A 601 54.11 14.07 -42.33
N LEU A 602 54.40 13.40 -41.22
CA LEU A 602 54.80 14.03 -39.95
C LEU A 602 56.29 13.93 -39.74
N SER A 603 56.91 15.03 -39.34
CA SER A 603 58.26 14.99 -38.75
C SER A 603 58.35 15.99 -37.60
N SER A 604 59.48 16.01 -36.94
CA SER A 604 59.81 16.99 -35.92
C SER A 604 61.11 17.68 -36.31
N PRO A 605 61.29 18.95 -35.91
CA PRO A 605 62.63 19.57 -36.07
C PRO A 605 63.78 18.86 -35.29
N GLU A 606 65.02 18.97 -35.79
CA GLU A 606 66.25 18.44 -35.10
C GLU A 606 66.30 18.86 -33.63
N ASP A 607 66.00 20.13 -33.36
CA ASP A 607 66.10 20.69 -32.01
C ASP A 607 65.06 20.23 -31.00
N ASP A 608 63.93 19.67 -31.42
CA ASP A 608 62.82 19.36 -30.47
C ASP A 608 61.92 18.25 -31.04
N PRO A 609 62.21 16.97 -30.71
CA PRO A 609 61.35 15.85 -31.13
C PRO A 609 59.89 15.85 -30.62
N THR A 610 59.59 16.58 -29.54
CA THR A 610 58.21 16.82 -29.10
C THR A 610 57.43 17.68 -30.08
N CYS A 611 58.07 18.64 -30.73
CA CYS A 611 57.38 19.54 -31.65
C CYS A 611 57.12 18.76 -32.93
N LYS A 612 55.86 18.68 -33.34
CA LYS A 612 55.47 17.93 -34.54
C LYS A 612 54.98 18.89 -35.61
N THR A 613 55.41 18.62 -36.84
CA THR A 613 55.03 19.39 -38.02
C THR A 613 54.58 18.44 -39.14
N LYS A 614 53.98 19.02 -40.15
CA LYS A 614 53.23 18.33 -41.17
C LYS A 614 53.70 18.82 -42.53
N GLU A 615 53.73 17.92 -43.51
CA GLU A 615 53.93 18.26 -44.90
C GLU A 615 52.98 17.42 -45.76
N PHE A 616 52.27 18.08 -46.67
CA PHE A 616 51.48 17.41 -47.69
C PHE A 616 52.34 16.45 -48.51
N TRP A 617 51.87 15.22 -48.66
CA TRP A 617 52.56 14.17 -49.41
C TRP A 617 51.87 13.86 -50.72
N ALA A 618 50.58 13.53 -50.64
CA ALA A 618 49.79 13.10 -51.80
C ALA A 618 48.30 13.18 -51.58
N THR A 619 47.57 13.28 -52.68
CA THR A 619 46.12 13.20 -52.69
C THR A 619 45.67 11.76 -52.93
N ILE A 620 44.69 11.32 -52.14
CA ILE A 620 44.03 10.03 -52.29
C ILE A 620 42.73 10.21 -53.06
N LEU A 621 41.93 11.19 -52.67
CA LEU A 621 40.68 11.54 -53.34
C LEU A 621 40.61 13.05 -53.50
N ASP A 622 40.43 13.49 -54.74
CA ASP A 622 40.21 14.91 -55.07
C ASP A 622 38.72 15.20 -55.10
N SER A 623 38.30 16.45 -54.86
CA SER A 623 36.85 16.80 -54.83
C SER A 623 36.20 16.96 -56.21
N ALA A 624 37.00 17.15 -57.26
CA ALA A 624 36.51 17.48 -58.63
C ALA A 624 35.65 18.76 -58.64
N GLY A 625 36.26 19.86 -58.17
CA GLY A 625 35.65 21.19 -58.12
C GLY A 625 34.52 21.33 -57.09
N PRO A 626 33.79 22.47 -57.13
CA PRO A 626 32.53 22.65 -56.41
C PRO A 626 31.31 22.25 -57.25
N LEU A 627 30.30 21.67 -56.60
CA LEU A 627 29.05 21.23 -57.26
C LEU A 627 28.33 22.40 -57.93
N PRO A 628 27.98 22.28 -59.23
CA PRO A 628 27.24 23.39 -59.86
C PRO A 628 25.77 23.37 -59.43
N ASP A 629 25.14 24.54 -59.51
CA ASP A 629 23.76 24.77 -59.02
C ASP A 629 23.56 24.35 -57.54
N TYR A 630 24.57 24.66 -56.73
CA TYR A 630 24.53 24.52 -55.26
C TYR A 630 25.09 25.82 -54.68
N THR A 631 24.26 26.49 -53.89
CA THR A 631 24.62 27.66 -53.15
C THR A 631 24.63 27.21 -51.70
N PRO A 632 25.83 27.29 -51.05
CA PRO A 632 25.86 26.89 -49.65
C PRO A 632 25.21 27.92 -48.71
N PRO A 633 24.89 27.49 -47.48
CA PRO A 633 24.36 28.39 -46.48
C PRO A 633 25.45 29.20 -45.82
N GLU A 634 25.05 30.28 -45.17
CA GLU A 634 25.92 31.06 -44.27
C GLU A 634 25.73 30.55 -42.86
N ILE A 635 26.83 30.31 -42.14
CA ILE A 635 26.76 30.06 -40.71
C ILE A 635 26.58 31.38 -39.99
N PHE A 636 25.56 31.45 -39.15
CA PHE A 636 25.36 32.56 -38.24
C PHE A 636 25.39 32.07 -36.80
N SER A 637 25.44 33.02 -35.89
CA SER A 637 25.31 32.76 -34.46
C SER A 637 24.62 33.89 -33.72
N PHE A 638 24.10 33.58 -32.55
CA PHE A 638 23.40 34.55 -31.71
C PHE A 638 23.60 34.21 -30.23
N GLU A 639 23.67 35.26 -29.39
CA GLU A 639 23.85 35.08 -27.95
C GLU A 639 22.47 34.85 -27.38
N SER A 640 22.22 33.64 -26.90
CA SER A 640 20.93 33.25 -26.34
C SER A 640 20.76 33.86 -24.96
N THR A 641 19.51 34.11 -24.59
CA THR A 641 19.16 34.47 -23.19
C THR A 641 19.42 33.32 -22.19
N THR A 642 19.63 32.11 -22.71
CA THR A 642 20.08 30.96 -21.92
C THR A 642 21.55 31.03 -21.46
N GLY A 643 22.32 32.04 -21.90
CA GLY A 643 23.75 32.13 -21.58
C GLY A 643 24.72 31.60 -22.63
N PHE A 644 24.23 30.80 -23.59
CA PHE A 644 25.07 30.15 -24.60
C PHE A 644 25.01 30.85 -25.94
N THR A 645 26.13 30.81 -26.66
CA THR A 645 26.13 31.14 -28.08
C THR A 645 25.51 29.96 -28.82
N LEU A 646 24.53 30.22 -29.67
CA LEU A 646 23.95 29.20 -30.53
C LEU A 646 24.28 29.48 -31.98
N TYR A 647 24.60 28.41 -32.72
CA TYR A 647 24.99 28.50 -34.12
C TYR A 647 23.88 27.97 -35.02
N GLY A 648 23.78 28.58 -36.20
CA GLY A 648 22.79 28.22 -37.20
C GLY A 648 23.31 28.34 -38.60
N MET A 649 22.52 27.84 -39.53
CA MET A 649 22.76 27.96 -40.97
C MET A 649 21.56 28.61 -41.60
N LEU A 650 21.82 29.57 -42.50
CA LEU A 650 20.75 30.28 -43.23
C LEU A 650 20.99 30.05 -44.69
N TYR A 651 19.98 29.51 -45.37
CA TYR A 651 19.96 29.41 -46.83
C TYR A 651 19.01 30.51 -47.30
N LYS A 652 19.57 31.59 -47.86
CA LYS A 652 18.75 32.66 -48.46
C LYS A 652 18.09 32.14 -49.74
N PRO A 653 16.89 32.64 -50.07
CA PRO A 653 16.29 32.32 -51.36
C PRO A 653 17.17 32.74 -52.53
N HIS A 654 17.23 31.93 -53.58
CA HIS A 654 18.02 32.26 -54.78
C HIS A 654 17.22 33.30 -55.54
N ASP A 655 17.90 34.24 -56.21
CA ASP A 655 17.26 35.38 -56.91
C ASP A 655 16.34 36.15 -55.94
N LEU A 656 16.94 36.57 -54.83
CA LEU A 656 16.26 37.24 -53.74
C LEU A 656 15.87 38.64 -54.24
N GLN A 657 14.58 38.87 -54.45
CA GLN A 657 14.08 40.19 -54.86
C GLN A 657 13.97 41.10 -53.63
N PRO A 658 14.38 42.38 -53.77
CA PRO A 658 14.30 43.29 -52.62
C PRO A 658 12.85 43.73 -52.38
N GLY A 659 12.53 44.01 -51.13
CA GLY A 659 11.16 44.32 -50.72
C GLY A 659 10.12 43.21 -50.82
N LYS A 660 10.55 41.94 -50.93
CA LYS A 660 9.65 40.80 -50.82
C LYS A 660 9.99 39.99 -49.58
N LYS A 661 8.96 39.32 -49.03
CA LYS A 661 9.11 38.45 -47.86
C LYS A 661 8.69 37.02 -48.23
N TYR A 662 9.48 36.05 -47.80
CA TYR A 662 9.49 34.71 -48.36
C TYR A 662 9.09 33.71 -47.29
N PRO A 663 8.39 32.61 -47.68
CA PRO A 663 8.08 31.56 -46.72
C PRO A 663 9.36 30.88 -46.23
N THR A 664 9.29 30.37 -45.02
CA THR A 664 10.47 29.96 -44.28
C THR A 664 10.29 28.52 -43.76
N VAL A 665 11.33 27.71 -43.91
CA VAL A 665 11.30 26.31 -43.51
C VAL A 665 12.44 26.07 -42.56
N LEU A 666 12.10 25.52 -41.40
CA LEU A 666 13.05 25.22 -40.38
C LEU A 666 13.24 23.72 -40.44
N PHE A 667 14.43 23.29 -40.87
CA PHE A 667 14.81 21.92 -40.80
C PHE A 667 15.49 21.70 -39.45
N ILE A 668 15.12 20.58 -38.81
CA ILE A 668 15.51 20.33 -37.41
C ILE A 668 15.85 18.88 -37.15
N TYR A 669 16.91 18.65 -36.36
CA TYR A 669 17.12 17.43 -35.61
C TYR A 669 16.98 17.81 -34.14
N GLY A 670 17.95 18.52 -33.58
CA GLY A 670 17.88 19.05 -32.21
C GLY A 670 17.97 18.11 -31.03
N GLY A 671 18.21 16.83 -31.28
CA GLY A 671 18.47 15.88 -30.22
C GLY A 671 19.95 15.65 -29.96
N PRO A 672 20.23 14.79 -28.97
CA PRO A 672 21.58 14.53 -28.58
C PRO A 672 22.35 13.68 -29.59
N GLN A 673 23.67 13.79 -29.48
CA GLN A 673 24.66 13.11 -30.31
C GLN A 673 24.79 13.58 -31.77
N VAL A 674 24.13 14.69 -32.11
CA VAL A 674 24.15 15.24 -33.47
C VAL A 674 24.43 16.75 -33.38
N GLN A 675 25.27 17.22 -34.29
CA GLN A 675 25.47 18.64 -34.57
C GLN A 675 25.22 18.84 -36.07
N LEU A 676 24.19 19.61 -36.46
CA LEU A 676 23.95 19.95 -37.87
C LEU A 676 24.81 21.10 -38.39
N VAL A 677 25.12 22.06 -37.53
CA VAL A 677 25.74 23.33 -37.94
C VAL A 677 27.22 23.25 -37.64
N ASN A 678 27.98 23.14 -38.71
CA ASN A 678 29.42 23.14 -38.64
C ASN A 678 29.96 23.45 -40.02
N ASN A 679 31.26 23.60 -40.14
CA ASN A 679 31.91 24.03 -41.38
C ASN A 679 32.33 22.78 -42.17
N ARG A 680 31.32 22.12 -42.70
CA ARG A 680 31.44 20.95 -43.55
C ARG A 680 30.59 21.15 -44.76
N PHE A 681 30.91 20.41 -45.82
CA PHE A 681 30.09 20.44 -47.02
C PHE A 681 28.74 19.76 -46.79
N LYS A 682 27.69 20.55 -46.92
CA LYS A 682 26.31 20.12 -46.78
C LYS A 682 25.61 19.81 -48.12
N GLY A 683 26.29 20.01 -49.24
CA GLY A 683 25.69 19.78 -50.56
C GLY A 683 25.47 18.34 -51.00
N VAL A 684 25.92 17.37 -50.20
CA VAL A 684 25.66 15.96 -50.49
C VAL A 684 24.44 15.56 -49.65
N LYS A 685 24.59 15.46 -48.32
CA LYS A 685 23.53 14.94 -47.48
C LYS A 685 22.29 15.88 -47.39
N TYR A 686 22.51 17.20 -47.47
CA TYR A 686 21.44 18.22 -47.30
C TYR A 686 21.19 19.08 -48.57
N PHE A 687 21.29 18.43 -49.72
CA PHE A 687 21.13 19.08 -51.03
C PHE A 687 19.75 19.66 -51.22
N ARG A 688 18.73 19.01 -50.67
CA ARG A 688 17.36 19.50 -50.83
C ARG A 688 17.01 20.74 -50.06
N LEU A 689 17.84 21.12 -49.09
CA LEU A 689 17.72 22.43 -48.47
C LEU A 689 18.06 23.51 -49.50
N ASN A 690 19.12 23.31 -50.24
CA ASN A 690 19.46 24.15 -51.39
C ASN A 690 18.35 24.17 -52.47
N THR A 691 17.70 23.02 -52.69
CA THR A 691 16.57 22.97 -53.62
C THR A 691 15.42 23.85 -53.14
N LEU A 692 15.09 23.74 -51.85
CA LEU A 692 14.05 24.56 -51.26
C LEU A 692 14.34 26.03 -51.46
N ALA A 693 15.55 26.43 -51.12
CA ALA A 693 16.04 27.78 -51.38
C ALA A 693 15.86 28.23 -52.84
N SER A 694 16.17 27.34 -53.79
CA SER A 694 15.98 27.63 -55.22
C SER A 694 14.52 27.87 -55.65
N LEU A 695 13.58 27.26 -54.95
CA LEU A 695 12.14 27.49 -55.20
C LEU A 695 11.57 28.74 -54.57
N GLY A 696 12.30 29.30 -53.60
CA GLY A 696 11.92 30.50 -52.87
C GLY A 696 11.67 30.36 -51.38
N TYR A 697 12.01 29.23 -50.76
CA TYR A 697 11.93 29.12 -49.30
C TYR A 697 13.19 29.65 -48.63
N VAL A 698 13.04 30.36 -47.52
CA VAL A 698 14.17 30.61 -46.63
C VAL A 698 14.30 29.30 -45.87
N VAL A 699 15.52 28.78 -45.77
CA VAL A 699 15.77 27.55 -44.98
C VAL A 699 16.70 27.88 -43.82
N VAL A 700 16.31 27.41 -42.64
CA VAL A 700 17.02 27.69 -41.40
C VAL A 700 17.30 26.38 -40.70
N VAL A 701 18.49 26.30 -40.12
CA VAL A 701 18.88 25.19 -39.25
C VAL A 701 19.57 25.76 -38.05
N ILE A 702 19.17 25.33 -36.86
CA ILE A 702 19.73 25.81 -35.60
C ILE A 702 20.10 24.59 -34.75
N ASP A 703 21.28 24.64 -34.12
CA ASP A 703 21.71 23.65 -33.13
C ASP A 703 21.36 24.20 -31.77
N ASN A 704 20.16 23.81 -31.32
CA ASN A 704 19.70 24.09 -29.95
C ASN A 704 20.52 23.37 -28.87
N ARG A 705 20.28 23.74 -27.61
CA ARG A 705 20.90 23.08 -26.49
C ARG A 705 20.52 21.61 -26.43
N GLY A 706 21.47 20.74 -26.07
CA GLY A 706 21.33 19.30 -26.24
C GLY A 706 22.20 18.71 -27.35
N SER A 707 22.44 19.50 -28.42
CA SER A 707 23.41 19.20 -29.46
C SER A 707 24.79 18.78 -28.95
N CYS A 708 25.49 18.16 -29.87
CA CYS A 708 26.81 17.58 -29.66
C CYS A 708 27.88 18.71 -29.75
N HIS A 709 29.07 18.41 -29.27
CA HIS A 709 30.31 19.20 -29.46
C HIS A 709 30.39 20.54 -28.72
N ARG A 710 29.54 20.73 -27.71
CA ARG A 710 29.57 21.94 -26.86
C ARG A 710 29.78 21.68 -25.38
N GLY A 711 30.07 20.42 -25.05
CA GLY A 711 30.32 20.00 -23.69
C GLY A 711 29.10 19.50 -22.99
N LEU A 712 29.34 18.89 -21.84
CA LEU A 712 28.32 18.15 -21.11
C LEU A 712 27.24 19.03 -20.49
N LYS A 713 27.61 20.24 -20.01
CA LYS A 713 26.63 21.17 -19.45
C LYS A 713 25.62 21.59 -20.50
N PHE A 714 26.12 21.96 -21.67
CA PHE A 714 25.31 22.28 -22.85
C PHE A 714 24.40 21.12 -23.24
N GLU A 715 24.97 19.93 -23.34
CA GLU A 715 24.23 18.71 -23.67
C GLU A 715 23.19 18.40 -22.61
N GLY A 716 23.56 18.62 -21.35
CA GLY A 716 22.73 18.40 -20.18
C GLY A 716 21.51 19.25 -19.99
N ALA A 717 21.40 20.35 -20.72
CA ALA A 717 20.26 21.28 -20.64
C ALA A 717 18.87 20.63 -20.63
N PHE A 718 18.69 19.56 -21.41
CA PHE A 718 17.40 18.82 -21.43
C PHE A 718 17.31 17.56 -20.56
N LYS A 719 18.26 17.27 -19.65
CA LYS A 719 18.07 16.14 -18.73
C LYS A 719 16.72 16.25 -18.04
N TYR A 720 15.95 15.17 -18.11
CA TYR A 720 14.56 15.11 -17.61
C TYR A 720 13.52 15.97 -18.35
N LYS A 721 13.93 16.71 -19.36
CA LYS A 721 13.17 17.84 -19.91
C LYS A 721 13.11 17.79 -21.45
N MET A 722 13.29 16.61 -22.05
CA MET A 722 13.23 16.51 -23.51
C MET A 722 11.85 16.99 -24.02
N GLY A 723 11.88 17.73 -25.12
CA GLY A 723 10.70 18.40 -25.66
C GLY A 723 10.35 19.76 -25.10
N GLN A 724 10.91 20.14 -23.95
CA GLN A 724 10.50 21.37 -23.29
C GLN A 724 11.32 22.60 -23.66
N ILE A 725 12.57 22.44 -24.11
CA ILE A 725 13.51 23.56 -24.26
C ILE A 725 13.98 23.89 -25.67
N GLU A 726 13.86 22.92 -26.57
CA GLU A 726 14.55 22.95 -27.84
C GLU A 726 13.87 23.97 -28.76
N ILE A 727 12.55 24.04 -28.68
CA ILE A 727 11.78 24.93 -29.52
C ILE A 727 11.95 26.38 -29.14
N ASP A 728 12.13 26.66 -27.84
CA ASP A 728 12.52 28.01 -27.40
C ASP A 728 13.80 28.53 -28.06
N ASP A 729 14.78 27.64 -28.21
CA ASP A 729 16.04 27.97 -28.89
C ASP A 729 15.83 28.21 -30.39
N GLN A 730 15.05 27.33 -31.00
CA GLN A 730 14.72 27.40 -32.41
C GLN A 730 14.00 28.70 -32.77
N VAL A 731 13.00 29.03 -31.97
CA VAL A 731 12.25 30.27 -32.15
C VAL A 731 13.14 31.51 -31.91
N GLU A 732 14.00 31.46 -30.89
CA GLU A 732 14.92 32.57 -30.60
C GLU A 732 15.81 32.84 -31.80
N GLY A 733 16.44 31.78 -32.35
CA GLY A 733 17.24 31.89 -33.58
C GLY A 733 16.43 32.41 -34.75
N LEU A 734 15.20 31.93 -34.88
CA LEU A 734 14.29 32.36 -35.93
C LEU A 734 13.97 33.86 -35.83
N GLN A 735 13.73 34.33 -34.62
CA GLN A 735 13.48 35.74 -34.36
C GLN A 735 14.70 36.62 -34.48
N TYR A 736 15.88 36.11 -34.10
CA TYR A 736 17.15 36.81 -34.39
C TYR A 736 17.26 37.09 -35.88
N LEU A 737 17.11 36.05 -36.68
CA LEU A 737 17.15 36.20 -38.14
C LEU A 737 16.10 37.17 -38.69
N ALA A 738 14.88 37.06 -38.20
CA ALA A 738 13.76 37.89 -38.68
C ALA A 738 13.92 39.39 -38.43
N SER A 739 14.50 39.76 -37.28
CA SER A 739 14.82 41.17 -36.97
C SER A 739 15.99 41.74 -37.81
N ARG A 740 16.93 40.85 -38.16
CA ARG A 740 18.08 41.15 -38.98
C ARG A 740 17.76 41.19 -40.49
N TYR A 741 16.84 40.33 -40.94
CA TYR A 741 16.53 40.14 -42.37
C TYR A 741 15.04 40.25 -42.59
N ASP A 742 14.64 41.36 -43.19
CA ASP A 742 13.21 41.61 -43.47
C ASP A 742 12.57 40.65 -44.53
N PHE A 743 13.39 39.92 -45.31
CA PHE A 743 12.85 38.87 -46.23
C PHE A 743 12.18 37.62 -45.61
N ILE A 744 12.33 37.40 -44.30
CA ILE A 744 11.68 36.24 -43.64
C ILE A 744 10.23 36.57 -43.31
N ASP A 745 9.27 35.90 -43.95
CA ASP A 745 7.83 36.04 -43.64
C ASP A 745 7.50 35.12 -42.48
N LEU A 746 7.35 35.71 -41.29
CA LEU A 746 6.99 34.97 -40.08
C LEU A 746 5.57 34.44 -40.04
N ASP A 747 4.67 35.00 -40.86
CA ASP A 747 3.35 34.39 -41.05
C ASP A 747 3.31 33.07 -41.83
N ARG A 748 4.44 32.66 -42.43
CA ARG A 748 4.53 31.40 -43.18
C ARG A 748 5.81 30.63 -42.85
N VAL A 749 5.89 30.16 -41.60
CA VAL A 749 6.98 29.30 -41.17
C VAL A 749 6.53 27.84 -41.09
N GLY A 750 7.33 26.96 -41.67
CA GLY A 750 7.15 25.51 -41.57
C GLY A 750 8.31 24.90 -40.82
N ILE A 751 8.10 23.69 -40.30
CA ILE A 751 9.14 22.95 -39.64
C ILE A 751 9.10 21.48 -40.08
N HIS A 752 10.27 20.92 -40.27
CA HIS A 752 10.41 19.55 -40.76
C HIS A 752 11.64 18.89 -40.13
N GLY A 753 11.46 17.64 -39.71
CA GLY A 753 12.55 16.81 -39.28
C GLY A 753 12.20 15.35 -39.25
N TRP A 754 13.25 14.54 -39.19
CA TRP A 754 13.16 13.10 -39.01
C TRP A 754 13.70 12.71 -37.66
N SER A 755 13.15 11.61 -37.11
CA SER A 755 13.67 10.99 -35.89
C SER A 755 13.47 12.02 -34.75
N TYR A 756 14.51 12.44 -34.03
CA TYR A 756 14.34 13.50 -33.00
C TYR A 756 13.77 14.78 -33.62
N GLY A 757 14.16 15.05 -34.86
CA GLY A 757 13.58 16.12 -35.67
C GLY A 757 12.09 16.08 -35.90
N GLY A 758 11.55 14.88 -36.04
CA GLY A 758 10.11 14.69 -36.22
C GLY A 758 9.43 14.89 -34.89
N TYR A 759 10.04 14.34 -33.84
CA TYR A 759 9.61 14.55 -32.46
C TYR A 759 9.42 16.03 -32.17
N LEU A 760 10.47 16.79 -32.42
CA LEU A 760 10.43 18.22 -32.25
C LEU A 760 9.52 18.96 -33.20
N SER A 761 9.33 18.45 -34.41
CA SER A 761 8.37 19.06 -35.33
C SER A 761 6.97 18.99 -34.73
N LEU A 762 6.64 17.89 -34.09
CA LEU A 762 5.36 17.80 -33.39
C LEU A 762 5.28 18.74 -32.21
N MET A 763 6.37 18.82 -31.46
CA MET A 763 6.40 19.70 -30.28
C MET A 763 6.27 21.17 -30.66
N ALA A 764 6.93 21.57 -31.75
CA ALA A 764 6.78 22.91 -32.34
C ALA A 764 5.32 23.25 -32.59
N LEU A 765 4.60 22.35 -33.28
CA LEU A 765 3.21 22.59 -33.62
C LEU A 765 2.28 22.64 -32.43
N MET A 766 2.63 21.84 -31.44
CA MET A 766 1.81 21.70 -30.25
C MET A 766 2.03 22.89 -29.30
N GLN A 767 3.31 23.18 -29.02
CA GLN A 767 3.71 24.29 -28.14
C GLN A 767 3.54 25.68 -28.76
N ARG A 768 3.87 25.81 -30.05
CA ARG A 768 3.99 27.08 -30.73
C ARG A 768 3.25 27.15 -32.08
N SER A 769 1.93 26.88 -32.07
CA SER A 769 1.09 27.03 -33.28
C SER A 769 0.99 28.47 -33.78
N ASP A 770 1.19 29.42 -32.87
CA ASP A 770 1.38 30.84 -33.23
C ASP A 770 2.54 31.11 -34.22
N ILE A 771 3.61 30.32 -34.14
CA ILE A 771 4.80 30.51 -34.97
C ILE A 771 4.86 29.58 -36.16
N PHE A 772 4.66 28.29 -35.92
CA PHE A 772 4.80 27.25 -36.96
C PHE A 772 3.47 26.96 -37.56
N ARG A 773 3.35 27.28 -38.86
CA ARG A 773 2.15 27.07 -39.62
C ARG A 773 1.90 25.60 -40.02
N VAL A 774 2.95 24.92 -40.46
CA VAL A 774 2.92 23.51 -40.79
C VAL A 774 4.08 22.80 -40.12
N ALA A 775 3.85 21.53 -39.81
CA ALA A 775 4.83 20.64 -39.21
C ALA A 775 4.82 19.33 -39.98
N ILE A 776 5.98 18.90 -40.47
CA ILE A 776 6.11 17.65 -41.20
C ILE A 776 7.06 16.78 -40.37
N ALA A 777 6.48 15.83 -39.64
CA ALA A 777 7.20 15.05 -38.66
C ALA A 777 7.43 13.64 -39.20
N GLY A 778 8.70 13.27 -39.36
CA GLY A 778 9.10 11.94 -39.79
C GLY A 778 9.58 11.06 -38.65
N ALA A 779 9.03 9.84 -38.58
CA ALA A 779 9.39 8.81 -37.61
C ALA A 779 9.58 9.33 -36.16
N PRO A 780 8.58 10.03 -35.63
CA PRO A 780 8.70 10.58 -34.31
C PRO A 780 8.47 9.57 -33.20
N VAL A 781 9.04 9.84 -32.04
CA VAL A 781 8.62 9.26 -30.77
C VAL A 781 7.49 10.15 -30.31
N THR A 782 6.33 9.57 -30.06
CA THR A 782 5.20 10.18 -29.41
C THR A 782 4.90 9.71 -27.96
N LEU A 783 5.60 8.69 -27.47
CA LEU A 783 5.44 8.22 -26.08
C LEU A 783 6.76 7.66 -25.60
N TRP A 784 7.43 8.37 -24.70
CA TRP A 784 8.72 7.91 -24.18
C TRP A 784 8.68 6.55 -23.50
N ILE A 785 7.54 6.15 -22.93
CA ILE A 785 7.38 4.81 -22.34
C ILE A 785 7.59 3.65 -23.31
N PHE A 786 7.37 3.89 -24.61
CA PHE A 786 7.65 2.90 -25.67
C PHE A 786 9.04 2.91 -26.26
N TYR A 787 9.84 3.93 -25.99
CA TYR A 787 11.22 3.92 -26.41
C TYR A 787 12.02 3.11 -25.39
N ASP A 788 13.29 2.85 -25.70
CA ASP A 788 14.07 1.86 -25.03
C ASP A 788 14.75 2.35 -23.79
N THR A 789 15.26 1.40 -23.02
CA THR A 789 15.98 1.65 -21.80
C THR A 789 17.21 2.52 -21.99
N GLY A 790 18.09 2.11 -22.89
CA GLY A 790 19.42 2.71 -23.01
C GLY A 790 19.42 4.17 -23.35
N TYR A 791 18.55 4.58 -24.27
CA TYR A 791 18.40 5.98 -24.64
C TYR A 791 17.59 6.71 -23.60
N THR A 792 16.38 6.22 -23.36
CA THR A 792 15.38 7.00 -22.64
C THR A 792 15.77 7.28 -21.20
N GLU A 793 16.28 6.28 -20.51
CA GLU A 793 16.67 6.42 -19.09
C GLU A 793 17.92 7.25 -18.93
N ARG A 794 18.78 7.28 -19.95
CA ARG A 794 19.98 8.11 -19.93
C ARG A 794 19.60 9.57 -19.82
N TYR A 795 18.68 10.00 -20.68
CA TYR A 795 18.29 11.39 -20.83
C TYR A 795 17.09 11.79 -19.96
N MET A 796 16.19 10.85 -19.66
CA MET A 796 14.94 11.15 -18.92
C MET A 796 14.76 10.41 -17.59
N GLY A 797 15.73 9.59 -17.18
CA GLY A 797 15.62 8.78 -15.95
C GLY A 797 14.51 7.75 -15.99
N HIS A 798 14.25 7.12 -14.85
CA HIS A 798 13.17 6.14 -14.70
C HIS A 798 11.81 6.89 -14.78
N PRO A 799 10.78 6.31 -15.42
CA PRO A 799 9.44 6.96 -15.51
C PRO A 799 8.76 7.34 -14.21
N ASP A 800 8.96 6.56 -13.15
CA ASP A 800 8.43 6.89 -11.83
C ASP A 800 9.09 8.07 -11.13
N GLN A 801 10.32 8.37 -11.54
CA GLN A 801 11.13 9.46 -11.01
C GLN A 801 11.13 10.68 -11.93
N ASN A 802 10.32 10.66 -12.98
CA ASN A 802 10.12 11.78 -13.84
C ASN A 802 8.74 11.77 -14.50
N GLU A 803 7.68 11.70 -13.67
CA GLU A 803 6.33 11.56 -14.19
C GLU A 803 5.91 12.70 -15.13
N GLN A 804 6.21 13.93 -14.71
CA GLN A 804 5.90 15.12 -15.51
C GLN A 804 6.74 15.23 -16.76
N GLY A 805 8.03 14.89 -16.67
CA GLY A 805 8.91 14.97 -17.84
C GLY A 805 8.46 14.03 -18.93
N TYR A 806 8.17 12.79 -18.54
CA TYR A 806 7.59 11.80 -19.46
C TYR A 806 6.26 12.28 -20.03
N TYR A 807 5.38 12.86 -19.19
CA TYR A 807 4.10 13.39 -19.66
C TYR A 807 4.33 14.48 -20.69
N LEU A 808 5.06 15.52 -20.30
CA LEU A 808 5.26 16.71 -21.13
C LEU A 808 6.05 16.44 -22.36
N GLY A 809 6.97 15.49 -22.27
CA GLY A 809 7.77 15.08 -23.44
C GLY A 809 7.05 14.16 -24.42
N SER A 810 5.87 13.65 -24.06
CA SER A 810 5.16 12.66 -24.82
C SER A 810 4.01 13.32 -25.55
N VAL A 811 4.20 13.50 -26.85
CA VAL A 811 3.23 14.15 -27.74
C VAL A 811 1.81 13.51 -27.63
N ALA A 812 1.75 12.18 -27.65
CA ALA A 812 0.48 11.44 -27.67
C ALA A 812 -0.39 11.60 -26.42
N MET A 813 0.23 11.93 -25.30
CA MET A 813 -0.52 12.34 -24.10
C MET A 813 -1.19 13.74 -24.20
N GLN A 814 -0.90 14.49 -25.28
CA GLN A 814 -1.22 15.88 -25.41
C GLN A 814 -1.92 16.19 -26.75
N ALA A 815 -2.72 15.24 -27.22
CA ALA A 815 -3.35 15.37 -28.54
C ALA A 815 -4.30 16.56 -28.61
N GLU A 816 -4.98 16.84 -27.51
CA GLU A 816 -5.86 18.03 -27.38
C GLU A 816 -5.18 19.38 -27.70
N LYS A 817 -3.85 19.46 -27.50
CA LYS A 817 -3.03 20.63 -27.81
C LYS A 817 -2.70 20.87 -29.29
N PHE A 818 -3.00 19.92 -30.16
CA PHE A 818 -2.81 20.10 -31.60
C PHE A 818 -3.85 21.05 -32.18
N PRO A 819 -3.59 21.55 -33.41
CA PRO A 819 -4.56 22.46 -34.01
C PRO A 819 -5.82 21.78 -34.54
N SER A 820 -6.92 22.51 -34.49
CA SER A 820 -8.18 22.15 -35.11
C SER A 820 -8.34 22.73 -36.53
N GLU A 821 -7.26 23.19 -37.15
CA GLU A 821 -7.24 23.48 -38.59
C GLU A 821 -6.47 22.38 -39.29
N PRO A 822 -6.96 21.90 -40.43
CA PRO A 822 -6.18 20.97 -41.23
C PRO A 822 -5.07 21.63 -42.01
N ASN A 823 -4.30 20.82 -42.74
CA ASN A 823 -3.18 21.26 -43.57
C ASN A 823 -2.04 21.89 -42.77
N ARG A 824 -1.88 21.43 -41.54
CA ARG A 824 -0.79 21.83 -40.66
C ARG A 824 0.07 20.67 -40.16
N LEU A 825 -0.51 19.49 -40.01
CA LEU A 825 0.21 18.34 -39.49
C LEU A 825 0.29 17.27 -40.51
N LEU A 826 1.51 16.88 -40.86
CA LEU A 826 1.78 15.76 -41.75
C LEU A 826 2.71 14.81 -41.01
N LEU A 827 2.28 13.57 -40.87
CA LEU A 827 3.06 12.51 -40.25
C LEU A 827 3.63 11.60 -41.33
N LEU A 828 4.90 11.26 -41.20
CA LEU A 828 5.59 10.32 -42.06
C LEU A 828 6.17 9.23 -41.20
N HIS A 829 6.10 7.98 -41.63
CA HIS A 829 6.74 6.89 -40.89
C HIS A 829 7.07 5.67 -41.76
N GLY A 830 8.23 5.05 -41.52
CA GLY A 830 8.56 3.73 -42.07
C GLY A 830 7.72 2.68 -41.37
N PHE A 831 6.97 1.93 -42.14
CA PHE A 831 5.99 0.98 -41.57
C PHE A 831 6.64 -0.21 -40.82
N LEU A 832 7.87 -0.54 -41.22
CA LEU A 832 8.62 -1.68 -40.69
C LEU A 832 9.61 -1.33 -39.61
N ASP A 833 9.52 -0.11 -39.08
CA ASP A 833 10.51 0.44 -38.18
C ASP A 833 10.43 -0.30 -36.84
N GLU A 834 11.54 -0.93 -36.49
CA GLU A 834 11.73 -1.72 -35.27
C GLU A 834 12.41 -0.95 -34.13
N ASN A 835 12.88 0.26 -34.43
CA ASN A 835 13.55 1.14 -33.51
C ASN A 835 12.46 2.08 -32.93
N VAL A 836 11.95 2.97 -33.78
CA VAL A 836 10.75 3.73 -33.48
C VAL A 836 9.55 2.99 -34.10
N HIS A 837 8.90 2.11 -33.31
CA HIS A 837 7.76 1.30 -33.76
C HIS A 837 6.70 2.21 -34.39
N PHE A 838 6.01 1.71 -35.40
CA PHE A 838 4.93 2.46 -36.04
C PHE A 838 3.79 2.85 -35.07
N ALA A 839 3.75 2.22 -33.91
CA ALA A 839 2.73 2.43 -32.91
C ALA A 839 2.82 3.83 -32.28
N HIS A 840 4.02 4.42 -32.28
CA HIS A 840 4.20 5.85 -31.95
C HIS A 840 3.23 6.71 -32.79
N THR A 841 3.19 6.44 -34.08
CA THR A 841 2.27 7.13 -34.99
C THR A 841 0.84 6.62 -34.81
N SER A 842 0.65 5.31 -34.76
CA SER A 842 -0.73 4.79 -34.69
C SER A 842 -1.45 5.20 -33.41
N ILE A 843 -0.72 5.25 -32.29
CA ILE A 843 -1.30 5.71 -31.01
C ILE A 843 -1.58 7.21 -31.04
N LEU A 844 -0.68 8.00 -31.62
CA LEU A 844 -0.94 9.43 -31.76
C LEU A 844 -2.20 9.66 -32.55
N LEU A 845 -2.33 8.95 -33.66
CA LEU A 845 -3.53 9.04 -34.49
C LEU A 845 -4.77 8.61 -33.74
N SER A 846 -4.64 7.55 -32.95
CA SER A 846 -5.75 7.09 -32.09
C SER A 846 -6.33 8.23 -31.25
N PHE A 847 -5.44 9.01 -30.64
CA PHE A 847 -5.84 10.15 -29.82
C PHE A 847 -6.24 11.40 -30.60
N LEU A 848 -5.58 11.66 -31.71
CA LEU A 848 -6.06 12.71 -32.64
C LEU A 848 -7.48 12.47 -33.13
N VAL A 849 -7.80 11.23 -33.43
CA VAL A 849 -9.13 10.85 -33.85
C VAL A 849 -10.12 11.07 -32.71
N ARG A 850 -9.81 10.62 -31.49
CA ARG A 850 -10.70 10.88 -30.33
C ARG A 850 -10.87 12.36 -30.01
N ALA A 851 -9.80 13.11 -30.16
CA ALA A 851 -9.82 14.57 -30.00
C ALA A 851 -10.47 15.35 -31.14
N GLY A 852 -10.82 14.71 -32.24
CA GLY A 852 -11.42 15.39 -33.40
C GLY A 852 -10.48 16.30 -34.17
N LYS A 853 -9.18 16.00 -34.16
CA LYS A 853 -8.19 16.84 -34.79
C LYS A 853 -7.81 16.25 -36.14
N PRO A 854 -7.59 17.08 -37.17
CA PRO A 854 -7.17 16.58 -38.46
C PRO A 854 -5.67 16.23 -38.48
N TYR A 855 -5.30 15.34 -39.41
CA TYR A 855 -3.90 15.00 -39.68
C TYR A 855 -3.78 14.57 -41.13
N ASP A 856 -2.57 14.67 -41.66
CA ASP A 856 -2.19 14.07 -42.91
C ASP A 856 -1.14 13.02 -42.60
N LEU A 857 -1.10 11.99 -43.41
CA LEU A 857 -0.31 10.79 -43.14
C LEU A 857 0.29 10.21 -44.43
N GLN A 858 1.56 9.82 -44.37
CA GLN A 858 2.25 9.05 -45.41
C GLN A 858 3.07 7.96 -44.75
N ILE A 859 2.96 6.75 -45.29
CA ILE A 859 3.65 5.57 -44.82
C ILE A 859 4.56 5.12 -45.96
N TYR A 860 5.74 4.61 -45.57
CA TYR A 860 6.73 4.05 -46.48
C TYR A 860 6.79 2.57 -46.07
N PRO A 861 5.96 1.73 -46.70
CA PRO A 861 5.82 0.37 -46.27
C PRO A 861 7.03 -0.54 -46.39
N GLN A 862 8.03 -0.18 -47.20
CA GLN A 862 9.28 -0.96 -47.31
C GLN A 862 10.43 -0.47 -46.46
N GLU A 863 10.18 0.50 -45.56
CA GLU A 863 11.21 1.17 -44.80
C GLU A 863 11.11 1.00 -43.29
N ARG A 864 12.29 1.07 -42.65
CA ARG A 864 12.45 0.97 -41.22
C ARG A 864 12.78 2.42 -40.76
N HIS A 865 13.77 2.63 -39.91
CA HIS A 865 14.18 3.98 -39.46
C HIS A 865 15.29 4.51 -40.34
N SER A 866 14.98 4.57 -41.62
CA SER A 866 15.94 4.88 -42.70
C SER A 866 15.15 4.80 -44.02
N ILE A 867 15.74 5.37 -45.06
CA ILE A 867 15.25 5.20 -46.41
C ILE A 867 16.35 4.51 -47.18
N ARG A 868 16.07 3.26 -47.55
CA ARG A 868 16.94 2.41 -48.33
C ARG A 868 16.48 2.05 -49.72
N VAL A 869 15.19 2.19 -50.02
CA VAL A 869 14.67 1.95 -51.36
C VAL A 869 14.60 3.33 -52.04
N PRO A 870 15.33 3.52 -53.15
CA PRO A 870 15.37 4.85 -53.81
C PRO A 870 14.02 5.48 -54.12
N GLU A 871 13.07 4.64 -54.54
CA GLU A 871 11.71 5.08 -54.86
C GLU A 871 11.00 5.66 -53.66
N SER A 872 11.27 5.13 -52.46
CA SER A 872 10.73 5.67 -51.22
C SER A 872 11.21 7.10 -51.00
N GLY A 873 12.49 7.32 -51.21
CA GLY A 873 13.10 8.65 -51.09
C GLY A 873 12.58 9.63 -52.12
N GLU A 874 12.52 9.16 -53.36
CA GLU A 874 11.94 9.94 -54.44
C GLU A 874 10.52 10.42 -54.09
N HIS A 875 9.72 9.54 -53.52
CA HIS A 875 8.31 9.84 -53.20
C HIS A 875 8.20 10.82 -52.07
N TYR A 876 8.98 10.56 -51.03
CA TYR A 876 9.11 11.45 -49.88
C TYR A 876 9.46 12.88 -50.26
N GLU A 877 10.55 13.04 -51.01
CA GLU A 877 11.00 14.36 -51.47
C GLU A 877 9.91 15.07 -52.26
N LEU A 878 9.28 14.32 -53.16
CA LEU A 878 8.21 14.84 -53.99
C LEU A 878 7.01 15.28 -53.17
N HIS A 879 6.56 14.41 -52.28
CA HIS A 879 5.42 14.74 -51.40
C HIS A 879 5.72 15.94 -50.52
N LEU A 880 6.94 16.00 -49.98
CA LEU A 880 7.38 17.12 -49.13
C LEU A 880 7.27 18.45 -49.85
N LEU A 881 7.89 18.53 -51.02
CA LEU A 881 7.85 19.74 -51.83
C LEU A 881 6.44 20.13 -52.22
N HIS A 882 5.67 19.13 -52.60
CA HIS A 882 4.28 19.36 -52.92
C HIS A 882 3.45 19.86 -51.74
N TYR A 883 3.65 19.25 -50.57
CA TYR A 883 2.90 19.66 -49.36
C TYR A 883 3.22 21.10 -48.97
N LEU A 884 4.51 21.43 -49.00
CA LEU A 884 4.98 22.77 -48.72
C LEU A 884 4.43 23.82 -49.69
N GLN A 885 4.47 23.48 -50.96
CA GLN A 885 3.90 24.30 -52.01
C GLN A 885 2.42 24.59 -51.77
N GLU A 886 1.64 23.53 -51.55
CA GLU A 886 0.20 23.64 -51.46
C GLU A 886 -0.28 24.24 -50.13
N ASN A 887 0.48 24.03 -49.05
CA ASN A 887 0.06 24.43 -47.69
C ASN A 887 0.85 25.49 -46.95
N LEU A 888 1.96 25.93 -47.52
CA LEU A 888 2.79 27.01 -46.99
C LEU A 888 3.15 28.10 -48.02
N GLY A 889 3.75 27.70 -49.13
CA GLY A 889 4.49 28.62 -49.99
C GLY A 889 3.76 29.26 -51.14
N SER A 890 2.81 28.57 -51.77
CA SER A 890 2.17 29.06 -53.00
C SER A 890 1.09 30.12 -52.74
N ARG A 891 0.61 30.74 -53.82
CA ARG A 891 -0.55 31.64 -53.77
C ARG A 891 -1.76 30.86 -53.25
N ILE A 892 -2.02 29.69 -53.83
CA ILE A 892 -3.17 28.85 -53.41
C ILE A 892 -3.13 28.50 -51.91
N ALA A 893 -1.95 28.29 -51.35
CA ALA A 893 -1.79 28.08 -49.88
C ALA A 893 -2.35 29.22 -49.04
N ALA A 894 -1.97 30.44 -49.41
CA ALA A 894 -2.46 31.65 -48.74
C ALA A 894 -3.97 31.83 -48.91
N LEU A 895 -4.45 31.48 -50.08
CA LEU A 895 -5.83 31.62 -50.46
C LEU A 895 -6.78 30.65 -49.74
N LYS A 896 -6.26 29.53 -49.26
CA LYS A 896 -7.07 28.51 -48.59
C LYS A 896 -7.03 28.55 -47.05
N VAL A 897 -6.51 29.61 -46.47
CA VAL A 897 -6.19 29.62 -45.04
C VAL A 897 -7.38 30.02 -44.10
N ILE A 898 -8.55 30.33 -44.66
CA ILE A 898 -9.80 30.36 -43.89
C ILE A 898 -10.39 28.97 -44.08
N LYS B 47 -54.00 28.68 31.75
CA LYS B 47 -52.99 27.83 31.02
C LYS B 47 -53.12 27.91 29.49
N LEU B 48 -52.07 27.46 28.79
CA LEU B 48 -51.94 27.45 27.31
C LEU B 48 -52.10 26.06 26.67
N GLU B 49 -52.46 26.01 25.37
CA GLU B 49 -52.64 24.74 24.62
C GLU B 49 -51.27 24.25 24.09
N PRO B 50 -50.96 22.93 24.20
CA PRO B 50 -49.71 22.45 23.61
C PRO B 50 -49.79 22.46 22.08
N PHE B 51 -48.74 22.98 21.44
CA PHE B 51 -48.57 22.85 20.00
C PHE B 51 -47.90 21.53 19.74
N TYR B 52 -48.48 20.73 18.85
CA TYR B 52 -47.89 19.50 18.36
C TYR B 52 -47.37 19.69 16.94
N VAL B 53 -46.12 19.26 16.68
CA VAL B 53 -45.54 19.31 15.34
C VAL B 53 -46.31 18.34 14.42
N GLU B 54 -46.29 18.63 13.12
CA GLU B 54 -46.84 17.76 12.10
C GLU B 54 -46.04 16.45 12.11
N ARG B 55 -46.78 15.36 12.00
CA ARG B 55 -46.22 14.03 12.05
C ARG B 55 -45.99 13.55 10.62
N TYR B 56 -44.77 13.78 10.14
CA TYR B 56 -44.30 13.30 8.84
C TYR B 56 -43.75 11.88 8.93
N SER B 57 -43.96 11.12 7.86
CA SER B 57 -43.29 9.82 7.70
C SER B 57 -41.80 10.03 7.45
N TRP B 58 -41.06 8.93 7.56
CA TRP B 58 -39.61 8.91 7.34
C TRP B 58 -39.26 9.37 5.91
N SER B 59 -40.01 8.86 4.94
CA SER B 59 -39.87 9.23 3.53
C SER B 59 -40.19 10.69 3.26
N GLN B 60 -41.29 11.17 3.84
CA GLN B 60 -41.69 12.59 3.77
C GLN B 60 -40.64 13.51 4.32
N LEU B 61 -40.11 13.14 5.48
CA LEU B 61 -39.03 13.90 6.11
C LEU B 61 -37.74 13.94 5.31
N LYS B 62 -37.46 12.84 4.62
CA LYS B 62 -36.28 12.72 3.75
C LYS B 62 -36.39 13.71 2.60
N LYS B 63 -37.59 13.78 1.96
CA LYS B 63 -37.89 14.80 0.91
C LYS B 63 -37.77 16.22 1.46
N LEU B 64 -38.49 16.50 2.53
CA LEU B 64 -38.46 17.82 3.19
C LEU B 64 -37.03 18.32 3.44
N LEU B 65 -36.18 17.44 3.97
CA LEU B 65 -34.79 17.76 4.24
C LEU B 65 -33.97 17.95 2.99
N ALA B 66 -34.21 17.11 1.98
CA ALA B 66 -33.52 17.19 0.69
C ALA B 66 -33.85 18.49 -0.05
N ASP B 67 -35.15 18.80 -0.14
CA ASP B 67 -35.66 20.07 -0.71
C ASP B 67 -35.03 21.33 -0.10
N THR B 68 -34.94 21.39 1.21
CA THR B 68 -34.35 22.55 1.90
C THR B 68 -32.83 22.69 1.77
N ARG B 69 -32.15 21.62 1.38
CA ARG B 69 -30.73 21.63 1.02
C ARG B 69 -30.43 21.92 -0.49
N LYS B 70 -31.41 21.75 -1.41
CA LYS B 70 -31.20 21.84 -2.91
C LYS B 70 -30.67 23.19 -3.42
N TYR B 71 -31.48 24.26 -3.31
CA TYR B 71 -31.03 25.66 -3.61
C TYR B 71 -29.87 26.13 -2.71
N HIS B 72 -29.82 25.62 -1.47
CA HIS B 72 -28.79 25.91 -0.46
C HIS B 72 -27.38 25.24 -0.69
N GLY B 73 -27.16 24.54 -1.81
CA GLY B 73 -25.86 23.90 -2.14
C GLY B 73 -24.65 24.79 -2.45
N TYR B 74 -24.89 26.04 -2.88
CA TYR B 74 -23.83 27.06 -3.16
C TYR B 74 -22.92 27.33 -1.94
N MET B 75 -23.56 27.41 -0.77
CA MET B 75 -22.91 27.80 0.48
C MET B 75 -21.86 26.79 1.02
N MET B 76 -21.82 25.54 0.54
CA MET B 76 -20.67 24.62 0.75
C MET B 76 -19.53 24.98 -0.24
N ALA B 77 -18.77 26.04 0.09
CA ALA B 77 -17.63 26.54 -0.75
C ALA B 77 -16.71 27.49 0.02
N LYS B 78 -15.40 27.17 0.13
CA LYS B 78 -14.47 27.95 1.01
C LYS B 78 -14.28 29.38 0.51
N ALA B 79 -14.53 30.34 1.40
CA ALA B 79 -14.28 31.74 1.12
C ALA B 79 -12.77 32.00 1.01
N PRO B 80 -12.36 33.02 0.24
CA PRO B 80 -10.97 33.41 0.12
C PRO B 80 -10.22 33.52 1.42
N HIS B 81 -9.05 32.90 1.48
CA HIS B 81 -8.21 32.87 2.66
C HIS B 81 -6.72 32.73 2.32
N ASP B 82 -5.87 32.78 3.34
CA ASP B 82 -4.41 32.70 3.25
C ASP B 82 -3.90 33.74 2.29
N PHE B 83 -4.26 34.98 2.59
CA PHE B 83 -3.90 36.10 1.74
C PHE B 83 -2.44 36.46 1.88
N MET B 84 -1.87 36.95 0.79
CA MET B 84 -0.52 37.44 0.75
C MET B 84 -0.43 38.57 -0.24
N PHE B 85 0.17 39.69 0.18
CA PHE B 85 0.28 40.88 -0.66
C PHE B 85 1.70 40.98 -1.19
N VAL B 86 1.84 41.25 -2.50
CA VAL B 86 3.15 41.38 -3.15
C VAL B 86 3.15 42.65 -3.98
N LYS B 87 4.16 43.49 -3.77
CA LYS B 87 4.24 44.79 -4.43
C LYS B 87 4.62 44.59 -5.88
N ARG B 88 3.97 45.35 -6.74
CA ARG B 88 4.28 45.36 -8.17
C ARG B 88 5.57 46.14 -8.51
N ASN B 89 5.86 47.21 -7.76
CA ASN B 89 7.06 48.05 -7.95
C ASN B 89 7.28 48.45 -9.41
N ASP B 90 6.20 48.97 -10.00
CA ASP B 90 6.13 49.33 -11.40
C ASP B 90 5.61 50.77 -11.38
N PRO B 91 6.52 51.76 -11.48
CA PRO B 91 6.04 53.15 -11.42
C PRO B 91 5.10 53.56 -12.56
N ASP B 92 5.23 52.94 -13.74
CA ASP B 92 4.34 53.19 -14.88
C ASP B 92 3.03 52.38 -14.88
N GLY B 93 2.95 51.33 -14.08
CA GLY B 93 1.79 50.43 -14.06
C GLY B 93 0.63 50.95 -13.22
N PRO B 94 -0.61 50.44 -13.49
CA PRO B 94 -1.80 50.85 -12.71
C PRO B 94 -1.99 50.20 -11.34
N HIS B 95 -1.24 49.13 -11.00
CA HIS B 95 -1.49 48.34 -9.81
C HIS B 95 -0.35 48.48 -8.81
N SER B 96 -0.73 48.62 -7.54
CA SER B 96 0.23 48.73 -6.44
C SER B 96 0.68 47.36 -5.99
N ASP B 97 -0.30 46.47 -5.84
CA ASP B 97 -0.10 45.10 -5.35
C ASP B 97 -0.82 44.06 -6.21
N ARG B 98 -0.34 42.83 -6.06
CA ARG B 98 -1.05 41.61 -6.41
C ARG B 98 -1.26 40.87 -5.10
N ILE B 99 -2.50 40.48 -4.84
CA ILE B 99 -2.80 39.62 -3.72
C ILE B 99 -2.99 38.22 -4.24
N TYR B 100 -2.44 37.25 -3.52
CA TYR B 100 -2.64 35.84 -3.76
C TYR B 100 -3.41 35.24 -2.59
N TYR B 101 -4.28 34.28 -2.88
CA TYR B 101 -5.12 33.64 -1.86
C TYR B 101 -5.58 32.26 -2.29
N LEU B 102 -6.06 31.48 -1.34
CA LEU B 102 -6.71 30.20 -1.61
C LEU B 102 -8.21 30.39 -1.61
N ALA B 103 -8.93 29.72 -2.49
CA ALA B 103 -10.38 29.73 -2.51
C ALA B 103 -10.90 28.61 -3.40
N MET B 104 -12.21 28.38 -3.36
CA MET B 104 -12.92 27.56 -4.37
C MET B 104 -13.74 28.50 -5.24
N SER B 105 -13.68 28.33 -6.57
CA SER B 105 -14.56 29.14 -7.48
C SER B 105 -16.09 28.86 -7.30
N GLY B 106 -16.43 27.62 -6.95
CA GLY B 106 -17.79 27.22 -6.54
C GLY B 106 -17.89 25.81 -5.94
N GLU B 107 -19.12 25.28 -5.87
CA GLU B 107 -19.40 23.93 -5.34
C GLU B 107 -18.94 22.84 -6.34
N ASN B 108 -18.48 21.71 -5.81
CA ASN B 108 -17.93 20.57 -6.59
C ASN B 108 -16.70 21.00 -7.45
N ARG B 109 -15.80 21.75 -6.81
CA ARG B 109 -14.54 22.25 -7.44
C ARG B 109 -13.44 22.38 -6.37
N GLU B 110 -12.18 22.13 -6.73
CA GLU B 110 -11.12 22.09 -5.71
C GLU B 110 -10.66 23.50 -5.26
N ASN B 111 -10.09 23.53 -4.07
CA ASN B 111 -9.55 24.73 -3.45
C ASN B 111 -8.19 24.96 -4.09
N THR B 112 -7.98 26.15 -4.64
CA THR B 112 -6.79 26.45 -5.43
C THR B 112 -6.33 27.90 -5.26
N LEU B 113 -5.15 28.17 -5.80
CA LEU B 113 -4.54 29.49 -5.74
C LEU B 113 -5.14 30.41 -6.78
N PHE B 114 -5.60 31.57 -6.30
CA PHE B 114 -6.04 32.70 -7.15
C PHE B 114 -5.18 33.93 -6.86
N TYR B 115 -5.22 34.87 -7.79
CA TYR B 115 -4.70 36.22 -7.55
C TYR B 115 -5.66 37.30 -8.03
N SER B 116 -5.55 38.47 -7.42
CA SER B 116 -6.28 39.67 -7.86
C SER B 116 -5.30 40.85 -7.89
N GLU B 117 -5.67 41.86 -8.64
CA GLU B 117 -4.83 43.06 -8.83
C GLU B 117 -5.37 44.20 -8.01
N ILE B 118 -4.58 44.73 -7.09
CA ILE B 118 -4.96 45.91 -6.30
C ILE B 118 -4.54 47.16 -7.07
N PRO B 119 -5.52 47.99 -7.50
CA PRO B 119 -5.14 49.22 -8.19
C PRO B 119 -4.55 50.29 -7.28
N LYS B 120 -3.65 51.10 -7.86
CA LYS B 120 -3.10 52.33 -7.23
C LYS B 120 -4.17 53.32 -6.79
N THR B 121 -5.23 53.44 -7.60
CA THR B 121 -6.34 54.37 -7.36
C THR B 121 -7.67 53.72 -7.72
N ILE B 122 -8.74 54.22 -7.12
CA ILE B 122 -10.11 53.75 -7.42
C ILE B 122 -11.01 54.90 -7.78
N ASN B 123 -12.07 54.63 -8.54
CA ASN B 123 -13.22 55.51 -8.65
C ASN B 123 -14.05 55.32 -7.38
N ARG B 124 -14.11 56.36 -6.55
CA ARG B 124 -14.81 56.29 -5.25
C ARG B 124 -16.33 56.44 -5.35
N ALA B 125 -16.82 56.90 -6.50
CA ALA B 125 -18.25 56.82 -6.87
C ALA B 125 -18.77 55.40 -7.02
N ALA B 126 -17.89 54.46 -7.41
CA ALA B 126 -18.25 53.07 -7.71
C ALA B 126 -17.66 52.11 -6.68
N VAL B 127 -18.05 50.85 -6.80
CA VAL B 127 -17.61 49.74 -5.92
C VAL B 127 -16.86 48.74 -6.82
N LEU B 128 -15.56 48.55 -6.58
CA LEU B 128 -14.74 47.66 -7.40
C LEU B 128 -14.87 46.23 -6.88
N MET B 129 -15.35 45.31 -7.72
CA MET B 129 -15.30 43.86 -7.47
C MET B 129 -14.03 43.38 -8.12
N LEU B 130 -13.12 42.80 -7.35
CA LEU B 130 -11.86 42.27 -7.91
C LEU B 130 -12.08 40.98 -8.67
N SER B 131 -11.46 40.88 -9.85
CA SER B 131 -11.46 39.65 -10.66
C SER B 131 -10.57 38.63 -9.96
N TRP B 132 -11.06 37.37 -9.89
CA TRP B 132 -10.26 36.24 -9.39
C TRP B 132 -9.61 35.60 -10.62
N LYS B 133 -8.30 35.79 -10.77
CA LYS B 133 -7.51 35.21 -11.85
C LYS B 133 -6.87 33.93 -11.27
N PRO B 134 -7.08 32.75 -11.92
CA PRO B 134 -6.42 31.54 -11.40
C PRO B 134 -4.91 31.56 -11.64
N LEU B 135 -4.15 31.24 -10.59
CA LEU B 135 -2.69 31.18 -10.68
C LEU B 135 -2.19 29.96 -11.42
N LEU B 136 -2.91 28.85 -11.30
CA LEU B 136 -2.46 27.56 -11.81
C LEU B 136 -3.31 27.12 -12.99
N ASP B 137 -2.69 26.37 -13.91
CA ASP B 137 -3.33 25.82 -15.11
C ASP B 137 -3.95 24.48 -14.76
N LEU B 138 -5.26 24.48 -14.54
CA LEU B 138 -6.01 23.32 -14.04
C LEU B 138 -7.25 23.05 -14.90
N PHE B 139 -7.13 23.30 -16.22
CA PHE B 139 -8.30 23.41 -17.15
C PHE B 139 -8.87 22.06 -17.59
N GLN B 140 -7.98 21.11 -17.87
CA GLN B 140 -8.29 19.68 -17.91
C GLN B 140 -7.16 18.98 -17.12
N ALA B 141 -7.10 19.28 -15.82
CA ALA B 141 -5.95 18.96 -14.96
C ALA B 141 -6.22 19.15 -13.43
N THR B 142 -6.72 18.10 -12.79
CA THR B 142 -7.04 18.09 -11.34
C THR B 142 -5.89 17.53 -10.50
N LEU B 143 -5.53 18.25 -9.43
CA LEU B 143 -4.45 17.91 -8.48
C LEU B 143 -4.86 16.94 -7.35
N ASP B 144 -5.92 17.31 -6.62
CA ASP B 144 -6.51 16.50 -5.57
C ASP B 144 -7.84 15.92 -6.03
N TYR B 145 -7.94 14.59 -6.06
CA TYR B 145 -9.22 13.87 -5.86
C TYR B 145 -9.34 13.61 -4.35
N GLY B 146 -10.48 13.15 -3.86
CA GLY B 146 -10.59 12.77 -2.44
C GLY B 146 -9.96 11.44 -1.98
N MET B 147 -9.12 10.81 -2.82
N MET B 147 -9.13 10.79 -2.81
CA MET B 147 -8.47 9.51 -2.54
CA MET B 147 -8.50 9.49 -2.47
C MET B 147 -7.22 9.74 -1.66
C MET B 147 -7.23 9.67 -1.65
N TYR B 148 -7.42 9.76 -0.34
CA TYR B 148 -6.36 10.09 0.64
C TYR B 148 -5.71 8.85 1.25
N SER B 149 -4.40 8.92 1.49
CA SER B 149 -3.69 7.98 2.35
C SER B 149 -4.17 8.09 3.82
N ARG B 150 -3.79 7.12 4.64
CA ARG B 150 -4.07 7.17 6.09
C ARG B 150 -3.48 8.41 6.72
N GLU B 151 -2.25 8.74 6.34
CA GLU B 151 -1.55 9.91 6.89
C GLU B 151 -2.26 11.23 6.60
N GLU B 152 -2.76 11.37 5.37
CA GLU B 152 -3.56 12.53 4.99
C GLU B 152 -4.93 12.56 5.69
N GLU B 153 -5.67 11.45 5.68
CA GLU B 153 -6.96 11.32 6.40
C GLU B 153 -6.86 11.81 7.84
N LEU B 154 -5.82 11.33 8.54
CA LEU B 154 -5.59 11.69 9.93
C LEU B 154 -5.24 13.15 10.11
N LEU B 155 -4.30 13.65 9.33
CA LEU B 155 -3.98 15.10 9.34
C LEU B 155 -5.21 15.97 9.14
N ARG B 156 -6.10 15.56 8.25
CA ARG B 156 -7.35 16.28 7.97
C ARG B 156 -8.28 16.28 9.16
N GLU B 157 -8.37 15.15 9.86
CA GLU B 157 -9.09 15.08 11.15
C GLU B 157 -8.50 15.99 12.21
N ARG B 158 -7.18 16.00 12.34
CA ARG B 158 -6.49 16.82 13.33
C ARG B 158 -6.64 18.30 13.07
N LYS B 159 -6.47 18.71 11.81
CA LYS B 159 -6.64 20.11 11.38
C LYS B 159 -8.11 20.50 11.23
N ARG B 160 -9.03 19.54 11.19
CA ARG B 160 -10.48 19.77 10.97
C ARG B 160 -10.78 20.40 9.61
N ILE B 161 -10.04 19.98 8.56
CA ILE B 161 -10.26 20.54 7.21
C ILE B 161 -11.12 19.60 6.40
N GLY B 162 -12.12 20.17 5.71
CA GLY B 162 -13.10 19.41 4.93
C GLY B 162 -13.06 19.64 3.41
N THR B 163 -12.00 20.29 2.93
CA THR B 163 -11.96 20.81 1.58
C THR B 163 -10.94 20.03 0.78
N VAL B 164 -11.28 19.79 -0.47
CA VAL B 164 -10.42 19.10 -1.41
C VAL B 164 -9.57 20.20 -2.07
N GLY B 165 -8.28 19.93 -2.21
CA GLY B 165 -7.38 20.76 -2.98
C GLY B 165 -6.14 21.12 -2.21
N ILE B 166 -5.66 22.35 -2.41
CA ILE B 166 -4.52 22.91 -1.71
C ILE B 166 -5.08 23.44 -0.41
N ALA B 167 -4.55 22.93 0.69
CA ALA B 167 -4.95 23.34 2.04
C ALA B 167 -4.11 24.51 2.55
N SER B 168 -2.86 24.61 2.11
CA SER B 168 -1.98 25.74 2.35
C SER B 168 -0.80 25.77 1.38
N TYR B 169 -0.06 26.86 1.42
CA TYR B 169 1.13 27.07 0.62
C TYR B 169 2.19 27.85 1.38
N ASP B 170 3.42 27.70 0.90
CA ASP B 170 4.59 28.48 1.30
C ASP B 170 4.93 29.40 0.16
N TYR B 171 5.62 30.49 0.47
CA TYR B 171 6.12 31.46 -0.48
C TYR B 171 7.50 31.99 -0.05
N HIS B 172 8.39 32.23 -1.00
CA HIS B 172 9.70 32.83 -0.73
C HIS B 172 9.76 34.09 -1.58
N GLN B 173 9.85 35.21 -0.90
CA GLN B 173 9.61 36.50 -1.51
C GLN B 173 10.73 36.94 -2.43
N GLY B 174 11.96 36.61 -2.08
CA GLY B 174 13.11 36.90 -2.94
C GLY B 174 13.04 36.27 -4.33
N SER B 175 12.46 35.07 -4.43
CA SER B 175 12.42 34.28 -5.69
C SER B 175 11.05 34.24 -6.35
N GLY B 176 10.00 34.53 -5.58
CA GLY B 176 8.63 34.34 -6.03
C GLY B 176 8.14 32.90 -6.08
N THR B 177 8.81 32.01 -5.34
CA THR B 177 8.53 30.58 -5.41
C THR B 177 7.39 30.26 -4.46
N PHE B 178 6.29 29.73 -5.02
CA PHE B 178 5.22 29.07 -4.26
C PHE B 178 5.55 27.59 -4.12
N LEU B 179 5.22 27.00 -2.97
CA LEU B 179 5.35 25.57 -2.75
C LEU B 179 4.11 25.08 -2.06
N PHE B 180 3.52 24.00 -2.55
CA PHE B 180 2.32 23.45 -1.94
C PHE B 180 2.16 21.98 -2.25
N GLN B 181 1.63 21.26 -1.28
CA GLN B 181 1.18 19.89 -1.45
C GLN B 181 -0.24 19.92 -1.95
N ALA B 182 -0.55 19.03 -2.89
CA ALA B 182 -1.92 18.84 -3.38
C ALA B 182 -2.07 17.40 -3.76
N GLY B 183 -2.74 16.66 -2.89
CA GLY B 183 -2.91 15.23 -3.07
C GLY B 183 -1.59 14.55 -2.79
N SER B 184 -1.31 13.52 -3.59
CA SER B 184 0.00 12.86 -3.63
C SER B 184 1.15 13.90 -3.72
N GLY B 185 1.12 14.69 -4.78
CA GLY B 185 2.24 15.54 -5.17
C GLY B 185 2.55 16.83 -4.41
N ILE B 186 3.78 17.24 -4.56
CA ILE B 186 4.32 18.49 -4.05
C ILE B 186 4.69 19.25 -5.31
N TYR B 187 4.20 20.48 -5.40
CA TYR B 187 4.33 21.31 -6.58
C TYR B 187 4.93 22.67 -6.26
N HIS B 188 5.53 23.29 -7.27
CA HIS B 188 5.92 24.70 -7.20
C HIS B 188 5.60 25.49 -8.46
N VAL B 189 5.42 26.80 -8.30
CA VAL B 189 5.44 27.79 -9.38
C VAL B 189 6.21 29.04 -8.90
N LYS B 190 6.59 29.91 -9.83
CA LYS B 190 7.19 31.21 -9.55
C LYS B 190 6.23 32.30 -10.02
N ASP B 191 5.96 33.26 -9.14
CA ASP B 191 5.32 34.50 -9.51
C ASP B 191 5.63 35.59 -8.52
N GLY B 192 5.93 36.77 -9.05
CA GLY B 192 6.19 37.96 -8.23
C GLY B 192 7.62 38.26 -7.80
N GLY B 193 8.58 37.45 -8.24
CA GLY B 193 10.00 37.68 -7.96
C GLY B 193 10.66 38.50 -9.07
N PRO B 194 11.99 38.39 -9.22
CA PRO B 194 12.71 38.89 -10.39
C PRO B 194 12.14 38.45 -11.74
N GLN B 195 11.68 37.19 -11.84
CA GLN B 195 11.06 36.66 -13.08
C GLN B 195 9.83 37.46 -13.55
N GLY B 196 9.15 38.14 -12.64
CA GLY B 196 8.04 39.07 -12.97
C GLY B 196 6.68 38.53 -12.56
N PHE B 197 5.61 39.06 -13.16
CA PHE B 197 4.21 38.71 -12.85
C PHE B 197 3.50 38.16 -14.09
N THR B 198 3.02 36.93 -13.98
CA THR B 198 2.27 36.28 -15.06
C THR B 198 0.95 37.01 -15.31
N GLN B 199 0.53 37.01 -16.56
CA GLN B 199 -0.84 37.39 -16.92
C GLN B 199 -1.70 36.19 -17.35
N GLN B 200 -1.21 34.98 -17.11
CA GLN B 200 -1.95 33.76 -17.42
C GLN B 200 -1.65 32.64 -16.42
N PRO B 201 -2.50 31.60 -16.40
CA PRO B 201 -2.24 30.53 -15.39
C PRO B 201 -0.95 29.74 -15.67
N LEU B 202 -0.29 29.37 -14.59
CA LEU B 202 1.02 28.70 -14.66
C LEU B 202 0.88 27.18 -14.53
N ARG B 203 1.71 26.43 -15.24
CA ARG B 203 1.79 24.99 -15.09
C ARG B 203 2.45 24.65 -13.75
N PRO B 204 1.74 23.92 -12.86
CA PRO B 204 2.37 23.51 -11.60
C PRO B 204 3.45 22.48 -11.85
N ASN B 205 4.60 22.65 -11.22
CA ASN B 205 5.77 21.81 -11.49
C ASN B 205 5.93 20.79 -10.39
N LEU B 206 5.83 19.51 -10.76
CA LEU B 206 5.88 18.42 -9.79
C LEU B 206 7.30 18.25 -9.32
N VAL B 207 7.48 18.24 -8.00
CA VAL B 207 8.77 17.90 -7.40
C VAL B 207 8.88 16.39 -7.52
N GLU B 208 9.84 15.92 -8.29
CA GLU B 208 9.97 14.50 -8.57
C GLU B 208 10.65 13.84 -7.37
N THR B 209 10.44 12.53 -7.25
CA THR B 209 10.89 11.78 -6.07
C THR B 209 11.09 10.32 -6.41
N SER B 210 12.01 9.73 -5.66
CA SER B 210 12.21 8.30 -5.58
C SER B 210 11.55 7.68 -4.35
N CYS B 211 10.93 8.48 -3.49
CA CYS B 211 10.26 7.99 -2.29
C CYS B 211 9.02 7.21 -2.66
N PRO B 212 8.81 6.02 -2.06
CA PRO B 212 7.61 5.21 -2.35
C PRO B 212 6.26 5.70 -1.81
N ASN B 213 6.26 6.53 -0.77
CA ASN B 213 5.08 6.81 0.05
C ASN B 213 4.80 8.29 0.04
N ILE B 214 3.63 8.64 0.55
CA ILE B 214 3.17 10.00 0.60
C ILE B 214 4.21 10.90 1.27
N ARG B 215 4.50 12.02 0.61
CA ARG B 215 5.31 13.09 1.17
C ARG B 215 4.39 14.13 1.74
N MET B 216 4.71 14.56 2.97
N MET B 216 4.67 14.55 2.97
CA MET B 216 3.87 15.50 3.74
CA MET B 216 3.84 15.51 3.72
C MET B 216 4.70 16.66 4.27
C MET B 216 4.70 16.66 4.27
N ASP B 217 4.01 17.75 4.60
CA ASP B 217 4.59 18.92 5.25
C ASP B 217 5.79 19.54 4.51
N PRO B 218 5.63 19.80 3.19
CA PRO B 218 6.70 20.46 2.47
C PRO B 218 6.91 21.89 2.92
N LYS B 219 8.16 22.27 3.11
CA LYS B 219 8.52 23.65 3.43
C LYS B 219 9.72 24.10 2.64
N LEU B 220 9.66 25.35 2.15
CA LEU B 220 10.76 26.00 1.47
C LEU B 220 11.80 26.43 2.46
N CYS B 221 13.06 26.21 2.10
CA CYS B 221 14.16 26.78 2.83
C CYS B 221 14.19 28.28 2.53
N PRO B 222 14.02 29.12 3.58
CA PRO B 222 14.08 30.56 3.33
C PRO B 222 15.46 31.10 2.90
N ALA B 223 16.52 30.40 3.30
CA ALA B 223 17.90 30.72 2.89
C ALA B 223 18.27 30.35 1.46
N ASP B 224 17.56 29.38 0.88
CA ASP B 224 17.79 28.90 -0.49
C ASP B 224 16.52 28.24 -1.02
N PRO B 225 15.71 28.97 -1.78
CA PRO B 225 14.44 28.41 -2.29
C PRO B 225 14.55 27.34 -3.39
N ASP B 226 15.75 27.00 -3.83
CA ASP B 226 15.98 25.76 -4.56
C ASP B 226 15.77 24.51 -3.72
N TRP B 227 15.87 24.61 -2.39
CA TRP B 227 15.77 23.48 -1.48
C TRP B 227 14.43 23.49 -0.76
N ILE B 228 13.83 22.30 -0.67
CA ILE B 228 12.69 22.06 0.18
C ILE B 228 12.96 20.91 1.13
N ALA B 229 12.19 20.84 2.20
CA ALA B 229 12.12 19.65 3.03
C ALA B 229 10.73 19.09 3.04
N PHE B 230 10.61 17.81 3.38
CA PHE B 230 9.32 17.18 3.61
C PHE B 230 9.51 15.95 4.49
N ILE B 231 8.38 15.38 4.92
CA ILE B 231 8.38 14.18 5.73
C ILE B 231 7.92 13.04 4.88
N HIS B 232 8.63 11.93 4.99
CA HIS B 232 8.27 10.69 4.34
C HIS B 232 8.53 9.53 5.32
N SER B 233 7.51 8.70 5.55
CA SER B 233 7.59 7.59 6.49
C SER B 233 8.31 7.94 7.79
N ASN B 234 7.81 9.02 8.40
CA ASN B 234 8.30 9.56 9.68
C ASN B 234 9.78 9.95 9.78
N ASP B 235 10.38 10.33 8.66
CA ASP B 235 11.75 10.88 8.60
C ASP B 235 11.79 12.10 7.69
N ILE B 236 12.81 12.95 7.90
CA ILE B 236 12.96 14.20 7.18
C ILE B 236 13.82 13.96 5.96
N TRP B 237 13.34 14.45 4.82
CA TRP B 237 14.07 14.45 3.59
C TRP B 237 14.16 15.89 3.12
N ILE B 238 15.16 16.14 2.30
CA ILE B 238 15.26 17.37 1.54
C ILE B 238 15.39 17.07 0.06
N SER B 239 15.04 18.05 -0.75
CA SER B 239 15.01 17.89 -2.19
C SER B 239 15.23 19.24 -2.86
N ASN B 240 16.11 19.24 -3.86
CA ASN B 240 16.43 20.42 -4.63
C ASN B 240 15.57 20.40 -5.89
N ILE B 241 14.76 21.45 -6.04
CA ILE B 241 13.81 21.54 -7.13
C ILE B 241 14.41 21.99 -8.45
N VAL B 242 15.69 22.36 -8.48
CA VAL B 242 16.42 22.67 -9.71
C VAL B 242 17.33 21.49 -10.08
N THR B 243 18.22 21.07 -9.17
CA THR B 243 19.13 19.93 -9.44
C THR B 243 18.45 18.57 -9.43
N ARG B 244 17.24 18.47 -8.86
CA ARG B 244 16.51 17.20 -8.65
C ARG B 244 17.17 16.25 -7.65
N GLU B 245 18.17 16.72 -6.90
CA GLU B 245 18.86 15.91 -5.88
C GLU B 245 17.93 15.82 -4.68
N GLU B 246 17.92 14.64 -4.09
CA GLU B 246 17.02 14.27 -3.03
C GLU B 246 17.84 13.51 -2.01
N ARG B 247 17.71 13.84 -0.73
CA ARG B 247 18.49 13.20 0.33
C ARG B 247 17.64 13.04 1.58
N ARG B 248 17.70 11.83 2.14
CA ARG B 248 17.14 11.55 3.44
C ARG B 248 18.08 12.09 4.52
N LEU B 249 17.55 12.86 5.46
CA LEU B 249 18.31 13.41 6.61
C LEU B 249 18.28 12.64 7.92
N THR B 250 17.17 11.98 8.20
CA THR B 250 17.00 11.22 9.44
C THR B 250 16.72 9.76 9.15
N TYR B 251 17.22 8.88 10.01
CA TYR B 251 17.14 7.41 9.81
C TYR B 251 16.52 6.75 11.04
N VAL B 252 15.42 7.33 11.49
CA VAL B 252 14.78 7.03 12.75
C VAL B 252 13.66 5.96 12.63
N HIS B 253 13.02 5.85 11.48
CA HIS B 253 11.86 4.98 11.25
C HIS B 253 12.16 4.07 10.05
N ASN B 254 11.95 2.78 10.25
CA ASN B 254 11.81 1.79 9.17
C ASN B 254 10.31 1.57 8.90
N GLU B 255 9.85 1.96 7.69
CA GLU B 255 8.46 1.69 7.21
C GLU B 255 8.10 0.19 7.20
N LEU B 256 9.08 -0.67 6.86
CA LEU B 256 8.89 -2.10 6.75
C LEU B 256 8.62 -2.76 8.13
N ALA B 257 9.10 -2.16 9.23
CA ALA B 257 8.78 -2.71 10.59
C ALA B 257 7.34 -2.35 10.99
N ASN B 258 6.72 -3.24 11.78
CA ASN B 258 5.41 -2.97 12.41
C ASN B 258 5.62 -2.05 13.65
N MET B 259 4.67 -1.15 13.84
CA MET B 259 4.77 -0.02 14.79
C MET B 259 4.93 -0.34 16.29
N GLU B 260 4.55 -1.55 16.70
CA GLU B 260 4.77 -2.07 18.08
C GLU B 260 6.26 -2.12 18.48
N GLU B 261 7.15 -2.35 17.50
CA GLU B 261 8.62 -2.18 17.63
C GLU B 261 9.09 -0.76 17.28
N ASP B 262 8.62 -0.26 16.15
CA ASP B 262 9.19 0.91 15.45
C ASP B 262 8.46 2.21 15.83
N ALA B 263 8.82 2.74 16.99
CA ALA B 263 8.06 3.84 17.62
C ALA B 263 8.72 5.23 17.57
N ARG B 264 9.85 5.39 16.87
CA ARG B 264 10.49 6.71 16.73
C ARG B 264 10.04 7.44 15.44
N SER B 265 10.09 8.77 15.50
CA SER B 265 9.78 9.64 14.39
C SER B 265 10.57 10.95 14.54
N ALA B 266 10.77 11.63 13.41
CA ALA B 266 11.50 12.88 13.35
C ALA B 266 10.76 13.87 12.46
N GLY B 267 10.70 15.13 12.89
CA GLY B 267 10.17 16.18 12.08
C GLY B 267 8.67 16.34 12.08
N VAL B 268 7.98 15.53 12.87
CA VAL B 268 6.53 15.55 12.84
C VAL B 268 6.02 15.54 14.25
N ALA B 269 4.89 16.23 14.43
CA ALA B 269 4.19 16.34 15.66
C ALA B 269 3.34 15.09 15.91
N THR B 270 3.39 14.57 17.13
CA THR B 270 2.59 13.42 17.54
C THR B 270 1.15 13.84 17.80
N PHE B 271 0.30 12.83 17.98
CA PHE B 271 -1.17 12.99 18.09
C PHE B 271 -1.62 14.14 18.97
N VAL B 272 -1.07 14.18 20.18
CA VAL B 272 -1.53 15.17 21.18
C VAL B 272 -1.21 16.59 20.78
N LEU B 273 -0.07 16.78 20.13
CA LEU B 273 0.30 18.10 19.65
C LEU B 273 -0.63 18.55 18.53
N GLN B 274 -0.97 17.63 17.63
CA GLN B 274 -1.88 17.92 16.53
C GLN B 274 -3.32 18.13 17.01
N GLU B 275 -3.77 17.26 17.92
CA GLU B 275 -5.16 17.28 18.36
C GLU B 275 -5.41 18.36 19.38
N GLU B 276 -4.48 18.55 20.33
CA GLU B 276 -4.66 19.43 21.50
C GLU B 276 -3.87 20.71 21.57
N PHE B 277 -2.86 20.87 20.73
CA PHE B 277 -2.06 22.11 20.66
C PHE B 277 -1.97 22.79 19.28
N ASP B 278 -2.70 22.30 18.30
CA ASP B 278 -2.66 22.82 16.93
C ASP B 278 -1.26 23.05 16.41
N ARG B 279 -0.41 22.05 16.60
CA ARG B 279 0.92 22.00 16.03
C ARG B 279 1.01 20.73 15.18
N TYR B 280 1.25 20.93 13.90
CA TYR B 280 1.23 19.90 12.88
C TYR B 280 2.63 19.59 12.33
N SER B 281 3.56 20.53 12.47
CA SER B 281 4.90 20.39 11.98
C SER B 281 5.84 20.26 13.16
N GLY B 282 6.92 19.51 12.95
CA GLY B 282 7.98 19.31 13.94
C GLY B 282 9.40 19.52 13.42
N TYR B 283 9.55 20.33 12.37
CA TYR B 283 10.86 20.75 11.88
C TYR B 283 10.76 22.19 11.41
N TRP B 284 11.87 22.91 11.53
CA TRP B 284 11.90 24.34 11.21
C TRP B 284 13.23 24.64 10.55
N TRP B 285 13.18 25.16 9.33
CA TRP B 285 14.36 25.62 8.61
C TRP B 285 14.95 26.83 9.31
N CYS B 286 16.27 26.84 9.43
CA CYS B 286 16.99 28.03 9.81
C CYS B 286 16.86 29.04 8.69
N PRO B 287 16.40 30.29 8.97
CA PRO B 287 16.12 31.24 7.90
C PRO B 287 17.33 31.85 7.18
N LYS B 288 18.57 31.60 7.65
CA LYS B 288 19.80 32.08 7.01
C LYS B 288 20.85 30.97 6.85
N ALA B 289 21.73 31.17 5.88
CA ALA B 289 22.80 30.24 5.54
C ALA B 289 24.13 30.81 6.05
N GLU B 290 24.96 29.96 6.65
CA GLU B 290 26.32 30.31 6.97
C GLU B 290 27.14 30.03 5.73
N THR B 291 27.85 31.03 5.20
CA THR B 291 28.81 30.82 4.09
C THR B 291 30.03 30.02 4.58
N THR B 292 30.55 29.15 3.71
CA THR B 292 31.82 28.41 3.92
C THR B 292 32.94 29.09 3.12
N PRO B 293 34.23 28.90 3.54
CA PRO B 293 35.35 29.45 2.76
C PRO B 293 35.45 28.98 1.28
N SER B 294 34.94 27.79 0.96
CA SER B 294 34.90 27.26 -0.43
C SER B 294 34.02 27.97 -1.46
N GLY B 295 33.14 28.89 -1.02
CA GLY B 295 32.10 29.48 -1.87
C GLY B 295 30.75 28.80 -1.68
N GLY B 296 30.69 27.76 -0.82
CA GLY B 296 29.46 27.01 -0.55
C GLY B 296 28.68 27.59 0.61
N LYS B 297 27.87 26.75 1.26
CA LYS B 297 27.05 27.16 2.42
C LYS B 297 26.56 26.01 3.27
N ILE B 298 26.07 26.35 4.46
CA ILE B 298 25.50 25.40 5.42
C ILE B 298 24.08 25.84 5.64
N LEU B 299 23.16 24.88 5.51
CA LEU B 299 21.76 25.06 5.84
C LEU B 299 21.50 24.20 7.08
N ARG B 300 20.53 24.62 7.87
CA ARG B 300 20.21 23.98 9.12
C ARG B 300 18.71 23.76 9.25
N ILE B 301 18.34 22.61 9.79
CA ILE B 301 16.98 22.28 10.15
C ILE B 301 16.98 21.91 11.62
N LEU B 302 16.25 22.66 12.42
CA LEU B 302 15.90 22.27 13.79
C LEU B 302 14.75 21.31 13.65
N TYR B 303 14.78 20.24 14.45
CA TYR B 303 13.65 19.33 14.49
C TYR B 303 13.45 18.62 15.81
N GLU B 304 12.18 18.28 16.05
CA GLU B 304 11.74 17.52 17.18
C GLU B 304 11.92 16.05 16.80
N GLU B 305 12.53 15.26 17.67
CA GLU B 305 12.57 13.81 17.54
C GLU B 305 11.79 13.20 18.68
N ASN B 306 10.88 12.29 18.33
CA ASN B 306 9.91 11.69 19.27
C ASN B 306 10.20 10.22 19.37
N ASP B 307 10.05 9.68 20.58
CA ASP B 307 10.05 8.25 20.83
C ASP B 307 8.74 7.91 21.56
N GLU B 308 7.87 7.17 20.85
CA GLU B 308 6.56 6.78 21.35
C GLU B 308 6.52 5.37 21.95
N SER B 309 7.68 4.78 22.23
CA SER B 309 7.80 3.40 22.75
C SER B 309 7.03 3.06 23.99
N GLU B 310 6.99 3.99 24.96
CA GLU B 310 6.26 3.81 26.22
C GLU B 310 4.81 4.26 26.23
N VAL B 311 4.36 4.82 25.10
CA VAL B 311 3.01 5.35 24.99
C VAL B 311 2.08 4.16 24.71
N GLU B 312 0.88 4.20 25.28
CA GLU B 312 -0.06 3.10 25.15
C GLU B 312 -0.56 2.97 23.72
N ILE B 313 -0.77 1.71 23.30
CA ILE B 313 -1.34 1.37 22.00
C ILE B 313 -2.80 0.99 22.18
N ILE B 314 -3.65 1.71 21.46
CA ILE B 314 -5.03 1.31 21.23
C ILE B 314 -5.24 0.86 19.80
N HIS B 315 -6.37 0.18 19.59
CA HIS B 315 -6.78 -0.32 18.28
C HIS B 315 -8.11 0.30 17.93
N VAL B 316 -8.15 0.97 16.77
CA VAL B 316 -9.35 1.59 16.20
C VAL B 316 -9.72 0.82 14.95
N THR B 317 -11.02 0.59 14.76
CA THR B 317 -11.53 -0.17 13.59
C THR B 317 -11.05 0.45 12.29
N SER B 318 -10.51 -0.37 11.39
CA SER B 318 -10.06 0.09 10.11
C SER B 318 -11.32 0.44 9.27
N PRO B 319 -11.28 1.53 8.48
CA PRO B 319 -12.39 1.91 7.58
C PRO B 319 -12.90 0.83 6.65
N MET B 320 -11.98 0.00 6.15
CA MET B 320 -12.29 -1.11 5.27
C MET B 320 -12.93 -2.19 6.11
N LEU B 321 -14.22 -2.06 6.40
CA LEU B 321 -14.89 -2.93 7.39
C LEU B 321 -14.84 -4.42 7.06
N GLU B 322 -14.84 -4.71 5.77
CA GLU B 322 -14.64 -6.07 5.24
C GLU B 322 -13.34 -6.80 5.66
N THR B 323 -12.30 -6.05 5.98
CA THR B 323 -11.04 -6.62 6.48
C THR B 323 -11.19 -7.24 7.86
N ARG B 324 -12.10 -6.67 8.66
CA ARG B 324 -12.34 -7.07 10.06
C ARG B 324 -11.08 -6.93 10.87
N ARG B 325 -10.48 -5.76 10.71
CA ARG B 325 -9.20 -5.41 11.22
C ARG B 325 -9.29 -4.04 11.81
N ALA B 326 -8.18 -3.65 12.42
CA ALA B 326 -8.08 -2.49 13.28
C ALA B 326 -6.65 -1.99 13.17
N ASP B 327 -6.51 -0.67 13.20
CA ASP B 327 -5.22 0.00 13.08
C ASP B 327 -4.73 0.26 14.50
N SER B 328 -3.43 0.09 14.71
CA SER B 328 -2.77 0.53 15.96
C SER B 328 -2.56 2.03 15.96
N PHE B 329 -2.82 2.66 17.11
CA PHE B 329 -2.53 4.08 17.37
C PHE B 329 -1.80 4.22 18.71
N ARG B 330 -0.86 5.16 18.76
CA ARG B 330 -0.23 5.56 20.00
C ARG B 330 -1.11 6.65 20.60
N TYR B 331 -1.76 6.34 21.73
CA TYR B 331 -2.74 7.25 22.35
C TYR B 331 -2.31 7.39 23.82
N PRO B 332 -1.80 8.57 24.20
CA PRO B 332 -1.51 8.77 25.62
C PRO B 332 -2.76 9.15 26.36
N LYS B 333 -3.36 8.15 27.02
CA LYS B 333 -4.51 8.39 27.89
C LYS B 333 -4.03 9.13 29.13
N THR B 334 -4.95 9.90 29.69
CA THR B 334 -4.75 10.63 30.93
C THR B 334 -3.99 9.79 31.98
N GLY B 335 -3.04 10.42 32.65
CA GLY B 335 -2.22 9.77 33.66
C GLY B 335 -1.24 8.72 33.19
N THR B 336 -0.89 8.73 31.89
CA THR B 336 0.09 7.76 31.31
C THR B 336 1.14 8.51 30.49
N ALA B 337 2.15 7.82 29.98
CA ALA B 337 3.29 8.52 29.39
C ALA B 337 2.90 9.20 28.06
N ASN B 338 3.26 10.48 27.94
CA ASN B 338 3.44 11.15 26.63
C ASN B 338 4.76 10.66 26.02
N PRO B 339 5.00 10.92 24.72
CA PRO B 339 6.26 10.50 24.07
C PRO B 339 7.52 11.15 24.70
N LYS B 340 8.66 10.46 24.66
CA LYS B 340 9.97 11.04 24.99
C LYS B 340 10.35 11.96 23.82
N VAL B 341 10.56 13.23 24.10
CA VAL B 341 10.85 14.26 23.06
C VAL B 341 12.24 14.83 23.28
N THR B 342 12.90 15.20 22.20
CA THR B 342 14.12 16.02 22.26
C THR B 342 14.22 16.88 21.01
N PHE B 343 15.12 17.84 21.04
CA PHE B 343 15.46 18.60 19.85
C PHE B 343 16.71 18.01 19.26
N LYS B 344 16.78 18.04 17.94
CA LYS B 344 17.97 17.68 17.20
C LYS B 344 18.15 18.74 16.14
N MET B 345 19.30 18.71 15.50
CA MET B 345 19.60 19.62 14.42
C MET B 345 20.34 18.93 13.29
N SER B 346 19.93 19.21 12.06
CA SER B 346 20.55 18.65 10.88
C SER B 346 21.31 19.79 10.23
N GLU B 347 22.57 19.55 9.95
CA GLU B 347 23.50 20.53 9.40
C GLU B 347 23.86 19.99 8.02
N ILE B 348 23.52 20.74 6.97
CA ILE B 348 23.54 20.27 5.58
C ILE B 348 24.51 21.17 4.83
N MET B 349 25.60 20.59 4.36
CA MET B 349 26.72 21.37 3.79
C MET B 349 26.61 21.28 2.29
N ILE B 350 26.33 22.42 1.62
CA ILE B 350 26.15 22.52 0.16
C ILE B 350 27.39 23.14 -0.49
N ASP B 351 27.76 22.68 -1.68
CA ASP B 351 28.91 23.24 -2.42
C ASP B 351 28.51 24.51 -3.22
N ALA B 352 29.46 25.04 -4.00
CA ALA B 352 29.25 26.30 -4.76
C ALA B 352 28.16 26.23 -5.86
N GLU B 353 27.94 25.05 -6.41
CA GLU B 353 26.93 24.81 -7.49
C GLU B 353 25.80 23.88 -7.03
N GLY B 354 25.44 24.00 -5.75
CA GLY B 354 24.22 23.45 -5.18
C GLY B 354 24.22 22.00 -4.74
N ARG B 355 25.32 21.27 -4.91
CA ARG B 355 25.35 19.83 -4.59
C ARG B 355 25.60 19.65 -3.08
N ILE B 356 24.95 18.66 -2.46
CA ILE B 356 25.20 18.33 -1.05
C ILE B 356 26.58 17.69 -0.98
N ILE B 357 27.44 18.26 -0.14
CA ILE B 357 28.75 17.72 0.19
C ILE B 357 28.56 16.67 1.29
N ASP B 358 27.93 17.08 2.40
CA ASP B 358 27.74 16.22 3.58
C ASP B 358 26.50 16.62 4.38
N VAL B 359 26.04 15.72 5.24
CA VAL B 359 24.99 15.97 6.22
C VAL B 359 25.48 15.47 7.56
N ILE B 360 25.39 16.32 8.58
CA ILE B 360 25.81 15.99 9.94
C ILE B 360 24.59 16.16 10.84
N ASP B 361 24.18 15.04 11.44
CA ASP B 361 23.07 15.01 12.39
C ASP B 361 23.65 15.37 13.75
N LYS B 362 23.06 16.36 14.41
CA LYS B 362 23.51 16.86 15.71
C LYS B 362 22.44 16.75 16.78
N GLU B 363 22.89 16.57 18.02
CA GLU B 363 22.05 16.35 19.19
C GLU B 363 22.47 17.32 20.28
N LEU B 364 21.57 17.55 21.22
CA LEU B 364 21.84 18.44 22.34
C LEU B 364 23.02 17.92 23.19
N ILE B 365 23.91 18.83 23.57
CA ILE B 365 25.09 18.50 24.37
C ILE B 365 24.79 17.74 25.67
N GLN B 366 23.68 18.09 26.31
CA GLN B 366 23.16 17.34 27.45
C GLN B 366 21.71 16.98 27.16
N PRO B 367 21.16 15.95 27.84
CA PRO B 367 19.79 15.55 27.54
C PRO B 367 18.72 16.63 27.72
N PHE B 368 17.65 16.55 26.95
CA PHE B 368 16.51 17.47 27.00
C PHE B 368 15.98 17.61 28.43
N GLU B 369 15.80 16.48 29.11
CA GLU B 369 15.28 16.48 30.50
C GLU B 369 16.20 17.19 31.55
N ILE B 370 17.51 17.25 31.26
CA ILE B 370 18.49 18.02 32.06
C ILE B 370 18.43 19.52 31.73
N LEU B 371 18.55 19.85 30.45
CA LEU B 371 18.52 21.24 29.97
C LEU B 371 17.21 21.97 30.21
N PHE B 372 16.10 21.26 29.99
CA PHE B 372 14.75 21.82 30.14
C PHE B 372 13.99 21.04 31.21
N GLU B 373 14.54 21.06 32.44
CA GLU B 373 13.88 20.60 33.68
C GLU B 373 12.37 20.85 33.62
N GLY B 374 11.60 19.77 33.79
CA GLY B 374 10.15 19.83 33.94
C GLY B 374 9.29 19.99 32.71
N VAL B 375 9.90 20.06 31.53
CA VAL B 375 9.17 20.33 30.29
C VAL B 375 8.64 19.01 29.80
N GLU B 376 7.33 18.98 29.52
CA GLU B 376 6.63 17.86 28.90
C GLU B 376 6.38 18.04 27.38
N TYR B 377 5.93 19.22 27.01
CA TYR B 377 5.47 19.52 25.69
C TYR B 377 6.32 20.63 25.09
N ILE B 378 6.74 20.41 23.85
CA ILE B 378 7.21 21.44 22.95
C ILE B 378 5.96 22.00 22.26
N ALA B 379 5.44 23.10 22.76
CA ALA B 379 4.19 23.68 22.20
C ALA B 379 4.41 24.35 20.87
N ARG B 380 5.46 25.15 20.79
CA ARG B 380 5.86 25.83 19.57
C ARG B 380 7.37 25.92 19.45
N ALA B 381 7.84 26.06 18.22
CA ALA B 381 9.23 26.34 17.98
C ALA B 381 9.47 27.04 16.67
N GLY B 382 10.65 27.63 16.56
CA GLY B 382 11.07 28.30 15.36
C GLY B 382 12.46 28.88 15.51
N TRP B 383 12.74 29.93 14.74
CA TRP B 383 14.02 30.63 14.78
C TRP B 383 13.85 32.13 14.96
N THR B 384 14.88 32.78 15.48
CA THR B 384 14.93 34.26 15.51
C THR B 384 15.12 34.72 14.08
N PRO B 385 14.66 35.95 13.71
CA PRO B 385 14.70 36.37 12.28
C PRO B 385 16.09 36.31 11.60
N GLU B 386 17.14 36.56 12.38
CA GLU B 386 18.54 36.49 11.94
C GLU B 386 19.12 35.05 11.91
N GLY B 387 18.44 34.07 12.52
CA GLY B 387 18.98 32.72 12.72
C GLY B 387 20.07 32.49 13.78
N LYS B 388 20.35 33.48 14.65
CA LYS B 388 21.33 33.30 15.73
C LYS B 388 20.89 32.21 16.72
N TYR B 389 19.58 32.14 16.99
CA TYR B 389 19.00 31.23 17.99
C TYR B 389 17.74 30.56 17.47
N ALA B 390 17.56 29.31 17.86
CA ALA B 390 16.25 28.67 17.76
C ALA B 390 15.49 29.11 18.99
N TRP B 391 14.18 29.19 18.89
CA TRP B 391 13.35 29.42 20.07
C TRP B 391 12.32 28.30 20.22
N SER B 392 11.83 28.16 21.44
CA SER B 392 10.75 27.26 21.71
C SER B 392 9.92 27.76 22.87
N ILE B 393 8.62 27.50 22.79
CA ILE B 393 7.67 27.71 23.87
C ILE B 393 7.39 26.34 24.46
N LEU B 394 7.62 26.18 25.76
CA LEU B 394 7.67 24.87 26.45
C LEU B 394 6.72 24.85 27.62
N LEU B 395 5.95 23.77 27.77
CA LEU B 395 5.00 23.60 28.87
C LEU B 395 5.38 22.46 29.76
N ASP B 396 5.04 22.58 31.03
CA ASP B 396 5.11 21.46 31.96
C ASP B 396 3.87 20.61 31.79
N ARG B 397 3.90 19.44 32.40
CA ARG B 397 2.80 18.50 32.27
C ARG B 397 1.44 19.06 32.74
N SER B 398 1.43 19.79 33.84
CA SER B 398 0.17 20.34 34.37
C SER B 398 -0.39 21.51 33.54
N GLN B 399 0.45 22.04 32.64
CA GLN B 399 0.11 23.09 31.69
C GLN B 399 -0.21 24.40 32.38
N THR B 400 0.47 24.61 33.49
CA THR B 400 0.38 25.80 34.30
C THR B 400 1.71 26.57 34.31
N ARG B 401 2.79 26.07 33.71
CA ARG B 401 4.08 26.77 33.61
C ARG B 401 4.48 26.78 32.14
N LEU B 402 4.51 27.98 31.56
CA LEU B 402 5.05 28.23 30.23
C LEU B 402 6.42 28.84 30.38
N GLN B 403 7.34 28.46 29.51
CA GLN B 403 8.61 29.17 29.36
C GLN B 403 9.01 29.29 27.91
N ILE B 404 9.64 30.42 27.57
CA ILE B 404 10.13 30.71 26.23
C ILE B 404 11.62 30.62 26.34
N VAL B 405 12.22 29.80 25.47
CA VAL B 405 13.63 29.42 25.60
C VAL B 405 14.38 29.59 24.29
N LEU B 406 15.56 30.21 24.33
CA LEU B 406 16.44 30.33 23.20
C LEU B 406 17.51 29.27 23.27
N ILE B 407 17.75 28.63 22.13
CA ILE B 407 18.63 27.48 22.00
C ILE B 407 19.60 27.84 20.88
N SER B 408 20.85 28.05 21.23
CA SER B 408 21.89 28.32 20.23
C SER B 408 22.20 27.05 19.41
N PRO B 409 22.54 27.18 18.13
CA PRO B 409 23.13 26.04 17.39
C PRO B 409 24.44 25.49 17.98
N GLU B 410 25.26 26.34 18.61
CA GLU B 410 26.48 25.90 19.35
C GLU B 410 26.19 24.89 20.48
N LEU B 411 24.94 24.86 20.97
CA LEU B 411 24.40 23.86 21.92
C LEU B 411 24.17 22.44 21.39
N PHE B 412 24.30 22.24 20.08
CA PHE B 412 24.22 20.94 19.44
C PHE B 412 25.59 20.49 19.00
N ILE B 413 25.85 19.20 19.19
CA ILE B 413 27.10 18.57 18.75
C ILE B 413 26.77 17.38 17.87
N PRO B 414 27.73 16.96 17.01
CA PRO B 414 27.47 15.78 16.20
C PRO B 414 27.19 14.52 17.02
N VAL B 415 26.35 13.67 16.45
CA VAL B 415 26.06 12.36 17.02
C VAL B 415 27.34 11.52 16.83
N GLU B 416 27.82 10.98 17.95
CA GLU B 416 28.99 10.10 17.97
C GLU B 416 28.75 8.95 18.94
N ASP B 417 28.69 7.74 18.40
CA ASP B 417 28.62 6.50 19.22
C ASP B 417 29.88 6.25 20.09
N ASP B 418 31.05 6.48 19.49
CA ASP B 418 32.39 6.39 20.16
C ASP B 418 32.47 7.31 21.38
N VAL B 419 32.70 6.73 22.56
CA VAL B 419 32.59 7.44 23.84
C VAL B 419 33.77 8.42 24.06
N MET B 420 34.95 8.08 23.53
CA MET B 420 36.14 8.95 23.58
C MET B 420 35.96 10.25 22.77
N GLU B 421 35.74 10.15 21.46
CA GLU B 421 35.54 11.36 20.61
C GLU B 421 34.29 12.17 20.96
N ARG B 422 33.29 11.55 21.58
CA ARG B 422 32.12 12.29 22.11
C ARG B 422 32.53 13.26 23.21
N GLN B 423 33.45 12.86 24.09
CA GLN B 423 33.99 13.75 25.13
C GLN B 423 34.78 14.92 24.55
N ARG B 424 35.65 14.66 23.57
CA ARG B 424 36.36 15.75 22.84
C ARG B 424 35.36 16.81 22.30
N LEU B 425 34.26 16.32 21.73
CA LEU B 425 33.18 17.18 21.24
C LEU B 425 32.44 17.95 22.36
N ILE B 426 32.17 17.30 23.48
CA ILE B 426 31.52 17.95 24.65
C ILE B 426 32.42 19.03 25.25
N GLU B 427 33.67 18.67 25.57
CA GLU B 427 34.67 19.63 26.11
C GLU B 427 34.89 20.87 25.23
N SER B 428 34.81 20.70 23.91
CA SER B 428 34.98 21.80 22.95
C SER B 428 33.89 22.88 22.97
N VAL B 429 32.69 22.56 23.46
CA VAL B 429 31.61 23.55 23.57
C VAL B 429 31.79 24.31 24.88
N PRO B 430 31.92 25.66 24.81
CA PRO B 430 32.20 26.42 26.04
C PRO B 430 31.05 26.45 27.06
N ASP B 431 31.39 26.44 28.35
CA ASP B 431 30.41 26.44 29.45
C ASP B 431 29.37 27.57 29.42
N SER B 432 29.80 28.73 28.91
CA SER B 432 28.93 29.91 28.69
C SER B 432 27.75 29.69 27.75
N VAL B 433 27.88 28.74 26.82
CA VAL B 433 26.80 28.34 25.91
C VAL B 433 25.78 27.46 26.66
N THR B 434 24.63 28.05 27.01
CA THR B 434 23.55 27.40 27.73
C THR B 434 22.22 27.79 27.11
N PRO B 435 21.13 27.07 27.43
CA PRO B 435 19.82 27.61 27.09
C PRO B 435 19.50 28.87 27.89
N LEU B 436 18.65 29.70 27.31
CA LEU B 436 18.31 31.00 27.84
C LEU B 436 16.81 31.04 27.92
N ILE B 437 16.28 30.98 29.13
CA ILE B 437 14.86 31.14 29.38
C ILE B 437 14.61 32.65 29.41
N ILE B 438 14.13 33.17 28.29
CA ILE B 438 13.84 34.60 28.17
C ILE B 438 12.50 35.04 28.76
N TYR B 439 11.63 34.10 29.13
CA TYR B 439 10.36 34.43 29.76
C TYR B 439 9.78 33.20 30.43
N GLU B 440 9.19 33.37 31.59
CA GLU B 440 8.49 32.30 32.31
C GLU B 440 7.23 32.87 32.95
N GLU B 441 6.13 32.14 32.84
CA GLU B 441 4.88 32.49 33.50
C GLU B 441 4.21 31.28 34.07
N THR B 442 3.44 31.47 35.13
CA THR B 442 2.66 30.44 35.78
C THR B 442 1.23 30.91 36.00
N THR B 443 0.35 29.96 36.30
CA THR B 443 -1.06 30.26 36.57
C THR B 443 -1.71 29.15 37.38
N ASP B 444 -2.65 29.52 38.24
CA ASP B 444 -3.53 28.58 38.93
C ASP B 444 -4.58 27.91 38.06
N ILE B 445 -4.78 28.42 36.82
CA ILE B 445 -5.80 27.89 35.89
C ILE B 445 -5.10 27.02 34.83
N TRP B 446 -4.77 27.55 33.67
CA TRP B 446 -3.95 26.82 32.68
C TRP B 446 -3.41 27.84 31.69
N ILE B 447 -2.33 27.44 31.02
CA ILE B 447 -1.81 28.15 29.87
C ILE B 447 -2.64 27.76 28.66
N ASN B 448 -3.21 28.74 27.97
CA ASN B 448 -3.71 28.58 26.62
C ASN B 448 -2.60 28.97 25.66
N ILE B 449 -2.10 27.98 24.91
CA ILE B 449 -1.06 28.19 23.89
C ILE B 449 -1.70 28.96 22.73
N HIS B 450 -0.92 29.87 22.19
CA HIS B 450 -1.33 30.69 21.06
C HIS B 450 -0.15 30.87 20.10
N ASP B 451 -0.45 31.49 18.97
CA ASP B 451 0.49 31.69 17.89
C ASP B 451 1.16 33.08 17.86
N ILE B 452 0.86 33.93 18.84
CA ILE B 452 1.51 35.23 18.96
C ILE B 452 2.88 35.13 19.62
N PHE B 453 3.92 35.41 18.84
CA PHE B 453 5.26 35.63 19.34
C PHE B 453 6.06 36.33 18.25
N HIS B 454 6.44 37.59 18.47
CA HIS B 454 7.18 38.41 17.52
C HIS B 454 8.49 38.82 18.12
N VAL B 455 9.60 38.50 17.45
CA VAL B 455 10.94 38.86 17.89
C VAL B 455 11.43 40.01 17.02
N PHE B 456 11.87 41.07 17.68
CA PHE B 456 12.51 42.19 16.96
C PHE B 456 13.96 41.85 16.59
N PRO B 457 14.53 42.53 15.56
CA PRO B 457 15.97 42.33 15.27
C PRO B 457 16.84 42.72 16.46
N GLN B 458 17.98 42.02 16.67
CA GLN B 458 18.84 42.28 17.84
C GLN B 458 19.56 43.66 17.74
N SER B 459 19.23 44.57 18.67
CA SER B 459 19.87 45.89 18.78
C SER B 459 21.26 45.73 19.38
N HIS B 460 21.33 44.99 20.49
CA HIS B 460 22.56 44.67 21.21
C HIS B 460 22.71 43.12 21.32
N GLU B 461 23.94 42.61 21.24
CA GLU B 461 24.28 41.17 21.37
C GLU B 461 23.78 40.52 22.68
N GLU B 462 23.77 41.27 23.79
CA GLU B 462 23.39 40.78 25.15
C GLU B 462 21.93 41.06 25.58
N GLU B 463 21.04 41.34 24.64
CA GLU B 463 19.68 41.78 24.97
C GLU B 463 18.73 41.38 23.84
N ILE B 464 17.55 40.88 24.17
CA ILE B 464 16.53 40.49 23.16
C ILE B 464 15.17 41.08 23.49
N GLU B 465 14.51 41.57 22.45
CA GLU B 465 13.29 42.37 22.57
C GLU B 465 12.21 41.63 21.80
N PHE B 466 11.05 41.44 22.42
CA PHE B 466 9.94 40.71 21.74
C PHE B 466 8.56 41.05 22.27
N ILE B 467 7.56 40.70 21.49
CA ILE B 467 6.15 40.82 21.85
C ILE B 467 5.59 39.41 22.03
N PHE B 468 4.86 39.23 23.11
CA PHE B 468 4.21 37.96 23.49
C PHE B 468 2.84 38.33 24.06
N ALA B 469 1.96 37.33 24.16
CA ALA B 469 0.64 37.53 24.74
C ALA B 469 0.47 36.62 25.93
N SER B 470 -0.31 37.09 26.92
CA SER B 470 -0.56 36.31 28.12
C SER B 470 -1.83 36.67 28.82
N GLU B 471 -2.48 35.66 29.41
CA GLU B 471 -3.59 35.83 30.35
C GLU B 471 -3.11 35.80 31.81
N CYS B 472 -1.81 35.59 32.06
CA CYS B 472 -1.30 35.34 33.41
C CYS B 472 -1.22 36.55 34.32
N LYS B 473 -0.99 37.74 33.77
CA LYS B 473 -0.96 38.95 34.59
C LYS B 473 -2.38 39.30 35.04
N THR B 474 -3.31 39.47 34.10
CA THR B 474 -4.63 40.08 34.37
C THR B 474 -5.84 39.14 34.32
N GLY B 475 -5.69 37.96 33.73
CA GLY B 475 -6.80 37.05 33.48
C GLY B 475 -7.49 37.18 32.13
N PHE B 476 -7.06 38.16 31.31
CA PHE B 476 -7.42 38.30 29.91
C PHE B 476 -6.14 38.37 29.07
N ARG B 477 -6.20 37.86 27.84
CA ARG B 477 -5.03 37.79 26.97
C ARG B 477 -4.68 39.16 26.44
N HIS B 478 -3.49 39.65 26.80
CA HIS B 478 -3.00 40.95 26.36
C HIS B 478 -1.59 40.85 25.85
N LEU B 479 -1.23 41.87 25.08
CA LEU B 479 0.08 41.96 24.45
C LEU B 479 1.03 42.68 25.38
N TYR B 480 2.26 42.16 25.45
CA TYR B 480 3.33 42.71 26.27
C TYR B 480 4.60 42.82 25.44
N LYS B 481 5.31 43.96 25.54
CA LYS B 481 6.65 44.10 24.94
C LYS B 481 7.63 43.86 26.08
N ILE B 482 8.51 42.87 25.88
CA ILE B 482 9.41 42.36 26.89
C ILE B 482 10.84 42.41 26.34
N THR B 483 11.77 42.87 27.19
CA THR B 483 13.20 42.88 26.89
C THR B 483 13.88 42.06 27.98
N SER B 484 14.63 41.03 27.59
CA SER B 484 15.35 40.15 28.53
C SER B 484 16.85 40.23 28.31
N ILE B 485 17.60 40.11 29.41
CA ILE B 485 19.06 40.19 29.39
C ILE B 485 19.63 38.77 29.19
N LEU B 486 20.46 38.60 28.16
CA LEU B 486 21.15 37.35 27.85
C LEU B 486 22.52 37.31 28.55
N LYS B 487 22.50 36.94 29.83
CA LYS B 487 23.74 36.86 30.65
C LYS B 487 24.34 35.44 30.55
N GLU B 488 25.66 35.36 30.79
CA GLU B 488 26.37 34.09 31.05
C GLU B 488 25.71 33.42 32.28
N SER B 489 25.42 32.12 32.19
CA SER B 489 24.76 31.41 33.31
C SER B 489 25.76 31.08 34.42
N LYS B 490 25.29 31.04 35.67
CA LYS B 490 26.10 30.50 36.81
C LYS B 490 26.51 29.03 36.60
N TYR B 491 25.69 28.25 35.89
CA TYR B 491 26.00 26.82 35.64
C TYR B 491 27.13 26.62 34.64
N LYS B 492 28.16 25.89 35.08
CA LYS B 492 29.32 25.50 34.27
C LYS B 492 29.35 23.96 34.14
N ARG B 493 29.09 23.47 32.92
CA ARG B 493 29.16 22.01 32.57
C ARG B 493 30.40 21.28 33.05
N SER B 494 31.56 21.91 32.79
CA SER B 494 32.89 21.48 33.27
C SER B 494 32.90 20.94 34.68
N SER B 495 32.33 21.71 35.60
CA SER B 495 32.22 21.34 37.02
C SER B 495 31.49 19.99 37.28
N GLY B 496 30.75 19.50 36.29
CA GLY B 496 30.27 18.11 36.26
C GLY B 496 28.97 17.86 37.02
N GLY B 497 28.27 18.92 37.48
CA GLY B 497 27.00 18.81 38.19
C GLY B 497 25.83 18.96 37.22
N LEU B 498 24.62 18.99 37.78
CA LEU B 498 23.39 19.22 37.05
C LEU B 498 22.86 20.60 37.40
N PRO B 499 22.26 21.33 36.44
CA PRO B 499 21.78 22.68 36.74
C PRO B 499 20.52 22.72 37.60
N ALA B 500 20.47 23.67 38.55
CA ALA B 500 19.26 23.97 39.36
C ALA B 500 18.19 24.63 38.48
N PRO B 501 16.89 24.61 38.90
CA PRO B 501 15.81 25.08 38.00
C PRO B 501 15.96 26.51 37.44
N SER B 502 16.32 27.45 38.32
CA SER B 502 16.49 28.85 37.92
C SER B 502 17.81 29.17 37.17
N ASP B 503 18.77 28.23 37.01
CA ASP B 503 20.09 28.53 36.40
C ASP B 503 20.12 29.12 34.97
N PHE B 504 19.11 28.83 34.16
CA PHE B 504 19.03 29.37 32.80
C PHE B 504 18.07 30.55 32.63
N LYS B 505 17.54 31.09 33.74
CA LYS B 505 16.57 32.20 33.70
C LYS B 505 17.29 33.51 33.40
N CYS B 506 16.85 34.19 32.35
CA CYS B 506 17.30 35.52 32.02
C CYS B 506 16.48 36.53 32.83
N PRO B 507 17.15 37.54 33.43
CA PRO B 507 16.34 38.59 34.06
C PRO B 507 15.62 39.46 33.03
N ILE B 508 14.51 40.05 33.48
CA ILE B 508 13.62 40.83 32.63
C ILE B 508 13.98 42.31 32.87
N LYS B 509 14.53 42.98 31.85
CA LYS B 509 14.85 44.41 31.88
C LYS B 509 13.61 45.29 31.92
N GLU B 510 12.68 45.07 30.98
CA GLU B 510 11.39 45.77 30.99
C GLU B 510 10.30 44.87 30.43
N GLU B 511 9.09 45.03 30.96
CA GLU B 511 7.92 44.25 30.57
C GLU B 511 6.75 45.23 30.59
N ILE B 512 6.39 45.76 29.41
CA ILE B 512 5.34 46.79 29.33
C ILE B 512 4.11 46.22 28.64
N ALA B 513 2.95 46.50 29.23
CA ALA B 513 1.68 46.12 28.66
C ALA B 513 1.34 47.05 27.49
N ILE B 514 1.12 46.47 26.32
CA ILE B 514 0.64 47.18 25.14
C ILE B 514 -0.87 47.37 25.15
N THR B 515 -1.56 46.34 25.64
CA THR B 515 -3.01 46.36 25.80
C THR B 515 -3.38 45.99 27.24
N SER B 516 -4.60 46.33 27.60
CA SER B 516 -5.16 46.01 28.92
C SER B 516 -6.65 46.20 28.91
N GLY B 517 -7.32 45.58 29.89
CA GLY B 517 -8.77 45.64 30.01
C GLY B 517 -9.47 44.32 30.15
N GLU B 518 -10.80 44.39 30.30
CA GLU B 518 -11.69 43.25 30.52
C GLU B 518 -12.14 42.67 29.18
N TRP B 519 -11.18 42.23 28.39
CA TRP B 519 -11.37 41.80 27.03
C TRP B 519 -10.06 41.21 26.55
N GLU B 520 -10.13 40.29 25.60
CA GLU B 520 -8.95 39.57 25.15
C GLU B 520 -8.51 39.97 23.73
N VAL B 521 -7.20 39.96 23.56
CA VAL B 521 -6.52 39.83 22.28
C VAL B 521 -6.64 38.38 21.81
N LEU B 522 -6.91 38.18 20.53
CA LEU B 522 -7.04 36.85 19.96
C LEU B 522 -5.73 36.39 19.36
N GLY B 523 -5.35 35.16 19.68
CA GLY B 523 -4.13 34.54 19.15
C GLY B 523 -4.16 33.09 18.76
N ARG B 524 -5.34 32.51 18.63
CA ARG B 524 -5.52 31.08 18.34
C ARG B 524 -6.42 30.95 17.11
N HIS B 525 -6.28 29.82 16.43
CA HIS B 525 -7.18 29.37 15.35
C HIS B 525 -7.26 30.35 14.20
N GLY B 526 -6.10 30.93 13.84
CA GLY B 526 -5.97 31.86 12.71
C GLY B 526 -5.77 33.33 13.04
N SER B 527 -6.12 33.71 14.28
CA SER B 527 -5.87 35.05 14.79
C SER B 527 -4.40 35.21 15.13
N ASN B 528 -3.80 36.28 14.64
CA ASN B 528 -2.44 36.64 15.01
C ASN B 528 -2.34 38.16 15.05
N ILE B 529 -1.09 38.62 15.04
CA ILE B 529 -0.75 39.98 14.98
C ILE B 529 0.10 40.25 13.75
N GLN B 530 0.18 41.53 13.44
CA GLN B 530 1.04 42.07 12.42
C GLN B 530 1.70 43.28 13.01
N VAL B 531 3.02 43.30 12.97
CA VAL B 531 3.81 44.37 13.56
C VAL B 531 4.42 45.18 12.44
N ASP B 532 4.23 46.50 12.50
CA ASP B 532 4.82 47.48 11.59
C ASP B 532 6.01 48.05 12.34
N GLU B 533 7.20 47.56 12.00
CA GLU B 533 8.44 48.05 12.62
C GLU B 533 8.83 49.48 12.24
N VAL B 534 8.30 50.00 11.14
CA VAL B 534 8.64 51.37 10.69
C VAL B 534 7.86 52.36 11.56
N ARG B 535 6.54 52.26 11.51
CA ARG B 535 5.64 53.06 12.33
C ARG B 535 5.54 52.63 13.80
N ARG B 536 6.07 51.46 14.13
CA ARG B 536 6.19 50.96 15.52
C ARG B 536 4.82 50.71 16.16
N LEU B 537 3.97 50.05 15.36
CA LEU B 537 2.58 49.70 15.67
C LEU B 537 2.41 48.20 15.63
N VAL B 538 1.38 47.71 16.31
CA VAL B 538 0.98 46.31 16.25
C VAL B 538 -0.53 46.23 15.96
N TYR B 539 -0.89 45.47 14.93
CA TYR B 539 -2.26 45.20 14.56
C TYR B 539 -2.63 43.90 15.21
N PHE B 540 -3.86 43.82 15.73
CA PHE B 540 -4.35 42.62 16.40
C PHE B 540 -5.88 42.56 16.40
N GLU B 541 -6.42 41.37 16.61
CA GLU B 541 -7.87 41.17 16.66
C GLU B 541 -8.29 41.03 18.12
N GLY B 542 -9.50 41.49 18.46
CA GLY B 542 -9.92 41.45 19.87
C GLY B 542 -11.39 41.62 20.15
N THR B 543 -11.73 41.40 21.42
CA THR B 543 -13.09 41.50 21.95
C THR B 543 -13.40 42.78 22.74
N LYS B 544 -12.58 43.83 22.56
CA LYS B 544 -12.75 45.08 23.28
C LYS B 544 -14.15 45.68 23.16
N ASP B 545 -14.66 45.83 21.94
CA ASP B 545 -15.99 46.42 21.75
C ASP B 545 -17.15 45.54 22.22
N SER B 546 -16.99 44.23 22.18
CA SER B 546 -18.07 43.30 22.57
C SER B 546 -17.53 41.88 22.61
N PRO B 547 -17.99 41.06 23.57
CA PRO B 547 -17.69 39.61 23.47
C PRO B 547 -18.40 38.88 22.30
N LEU B 548 -19.42 39.49 21.70
CA LEU B 548 -20.15 38.92 20.55
C LEU B 548 -19.60 39.27 19.15
N GLU B 549 -18.52 40.06 19.07
CA GLU B 549 -17.97 40.54 17.81
C GLU B 549 -16.45 40.63 17.95
N HIS B 550 -15.75 40.07 16.98
CA HIS B 550 -14.29 40.20 16.86
C HIS B 550 -14.02 41.39 15.94
N HIS B 551 -13.00 42.18 16.26
CA HIS B 551 -12.65 43.42 15.53
C HIS B 551 -11.16 43.60 15.42
N LEU B 552 -10.74 44.40 14.44
CA LEU B 552 -9.33 44.66 14.18
C LEU B 552 -8.97 45.96 14.87
N TYR B 553 -7.83 45.95 15.56
CA TYR B 553 -7.32 47.08 16.30
C TYR B 553 -5.87 47.34 15.99
N VAL B 554 -5.45 48.58 16.17
CA VAL B 554 -4.04 48.96 16.12
C VAL B 554 -3.69 49.82 17.34
N VAL B 555 -2.43 49.72 17.75
CA VAL B 555 -1.88 50.43 18.87
C VAL B 555 -0.36 50.52 18.70
N SER B 556 0.26 51.59 19.22
CA SER B 556 1.72 51.69 19.24
C SER B 556 2.28 50.74 20.30
N TYR B 557 3.35 50.01 19.96
CA TYR B 557 4.12 49.23 20.95
C TYR B 557 5.21 50.05 21.68
N VAL B 558 5.52 51.27 21.24
CA VAL B 558 6.55 52.09 21.86
C VAL B 558 5.97 52.92 23.00
N ASN B 559 4.81 53.54 22.76
CA ASN B 559 4.23 54.43 23.75
C ASN B 559 2.74 54.20 23.82
N PRO B 560 2.33 53.00 24.29
CA PRO B 560 0.97 52.52 24.06
C PRO B 560 -0.06 53.33 24.82
N GLY B 561 -1.13 53.67 24.13
CA GLY B 561 -2.28 54.30 24.75
C GLY B 561 -3.60 53.90 24.13
N GLU B 562 -4.20 54.84 23.43
CA GLU B 562 -5.52 54.65 22.80
C GLU B 562 -5.37 53.52 21.78
N VAL B 563 -6.21 52.52 21.94
CA VAL B 563 -6.41 51.44 20.99
C VAL B 563 -7.44 51.91 19.95
N THR B 564 -7.05 51.92 18.68
CA THR B 564 -7.90 52.34 17.55
C THR B 564 -8.56 51.08 16.94
N ARG B 565 -9.89 51.03 16.91
CA ARG B 565 -10.65 50.00 16.17
C ARG B 565 -10.70 50.38 14.69
N LEU B 566 -10.36 49.44 13.83
CA LEU B 566 -10.40 49.64 12.38
C LEU B 566 -11.60 49.01 11.68
N THR B 567 -12.29 48.08 12.28
CA THR B 567 -13.42 47.42 11.62
C THR B 567 -14.72 48.03 12.10
N ASP B 568 -15.77 47.88 11.29
CA ASP B 568 -17.05 48.49 11.61
C ASP B 568 -17.83 47.66 12.59
N ARG B 569 -18.47 48.33 13.54
CA ARG B 569 -19.39 47.71 14.50
C ARG B 569 -20.62 47.18 13.75
N GLY B 570 -21.28 46.22 14.36
CA GLY B 570 -22.44 45.51 13.76
C GLY B 570 -22.14 44.24 12.99
N TYR B 571 -20.86 43.91 12.85
CA TYR B 571 -20.37 42.67 12.23
C TYR B 571 -19.22 42.11 13.09
N SER B 572 -19.06 40.79 13.06
CA SER B 572 -17.84 40.12 13.58
C SER B 572 -16.91 39.96 12.37
N HIS B 573 -15.61 40.13 12.61
CA HIS B 573 -14.60 40.16 11.58
C HIS B 573 -13.50 39.14 11.83
N SER B 574 -13.02 38.56 10.74
CA SER B 574 -11.77 37.82 10.71
C SER B 574 -10.91 38.51 9.68
N CYS B 575 -9.71 38.92 10.08
CA CYS B 575 -8.89 39.82 9.27
C CYS B 575 -7.50 39.29 9.11
N CYS B 576 -6.89 39.67 7.98
CA CYS B 576 -5.44 39.71 7.94
C CYS B 576 -4.93 40.91 7.21
N ILE B 577 -3.73 41.29 7.64
CA ILE B 577 -3.11 42.55 7.34
C ILE B 577 -1.95 42.25 6.42
N SER B 578 -1.82 43.03 5.36
CA SER B 578 -0.65 42.96 4.49
C SER B 578 0.63 43.04 5.31
N GLN B 579 1.61 42.20 4.99
CA GLN B 579 3.00 42.35 5.48
C GLN B 579 3.55 43.78 5.38
N HIS B 580 3.10 44.53 4.38
CA HIS B 580 3.46 45.95 4.20
C HIS B 580 2.66 46.93 5.08
N CYS B 581 1.59 46.46 5.74
CA CYS B 581 0.77 47.23 6.66
C CYS B 581 0.08 48.45 6.06
N ASP B 582 -0.21 48.39 4.75
CA ASP B 582 -0.97 49.42 4.03
C ASP B 582 -2.34 48.96 3.53
N PHE B 583 -2.68 47.67 3.69
CA PHE B 583 -4.04 47.15 3.52
C PHE B 583 -4.32 46.08 4.55
N PHE B 584 -5.60 45.84 4.76
CA PHE B 584 -6.08 44.63 5.38
C PHE B 584 -7.35 44.17 4.66
N ILE B 585 -7.65 42.89 4.88
CA ILE B 585 -8.82 42.20 4.36
C ILE B 585 -9.62 41.73 5.55
N SER B 586 -10.96 41.87 5.46
CA SER B 586 -11.86 41.40 6.48
C SER B 586 -12.86 40.48 5.85
N LYS B 587 -12.99 39.27 6.42
CA LYS B 587 -14.10 38.35 6.17
C LYS B 587 -15.06 38.65 7.31
N TYR B 588 -16.25 39.14 6.99
CA TYR B 588 -17.18 39.62 8.01
C TYR B 588 -18.60 39.19 7.73
N SER B 589 -19.35 38.98 8.81
CA SER B 589 -20.76 38.61 8.74
C SER B 589 -21.45 39.13 9.98
N ASN B 590 -22.74 38.93 10.02
CA ASN B 590 -23.50 39.09 11.24
C ASN B 590 -24.70 38.17 11.18
N GLN B 591 -25.49 38.18 12.24
CA GLN B 591 -26.63 37.29 12.39
C GLN B 591 -27.60 37.33 11.17
N LYS B 592 -27.79 38.52 10.59
CA LYS B 592 -28.70 38.72 9.42
C LYS B 592 -28.05 38.60 8.03
N ASN B 593 -26.72 38.57 7.92
CA ASN B 593 -26.00 38.76 6.64
C ASN B 593 -24.89 37.76 6.43
N PRO B 594 -24.90 37.01 5.29
CA PRO B 594 -23.80 36.06 5.05
C PRO B 594 -22.44 36.69 4.88
N HIS B 595 -21.40 35.86 5.03
N HIS B 595 -21.40 35.85 5.01
CA HIS B 595 -20.00 36.29 5.01
CA HIS B 595 -20.00 36.29 4.96
C HIS B 595 -19.67 37.04 3.69
C HIS B 595 -19.67 37.04 3.67
N CYS B 596 -19.05 38.22 3.81
CA CYS B 596 -18.44 38.98 2.68
C CYS B 596 -16.97 39.06 2.93
N VAL B 597 -16.20 39.32 1.88
CA VAL B 597 -14.78 39.61 2.03
C VAL B 597 -14.51 40.90 1.31
N SER B 598 -13.99 41.89 2.05
CA SER B 598 -13.66 43.19 1.48
C SER B 598 -12.23 43.56 1.82
N LEU B 599 -11.66 44.37 0.93
CA LEU B 599 -10.30 44.94 1.06
C LEU B 599 -10.42 46.40 1.52
N TYR B 600 -9.62 46.77 2.53
CA TYR B 600 -9.57 48.15 3.04
C TYR B 600 -8.13 48.65 2.96
N LYS B 601 -7.95 49.88 2.46
CA LYS B 601 -6.64 50.56 2.47
C LYS B 601 -6.44 51.29 3.78
N LEU B 602 -5.25 51.15 4.34
CA LEU B 602 -4.80 51.89 5.52
C LEU B 602 -3.95 53.11 5.13
N SER B 603 -4.22 54.23 5.78
CA SER B 603 -3.31 55.38 5.74
C SER B 603 -3.35 56.04 7.08
N SER B 604 -2.37 56.93 7.25
CA SER B 604 -2.28 57.79 8.40
C SER B 604 -2.14 59.22 7.88
N PRO B 605 -2.57 60.22 8.68
CA PRO B 605 -2.16 61.60 8.37
C PRO B 605 -0.62 61.83 8.40
N GLU B 606 -0.14 62.77 7.57
CA GLU B 606 1.30 63.14 7.51
C GLU B 606 1.85 63.49 8.91
N ASP B 607 1.07 64.21 9.70
CA ASP B 607 1.47 64.64 11.05
C ASP B 607 1.60 63.56 12.12
N ASP B 608 0.98 62.39 11.93
CA ASP B 608 0.91 61.38 12.99
C ASP B 608 0.73 59.97 12.44
N PRO B 609 1.83 59.25 12.18
CA PRO B 609 1.75 57.84 11.75
C PRO B 609 1.09 56.84 12.73
N THR B 610 0.98 57.17 14.01
CA THR B 610 0.15 56.42 14.96
C THR B 610 -1.35 56.48 14.67
N CYS B 611 -1.83 57.59 14.14
CA CYS B 611 -3.25 57.72 13.82
C CYS B 611 -3.49 56.96 12.53
N LYS B 612 -4.37 55.95 12.55
CA LYS B 612 -4.57 55.06 11.44
C LYS B 612 -6.04 55.12 11.07
N THR B 613 -6.25 55.24 9.77
CA THR B 613 -7.57 55.31 9.17
C THR B 613 -7.66 54.28 8.06
N LYS B 614 -8.90 54.03 7.71
CA LYS B 614 -9.30 53.00 6.82
C LYS B 614 -10.12 53.62 5.70
N GLU B 615 -9.99 53.09 4.49
CA GLU B 615 -10.90 53.37 3.39
C GLU B 615 -11.22 52.06 2.63
N PHE B 616 -12.50 51.81 2.39
CA PHE B 616 -12.92 50.68 1.56
C PHE B 616 -12.30 50.81 0.15
N TRP B 617 -11.69 49.72 -0.32
CA TRP B 617 -10.99 49.70 -1.62
C TRP B 617 -11.75 48.84 -2.63
N ALA B 618 -11.99 47.58 -2.26
CA ALA B 618 -12.61 46.62 -3.17
C ALA B 618 -13.25 45.44 -2.51
N THR B 619 -14.23 44.85 -3.21
CA THR B 619 -14.85 43.60 -2.81
C THR B 619 -14.12 42.42 -3.45
N ILE B 620 -13.86 41.43 -2.61
CA ILE B 620 -13.30 40.14 -3.00
C ILE B 620 -14.40 39.12 -3.13
N LEU B 621 -15.30 39.07 -2.15
CA LEU B 621 -16.46 38.19 -2.16
C LEU B 621 -17.69 38.92 -1.67
N ASP B 622 -18.75 38.91 -2.46
CA ASP B 622 -20.04 39.48 -2.08
C ASP B 622 -20.93 38.38 -1.49
N SER B 623 -21.91 38.73 -0.67
CA SER B 623 -22.79 37.77 0.01
C SER B 623 -23.90 37.20 -0.85
N ALA B 624 -24.23 37.86 -1.98
CA ALA B 624 -25.36 37.47 -2.86
C ALA B 624 -26.71 37.44 -2.11
N GLY B 625 -27.04 38.59 -1.49
CA GLY B 625 -28.25 38.76 -0.67
C GLY B 625 -28.28 37.98 0.64
N PRO B 626 -29.43 38.01 1.35
CA PRO B 626 -29.73 37.09 2.46
C PRO B 626 -30.46 35.81 1.99
N LEU B 627 -30.18 34.69 2.67
CA LEU B 627 -30.79 33.38 2.35
C LEU B 627 -32.33 33.44 2.48
N PRO B 628 -33.06 33.00 1.45
CA PRO B 628 -34.52 32.86 1.63
C PRO B 628 -34.85 31.61 2.46
N ASP B 629 -36.05 31.62 3.08
CA ASP B 629 -36.49 30.58 4.02
C ASP B 629 -35.51 30.34 5.19
N TYR B 630 -34.89 31.43 5.67
CA TYR B 630 -34.01 31.43 6.85
C TYR B 630 -34.41 32.62 7.69
N THR B 631 -34.82 32.33 8.92
CA THR B 631 -35.08 33.33 9.93
C THR B 631 -33.94 33.19 10.93
N PRO B 632 -33.13 34.26 11.12
CA PRO B 632 -32.08 34.18 12.14
C PRO B 632 -32.62 34.25 13.57
N PRO B 633 -31.82 33.78 14.54
CA PRO B 633 -32.20 33.82 15.93
C PRO B 633 -31.97 35.20 16.53
N GLU B 634 -32.59 35.45 17.69
CA GLU B 634 -32.33 36.64 18.51
C GLU B 634 -31.29 36.29 19.54
N ILE B 635 -30.27 37.13 19.67
CA ILE B 635 -29.33 37.03 20.76
C ILE B 635 -29.96 37.66 21.99
N PHE B 636 -29.95 36.92 23.09
CA PHE B 636 -30.37 37.41 24.39
C PHE B 636 -29.23 37.22 25.39
N SER B 637 -29.41 37.84 26.54
CA SER B 637 -28.55 37.68 27.67
C SER B 637 -29.30 37.77 29.00
N PHE B 638 -28.68 37.23 30.04
CA PHE B 638 -29.23 37.22 31.40
C PHE B 638 -28.11 37.29 32.42
N GLU B 639 -28.39 37.97 33.53
CA GLU B 639 -27.46 38.04 34.64
C GLU B 639 -27.64 36.80 35.45
N SER B 640 -26.59 35.97 35.45
CA SER B 640 -26.55 34.75 36.21
C SER B 640 -26.37 35.06 37.67
N THR B 641 -26.92 34.19 38.50
CA THR B 641 -26.61 34.11 39.94
C THR B 641 -25.15 33.79 40.25
N THR B 642 -24.40 33.30 39.27
CA THR B 642 -22.95 33.09 39.35
C THR B 642 -22.12 34.38 39.27
N GLY B 643 -22.76 35.54 39.03
CA GLY B 643 -22.07 36.81 38.86
C GLY B 643 -21.73 37.24 37.43
N PHE B 644 -21.94 36.36 36.44
CA PHE B 644 -21.62 36.65 35.05
C PHE B 644 -22.86 36.93 34.23
N THR B 645 -22.72 37.83 33.26
CA THR B 645 -23.65 37.95 32.14
C THR B 645 -23.41 36.74 31.22
N LEU B 646 -24.47 36.04 30.84
CA LEU B 646 -24.38 34.92 29.93
C LEU B 646 -25.24 35.21 28.71
N TYR B 647 -24.75 34.82 27.53
CA TYR B 647 -25.42 35.06 26.26
C TYR B 647 -26.03 33.81 25.67
N GLY B 648 -27.16 33.99 24.99
CA GLY B 648 -27.82 32.91 24.27
C GLY B 648 -28.43 33.32 22.93
N MET B 649 -28.87 32.32 22.17
CA MET B 649 -29.61 32.53 20.92
C MET B 649 -30.94 31.84 21.02
N LEU B 650 -31.99 32.52 20.59
CA LEU B 650 -33.35 32.00 20.62
C LEU B 650 -33.89 31.97 19.23
N TYR B 651 -34.31 30.78 18.79
CA TYR B 651 -34.99 30.61 17.52
C TYR B 651 -36.46 30.41 17.84
N LYS B 652 -37.27 31.44 17.59
CA LYS B 652 -38.71 31.33 17.84
C LYS B 652 -39.34 30.39 16.81
N PRO B 653 -40.38 29.63 17.20
CA PRO B 653 -41.12 28.83 16.20
C PRO B 653 -41.71 29.72 15.13
N HIS B 654 -41.61 29.27 13.88
CA HIS B 654 -42.08 30.03 12.74
C HIS B 654 -43.61 29.91 12.76
N ASP B 655 -44.30 30.99 12.37
CA ASP B 655 -45.76 31.10 12.51
C ASP B 655 -46.24 30.78 13.92
N LEU B 656 -45.72 31.61 14.81
CA LEU B 656 -45.97 31.51 16.21
C LEU B 656 -47.43 31.88 16.48
N GLN B 657 -48.22 30.90 16.88
CA GLN B 657 -49.61 31.11 17.28
C GLN B 657 -49.66 31.66 18.71
N PRO B 658 -50.57 32.63 18.97
CA PRO B 658 -50.69 33.14 20.34
C PRO B 658 -51.44 32.13 21.23
N GLY B 659 -51.12 32.17 22.52
CA GLY B 659 -51.70 31.25 23.49
C GLY B 659 -51.34 29.76 23.35
N LYS B 660 -50.26 29.43 22.64
CA LYS B 660 -49.83 28.01 22.48
C LYS B 660 -48.40 27.89 22.99
N LYS B 661 -48.09 26.71 23.53
CA LYS B 661 -46.77 26.40 24.12
C LYS B 661 -46.19 25.27 23.30
N TYR B 662 -44.94 25.46 22.91
CA TYR B 662 -44.27 24.71 21.86
C TYR B 662 -43.15 23.83 22.47
N PRO B 663 -42.89 22.65 21.89
CA PRO B 663 -41.75 21.86 22.38
C PRO B 663 -40.44 22.56 22.10
N THR B 664 -39.46 22.30 22.94
CA THR B 664 -38.25 23.11 23.02
C THR B 664 -37.01 22.21 22.94
N VAL B 665 -36.04 22.63 22.13
CA VAL B 665 -34.82 21.86 21.91
C VAL B 665 -33.64 22.76 22.22
N LEU B 666 -32.75 22.26 23.06
CA LEU B 666 -31.58 22.97 23.48
C LEU B 666 -30.43 22.32 22.72
N PHE B 667 -29.81 23.08 21.83
CA PHE B 667 -28.58 22.66 21.19
C PHE B 667 -27.43 23.18 22.04
N ILE B 668 -26.43 22.33 22.24
CA ILE B 668 -25.35 22.60 23.21
C ILE B 668 -23.99 22.10 22.71
N TYR B 669 -22.95 22.89 22.96
CA TYR B 669 -21.56 22.42 22.99
C TYR B 669 -21.12 22.58 24.44
N GLY B 670 -20.93 23.82 24.91
CA GLY B 670 -20.64 24.09 26.33
C GLY B 670 -19.25 23.77 26.87
N GLY B 671 -18.35 23.25 26.05
CA GLY B 671 -16.97 23.01 26.45
C GLY B 671 -16.03 24.14 26.17
N PRO B 672 -14.75 23.94 26.55
CA PRO B 672 -13.74 24.96 26.33
C PRO B 672 -13.35 25.09 24.87
N GLN B 673 -12.76 26.26 24.58
CA GLN B 673 -12.26 26.66 23.28
C GLN B 673 -13.35 27.01 22.23
N VAL B 674 -14.64 27.07 22.61
CA VAL B 674 -15.75 27.36 21.68
C VAL B 674 -16.70 28.40 22.29
N GLN B 675 -17.16 29.35 21.46
CA GLN B 675 -18.37 30.12 21.73
C GLN B 675 -19.32 29.89 20.54
N LEU B 676 -20.52 29.38 20.79
CA LEU B 676 -21.57 29.31 19.76
C LEU B 676 -22.32 30.64 19.53
N VAL B 677 -22.46 31.46 20.58
CA VAL B 677 -23.35 32.62 20.58
C VAL B 677 -22.52 33.87 20.34
N ASN B 678 -22.65 34.41 19.17
CA ASN B 678 -22.01 35.65 18.77
C ASN B 678 -22.72 36.18 17.56
N ASN B 679 -22.35 37.37 17.14
CA ASN B 679 -23.00 38.09 16.05
C ASN B 679 -22.32 37.73 14.74
N ARG B 680 -22.61 36.52 14.30
CA ARG B 680 -22.11 35.95 13.04
C ARG B 680 -23.25 35.25 12.34
N PHE B 681 -23.09 35.06 11.04
CA PHE B 681 -24.10 34.34 10.29
C PHE B 681 -24.11 32.85 10.63
N LYS B 682 -25.24 32.41 11.16
CA LYS B 682 -25.45 31.01 11.54
C LYS B 682 -26.28 30.20 10.54
N GLY B 683 -26.71 30.82 9.43
CA GLY B 683 -27.50 30.12 8.42
C GLY B 683 -26.81 29.08 7.55
N VAL B 684 -25.50 28.93 7.70
CA VAL B 684 -24.76 27.92 6.94
C VAL B 684 -24.52 26.75 7.90
N LYS B 685 -23.64 26.89 8.89
CA LYS B 685 -23.29 25.78 9.77
C LYS B 685 -24.45 25.32 10.66
N TYR B 686 -25.35 26.23 11.07
CA TYR B 686 -26.44 25.91 12.02
C TYR B 686 -27.84 26.03 11.36
N PHE B 687 -27.93 25.74 10.06
CA PHE B 687 -29.17 25.90 9.28
C PHE B 687 -30.31 25.06 9.81
N ARG B 688 -29.99 23.86 10.31
CA ARG B 688 -31.01 22.95 10.82
C ARG B 688 -31.66 23.36 12.12
N LEU B 689 -31.07 24.30 12.84
CA LEU B 689 -31.75 24.93 13.96
C LEU B 689 -32.94 25.71 13.48
N ASN B 690 -32.74 26.48 12.41
CA ASN B 690 -33.81 27.15 11.72
C ASN B 690 -34.85 26.18 11.14
N THR B 691 -34.41 25.02 10.67
CA THR B 691 -35.33 23.98 10.20
C THR B 691 -36.22 23.49 11.32
N LEU B 692 -35.62 23.21 12.47
CA LEU B 692 -36.39 22.78 13.64
C LEU B 692 -37.43 23.83 14.00
N ALA B 693 -37.01 25.09 14.08
CA ALA B 693 -37.92 26.23 14.24
C ALA B 693 -39.07 26.24 13.27
N SER B 694 -38.78 25.96 12.00
CA SER B 694 -39.83 25.91 10.96
C SER B 694 -40.87 24.79 11.16
N LEU B 695 -40.47 23.68 11.79
CA LEU B 695 -41.41 22.60 12.16
C LEU B 695 -42.24 22.85 13.42
N GLY B 696 -41.81 23.83 14.23
CA GLY B 696 -42.46 24.23 15.46
C GLY B 696 -41.71 23.96 16.76
N TYR B 697 -40.40 23.67 16.70
CA TYR B 697 -39.61 23.61 17.93
C TYR B 697 -39.10 24.99 18.28
N VAL B 698 -39.14 25.31 19.57
CA VAL B 698 -38.37 26.43 20.10
C VAL B 698 -36.94 25.90 20.17
N VAL B 699 -35.98 26.68 19.70
CA VAL B 699 -34.58 26.27 19.74
C VAL B 699 -33.77 27.28 20.54
N VAL B 700 -32.97 26.76 21.49
CA VAL B 700 -32.20 27.58 22.42
C VAL B 700 -30.74 27.15 22.38
N VAL B 701 -29.84 28.11 22.44
CA VAL B 701 -28.40 27.87 22.59
C VAL B 701 -27.86 28.84 23.64
N ILE B 702 -27.03 28.35 24.56
CA ILE B 702 -26.46 29.15 25.64
C ILE B 702 -24.96 28.84 25.74
N ASP B 703 -24.15 29.90 25.89
CA ASP B 703 -22.72 29.79 26.20
C ASP B 703 -22.57 29.90 27.70
N ASN B 704 -22.55 28.72 28.33
CA ASN B 704 -22.25 28.59 29.77
C ASN B 704 -20.80 28.95 30.13
N ARG B 705 -20.51 29.00 31.43
CA ARG B 705 -19.14 29.22 31.92
C ARG B 705 -18.24 28.11 31.46
N GLY B 706 -17.00 28.46 31.06
CA GLY B 706 -16.12 27.52 30.32
C GLY B 706 -15.91 27.87 28.84
N SER B 707 -16.95 28.45 28.24
CA SER B 707 -16.89 29.06 26.90
C SER B 707 -15.74 30.03 26.69
N CYS B 708 -15.45 30.23 25.42
CA CYS B 708 -14.33 31.02 24.92
C CYS B 708 -14.70 32.51 24.98
N HIS B 709 -13.65 33.35 24.90
CA HIS B 709 -13.76 34.79 24.64
C HIS B 709 -14.34 35.68 25.77
N ARG B 710 -14.37 35.14 26.98
CA ARG B 710 -14.79 35.88 28.17
C ARG B 710 -13.66 35.96 29.21
N GLY B 711 -12.44 35.54 28.86
CA GLY B 711 -11.29 35.57 29.75
C GLY B 711 -11.13 34.34 30.58
N LEU B 712 -10.00 34.28 31.24
CA LEU B 712 -9.53 33.06 31.88
C LEU B 712 -10.30 32.69 33.14
N LYS B 713 -10.77 33.67 33.91
CA LYS B 713 -11.57 33.38 35.11
C LYS B 713 -12.88 32.69 34.74
N PHE B 714 -13.54 33.25 33.72
CA PHE B 714 -14.74 32.66 33.12
C PHE B 714 -14.51 31.25 32.62
N GLU B 715 -13.45 31.09 31.84
CA GLU B 715 -13.07 29.78 31.28
C GLU B 715 -12.71 28.79 32.40
N GLY B 716 -12.02 29.31 33.43
CA GLY B 716 -11.57 28.57 34.58
C GLY B 716 -12.62 27.99 35.52
N ALA B 717 -13.86 28.46 35.40
CA ALA B 717 -14.97 28.02 36.24
C ALA B 717 -15.08 26.51 36.44
N PHE B 718 -14.82 25.71 35.39
CA PHE B 718 -14.87 24.25 35.53
C PHE B 718 -13.55 23.51 35.78
N LYS B 719 -12.44 24.21 36.10
CA LYS B 719 -11.20 23.51 36.47
C LYS B 719 -11.50 22.47 37.55
N TYR B 720 -11.06 21.24 37.29
CA TYR B 720 -11.34 20.07 38.13
C TYR B 720 -12.79 19.61 38.22
N LYS B 721 -13.73 20.30 37.60
CA LYS B 721 -15.17 20.18 37.90
C LYS B 721 -16.00 20.05 36.60
N MET B 722 -15.41 19.54 35.53
CA MET B 722 -16.14 19.37 34.28
C MET B 722 -17.37 18.48 34.48
N GLY B 723 -18.47 18.88 33.86
CA GLY B 723 -19.79 18.25 34.05
C GLY B 723 -20.63 18.75 35.20
N GLN B 724 -20.02 19.43 36.17
CA GLN B 724 -20.73 19.80 37.39
C GLN B 724 -21.42 21.17 37.36
N ILE B 725 -21.07 22.03 36.41
CA ILE B 725 -21.56 23.42 36.39
C ILE B 725 -22.37 23.85 35.18
N GLU B 726 -22.20 23.16 34.07
CA GLU B 726 -22.59 23.70 32.76
C GLU B 726 -24.11 23.63 32.61
N ILE B 727 -24.70 22.56 33.13
CA ILE B 727 -26.15 22.35 33.03
C ILE B 727 -26.91 23.33 33.93
N ASP B 728 -26.35 23.68 35.08
CA ASP B 728 -26.95 24.73 35.93
C ASP B 728 -27.08 26.07 35.17
N ASP B 729 -26.08 26.41 34.36
CA ASP B 729 -26.13 27.61 33.51
C ASP B 729 -27.20 27.48 32.42
N GLN B 730 -27.23 26.33 31.78
CA GLN B 730 -28.18 26.05 30.69
C GLN B 730 -29.62 26.09 31.17
N VAL B 731 -29.87 25.47 32.29
CA VAL B 731 -31.20 25.50 32.93
C VAL B 731 -31.59 26.91 33.39
N GLU B 732 -30.64 27.65 33.95
CA GLU B 732 -30.89 29.04 34.37
C GLU B 732 -31.36 29.89 33.18
N GLY B 733 -30.61 29.82 32.08
CA GLY B 733 -30.98 30.46 30.83
C GLY B 733 -32.33 30.04 30.31
N LEU B 734 -32.58 28.75 30.39
CA LEU B 734 -33.85 28.19 29.98
C LEU B 734 -35.02 28.70 30.79
N GLN B 735 -34.84 28.79 32.10
CA GLN B 735 -35.87 29.34 32.98
C GLN B 735 -36.05 30.84 32.87
N TYR B 736 -34.97 31.59 32.62
CA TYR B 736 -35.08 33.01 32.28
C TYR B 736 -36.01 33.18 31.08
N LEU B 737 -35.71 32.47 30.00
CA LEU B 737 -36.56 32.49 28.80
C LEU B 737 -38.00 32.09 29.07
N ALA B 738 -38.21 31.02 29.83
CA ALA B 738 -39.54 30.49 30.11
C ALA B 738 -40.45 31.44 30.89
N SER B 739 -39.88 32.20 31.84
CA SER B 739 -40.65 33.24 32.57
C SER B 739 -41.01 34.47 31.69
N ARG B 740 -40.11 34.78 30.75
CA ARG B 740 -40.29 35.89 29.79
C ARG B 740 -41.22 35.51 28.61
N TYR B 741 -41.17 34.26 28.15
CA TYR B 741 -41.88 33.80 26.95
C TYR B 741 -42.73 32.57 27.29
N ASP B 742 -44.04 32.79 27.39
CA ASP B 742 -44.95 31.70 27.74
C ASP B 742 -45.09 30.59 26.65
N PHE B 743 -44.66 30.86 25.41
CA PHE B 743 -44.61 29.81 24.36
C PHE B 743 -43.64 28.63 24.54
N ILE B 744 -42.73 28.68 25.50
CA ILE B 744 -41.84 27.55 25.82
C ILE B 744 -42.58 26.54 26.69
N ASP B 745 -42.79 25.31 26.19
CA ASP B 745 -43.35 24.21 27.00
C ASP B 745 -42.22 23.54 27.77
N LEU B 746 -42.14 23.82 29.08
CA LEU B 746 -41.11 23.20 29.94
C LEU B 746 -41.28 21.72 30.20
N ASP B 747 -42.50 21.21 30.04
CA ASP B 747 -42.72 19.75 30.08
C ASP B 747 -42.21 18.99 28.86
N ARG B 748 -41.78 19.69 27.80
CA ARG B 748 -41.26 19.06 26.59
C ARG B 748 -39.96 19.73 26.13
N VAL B 749 -38.92 19.60 26.95
CA VAL B 749 -37.58 20.10 26.61
C VAL B 749 -36.69 18.93 26.24
N GLY B 750 -35.99 19.10 25.12
CA GLY B 750 -34.99 18.17 24.63
C GLY B 750 -33.65 18.85 24.62
N ILE B 751 -32.60 18.04 24.56
CA ILE B 751 -31.24 18.53 24.46
C ILE B 751 -30.42 17.69 23.47
N HIS B 752 -29.52 18.33 22.74
CA HIS B 752 -28.73 17.69 21.71
C HIS B 752 -27.40 18.38 21.52
N GLY B 753 -26.36 17.59 21.41
CA GLY B 753 -25.04 18.08 21.09
C GLY B 753 -24.14 16.95 20.65
N TRP B 754 -23.07 17.36 19.98
CA TRP B 754 -21.97 16.50 19.57
C TRP B 754 -20.72 16.86 20.37
N SER B 755 -19.85 15.87 20.56
CA SER B 755 -18.55 16.04 21.16
C SER B 755 -18.77 16.47 22.62
N TYR B 756 -18.24 17.62 23.07
CA TYR B 756 -18.53 18.09 24.43
C TYR B 756 -20.03 18.28 24.64
N GLY B 757 -20.73 18.69 23.57
CA GLY B 757 -22.19 18.71 23.53
C GLY B 757 -22.90 17.42 23.82
N GLY B 758 -22.33 16.32 23.38
CA GLY B 758 -22.85 14.97 23.62
C GLY B 758 -22.65 14.62 25.07
N TYR B 759 -21.44 14.88 25.54
CA TYR B 759 -21.08 14.75 26.95
C TYR B 759 -22.09 15.44 27.86
N LEU B 760 -22.32 16.71 27.59
CA LEU B 760 -23.28 17.49 28.40
C LEU B 760 -24.72 17.09 28.18
N SER B 761 -25.07 16.58 26.99
CA SER B 761 -26.41 16.06 26.79
C SER B 761 -26.67 14.90 27.73
N LEU B 762 -25.66 14.05 27.91
CA LEU B 762 -25.81 12.94 28.86
C LEU B 762 -25.91 13.44 30.29
N MET B 763 -25.12 14.44 30.64
CA MET B 763 -25.15 15.02 31.99
C MET B 763 -26.47 15.68 32.31
N ALA B 764 -27.04 16.39 31.33
CA ALA B 764 -28.37 16.97 31.44
C ALA B 764 -29.41 15.93 31.84
N LEU B 765 -29.45 14.81 31.13
CA LEU B 765 -30.43 13.74 31.41
C LEU B 765 -30.23 13.08 32.76
N MET B 766 -28.98 12.98 33.14
CA MET B 766 -28.60 12.29 34.34
C MET B 766 -28.85 13.16 35.59
N GLN B 767 -28.38 14.41 35.54
CA GLN B 767 -28.56 15.40 36.60
C GLN B 767 -29.99 15.96 36.67
N ARG B 768 -30.60 16.27 35.52
CA ARG B 768 -31.83 17.06 35.44
C ARG B 768 -32.94 16.43 34.58
N SER B 769 -33.30 15.19 34.89
CA SER B 769 -34.40 14.49 34.21
C SER B 769 -35.75 15.13 34.44
N ASP B 770 -35.90 15.88 35.54
CA ASP B 770 -37.04 16.78 35.76
C ASP B 770 -37.27 17.83 34.65
N ILE B 771 -36.19 18.30 34.03
CA ILE B 771 -36.23 19.34 33.01
C ILE B 771 -36.08 18.80 31.60
N PHE B 772 -35.10 17.93 31.38
CA PHE B 772 -34.82 17.39 30.05
C PHE B 772 -35.51 16.08 29.85
N ARG B 773 -36.44 16.06 28.91
CA ARG B 773 -37.23 14.91 28.60
C ARG B 773 -36.49 13.90 27.70
N VAL B 774 -35.80 14.39 26.68
CA VAL B 774 -34.92 13.56 25.85
C VAL B 774 -33.55 14.19 25.70
N ALA B 775 -32.54 13.34 25.49
CA ALA B 775 -31.16 13.73 25.28
C ALA B 775 -30.64 12.95 24.08
N ILE B 776 -30.06 13.66 23.12
CA ILE B 776 -29.43 13.06 21.95
C ILE B 776 -27.96 13.42 22.03
N ALA B 777 -27.14 12.45 22.41
CA ALA B 777 -25.75 12.66 22.68
C ALA B 777 -24.91 12.04 21.57
N GLY B 778 -24.11 12.89 20.92
CA GLY B 778 -23.24 12.48 19.85
C GLY B 778 -21.79 12.47 20.22
N ALA B 779 -21.10 11.36 19.94
CA ALA B 779 -19.67 11.15 20.20
C ALA B 779 -19.19 11.69 21.57
N PRO B 780 -19.85 11.26 22.65
CA PRO B 780 -19.50 11.77 23.96
C PRO B 780 -18.28 11.09 24.53
N VAL B 781 -17.59 11.81 25.41
CA VAL B 781 -16.65 11.25 26.36
C VAL B 781 -17.53 10.82 27.53
N THR B 782 -17.47 9.53 27.85
CA THR B 782 -18.09 8.94 29.03
C THR B 782 -17.15 8.54 30.17
N LEU B 783 -15.84 8.61 29.95
CA LEU B 783 -14.85 8.33 30.99
C LEU B 783 -13.62 9.16 30.72
N TRP B 784 -13.39 10.17 31.55
CA TRP B 784 -12.23 11.03 31.39
C TRP B 784 -10.89 10.28 31.47
N ILE B 785 -10.83 9.13 32.18
CA ILE B 785 -9.59 8.33 32.21
C ILE B 785 -9.13 7.79 30.84
N PHE B 786 -10.07 7.68 29.90
CA PHE B 786 -9.77 7.27 28.52
C PHE B 786 -9.57 8.39 27.52
N TYR B 787 -9.84 9.65 27.90
CA TYR B 787 -9.46 10.76 27.03
C TYR B 787 -7.96 11.05 27.22
N ASP B 788 -7.39 11.96 26.43
CA ASP B 788 -5.94 12.07 26.31
C ASP B 788 -5.35 12.99 27.34
N THR B 789 -4.03 12.94 27.43
CA THR B 789 -3.27 13.74 28.35
C THR B 789 -3.45 15.23 28.17
N GLY B 790 -3.23 15.69 26.95
CA GLY B 790 -3.13 17.14 26.68
C GLY B 790 -4.37 17.95 27.01
N TYR B 791 -5.53 17.39 26.69
CA TYR B 791 -6.80 18.04 26.98
C TYR B 791 -7.14 17.80 28.44
N THR B 792 -7.22 16.53 28.80
CA THR B 792 -7.86 16.13 30.05
C THR B 792 -7.15 16.68 31.28
N GLU B 793 -5.83 16.59 31.30
CA GLU B 793 -5.03 17.05 32.43
C GLU B 793 -4.98 18.55 32.53
N ARG B 794 -5.15 19.24 31.41
CA ARG B 794 -5.20 20.71 31.41
C ARG B 794 -6.39 21.18 32.24
N TYR B 795 -7.57 20.62 31.97
CA TYR B 795 -8.83 21.04 32.58
C TYR B 795 -9.18 20.27 33.85
N MET B 796 -8.74 19.02 33.97
CA MET B 796 -9.08 18.17 35.14
C MET B 796 -7.94 17.75 36.04
N GLY B 797 -6.71 18.18 35.76
CA GLY B 797 -5.52 17.78 36.53
C GLY B 797 -5.22 16.31 36.40
N HIS B 798 -4.27 15.85 37.22
CA HIS B 798 -3.88 14.46 37.25
C HIS B 798 -5.01 13.65 37.92
N PRO B 799 -5.40 12.50 37.33
CA PRO B 799 -6.50 11.69 37.92
C PRO B 799 -6.36 11.23 39.36
N ASP B 800 -5.13 11.00 39.79
CA ASP B 800 -4.83 10.59 41.16
C ASP B 800 -5.05 11.69 42.20
N GLN B 801 -4.99 12.94 41.75
CA GLN B 801 -5.18 14.10 42.62
C GLN B 801 -6.55 14.72 42.45
N ASN B 802 -7.42 14.13 41.62
CA ASN B 802 -8.78 14.63 41.50
C ASN B 802 -9.76 13.50 41.25
N GLU B 803 -9.78 12.54 42.17
CA GLU B 803 -10.66 11.39 42.06
C GLU B 803 -12.12 11.76 41.99
N GLN B 804 -12.57 12.72 42.82
CA GLN B 804 -13.98 13.23 42.77
C GLN B 804 -14.37 13.86 41.45
N GLY B 805 -13.46 14.68 40.91
CA GLY B 805 -13.69 15.34 39.65
C GLY B 805 -13.86 14.35 38.51
N TYR B 806 -12.92 13.41 38.46
CA TYR B 806 -12.99 12.37 37.44
C TYR B 806 -14.26 11.51 37.59
N TYR B 807 -14.62 11.16 38.82
CA TYR B 807 -15.82 10.35 39.06
C TYR B 807 -17.05 11.11 38.60
N LEU B 808 -17.25 12.31 39.14
CA LEU B 808 -18.47 13.07 38.89
C LEU B 808 -18.58 13.54 37.44
N GLY B 809 -17.43 13.78 36.81
CA GLY B 809 -17.38 14.07 35.40
C GLY B 809 -17.57 12.95 34.43
N SER B 810 -17.54 11.72 34.91
CA SER B 810 -17.53 10.53 34.06
C SER B 810 -18.89 9.87 34.11
N VAL B 811 -19.62 10.04 33.01
CA VAL B 811 -20.98 9.50 32.84
C VAL B 811 -21.07 8.00 33.14
N ALA B 812 -20.12 7.22 32.59
CA ALA B 812 -20.13 5.76 32.69
C ALA B 812 -19.94 5.21 34.09
N MET B 813 -19.30 5.99 34.96
CA MET B 813 -19.27 5.70 36.38
C MET B 813 -20.58 5.93 37.12
N GLN B 814 -21.61 6.47 36.45
CA GLN B 814 -22.85 6.94 37.08
C GLN B 814 -24.11 6.49 36.31
N ALA B 815 -24.04 5.30 35.73
CA ALA B 815 -25.12 4.78 34.89
C ALA B 815 -26.43 4.60 35.64
N GLU B 816 -26.34 4.26 36.93
CA GLU B 816 -27.50 4.22 37.85
C GLU B 816 -28.39 5.47 37.87
N LYS B 817 -27.80 6.64 37.57
CA LYS B 817 -28.50 7.92 37.52
C LYS B 817 -29.29 8.19 36.22
N PHE B 818 -29.18 7.34 35.22
CA PHE B 818 -30.00 7.48 34.00
C PHE B 818 -31.46 7.08 34.26
N PRO B 819 -32.38 7.47 33.36
CA PRO B 819 -33.77 7.09 33.55
C PRO B 819 -34.08 5.64 33.25
N SER B 820 -35.10 5.15 33.94
CA SER B 820 -35.69 3.83 33.71
C SER B 820 -36.88 3.87 32.72
N GLU B 821 -36.98 4.92 31.91
CA GLU B 821 -37.98 5.02 30.86
C GLU B 821 -37.23 5.04 29.55
N PRO B 822 -37.74 4.30 28.56
CA PRO B 822 -37.16 4.42 27.20
C PRO B 822 -37.61 5.68 26.48
N ASN B 823 -37.07 5.89 25.29
CA ASN B 823 -37.38 7.07 24.44
C ASN B 823 -36.96 8.40 25.05
N ARG B 824 -35.89 8.35 25.83
CA ARG B 824 -35.25 9.52 26.39
C ARG B 824 -33.78 9.65 26.02
N LEU B 825 -33.06 8.54 25.90
CA LEU B 825 -31.63 8.57 25.63
C LEU B 825 -31.36 7.99 24.27
N LEU B 826 -30.72 8.79 23.42
CA LEU B 826 -30.26 8.36 22.11
C LEU B 826 -28.79 8.67 22.02
N LEU B 827 -27.98 7.65 21.74
CA LEU B 827 -26.55 7.79 21.53
C LEU B 827 -26.20 7.71 20.07
N LEU B 828 -25.31 8.58 19.63
CA LEU B 828 -24.82 8.61 18.24
C LEU B 828 -23.32 8.54 18.30
N HIS B 829 -22.66 7.81 17.41
CA HIS B 829 -21.20 7.69 17.45
C HIS B 829 -20.61 7.22 16.12
N GLY B 830 -19.53 7.89 15.70
CA GLY B 830 -18.73 7.46 14.56
C GLY B 830 -17.95 6.22 14.95
N PHE B 831 -18.13 5.13 14.23
CA PHE B 831 -17.54 3.86 14.59
C PHE B 831 -16.02 3.82 14.47
N LEU B 832 -15.49 4.64 13.58
CA LEU B 832 -14.07 4.72 13.29
C LEU B 832 -13.31 5.81 14.05
N ASP B 833 -13.94 6.39 15.07
CA ASP B 833 -13.48 7.59 15.76
C ASP B 833 -12.23 7.21 16.57
N GLU B 834 -11.10 7.83 16.23
CA GLU B 834 -9.77 7.64 16.85
C GLU B 834 -9.44 8.66 17.93
N ASN B 835 -10.29 9.68 18.05
CA ASN B 835 -10.14 10.75 19.01
C ASN B 835 -10.96 10.37 20.25
N VAL B 836 -12.28 10.38 20.12
CA VAL B 836 -13.19 9.84 21.14
C VAL B 836 -13.54 8.42 20.73
N HIS B 837 -12.75 7.43 21.19
CA HIS B 837 -12.90 6.02 20.81
C HIS B 837 -14.34 5.57 21.01
N PHE B 838 -14.82 4.66 20.16
CA PHE B 838 -16.17 4.11 20.32
C PHE B 838 -16.42 3.43 21.67
N ALA B 839 -15.35 3.13 22.40
CA ALA B 839 -15.39 2.47 23.70
C ALA B 839 -16.03 3.33 24.75
N HIS B 840 -15.94 4.66 24.61
CA HIS B 840 -16.73 5.60 25.40
C HIS B 840 -18.22 5.22 25.37
N THR B 841 -18.72 4.96 24.17
CA THR B 841 -20.10 4.51 24.01
C THR B 841 -20.26 3.04 24.43
N SER B 842 -19.40 2.16 23.97
CA SER B 842 -19.59 0.72 24.28
C SER B 842 -19.50 0.43 25.81
N ILE B 843 -18.63 1.15 26.52
CA ILE B 843 -18.50 1.05 28.00
C ILE B 843 -19.76 1.61 28.68
N LEU B 844 -20.26 2.74 28.20
CA LEU B 844 -21.47 3.31 28.75
C LEU B 844 -22.61 2.32 28.64
N LEU B 845 -22.73 1.75 27.44
CA LEU B 845 -23.72 0.73 27.18
C LEU B 845 -23.55 -0.47 28.06
N SER B 846 -22.31 -0.89 28.27
CA SER B 846 -22.01 -1.98 29.19
C SER B 846 -22.64 -1.78 30.56
N PHE B 847 -22.50 -0.58 31.10
CA PHE B 847 -23.08 -0.20 32.41
C PHE B 847 -24.56 0.05 32.42
N LEU B 848 -25.07 0.66 31.37
CA LEU B 848 -26.51 0.75 31.17
C LEU B 848 -27.19 -0.61 31.14
N VAL B 849 -26.57 -1.57 30.49
CA VAL B 849 -27.09 -2.93 30.43
C VAL B 849 -27.09 -3.56 31.82
N ARG B 850 -25.99 -3.45 32.56
CA ARG B 850 -25.94 -3.95 33.95
C ARG B 850 -26.97 -3.29 34.87
N ALA B 851 -27.13 -1.98 34.69
CA ALA B 851 -28.12 -1.20 35.40
C ALA B 851 -29.58 -1.40 34.96
N GLY B 852 -29.84 -2.14 33.88
CA GLY B 852 -31.19 -2.39 33.41
C GLY B 852 -31.85 -1.16 32.76
N LYS B 853 -31.07 -0.21 32.22
CA LYS B 853 -31.65 1.03 31.68
C LYS B 853 -31.76 0.91 30.15
N PRO B 854 -32.86 1.43 29.56
CA PRO B 854 -32.98 1.44 28.11
C PRO B 854 -32.14 2.53 27.45
N TYR B 855 -31.81 2.35 26.18
CA TYR B 855 -31.11 3.33 25.34
C TYR B 855 -31.50 3.08 23.90
N ASP B 856 -31.32 4.11 23.09
CA ASP B 856 -31.34 3.97 21.64
C ASP B 856 -29.93 4.31 21.15
N LEU B 857 -29.55 3.71 20.04
CA LEU B 857 -28.23 3.84 19.50
C LEU B 857 -28.25 3.90 17.97
N GLN B 858 -27.47 4.82 17.42
CA GLN B 858 -27.14 4.86 16.00
C GLN B 858 -25.64 4.98 15.88
N ILE B 859 -25.09 4.21 14.95
CA ILE B 859 -23.69 4.20 14.60
C ILE B 859 -23.56 4.73 13.17
N TYR B 860 -22.44 5.39 12.89
CA TYR B 860 -22.07 5.85 11.57
C TYR B 860 -20.79 5.10 11.26
N PRO B 861 -20.92 3.92 10.62
CA PRO B 861 -19.73 3.09 10.39
C PRO B 861 -18.64 3.62 9.48
N GLN B 862 -18.93 4.66 8.69
CA GLN B 862 -17.91 5.29 7.86
C GLN B 862 -17.27 6.54 8.45
N GLU B 863 -17.61 6.90 9.69
CA GLU B 863 -17.25 8.18 10.29
C GLU B 863 -16.36 8.11 11.52
N ARG B 864 -15.56 9.18 11.67
CA ARG B 864 -14.61 9.36 12.73
C ARG B 864 -15.23 10.41 13.67
N HIS B 865 -14.47 11.42 14.16
CA HIS B 865 -15.04 12.49 14.98
C HIS B 865 -15.43 13.67 14.10
N SER B 866 -16.34 13.36 13.18
CA SER B 866 -16.74 14.26 12.07
C SER B 866 -17.69 13.49 11.16
N ILE B 867 -18.47 14.22 10.37
CA ILE B 867 -19.29 13.63 9.33
C ILE B 867 -18.78 14.13 8.00
N ARG B 868 -18.10 13.26 7.28
CA ARG B 868 -17.51 13.51 5.98
C ARG B 868 -18.17 12.82 4.78
N VAL B 869 -19.01 11.82 5.02
CA VAL B 869 -19.74 11.15 3.95
C VAL B 869 -21.15 11.76 3.99
N PRO B 870 -21.58 12.45 2.91
CA PRO B 870 -22.90 13.12 2.90
C PRO B 870 -24.09 12.28 3.31
N GLU B 871 -24.08 11.02 2.90
CA GLU B 871 -25.14 10.06 3.22
C GLU B 871 -25.29 9.83 4.70
N SER B 872 -24.17 9.85 5.42
CA SER B 872 -24.17 9.71 6.88
C SER B 872 -24.86 10.89 7.52
N GLY B 873 -24.55 12.09 7.04
CA GLY B 873 -25.18 13.31 7.53
C GLY B 873 -26.65 13.37 7.21
N GLU B 874 -27.00 13.03 5.98
CA GLU B 874 -28.41 12.91 5.57
C GLU B 874 -29.18 11.99 6.51
N HIS B 875 -28.57 10.87 6.87
CA HIS B 875 -29.21 9.89 7.75
C HIS B 875 -29.39 10.41 9.15
N TYR B 876 -28.32 10.95 9.68
CA TYR B 876 -28.30 11.61 11.00
C TYR B 876 -29.39 12.67 11.15
N GLU B 877 -29.43 13.63 10.24
CA GLU B 877 -30.43 14.72 10.26
C GLU B 877 -31.83 14.15 10.21
N LEU B 878 -32.03 13.17 9.34
CA LEU B 878 -33.33 12.48 9.22
C LEU B 878 -33.74 11.78 10.50
N HIS B 879 -32.82 10.99 11.04
CA HIS B 879 -33.07 10.31 12.27
C HIS B 879 -33.35 11.25 13.43
N LEU B 880 -32.57 12.33 13.52
CA LEU B 880 -32.75 13.34 14.57
C LEU B 880 -34.14 13.94 14.56
N LEU B 881 -34.54 14.45 13.40
CA LEU B 881 -35.88 15.02 13.25
C LEU B 881 -36.98 14.03 13.54
N HIS B 882 -36.81 12.82 13.05
CA HIS B 882 -37.75 11.76 13.34
C HIS B 882 -37.82 11.41 14.83
N TYR B 883 -36.67 11.32 15.50
CA TYR B 883 -36.63 10.98 16.95
C TYR B 883 -37.33 12.03 17.78
N LEU B 884 -37.03 13.30 17.48
CA LEU B 884 -37.67 14.43 18.15
C LEU B 884 -39.17 14.49 17.89
N GLN B 885 -39.56 14.24 16.65
CA GLN B 885 -40.97 14.14 16.28
C GLN B 885 -41.71 13.10 17.11
N GLU B 886 -41.16 11.90 17.13
CA GLU B 886 -41.84 10.74 17.71
C GLU B 886 -41.78 10.72 19.21
N ASN B 887 -40.75 11.31 19.81
CA ASN B 887 -40.54 11.26 21.27
C ASN B 887 -40.58 12.58 22.04
N LEU B 888 -40.77 13.72 21.34
CA LEU B 888 -40.90 15.06 21.99
C LEU B 888 -42.04 15.93 21.45
N GLY B 889 -42.04 16.14 20.14
CA GLY B 889 -42.86 17.17 19.51
C GLY B 889 -44.27 16.82 19.08
N SER B 890 -44.50 15.60 18.60
CA SER B 890 -45.78 15.23 18.00
C SER B 890 -46.86 14.92 19.03
N ARG B 891 -48.09 14.79 18.51
CA ARG B 891 -49.24 14.35 19.33
C ARG B 891 -48.96 12.93 19.85
N ILE B 892 -48.56 12.04 18.93
CA ILE B 892 -48.25 10.65 19.30
C ILE B 892 -47.16 10.53 20.38
N ALA B 893 -46.18 11.43 20.39
CA ALA B 893 -45.18 11.50 21.48
C ALA B 893 -45.80 11.69 22.87
N ALA B 894 -46.71 12.65 22.97
CA ALA B 894 -47.45 12.90 24.22
C ALA B 894 -48.32 11.74 24.64
N LEU B 895 -48.92 11.10 23.63
CA LEU B 895 -49.86 10.01 23.84
C LEU B 895 -49.18 8.72 24.32
N LYS B 896 -47.89 8.55 24.05
CA LYS B 896 -47.15 7.33 24.45
C LYS B 896 -46.30 7.46 25.73
N VAL B 897 -46.48 8.52 26.49
CA VAL B 897 -45.52 8.89 27.52
C VAL B 897 -45.69 8.18 28.90
N ILE B 898 -46.76 7.42 29.07
CA ILE B 898 -46.95 6.60 30.28
C ILE B 898 -46.58 5.23 29.78
N LYS C 47 -66.35 -9.98 10.60
CA LYS C 47 -64.92 -9.78 11.01
C LYS C 47 -64.74 -9.70 12.54
N LEU C 48 -63.47 -9.84 12.97
CA LEU C 48 -63.04 -9.91 14.38
C LEU C 48 -62.35 -8.62 14.84
N GLU C 49 -62.41 -8.34 16.16
CA GLU C 49 -61.75 -7.16 16.76
C GLU C 49 -60.29 -7.50 17.12
N PRO C 50 -59.33 -6.56 16.88
CA PRO C 50 -57.96 -6.87 17.33
C PRO C 50 -57.85 -6.82 18.86
N PHE C 51 -57.18 -7.81 19.45
CA PHE C 51 -56.74 -7.76 20.83
C PHE C 51 -55.47 -6.94 20.90
N TYR C 52 -55.44 -5.99 21.83
CA TYR C 52 -54.21 -5.26 22.15
C TYR C 52 -53.61 -5.75 23.48
N VAL C 53 -52.30 -6.04 23.48
CA VAL C 53 -51.59 -6.42 24.70
C VAL C 53 -51.58 -5.24 25.67
N GLU C 54 -51.58 -5.56 26.95
CA GLU C 54 -51.52 -4.54 28.00
C GLU C 54 -50.17 -3.83 27.91
N ARG C 55 -50.22 -2.51 28.07
CA ARG C 55 -49.07 -1.64 27.91
C ARG C 55 -48.45 -1.41 29.28
N TYR C 56 -47.40 -2.17 29.52
CA TYR C 56 -46.57 -2.05 30.70
C TYR C 56 -45.44 -1.04 30.47
N SER C 57 -45.03 -0.35 31.52
CA SER C 57 -43.78 0.44 31.52
C SER C 57 -42.60 -0.50 31.54
N TRP C 58 -41.44 0.07 31.27
CA TRP C 58 -40.16 -0.66 31.26
C TRP C 58 -39.88 -1.30 32.62
N SER C 59 -40.09 -0.52 33.68
CA SER C 59 -39.94 -0.97 35.07
C SER C 59 -40.92 -2.07 35.45
N GLN C 60 -42.18 -1.91 35.07
CA GLN C 60 -43.22 -2.94 35.28
C GLN C 60 -42.88 -4.23 34.60
N LEU C 61 -42.42 -4.13 33.35
CA LEU C 61 -41.95 -5.29 32.63
C LEU C 61 -40.75 -5.97 33.23
N LYS C 62 -39.85 -5.20 33.81
CA LYS C 62 -38.66 -5.70 34.50
C LYS C 62 -39.07 -6.56 35.69
N LYS C 63 -40.03 -6.05 36.49
CA LYS C 63 -40.65 -6.81 37.62
C LYS C 63 -41.32 -8.09 37.10
N LEU C 64 -42.24 -7.94 36.15
CA LEU C 64 -42.97 -9.05 35.56
C LEU C 64 -42.05 -10.19 35.12
N LEU C 65 -40.98 -9.83 34.44
CA LEU C 65 -39.96 -10.76 34.00
C LEU C 65 -39.19 -11.42 35.13
N ALA C 66 -38.82 -10.62 36.12
CA ALA C 66 -38.12 -11.11 37.30
C ALA C 66 -38.97 -12.09 38.13
N ASP C 67 -40.21 -11.69 38.41
CA ASP C 67 -41.21 -12.56 39.10
C ASP C 67 -41.41 -13.92 38.45
N THR C 68 -41.55 -13.96 37.14
CA THR C 68 -41.77 -15.22 36.39
C THR C 68 -40.54 -16.12 36.30
N ARG C 69 -39.35 -15.57 36.53
CA ARG C 69 -38.09 -16.32 36.61
C ARG C 69 -37.70 -16.75 38.07
N LYS C 70 -38.33 -16.19 39.12
CA LYS C 70 -38.09 -16.52 40.58
C LYS C 70 -38.26 -18.02 40.94
N TYR C 71 -39.47 -18.56 40.81
CA TYR C 71 -39.73 -20.03 40.95
C TYR C 71 -38.92 -20.89 39.94
N HIS C 72 -38.68 -20.35 38.73
CA HIS C 72 -37.96 -21.06 37.64
C HIS C 72 -36.40 -21.08 37.78
N GLY C 73 -35.82 -20.62 38.91
CA GLY C 73 -34.36 -20.73 39.18
C GLY C 73 -33.77 -22.12 39.42
N TYR C 74 -34.57 -23.07 39.91
CA TYR C 74 -34.17 -24.49 40.08
C TYR C 74 -33.75 -25.15 38.78
N MET C 75 -34.54 -24.90 37.72
CA MET C 75 -34.37 -25.58 36.42
C MET C 75 -33.05 -25.27 35.65
N MET C 76 -32.40 -24.14 35.97
CA MET C 76 -31.11 -23.76 35.36
C MET C 76 -29.95 -24.47 36.12
N ALA C 77 -29.75 -25.75 35.81
CA ALA C 77 -28.78 -26.66 36.53
C ALA C 77 -28.51 -27.96 35.74
N LYS C 78 -27.23 -28.28 35.46
CA LYS C 78 -26.88 -29.41 34.56
C LYS C 78 -27.37 -30.74 35.09
N ALA C 79 -28.13 -31.44 34.22
CA ALA C 79 -28.52 -32.80 34.49
C ALA C 79 -27.27 -33.69 34.41
N PRO C 80 -27.27 -34.78 35.19
CA PRO C 80 -26.21 -35.77 35.12
C PRO C 80 -25.79 -36.17 33.70
N HIS C 81 -24.49 -36.19 33.45
CA HIS C 81 -23.91 -36.60 32.17
C HIS C 81 -22.46 -37.16 32.33
N ASP C 82 -21.86 -37.61 31.22
CA ASP C 82 -20.57 -38.29 31.17
C ASP C 82 -20.55 -39.44 32.14
N PHE C 83 -21.49 -40.35 31.90
CA PHE C 83 -21.62 -41.53 32.75
C PHE C 83 -20.50 -42.54 32.51
N MET C 84 -20.13 -43.25 33.57
CA MET C 84 -19.22 -44.37 33.47
C MET C 84 -19.60 -45.37 34.54
N PHE C 85 -19.71 -46.64 34.14
CA PHE C 85 -20.09 -47.71 35.06
C PHE C 85 -18.85 -48.50 35.41
N VAL C 86 -18.66 -48.74 36.71
CA VAL C 86 -17.53 -49.53 37.20
C VAL C 86 -18.06 -50.63 38.10
N LYS C 87 -17.66 -51.87 37.81
CA LYS C 87 -18.10 -53.02 38.58
C LYS C 87 -17.43 -53.04 39.94
N ARG C 88 -18.23 -53.35 40.95
CA ARG C 88 -17.76 -53.50 42.30
C ARG C 88 -17.01 -54.80 42.57
N ASN C 89 -17.40 -55.89 41.90
CA ASN C 89 -16.76 -57.21 42.05
C ASN C 89 -16.59 -57.60 43.53
N ASP C 90 -17.68 -57.49 44.28
CA ASP C 90 -17.69 -57.84 45.70
C ASP C 90 -18.88 -58.76 45.88
N PRO C 91 -18.66 -60.09 45.83
CA PRO C 91 -19.80 -61.01 45.94
C PRO C 91 -20.62 -60.94 47.23
N ASP C 92 -20.02 -60.53 48.34
CA ASP C 92 -20.76 -60.33 49.63
C ASP C 92 -21.48 -58.98 49.77
N GLY C 93 -21.10 -57.99 48.97
CA GLY C 93 -21.65 -56.64 49.07
C GLY C 93 -22.99 -56.46 48.35
N PRO C 94 -23.74 -55.38 48.69
CA PRO C 94 -25.04 -55.13 48.08
C PRO C 94 -25.04 -54.48 46.69
N HIS C 95 -23.91 -53.97 46.19
CA HIS C 95 -23.88 -53.18 44.94
C HIS C 95 -23.14 -53.89 43.83
N SER C 96 -23.74 -53.88 42.63
CA SER C 96 -23.13 -54.45 41.44
C SER C 96 -22.15 -53.48 40.82
N ASP C 97 -22.58 -52.23 40.72
CA ASP C 97 -21.82 -51.15 40.10
C ASP C 97 -21.81 -49.89 40.97
N ARG C 98 -20.83 -49.05 40.66
CA ARG C 98 -20.81 -47.64 40.97
C ARG C 98 -20.83 -46.92 39.66
N ILE C 99 -21.74 -45.96 39.53
CA ILE C 99 -21.76 -45.10 38.34
C ILE C 99 -21.18 -43.78 38.77
N TYR C 100 -20.34 -43.20 37.91
CA TYR C 100 -19.79 -41.88 38.08
C TYR C 100 -20.33 -40.98 36.98
N TYR C 101 -20.55 -39.71 37.32
CA TYR C 101 -21.09 -38.72 36.38
C TYR C 101 -20.75 -37.30 36.80
N LEU C 102 -20.89 -36.38 35.86
CA LEU C 102 -20.78 -34.94 36.09
C LEU C 102 -22.16 -34.37 36.24
N ALA C 103 -22.32 -33.46 37.17
CA ALA C 103 -23.57 -32.70 37.33
C ALA C 103 -23.33 -31.47 38.15
N MET C 104 -24.34 -30.59 38.24
CA MET C 104 -24.43 -29.56 39.27
C MET C 104 -25.48 -29.99 40.31
N SER C 105 -25.11 -29.91 41.59
CA SER C 105 -26.04 -30.27 42.69
C SER C 105 -27.30 -29.35 42.79
N GLY C 106 -27.14 -28.07 42.44
CA GLY C 106 -28.27 -27.12 42.28
C GLY C 106 -27.91 -25.86 41.48
N GLU C 107 -28.72 -24.79 41.64
CA GLU C 107 -28.48 -23.48 41.01
C GLU C 107 -27.30 -22.74 41.71
N ASN C 108 -26.55 -21.96 40.93
CA ASN C 108 -25.40 -21.16 41.42
C ASN C 108 -24.28 -22.03 42.06
N ARG C 109 -23.99 -23.17 41.43
CA ARG C 109 -23.17 -24.25 42.03
C ARG C 109 -22.36 -24.98 40.96
N GLU C 110 -21.14 -25.41 41.28
CA GLU C 110 -20.19 -25.87 40.25
C GLU C 110 -20.52 -27.28 39.73
N ASN C 111 -20.11 -27.50 38.49
CA ASN C 111 -20.28 -28.78 37.80
C ASN C 111 -19.12 -29.64 38.30
N THR C 112 -19.43 -30.81 38.87
CA THR C 112 -18.41 -31.65 39.48
C THR C 112 -18.78 -33.14 39.39
N LEU C 113 -17.82 -33.97 39.79
CA LEU C 113 -17.99 -35.40 39.80
C LEU C 113 -18.78 -35.87 41.00
N PHE C 114 -19.80 -36.68 40.69
CA PHE C 114 -20.56 -37.44 41.63
C PHE C 114 -20.45 -38.94 41.32
N TYR C 115 -20.87 -39.74 42.30
CA TYR C 115 -21.14 -41.16 42.09
C TYR C 115 -22.42 -41.61 42.79
N SER C 116 -23.01 -42.68 42.28
CA SER C 116 -24.14 -43.39 42.93
C SER C 116 -23.88 -44.89 42.92
N GLU C 117 -24.53 -45.59 43.83
CA GLU C 117 -24.35 -47.03 44.01
C GLU C 117 -25.53 -47.76 43.37
N ILE C 118 -25.28 -48.62 42.38
CA ILE C 118 -26.31 -49.44 41.75
C ILE C 118 -26.43 -50.75 42.56
N PRO C 119 -27.59 -51.01 43.20
CA PRO C 119 -27.73 -52.27 43.93
C PRO C 119 -27.93 -53.50 43.04
N LYS C 120 -27.47 -54.65 43.54
CA LYS C 120 -27.72 -55.96 42.94
C LYS C 120 -29.19 -56.31 42.77
N THR C 121 -30.02 -55.87 43.72
CA THR C 121 -31.46 -56.12 43.72
C THR C 121 -32.23 -54.86 44.14
N ILE C 122 -33.50 -54.79 43.75
CA ILE C 122 -34.40 -53.70 44.14
C ILE C 122 -35.70 -54.25 44.70
N ASN C 123 -36.36 -53.48 45.55
CA ASN C 123 -37.74 -53.70 45.91
C ASN C 123 -38.59 -53.13 44.77
N ARG C 124 -39.27 -54.00 44.05
CA ARG C 124 -40.08 -53.62 42.88
C ARG C 124 -41.45 -53.03 43.23
N ALA C 125 -41.89 -53.19 44.50
CA ALA C 125 -43.01 -52.44 45.08
C ALA C 125 -42.78 -50.92 45.14
N ALA C 126 -41.52 -50.51 45.27
CA ALA C 126 -41.11 -49.11 45.46
C ALA C 126 -40.34 -48.60 44.26
N VAL C 127 -39.98 -47.32 44.32
CA VAL C 127 -39.11 -46.65 43.35
C VAL C 127 -37.85 -46.17 44.10
N LEU C 128 -36.69 -46.63 43.63
CA LEU C 128 -35.42 -46.24 44.24
C LEU C 128 -34.94 -44.93 43.66
N MET C 129 -34.77 -43.90 44.51
CA MET C 129 -34.07 -42.66 44.14
C MET C 129 -32.64 -42.82 44.58
N LEU C 130 -31.70 -42.75 43.65
CA LEU C 130 -30.27 -42.87 44.00
C LEU C 130 -29.76 -41.59 44.65
N SER C 131 -29.00 -41.73 45.74
CA SER C 131 -28.26 -40.63 46.37
C SER C 131 -27.11 -40.26 45.44
N TRP C 132 -26.86 -38.94 45.30
CA TRP C 132 -25.69 -38.39 44.63
C TRP C 132 -24.64 -38.16 45.71
N LYS C 133 -23.58 -38.96 45.66
CA LYS C 133 -22.47 -38.85 46.63
C LYS C 133 -21.36 -38.07 45.89
N PRO C 134 -20.83 -36.98 46.49
CA PRO C 134 -19.72 -36.29 45.80
C PRO C 134 -18.42 -37.05 45.81
N LEU C 135 -17.78 -37.17 44.64
CA LEU C 135 -16.48 -37.81 44.54
C LEU C 135 -15.38 -36.91 45.08
N LEU C 136 -15.48 -35.59 44.88
CA LEU C 136 -14.39 -34.65 45.18
C LEU C 136 -14.66 -33.74 46.34
N ASP C 137 -13.61 -33.35 47.05
CA ASP C 137 -13.62 -32.21 48.00
C ASP C 137 -12.62 -31.20 47.40
N LEU C 138 -13.15 -30.15 46.78
CA LEU C 138 -12.32 -29.21 46.00
C LEU C 138 -12.86 -27.79 46.03
N TYR C 148 -11.37 -17.17 33.97
CA TYR C 148 -10.92 -17.98 32.87
C TYR C 148 -9.87 -17.31 31.98
N SER C 149 -8.89 -18.11 31.55
CA SER C 149 -7.93 -17.69 30.50
C SER C 149 -8.64 -17.52 29.17
N ARG C 150 -7.95 -16.88 28.21
CA ARG C 150 -8.46 -16.74 26.85
C ARG C 150 -8.71 -18.09 26.21
N GLU C 151 -7.77 -19.01 26.43
CA GLU C 151 -7.85 -20.37 25.89
C GLU C 151 -9.08 -21.14 26.40
N GLU C 152 -9.38 -21.02 27.69
CA GLU C 152 -10.60 -21.59 28.27
C GLU C 152 -11.87 -20.91 27.75
N GLU C 153 -11.92 -19.57 27.79
CA GLU C 153 -13.06 -18.77 27.28
C GLU C 153 -13.49 -19.22 25.89
N LEU C 154 -12.50 -19.31 25.00
CA LEU C 154 -12.72 -19.69 23.61
C LEU C 154 -13.17 -21.12 23.47
N LEU C 155 -12.46 -22.05 24.12
CA LEU C 155 -12.90 -23.47 24.12
C LEU C 155 -14.35 -23.65 24.57
N ARG C 156 -14.75 -22.88 25.56
CA ARG C 156 -16.12 -22.91 26.07
C ARG C 156 -17.12 -22.43 25.07
N GLU C 157 -16.79 -21.36 24.33
CA GLU C 157 -17.60 -20.93 23.16
C GLU C 157 -17.70 -22.00 22.08
N ARG C 158 -16.57 -22.62 21.74
CA ARG C 158 -16.54 -23.63 20.68
C ARG C 158 -17.34 -24.89 21.05
N LYS C 159 -17.21 -25.33 22.30
CA LYS C 159 -17.99 -26.47 22.82
C LYS C 159 -19.41 -26.10 23.21
N ARG C 160 -19.71 -24.80 23.35
CA ARG C 160 -21.01 -24.29 23.80
C ARG C 160 -21.36 -24.70 25.24
N ILE C 161 -20.38 -24.78 26.13
CA ILE C 161 -20.64 -25.18 27.53
C ILE C 161 -20.79 -23.95 28.42
N GLY C 162 -21.81 -23.96 29.28
CA GLY C 162 -22.15 -22.82 30.16
C GLY C 162 -21.82 -23.00 31.63
N THR C 163 -21.01 -23.99 31.96
CA THR C 163 -20.93 -24.51 33.31
C THR C 163 -19.56 -24.20 33.87
N VAL C 164 -19.52 -23.88 35.16
CA VAL C 164 -18.31 -23.63 35.88
C VAL C 164 -17.83 -24.99 36.38
N GLY C 165 -16.53 -25.26 36.25
CA GLY C 165 -15.88 -26.32 37.02
C GLY C 165 -15.32 -27.35 36.09
N ILE C 166 -15.69 -28.61 36.31
CA ILE C 166 -15.11 -29.69 35.51
C ILE C 166 -16.05 -29.86 34.36
N ALA C 167 -15.51 -29.74 33.16
CA ALA C 167 -16.28 -29.93 31.93
C ALA C 167 -16.19 -31.35 31.43
N SER C 168 -15.07 -32.02 31.70
CA SER C 168 -14.86 -33.41 31.33
C SER C 168 -13.74 -34.05 32.14
N TYR C 169 -13.63 -35.37 32.00
CA TYR C 169 -12.65 -36.16 32.70
C TYR C 169 -12.27 -37.37 31.88
N ASP C 170 -11.10 -37.90 32.22
CA ASP C 170 -10.55 -39.13 31.68
C ASP C 170 -10.49 -40.09 32.85
N TYR C 171 -10.44 -41.37 32.53
CA TYR C 171 -10.35 -42.47 33.54
C TYR C 171 -9.52 -43.61 32.95
N HIS C 172 -8.73 -44.28 33.79
CA HIS C 172 -8.01 -45.49 33.39
C HIS C 172 -8.48 -46.61 34.31
N GLN C 173 -9.18 -47.59 33.72
CA GLN C 173 -9.85 -48.63 34.50
C GLN C 173 -8.95 -49.57 35.24
N GLY C 174 -7.79 -49.88 34.65
CA GLY C 174 -6.77 -50.68 35.33
C GLY C 174 -6.30 -50.17 36.67
N SER C 175 -6.17 -48.85 36.76
CA SER C 175 -5.61 -48.16 37.94
C SER C 175 -6.63 -47.45 38.80
N GLY C 176 -7.80 -47.16 38.24
CA GLY C 176 -8.79 -46.33 38.88
C GLY C 176 -8.48 -44.85 38.88
N THR C 177 -7.62 -44.39 37.99
CA THR C 177 -7.12 -43.02 38.01
C THR C 177 -8.07 -42.14 37.21
N PHE C 178 -8.66 -41.13 37.86
CA PHE C 178 -9.36 -40.01 37.19
C PHE C 178 -8.37 -38.90 36.93
N LEU C 179 -8.53 -38.23 35.78
CA LEU C 179 -7.73 -37.06 35.43
C LEU C 179 -8.64 -36.00 34.86
N PHE C 180 -8.53 -34.81 35.39
CA PHE C 180 -9.36 -33.73 34.94
C PHE C 180 -8.71 -32.38 35.16
N GLN C 181 -9.03 -31.45 34.28
CA GLN C 181 -8.73 -30.05 34.45
C GLN C 181 -9.86 -29.44 35.28
N ALA C 182 -9.49 -28.58 36.19
CA ALA C 182 -10.44 -27.74 36.93
C ALA C 182 -9.78 -26.40 37.15
N GLY C 183 -10.15 -25.44 36.28
CA GLY C 183 -9.54 -24.14 36.30
C GLY C 183 -8.15 -24.24 35.73
N SER C 184 -7.25 -23.48 36.35
CA SER C 184 -5.81 -23.57 36.16
C SER C 184 -5.31 -25.03 36.17
N GLY C 185 -5.55 -25.70 37.28
CA GLY C 185 -4.93 -26.99 37.58
C GLY C 185 -5.44 -28.25 36.90
N ILE C 186 -4.53 -29.21 36.74
CA ILE C 186 -4.80 -30.58 36.34
C ILE C 186 -4.67 -31.42 37.61
N TYR C 187 -5.72 -32.13 37.93
CA TYR C 187 -5.81 -32.94 39.13
C TYR C 187 -6.02 -34.40 38.80
N HIS C 188 -5.62 -35.26 39.75
CA HIS C 188 -5.98 -36.65 39.70
C HIS C 188 -6.33 -37.22 41.08
N VAL C 189 -7.21 -38.21 41.04
CA VAL C 189 -7.56 -39.07 42.14
C VAL C 189 -7.69 -40.51 41.62
N LYS C 190 -7.65 -41.46 42.54
CA LYS C 190 -7.97 -42.85 42.28
C LYS C 190 -9.32 -43.23 42.93
N ASP C 191 -10.16 -43.94 42.20
CA ASP C 191 -11.31 -44.66 42.80
C ASP C 191 -11.75 -45.79 41.85
N GLY C 192 -12.08 -46.94 42.42
CA GLY C 192 -12.60 -48.07 41.67
C GLY C 192 -11.65 -49.09 41.04
N GLY C 193 -10.36 -48.92 41.27
CA GLY C 193 -9.35 -49.86 40.80
C GLY C 193 -8.96 -50.81 41.91
N PRO C 194 -7.68 -51.26 41.89
CA PRO C 194 -7.09 -51.95 43.05
C PRO C 194 -7.21 -51.24 44.39
N GLN C 195 -7.09 -49.91 44.38
CA GLN C 195 -7.22 -49.04 45.56
C GLN C 195 -8.55 -49.20 46.31
N GLY C 196 -9.62 -49.62 45.61
CA GLY C 196 -10.95 -49.81 46.19
C GLY C 196 -11.84 -48.59 45.98
N PHE C 197 -12.89 -48.55 46.77
CA PHE C 197 -13.98 -47.60 46.61
C PHE C 197 -14.17 -46.74 47.83
N THR C 198 -14.01 -45.44 47.66
CA THR C 198 -14.20 -44.49 48.75
C THR C 198 -15.65 -44.49 49.22
N GLN C 199 -15.86 -44.26 50.50
CA GLN C 199 -17.18 -43.98 51.06
C GLN C 199 -17.32 -42.50 51.45
N GLN C 200 -16.41 -41.63 50.99
CA GLN C 200 -16.47 -40.17 51.24
C GLN C 200 -15.70 -39.37 50.17
N PRO C 201 -15.85 -38.03 50.12
CA PRO C 201 -15.18 -37.28 49.02
C PRO C 201 -13.65 -37.27 49.10
N LEU C 202 -13.01 -37.22 47.93
CA LEU C 202 -11.57 -37.27 47.83
C LEU C 202 -11.02 -35.89 47.57
N ARG C 203 -9.98 -35.54 48.31
CA ARG C 203 -9.13 -34.41 47.94
C ARG C 203 -8.28 -34.79 46.77
N PRO C 204 -8.42 -34.06 45.65
CA PRO C 204 -7.56 -34.34 44.52
C PRO C 204 -6.14 -33.91 44.71
N ASN C 205 -5.27 -34.48 43.89
CA ASN C 205 -3.85 -34.23 43.90
C ASN C 205 -3.52 -33.37 42.67
N LEU C 206 -2.92 -32.22 42.90
CA LEU C 206 -2.56 -31.30 41.83
C LEU C 206 -1.33 -31.82 41.15
N VAL C 207 -1.38 -31.96 39.82
CA VAL C 207 -0.21 -32.34 39.03
C VAL C 207 0.66 -31.11 38.94
N GLU C 208 1.88 -31.22 39.47
CA GLU C 208 2.78 -30.12 39.49
C GLU C 208 3.39 -29.92 38.11
N THR C 209 3.84 -28.70 37.90
CA THR C 209 4.38 -28.27 36.64
C THR C 209 5.35 -27.13 36.86
N SER C 210 6.27 -26.97 35.90
CA SER C 210 7.05 -25.76 35.71
C SER C 210 6.51 -24.83 34.64
N CYS C 211 5.45 -25.24 33.96
CA CYS C 211 4.91 -24.47 32.85
C CYS C 211 4.25 -23.18 33.33
N PRO C 212 4.56 -22.04 32.69
CA PRO C 212 4.00 -20.74 33.15
C PRO C 212 2.52 -20.46 32.83
N ASN C 213 1.93 -21.16 31.86
CA ASN C 213 0.63 -20.82 31.27
C ASN C 213 -0.32 -21.97 31.47
N ILE C 214 -1.59 -21.69 31.19
CA ILE C 214 -2.66 -22.65 31.28
C ILE C 214 -2.30 -23.92 30.48
N ARG C 215 -2.50 -25.06 31.14
CA ARG C 215 -2.40 -26.36 30.52
C ARG C 215 -3.79 -26.82 30.18
N MET C 216 -3.93 -27.36 28.97
CA MET C 216 -5.20 -27.70 28.35
C MET C 216 -5.16 -29.13 27.86
N ASP C 217 -6.35 -29.72 27.73
CA ASP C 217 -6.57 -31.00 27.09
C ASP C 217 -5.74 -32.15 27.69
N PRO C 218 -5.80 -32.32 29.02
CA PRO C 218 -5.09 -33.43 29.64
C PRO C 218 -5.69 -34.75 29.27
N LYS C 219 -4.82 -35.71 28.93
CA LYS C 219 -5.25 -37.08 28.70
C LYS C 219 -4.28 -38.06 29.31
N LEU C 220 -4.83 -39.08 29.97
CA LEU C 220 -4.06 -40.21 30.49
C LEU C 220 -3.61 -41.09 29.38
N CYS C 221 -2.36 -41.54 29.47
CA CYS C 221 -1.87 -42.58 28.58
C CYS C 221 -2.56 -43.88 28.95
N PRO C 222 -3.34 -44.48 28.02
CA PRO C 222 -4.02 -45.75 28.35
C PRO C 222 -3.10 -46.93 28.60
N ALA C 223 -1.92 -46.89 28.00
CA ALA C 223 -0.89 -47.91 28.20
C ALA C 223 -0.14 -47.82 29.52
N ASP C 224 -0.06 -46.61 30.10
CA ASP C 224 0.64 -46.37 31.37
C ASP C 224 0.03 -45.13 32.04
N PRO C 225 -0.89 -45.35 33.01
CA PRO C 225 -1.57 -44.23 33.67
C PRO C 225 -0.74 -43.37 34.63
N ASP C 226 0.54 -43.68 34.81
CA ASP C 226 1.48 -42.75 35.39
C ASP C 226 1.77 -41.55 34.48
N TRP C 227 1.54 -41.66 33.17
CA TRP C 227 1.86 -40.59 32.19
C TRP C 227 0.63 -39.87 31.73
N ILE C 228 0.72 -38.56 31.63
CA ILE C 228 -0.30 -37.73 31.00
C ILE C 228 0.33 -36.88 29.96
N ALA C 229 -0.50 -36.45 29.02
CA ALA C 229 -0.14 -35.44 28.07
C ALA C 229 -1.06 -34.26 28.23
N PHE C 230 -0.58 -33.10 27.79
CA PHE C 230 -1.36 -31.89 27.76
C PHE C 230 -0.76 -30.93 26.77
N ILE C 231 -1.56 -29.90 26.47
CA ILE C 231 -1.14 -28.81 25.60
C ILE C 231 -0.81 -27.62 26.46
N HIS C 232 0.31 -26.99 26.14
CA HIS C 232 0.73 -25.75 26.75
C HIS C 232 1.32 -24.84 25.67
N SER C 233 0.80 -23.62 25.54
CA SER C 233 1.23 -22.67 24.52
C SER C 233 1.43 -23.33 23.15
N ASN C 234 0.38 -24.03 22.72
CA ASN C 234 0.33 -24.70 21.41
C ASN C 234 1.39 -25.78 21.11
N ASP C 235 1.97 -26.39 22.16
CA ASP C 235 2.87 -27.53 22.03
C ASP C 235 2.47 -28.62 23.01
N ILE C 236 2.85 -29.86 22.69
CA ILE C 236 2.49 -31.03 23.47
C ILE C 236 3.57 -31.29 24.50
N TRP C 237 3.14 -31.49 25.73
CA TRP C 237 3.99 -31.85 26.85
C TRP C 237 3.47 -33.14 27.40
N ILE C 238 4.38 -33.88 28.03
CA ILE C 238 4.00 -35.01 28.87
C ILE C 238 4.52 -34.82 30.26
N SER C 239 3.89 -35.52 31.18
CA SER C 239 4.21 -35.42 32.59
C SER C 239 3.90 -36.76 33.29
N ASN C 240 4.79 -37.20 34.17
CA ASN C 240 4.58 -38.40 34.96
C ASN C 240 4.10 -37.95 36.33
N ILE C 241 2.92 -38.42 36.70
CA ILE C 241 2.26 -38.02 37.95
C ILE C 241 2.78 -38.73 39.19
N VAL C 242 3.65 -39.73 39.01
CA VAL C 242 4.36 -40.39 40.13
C VAL C 242 5.79 -39.84 40.24
N THR C 243 6.57 -39.93 39.16
CA THR C 243 7.99 -39.49 39.16
C THR C 243 8.16 -37.98 39.15
N ARG C 244 7.11 -37.23 38.80
CA ARG C 244 7.12 -35.76 38.69
C ARG C 244 7.97 -35.26 37.49
N GLU C 245 8.38 -36.17 36.59
CA GLU C 245 9.13 -35.81 35.40
C GLU C 245 8.17 -35.15 34.42
N GLU C 246 8.67 -34.12 33.73
CA GLU C 246 7.88 -33.29 32.84
C GLU C 246 8.75 -33.01 31.64
N ARG C 247 8.22 -33.20 30.44
CA ARG C 247 9.02 -33.08 29.21
C ARG C 247 8.16 -32.48 28.10
N ARG C 248 8.71 -31.49 27.44
CA ARG C 248 8.09 -30.92 26.24
C ARG C 248 8.40 -31.83 25.06
N LEU C 249 7.38 -32.22 24.30
CA LEU C 249 7.53 -33.08 23.08
C LEU C 249 7.66 -32.35 21.74
N THR C 250 6.94 -31.23 21.58
CA THR C 250 6.96 -30.45 20.34
C THR C 250 7.51 -29.05 20.60
N TYR C 251 8.21 -28.50 19.60
CA TYR C 251 8.86 -27.18 19.69
C TYR C 251 8.47 -26.31 18.47
N VAL C 252 7.18 -26.26 18.27
CA VAL C 252 6.54 -25.68 17.09
C VAL C 252 6.12 -24.20 17.31
N HIS C 253 5.88 -23.81 18.56
CA HIS C 253 5.43 -22.47 18.94
C HIS C 253 6.37 -21.83 19.98
N ASN C 254 6.79 -20.60 19.77
CA ASN C 254 7.33 -19.70 20.80
C ASN C 254 6.20 -18.80 21.34
N GLU C 255 5.83 -18.98 22.62
CA GLU C 255 4.83 -18.12 23.31
C GLU C 255 5.21 -16.62 23.34
N LEU C 256 6.52 -16.35 23.49
CA LEU C 256 7.02 -14.98 23.54
C LEU C 256 6.90 -14.24 22.20
N ALA C 257 6.87 -14.97 21.08
CA ALA C 257 6.61 -14.37 19.75
C ALA C 257 5.15 -13.94 19.58
N ASN C 258 4.96 -12.86 18.82
CA ASN C 258 3.62 -12.38 18.44
C ASN C 258 3.12 -13.22 17.23
N MET C 259 1.82 -13.49 17.26
CA MET C 259 1.19 -14.53 16.42
C MET C 259 1.20 -14.30 14.89
N GLU C 260 1.37 -13.05 14.44
CA GLU C 260 1.50 -12.71 12.99
C GLU C 260 2.73 -13.43 12.33
N GLU C 261 3.80 -13.64 13.12
CA GLU C 261 4.98 -14.50 12.76
C GLU C 261 4.77 -15.98 13.11
N ASP C 262 4.31 -16.19 14.35
CA ASP C 262 4.35 -17.49 15.01
C ASP C 262 3.03 -18.24 14.88
N ALA C 263 2.82 -18.83 13.69
CA ALA C 263 1.52 -19.39 13.31
C ALA C 263 1.38 -20.92 13.38
N ARG C 264 2.38 -21.64 13.90
CA ARG C 264 2.32 -23.10 14.00
C ARG C 264 1.86 -23.61 15.37
N SER C 265 1.22 -24.77 15.36
CA SER C 265 0.75 -25.44 16.58
C SER C 265 0.77 -26.94 16.38
N ALA C 266 0.84 -27.65 17.49
CA ALA C 266 0.86 -29.11 17.52
C ALA C 266 -0.10 -29.61 18.58
N GLY C 267 -0.84 -30.68 18.27
CA GLY C 267 -1.71 -31.30 19.25
C GLY C 267 -3.05 -30.67 19.44
N VAL C 268 -3.37 -29.62 18.69
CA VAL C 268 -4.54 -28.84 18.99
C VAL C 268 -5.32 -28.67 17.71
N ALA C 269 -6.64 -28.65 17.85
CA ALA C 269 -7.57 -28.42 16.75
C ALA C 269 -7.73 -26.92 16.54
N THR C 270 -7.66 -26.48 15.30
CA THR C 270 -7.81 -25.07 14.96
C THR C 270 -9.30 -24.71 14.93
N PHE C 271 -9.55 -23.41 14.80
CA PHE C 271 -10.90 -22.80 14.97
C PHE C 271 -12.00 -23.55 14.25
N VAL C 272 -11.79 -23.82 12.97
CA VAL C 272 -12.83 -24.41 12.13
C VAL C 272 -13.17 -25.83 12.55
N LEU C 273 -12.17 -26.57 13.01
CA LEU C 273 -12.42 -27.93 13.51
C LEU C 273 -13.24 -27.90 14.78
N GLN C 274 -12.92 -26.96 15.65
CA GLN C 274 -13.68 -26.77 16.89
C GLN C 274 -15.09 -26.21 16.64
N GLU C 275 -15.20 -25.24 15.75
CA GLU C 275 -16.46 -24.53 15.52
C GLU C 275 -17.41 -25.33 14.64
N GLU C 276 -16.87 -25.93 13.57
CA GLU C 276 -17.64 -26.58 12.52
C GLU C 276 -17.60 -28.11 12.42
N PHE C 277 -16.66 -28.75 13.11
CA PHE C 277 -16.55 -30.23 13.12
C PHE C 277 -16.62 -30.90 14.48
N ASP C 278 -16.83 -30.13 15.55
CA ASP C 278 -16.83 -30.65 16.91
C ASP C 278 -15.65 -31.59 17.20
N ARG C 279 -14.46 -31.14 16.81
CA ARG C 279 -13.22 -31.75 17.19
C ARG C 279 -12.39 -30.71 17.95
N TYR C 280 -12.05 -31.05 19.21
CA TYR C 280 -11.34 -30.14 20.11
C TYR C 280 -9.90 -30.53 20.43
N SER C 281 -9.58 -31.79 20.27
CA SER C 281 -8.27 -32.34 20.51
C SER C 281 -7.61 -32.64 19.15
N GLY C 282 -6.28 -32.53 19.12
CA GLY C 282 -5.44 -32.88 17.98
C GLY C 282 -4.23 -33.74 18.30
N TYR C 283 -4.28 -34.49 19.40
CA TYR C 283 -3.32 -35.54 19.69
C TYR C 283 -4.05 -36.75 20.26
N TRP C 284 -3.50 -37.93 20.00
CA TRP C 284 -4.12 -39.20 20.43
C TRP C 284 -3.06 -40.14 20.87
N TRP C 285 -3.15 -40.58 22.13
CA TRP C 285 -2.22 -41.59 22.69
C TRP C 285 -2.43 -42.91 21.97
N CYS C 286 -1.34 -43.57 21.63
CA CYS C 286 -1.41 -44.97 21.19
C CYS C 286 -1.79 -45.81 22.39
N PRO C 287 -2.85 -46.63 22.29
CA PRO C 287 -3.37 -47.30 23.51
C PRO C 287 -2.50 -48.45 24.07
N LYS C 288 -1.49 -48.90 23.34
CA LYS C 288 -0.56 -49.94 23.77
C LYS C 288 0.89 -49.48 23.67
N ALA C 289 1.70 -50.12 24.51
CA ALA C 289 3.11 -49.83 24.64
C ALA C 289 3.89 -50.99 24.03
N GLU C 290 4.88 -50.66 23.22
CA GLU C 290 5.79 -51.63 22.67
C GLU C 290 6.86 -51.86 23.72
N THR C 291 7.05 -53.12 24.13
CA THR C 291 8.17 -53.50 25.02
C THR C 291 9.52 -53.36 24.28
N THR C 292 10.55 -52.92 25.02
CA THR C 292 11.93 -52.91 24.54
C THR C 292 12.70 -54.07 25.19
N PRO C 293 13.79 -54.56 24.52
CA PRO C 293 14.69 -55.54 25.15
C PRO C 293 15.34 -55.12 26.49
N SER C 294 15.48 -53.82 26.74
CA SER C 294 16.00 -53.26 28.02
C SER C 294 15.16 -53.51 29.30
N GLY C 295 13.89 -53.96 29.16
CA GLY C 295 12.91 -53.98 30.25
C GLY C 295 12.00 -52.74 30.24
N GLY C 296 12.26 -51.80 29.30
CA GLY C 296 11.53 -50.56 29.20
C GLY C 296 10.37 -50.67 28.26
N LYS C 297 9.98 -49.51 27.72
CA LYS C 297 8.91 -49.42 26.72
C LYS C 297 8.92 -48.17 25.88
N ILE C 298 8.15 -48.20 24.79
CA ILE C 298 7.97 -47.07 23.87
C ILE C 298 6.51 -46.70 23.94
N LEU C 299 6.23 -45.43 24.18
CA LEU C 299 4.87 -44.89 24.09
C LEU C 299 4.83 -43.98 22.89
N ARG C 300 3.64 -43.87 22.30
CA ARG C 300 3.47 -43.10 21.08
C ARG C 300 2.26 -42.14 21.17
N ILE C 301 2.41 -40.94 20.61
CA ILE C 301 1.33 -39.98 20.46
C ILE C 301 1.29 -39.62 18.98
N LEU C 302 0.14 -39.88 18.35
CA LEU C 302 -0.19 -39.33 17.06
C LEU C 302 -0.65 -37.94 17.27
N TYR C 303 -0.20 -37.01 16.44
CA TYR C 303 -0.70 -35.66 16.52
C TYR C 303 -0.75 -34.92 15.19
N GLU C 304 -1.70 -33.98 15.15
CA GLU C 304 -1.88 -33.08 14.04
C GLU C 304 -0.93 -31.92 14.28
N GLU C 305 -0.13 -31.55 13.27
CA GLU C 305 0.65 -30.32 13.28
C GLU C 305 0.04 -29.37 12.25
N ASN C 306 -0.22 -28.14 12.66
CA ASN C 306 -0.94 -27.12 11.88
C ASN C 306 -0.03 -25.97 11.64
N ASP C 307 -0.12 -25.40 10.45
CA ASP C 307 0.49 -24.14 10.11
C ASP C 307 -0.58 -23.18 9.63
N GLU C 308 -0.86 -22.14 10.42
CA GLU C 308 -1.87 -21.11 10.09
C GLU C 308 -1.30 -19.86 9.41
N SER C 309 -0.07 -19.94 8.88
CA SER C 309 0.66 -18.80 8.30
C SER C 309 -0.04 -18.05 7.18
N GLU C 310 -0.69 -18.78 6.29
CA GLU C 310 -1.41 -18.21 5.14
C GLU C 310 -2.93 -18.02 5.42
N VAL C 311 -3.37 -18.26 6.64
CA VAL C 311 -4.78 -18.06 7.02
C VAL C 311 -4.94 -16.58 7.33
N GLU C 312 -6.09 -16.01 6.98
CA GLU C 312 -6.34 -14.57 7.21
C GLU C 312 -6.41 -14.26 8.72
N ILE C 313 -5.93 -13.08 9.09
CA ILE C 313 -5.99 -12.56 10.44
C ILE C 313 -7.07 -11.49 10.53
N ILE C 314 -8.02 -11.71 11.43
CA ILE C 314 -8.98 -10.71 11.86
C ILE C 314 -8.70 -10.25 13.27
N HIS C 315 -9.32 -9.14 13.63
CA HIS C 315 -9.24 -8.53 14.95
C HIS C 315 -10.62 -8.41 15.55
N VAL C 316 -10.77 -9.03 16.72
CA VAL C 316 -12.02 -9.02 17.52
C VAL C 316 -11.77 -8.18 18.75
N THR C 317 -12.75 -7.37 19.13
CA THR C 317 -12.65 -6.51 20.32
C THR C 317 -12.36 -7.35 21.56
N SER C 318 -11.35 -6.95 22.33
CA SER C 318 -10.98 -7.67 23.55
C SER C 318 -12.07 -7.38 24.60
N PRO C 319 -12.45 -8.36 25.43
CA PRO C 319 -13.44 -8.17 26.51
C PRO C 319 -13.19 -7.03 27.47
N MET C 320 -11.91 -6.79 27.77
CA MET C 320 -11.49 -5.74 28.67
C MET C 320 -11.62 -4.42 27.93
N LEU C 321 -12.84 -3.89 27.86
CA LEU C 321 -13.16 -2.72 27.03
C LEU C 321 -12.34 -1.49 27.29
N GLU C 322 -11.96 -1.33 28.56
CA GLU C 322 -11.03 -0.28 29.00
C GLU C 322 -9.66 -0.23 28.28
N THR C 323 -9.17 -1.38 27.81
CA THR C 323 -7.90 -1.46 27.11
C THR C 323 -7.98 -0.79 25.74
N ARG C 324 -9.17 -0.84 25.11
CA ARG C 324 -9.43 -0.30 23.77
C ARG C 324 -8.50 -0.98 22.76
N ARG C 325 -8.47 -2.29 22.86
CA ARG C 325 -7.62 -3.16 22.07
C ARG C 325 -8.47 -4.32 21.58
N ALA C 326 -7.84 -5.13 20.75
CA ALA C 326 -8.46 -6.15 19.97
C ALA C 326 -7.48 -7.32 19.86
N ASP C 327 -8.01 -8.52 19.81
CA ASP C 327 -7.20 -9.75 19.75
C ASP C 327 -7.12 -10.17 18.31
N SER C 328 -5.95 -10.65 17.89
CA SER C 328 -5.80 -11.32 16.62
C SER C 328 -6.34 -12.75 16.66
N PHE C 329 -7.11 -13.12 15.63
CA PHE C 329 -7.57 -14.49 15.37
C PHE C 329 -7.20 -14.90 13.94
N ARG C 330 -6.83 -16.17 13.77
CA ARG C 330 -6.73 -16.79 12.48
C ARG C 330 -8.13 -17.28 12.09
N TYR C 331 -8.75 -16.63 11.11
CA TYR C 331 -10.12 -16.93 10.70
C TYR C 331 -10.08 -17.22 9.21
N PRO C 332 -10.29 -18.50 8.84
CA PRO C 332 -10.34 -18.79 7.42
C PRO C 332 -11.71 -18.49 6.86
N LYS C 333 -11.82 -17.31 6.24
CA LYS C 333 -13.03 -16.91 5.58
C LYS C 333 -13.20 -17.73 4.31
N THR C 334 -14.46 -17.96 3.96
CA THR C 334 -14.86 -18.64 2.73
C THR C 334 -13.98 -18.29 1.55
N GLY C 335 -13.60 -19.30 0.80
CA GLY C 335 -12.75 -19.13 -0.36
C GLY C 335 -11.29 -18.79 -0.11
N THR C 336 -10.80 -18.92 1.12
CA THR C 336 -9.39 -18.59 1.46
C THR C 336 -8.73 -19.77 2.14
N ALA C 337 -7.45 -19.67 2.46
CA ALA C 337 -6.70 -20.83 2.92
C ALA C 337 -7.16 -21.27 4.29
N ASN C 338 -7.47 -22.56 4.38
CA ASN C 338 -7.46 -23.29 5.63
C ASN C 338 -6.00 -23.55 6.04
N PRO C 339 -5.75 -23.91 7.31
CA PRO C 339 -4.39 -24.23 7.77
C PRO C 339 -3.73 -25.38 7.00
N LYS C 340 -2.41 -25.33 6.82
CA LYS C 340 -1.63 -26.45 6.24
C LYS C 340 -1.49 -27.47 7.39
N VAL C 341 -2.00 -28.68 7.16
CA VAL C 341 -2.07 -29.74 8.18
C VAL C 341 -1.18 -30.92 7.78
N THR C 342 -0.65 -31.62 8.76
CA THR C 342 0.01 -32.91 8.57
C THR C 342 -0.09 -33.74 9.85
N PHE C 343 0.22 -35.02 9.73
CA PHE C 343 0.30 -35.90 10.90
C PHE C 343 1.76 -36.02 11.25
N LYS C 344 2.01 -36.08 12.55
CA LYS C 344 3.31 -36.33 13.09
C LYS C 344 3.12 -37.36 14.17
N MET C 345 4.24 -37.97 14.55
CA MET C 345 4.22 -38.93 15.64
C MET C 345 5.37 -38.68 16.61
N SER C 346 5.07 -38.78 17.89
CA SER C 346 6.07 -38.66 18.93
C SER C 346 6.27 -40.03 19.50
N GLU C 347 7.52 -40.47 19.52
CA GLU C 347 7.92 -41.78 19.98
C GLU C 347 8.77 -41.54 21.22
N ILE C 348 8.31 -42.04 22.36
CA ILE C 348 8.82 -41.70 23.68
C ILE C 348 9.35 -42.99 24.31
N MET C 349 10.66 -43.10 24.50
CA MET C 349 11.31 -44.32 25.03
C MET C 349 11.49 -44.15 26.51
N ILE C 350 10.83 -45.01 27.28
CA ILE C 350 10.84 -45.04 28.75
C ILE C 350 11.72 -46.23 29.21
N ASP C 351 12.47 -46.07 30.30
CA ASP C 351 13.26 -47.17 30.90
C ASP C 351 12.39 -48.04 31.84
N ALA C 352 13.02 -49.00 32.51
CA ALA C 352 12.33 -49.94 33.43
C ALA C 352 11.68 -49.29 34.65
N GLU C 353 12.22 -48.18 35.15
CA GLU C 353 11.66 -47.48 36.33
C GLU C 353 11.00 -46.14 35.96
N GLY C 354 10.45 -46.04 34.75
CA GLY C 354 9.65 -44.87 34.31
C GLY C 354 10.37 -43.58 33.89
N ARG C 355 11.70 -43.60 33.82
CA ARG C 355 12.49 -42.44 33.39
C ARG C 355 12.48 -42.41 31.85
N ILE C 356 12.33 -41.22 31.28
CA ILE C 356 12.44 -41.01 29.84
C ILE C 356 13.91 -41.17 29.48
N ILE C 357 14.18 -42.07 28.54
CA ILE C 357 15.49 -42.19 27.91
C ILE C 357 15.59 -41.15 26.80
N ASP C 358 14.64 -41.17 25.87
CA ASP C 358 14.68 -40.36 24.66
C ASP C 358 13.28 -40.06 24.16
N VAL C 359 13.19 -39.01 23.34
CA VAL C 359 11.98 -38.66 22.59
C VAL C 359 12.41 -38.41 21.15
N ILE C 360 11.75 -39.07 20.21
CA ILE C 360 12.04 -38.95 18.79
C ILE C 360 10.76 -38.45 18.13
N ASP C 361 10.83 -37.25 17.55
CA ASP C 361 9.75 -36.66 16.80
C ASP C 361 9.86 -37.20 15.37
N LYS C 362 8.76 -37.77 14.89
CA LYS C 362 8.68 -38.39 13.58
C LYS C 362 7.67 -37.71 12.68
N GLU C 363 7.93 -37.78 11.39
CA GLU C 363 7.10 -37.15 10.35
C GLU C 363 6.80 -38.17 9.26
N LEU C 364 5.79 -37.88 8.47
CA LEU C 364 5.37 -38.74 7.38
C LEU C 364 6.47 -38.90 6.36
N ILE C 365 6.68 -40.15 5.91
CA ILE C 365 7.69 -40.51 4.93
C ILE C 365 7.64 -39.67 3.65
N GLN C 366 6.43 -39.37 3.18
CA GLN C 366 6.20 -38.43 2.08
C GLN C 366 5.16 -37.39 2.57
N PRO C 367 5.10 -36.23 1.90
CA PRO C 367 4.20 -35.18 2.39
C PRO C 367 2.72 -35.56 2.43
N PHE C 368 1.99 -34.95 3.36
CA PHE C 368 0.58 -35.21 3.58
C PHE C 368 -0.22 -35.04 2.30
N GLU C 369 0.04 -33.96 1.58
CA GLU C 369 -0.66 -33.66 0.31
C GLU C 369 -0.44 -34.70 -0.81
N ILE C 370 0.70 -35.40 -0.77
CA ILE C 370 1.04 -36.49 -1.70
C ILE C 370 0.34 -37.80 -1.27
N LEU C 371 0.49 -38.17 0.00
CA LEU C 371 -0.14 -39.37 0.56
C LEU C 371 -1.66 -39.35 0.57
N PHE C 372 -2.22 -38.20 0.94
CA PHE C 372 -3.67 -38.00 1.03
C PHE C 372 -4.10 -36.92 0.04
N GLU C 373 -3.82 -37.18 -1.24
CA GLU C 373 -4.27 -36.36 -2.39
C GLU C 373 -5.68 -35.82 -2.15
N GLY C 374 -5.83 -34.49 -2.23
CA GLY C 374 -7.12 -33.84 -2.16
C GLY C 374 -7.80 -33.65 -0.82
N VAL C 375 -7.12 -34.02 0.26
CA VAL C 375 -7.70 -33.94 1.61
C VAL C 375 -7.47 -32.54 2.11
N GLU C 376 -8.53 -31.90 2.61
CA GLU C 376 -8.48 -30.56 3.22
C GLU C 376 -8.50 -30.62 4.76
N TYR C 377 -9.43 -31.41 5.32
CA TYR C 377 -9.68 -31.44 6.76
C TYR C 377 -9.43 -32.86 7.35
N ILE C 378 -8.75 -32.91 8.49
CA ILE C 378 -8.68 -34.11 9.33
C ILE C 378 -9.86 -34.02 10.29
N ALA C 379 -10.94 -34.69 9.94
CA ALA C 379 -12.19 -34.59 10.72
C ALA C 379 -12.10 -35.31 12.04
N ARG C 380 -11.57 -36.53 11.99
CA ARG C 380 -11.41 -37.39 13.16
C ARG C 380 -10.14 -38.19 13.07
N ALA C 381 -9.61 -38.56 14.23
CA ALA C 381 -8.53 -39.48 14.29
C ALA C 381 -8.45 -40.25 15.59
N GLY C 382 -7.70 -41.34 15.53
CA GLY C 382 -7.51 -42.21 16.67
C GLY C 382 -6.59 -43.35 16.36
N TRP C 383 -6.75 -44.41 17.16
CA TRP C 383 -6.02 -45.65 16.96
C TRP C 383 -6.94 -46.84 16.92
N THR C 384 -6.50 -47.88 16.25
CA THR C 384 -7.20 -49.18 16.30
C THR C 384 -7.00 -49.75 17.70
N PRO C 385 -7.95 -50.55 18.22
CA PRO C 385 -7.94 -50.96 19.65
C PRO C 385 -6.63 -51.59 20.18
N GLU C 386 -5.95 -52.33 19.30
CA GLU C 386 -4.69 -52.97 19.60
C GLU C 386 -3.44 -52.06 19.38
N GLY C 387 -3.62 -50.83 18.88
CA GLY C 387 -2.52 -49.94 18.48
C GLY C 387 -1.73 -50.22 17.20
N LYS C 388 -2.17 -51.17 16.38
CA LYS C 388 -1.41 -51.56 15.18
C LYS C 388 -1.34 -50.42 14.16
N TYR C 389 -2.44 -49.67 14.03
CA TYR C 389 -2.59 -48.57 13.08
C TYR C 389 -3.24 -47.36 13.75
N ALA C 390 -2.82 -46.19 13.31
CA ALA C 390 -3.60 -44.98 13.53
C ALA C 390 -4.68 -44.98 12.47
N TRP C 391 -5.82 -44.36 12.77
CA TRP C 391 -6.84 -44.11 11.76
C TRP C 391 -7.18 -42.64 11.70
N SER C 392 -7.73 -42.26 10.55
CA SER C 392 -8.28 -40.96 10.37
C SER C 392 -9.46 -40.94 9.41
N ILE C 393 -10.40 -40.03 9.63
CA ILE C 393 -11.49 -39.75 8.70
C ILE C 393 -11.16 -38.40 8.08
N LEU C 394 -11.08 -38.37 6.75
CA LEU C 394 -10.54 -37.26 6.01
C LEU C 394 -11.55 -36.76 4.99
N LEU C 395 -11.75 -35.44 4.95
CA LEU C 395 -12.64 -34.79 3.97
C LEU C 395 -11.88 -33.99 2.96
N ASP C 396 -12.45 -33.89 1.76
CA ASP C 396 -11.98 -32.94 0.76
C ASP C 396 -12.54 -31.57 1.07
N ARG C 397 -12.01 -30.57 0.40
CA ARG C 397 -12.46 -29.19 0.62
C ARG C 397 -13.96 -28.99 0.38
N SER C 398 -14.51 -29.60 -0.66
CA SER C 398 -15.95 -29.43 -0.95
C SER C 398 -16.88 -30.14 0.04
N GLN C 399 -16.31 -31.04 0.83
CA GLN C 399 -17.01 -31.82 1.88
C GLN C 399 -18.04 -32.75 1.30
N THR C 400 -17.73 -33.25 0.11
CA THR C 400 -18.51 -34.26 -0.59
C THR C 400 -17.79 -35.60 -0.70
N ARG C 401 -16.50 -35.70 -0.31
CA ARG C 401 -15.77 -36.95 -0.35
C ARG C 401 -15.19 -37.22 1.03
N LEU C 402 -15.66 -38.28 1.68
CA LEU C 402 -15.09 -38.80 2.93
C LEU C 402 -14.24 -40.01 2.60
N GLN C 403 -13.12 -40.17 3.30
CA GLN C 403 -12.35 -41.41 3.29
C GLN C 403 -11.80 -41.74 4.66
N ILE C 404 -11.76 -43.04 4.97
CA ILE C 404 -11.33 -43.57 6.25
C ILE C 404 -10.02 -44.25 5.95
N VAL C 405 -8.96 -43.88 6.67
CA VAL C 405 -7.60 -44.26 6.30
C VAL C 405 -6.84 -44.81 7.49
N LEU C 406 -6.19 -45.96 7.32
CA LEU C 406 -5.24 -46.52 8.29
C LEU C 406 -3.84 -46.07 7.97
N ILE C 407 -3.12 -45.68 9.02
CA ILE C 407 -1.79 -45.10 8.92
C ILE C 407 -0.93 -45.90 9.88
N SER C 408 -0.03 -46.72 9.35
CA SER C 408 0.89 -47.49 10.18
C SER C 408 1.93 -46.56 10.80
N PRO C 409 2.37 -46.83 12.05
CA PRO C 409 3.53 -46.13 12.59
C PRO C 409 4.83 -46.28 11.81
N GLU C 410 5.02 -47.41 11.11
CA GLU C 410 6.19 -47.61 10.21
C GLU C 410 6.30 -46.56 9.08
N LEU C 411 5.16 -45.94 8.75
CA LEU C 411 5.04 -44.84 7.80
C LEU C 411 5.55 -43.45 8.26
N PHE C 412 5.96 -43.34 9.54
CA PHE C 412 6.60 -42.15 10.08
C PHE C 412 8.08 -42.43 10.28
N ILE C 413 8.92 -41.48 9.89
CA ILE C 413 10.40 -41.55 10.05
C ILE C 413 10.86 -40.40 10.93
N PRO C 414 12.05 -40.53 11.55
CA PRO C 414 12.58 -39.38 12.32
C PRO C 414 12.74 -38.11 11.50
N VAL C 415 12.50 -37.00 12.16
CA VAL C 415 12.73 -35.69 11.53
C VAL C 415 14.25 -35.52 11.48
N GLU C 416 14.77 -35.33 10.28
CA GLU C 416 16.20 -35.15 10.03
C GLU C 416 16.37 -34.05 8.98
N ASP C 417 16.94 -32.93 9.41
CA ASP C 417 17.38 -31.84 8.54
C ASP C 417 18.49 -32.26 7.54
N ASP C 418 19.47 -33.03 8.04
CA ASP C 418 20.59 -33.61 7.23
C ASP C 418 20.08 -34.46 6.06
N VAL C 419 20.42 -34.06 4.84
CA VAL C 419 19.76 -34.56 3.62
C VAL C 419 20.23 -35.99 3.28
N MET C 420 21.48 -36.33 3.61
CA MET C 420 22.04 -37.68 3.38
C MET C 420 21.36 -38.76 4.25
N GLU C 421 21.46 -38.65 5.58
CA GLU C 421 20.79 -39.63 6.49
C GLU C 421 19.25 -39.62 6.41
N ARG C 422 18.64 -38.53 5.93
CA ARG C 422 17.17 -38.51 5.62
C ARG C 422 16.82 -39.54 4.54
N GLN C 423 17.66 -39.62 3.50
CA GLN C 423 17.48 -40.65 2.45
C GLN C 423 17.67 -42.06 2.97
N ARG C 424 18.69 -42.29 3.79
CA ARG C 424 18.89 -43.58 4.50
C ARG C 424 17.61 -44.03 5.22
N LEU C 425 16.97 -43.08 5.90
CA LEU C 425 15.72 -43.31 6.61
C LEU C 425 14.54 -43.57 5.69
N ILE C 426 14.44 -42.84 4.58
CA ILE C 426 13.38 -43.08 3.57
C ILE C 426 13.52 -44.46 2.91
N GLU C 427 14.71 -44.76 2.39
CA GLU C 427 15.03 -46.05 1.76
C GLU C 427 14.78 -47.28 2.67
N SER C 428 15.02 -47.10 3.97
CA SER C 428 14.80 -48.17 4.96
C SER C 428 13.33 -48.58 5.19
N VAL C 429 12.37 -47.72 4.84
CA VAL C 429 10.95 -48.05 4.92
C VAL C 429 10.57 -48.82 3.65
N PRO C 430 10.05 -50.06 3.78
CA PRO C 430 9.68 -50.84 2.59
C PRO C 430 8.51 -50.28 1.79
N ASP C 431 8.54 -50.46 0.47
CA ASP C 431 7.48 -50.01 -0.47
C ASP C 431 6.06 -50.47 -0.11
N SER C 432 5.96 -51.68 0.45
CA SER C 432 4.72 -52.28 0.95
C SER C 432 4.00 -51.50 2.04
N VAL C 433 4.76 -50.71 2.83
CA VAL C 433 4.16 -49.81 3.84
C VAL C 433 3.58 -48.55 3.14
N THR C 434 2.25 -48.51 3.03
CA THR C 434 1.53 -47.39 2.44
C THR C 434 0.31 -47.06 3.28
N PRO C 435 -0.32 -45.88 3.05
CA PRO C 435 -1.64 -45.68 3.63
C PRO C 435 -2.68 -46.62 3.02
N LEU C 436 -3.68 -46.92 3.83
CA LEU C 436 -4.69 -47.88 3.46
C LEU C 436 -6.02 -47.18 3.60
N ILE C 437 -6.62 -46.88 2.46
CA ILE C 437 -7.94 -46.27 2.43
C ILE C 437 -8.93 -47.42 2.54
N ILE C 438 -9.41 -47.65 3.75
CA ILE C 438 -10.34 -48.74 4.04
C ILE C 438 -11.81 -48.47 3.68
N TYR C 439 -12.15 -47.23 3.36
CA TYR C 439 -13.50 -46.84 3.02
C TYR C 439 -13.51 -45.48 2.37
N GLU C 440 -14.30 -45.30 1.33
CA GLU C 440 -14.48 -44.01 0.64
C GLU C 440 -15.95 -43.88 0.24
N GLU C 441 -16.50 -42.68 0.40
CA GLU C 441 -17.86 -42.37 -0.02
C GLU C 441 -17.92 -40.94 -0.56
N THR C 442 -18.87 -40.72 -1.45
CA THR C 442 -19.12 -39.43 -2.07
C THR C 442 -20.60 -39.09 -1.98
N THR C 443 -20.93 -37.83 -2.25
CA THR C 443 -22.33 -37.36 -2.22
C THR C 443 -22.50 -36.10 -3.02
N ASP C 444 -23.66 -35.96 -3.64
CA ASP C 444 -24.07 -34.73 -4.32
C ASP C 444 -24.46 -33.62 -3.33
N ILE C 445 -24.66 -33.95 -2.04
CA ILE C 445 -25.15 -33.00 -1.02
C ILE C 445 -23.95 -32.59 -0.12
N TRP C 446 -23.77 -33.22 1.03
CA TRP C 446 -22.55 -33.02 1.85
C TRP C 446 -22.39 -34.19 2.78
N ILE C 447 -21.15 -34.41 3.19
CA ILE C 447 -20.84 -35.36 4.27
C ILE C 447 -21.13 -34.66 5.58
N ASN C 448 -22.00 -35.26 6.39
CA ASN C 448 -22.16 -34.90 7.79
C ASN C 448 -21.28 -35.80 8.61
N ILE C 449 -20.28 -35.19 9.25
CA ILE C 449 -19.32 -35.87 10.10
C ILE C 449 -20.03 -36.28 11.37
N HIS C 450 -19.65 -37.46 11.85
CA HIS C 450 -20.20 -38.03 13.08
C HIS C 450 -19.12 -38.77 13.86
N ASP C 451 -19.48 -39.20 15.06
CA ASP C 451 -18.58 -39.85 15.99
C ASP C 451 -18.62 -41.37 16.00
N ILE C 452 -19.48 -41.96 15.19
CA ILE C 452 -19.59 -43.41 15.05
C ILE C 452 -18.49 -44.00 14.17
N PHE C 453 -17.61 -44.77 14.79
CA PHE C 453 -16.64 -45.58 14.08
C PHE C 453 -16.09 -46.61 15.07
N HIS C 454 -16.38 -47.89 14.87
CA HIS C 454 -16.01 -48.97 15.79
C HIS C 454 -15.22 -50.02 15.03
N VAL C 455 -14.00 -50.29 15.48
CA VAL C 455 -13.11 -51.26 14.84
C VAL C 455 -13.10 -52.52 15.70
N PHE C 456 -13.41 -53.63 15.08
CA PHE C 456 -13.29 -54.93 15.73
C PHE C 456 -11.83 -55.42 15.84
N PRO C 457 -11.54 -56.31 16.80
CA PRO C 457 -10.18 -56.91 16.85
C PRO C 457 -9.83 -57.66 15.58
N GLN C 458 -8.58 -57.59 15.14
CA GLN C 458 -8.16 -58.29 13.89
C GLN C 458 -8.18 -59.83 14.03
N SER C 459 -9.02 -60.49 13.24
CA SER C 459 -8.97 -61.96 13.01
C SER C 459 -7.72 -62.35 12.23
N HIS C 460 -7.48 -61.62 11.14
CA HIS C 460 -6.41 -61.86 10.19
C HIS C 460 -5.64 -60.56 9.93
N GLU C 461 -4.31 -60.64 9.77
CA GLU C 461 -3.43 -59.50 9.41
C GLU C 461 -3.84 -58.71 8.15
N GLU C 462 -4.41 -59.39 7.16
CA GLU C 462 -4.77 -58.84 5.82
C GLU C 462 -6.24 -58.41 5.62
N GLU C 463 -7.01 -58.31 6.69
CA GLU C 463 -8.36 -57.79 6.61
C GLU C 463 -8.78 -57.10 7.90
N ILE C 464 -9.48 -55.96 7.79
CA ILE C 464 -10.05 -55.23 8.94
C ILE C 464 -11.57 -55.12 8.84
N GLU C 465 -12.24 -55.21 9.99
CA GLU C 465 -13.68 -55.33 10.12
C GLU C 465 -14.16 -54.17 11.01
N PHE C 466 -15.18 -53.43 10.59
CA PHE C 466 -15.63 -52.23 11.35
C PHE C 466 -17.06 -51.81 11.08
N ILE C 467 -17.60 -51.03 12.02
CA ILE C 467 -18.93 -50.42 11.88
C ILE C 467 -18.75 -48.93 11.66
N PHE C 468 -19.44 -48.43 10.64
CA PHE C 468 -19.47 -47.03 10.30
C PHE C 468 -20.91 -46.64 10.03
N ALA C 469 -21.19 -45.35 10.01
CA ALA C 469 -22.53 -44.86 9.65
C ALA C 469 -22.41 -43.96 8.44
N SER C 470 -23.45 -43.98 7.61
CA SER C 470 -23.49 -43.12 6.43
C SER C 470 -24.90 -42.80 5.94
N GLU C 471 -25.06 -41.58 5.41
CA GLU C 471 -26.24 -41.14 4.65
C GLU C 471 -26.06 -41.32 3.15
N CYS C 472 -24.88 -41.76 2.69
CA CYS C 472 -24.55 -41.74 1.26
C CYS C 472 -25.21 -42.84 0.42
N LYS C 473 -25.51 -44.00 1.00
CA LYS C 473 -26.18 -45.07 0.23
C LYS C 473 -27.64 -44.67 -0.01
N THR C 474 -28.39 -44.41 1.07
CA THR C 474 -29.86 -44.28 1.04
C THR C 474 -30.45 -42.88 1.23
N GLY C 475 -29.65 -41.94 1.73
CA GLY C 475 -30.14 -40.60 2.10
C GLY C 475 -30.51 -40.41 3.56
N PHE C 476 -30.53 -41.51 4.33
CA PHE C 476 -30.66 -41.50 5.77
C PHE C 476 -29.43 -42.17 6.39
N ARG C 477 -29.00 -41.65 7.55
CA ARG C 477 -27.83 -42.18 8.26
C ARG C 477 -28.16 -43.54 8.85
N HIS C 478 -27.44 -44.56 8.37
CA HIS C 478 -27.60 -45.91 8.87
C HIS C 478 -26.25 -46.55 9.12
N LEU C 479 -26.30 -47.62 9.90
CA LEU C 479 -25.13 -48.36 10.32
C LEU C 479 -24.81 -49.45 9.32
N TYR C 480 -23.53 -49.63 9.02
CA TYR C 480 -23.03 -50.61 8.05
C TYR C 480 -21.85 -51.35 8.67
N LYS C 481 -21.80 -52.67 8.50
CA LYS C 481 -20.63 -53.47 8.88
C LYS C 481 -19.87 -53.73 7.61
N ILE C 482 -18.61 -53.32 7.61
CA ILE C 482 -17.74 -53.32 6.45
C ILE C 482 -16.51 -54.13 6.82
N THR C 483 -16.04 -54.94 5.87
CA THR C 483 -14.77 -55.65 5.96
C THR C 483 -13.96 -55.26 4.72
N SER C 484 -12.74 -54.74 4.93
CA SER C 484 -11.86 -54.27 3.85
C SER C 484 -10.57 -55.10 3.79
N ILE C 485 -10.02 -55.27 2.58
CA ILE C 485 -8.82 -56.06 2.35
C ILE C 485 -7.60 -55.12 2.38
N LEU C 486 -6.63 -55.44 3.23
CA LEU C 486 -5.36 -54.70 3.38
C LEU C 486 -4.29 -55.33 2.47
N LYS C 487 -4.35 -55.05 1.16
CA LYS C 487 -3.37 -55.58 0.20
C LYS C 487 -2.18 -54.63 0.04
N GLU C 488 -1.05 -55.16 -0.41
CA GLU C 488 0.11 -54.41 -0.92
C GLU C 488 -0.38 -53.49 -2.06
N SER C 489 0.00 -52.22 -2.01
CA SER C 489 -0.39 -51.27 -3.04
C SER C 489 0.46 -51.45 -4.30
N LYS C 490 -0.16 -51.19 -5.46
CA LYS C 490 0.56 -51.09 -6.74
C LYS C 490 1.62 -49.99 -6.75
N TYR C 491 1.41 -48.92 -5.98
CA TYR C 491 2.42 -47.88 -5.79
C TYR C 491 3.66 -48.32 -5.01
N LYS C 492 4.83 -48.18 -5.65
CA LYS C 492 6.13 -48.44 -5.05
C LYS C 492 7.00 -47.17 -5.10
N ARG C 493 7.19 -46.54 -3.92
CA ARG C 493 8.04 -45.35 -3.70
C ARG C 493 9.42 -45.37 -4.34
N SER C 494 10.12 -46.51 -4.21
CA SER C 494 11.38 -46.84 -4.89
C SER C 494 11.50 -46.31 -6.30
N SER C 495 10.48 -46.62 -7.10
CA SER C 495 10.40 -46.17 -8.50
C SER C 495 10.46 -44.63 -8.70
N GLY C 496 10.23 -43.87 -7.62
CA GLY C 496 10.49 -42.43 -7.58
C GLY C 496 9.40 -41.54 -8.14
N GLY C 497 8.22 -42.10 -8.43
CA GLY C 497 7.08 -41.34 -8.91
C GLY C 497 6.14 -41.00 -7.78
N LEU C 498 5.01 -40.44 -8.16
CA LEU C 498 3.95 -40.02 -7.23
C LEU C 498 2.78 -40.99 -7.38
N PRO C 499 2.04 -41.31 -6.29
CA PRO C 499 0.90 -42.23 -6.39
C PRO C 499 -0.32 -41.63 -7.10
N ALA C 500 -1.00 -42.43 -7.92
CA ALA C 500 -2.31 -42.07 -8.52
C ALA C 500 -3.39 -42.13 -7.44
N PRO C 501 -4.54 -41.43 -7.61
CA PRO C 501 -5.54 -41.33 -6.51
C PRO C 501 -6.06 -42.66 -5.93
N SER C 502 -6.38 -43.60 -6.82
CA SER C 502 -6.87 -44.92 -6.42
C SER C 502 -5.78 -45.90 -5.87
N ASP C 503 -4.49 -45.57 -5.95
CA ASP C 503 -3.40 -46.50 -5.50
C ASP C 503 -3.44 -47.00 -4.05
N PHE C 504 -4.00 -46.23 -3.13
CA PHE C 504 -4.13 -46.65 -1.72
C PHE C 504 -5.51 -47.19 -1.34
N LYS C 505 -6.42 -47.37 -2.32
CA LYS C 505 -7.79 -47.86 -2.05
C LYS C 505 -7.76 -49.36 -1.79
N CYS C 506 -8.33 -49.77 -0.67
CA CYS C 506 -8.54 -51.18 -0.35
C CYS C 506 -9.83 -51.67 -1.02
N PRO C 507 -9.83 -52.89 -1.59
CA PRO C 507 -11.13 -53.44 -2.01
C PRO C 507 -12.01 -53.81 -0.81
N ILE C 508 -13.32 -53.83 -1.02
CA ILE C 508 -14.31 -54.13 0.02
C ILE C 508 -14.70 -55.59 -0.14
N LYS C 509 -14.41 -56.40 0.88
CA LYS C 509 -14.88 -57.80 0.96
C LYS C 509 -16.40 -57.93 1.12
N GLU C 510 -16.95 -57.22 2.10
CA GLU C 510 -18.40 -57.19 2.32
C GLU C 510 -18.79 -55.89 2.99
N GLU C 511 -19.97 -55.39 2.63
CA GLU C 511 -20.55 -54.16 3.17
C GLU C 511 -22.04 -54.48 3.38
N ILE C 512 -22.41 -54.79 4.61
CA ILE C 512 -23.80 -55.13 4.92
C ILE C 512 -24.44 -54.03 5.78
N ALA C 513 -25.68 -53.69 5.44
CA ALA C 513 -26.48 -52.74 6.18
C ALA C 513 -26.99 -53.39 7.44
N ILE C 514 -26.68 -52.79 8.59
CA ILE C 514 -27.23 -53.19 9.89
C ILE C 514 -28.63 -52.60 10.10
N THR C 515 -28.82 -51.37 9.66
CA THR C 515 -30.09 -50.67 9.69
C THR C 515 -30.45 -50.10 8.33
N SER C 516 -31.73 -49.81 8.17
CA SER C 516 -32.27 -49.24 6.94
C SER C 516 -33.67 -48.71 7.21
N GLY C 517 -34.14 -47.86 6.29
CA GLY C 517 -35.45 -47.23 6.37
C GLY C 517 -35.42 -45.73 6.22
N GLU C 518 -36.61 -45.14 6.29
CA GLU C 518 -36.84 -43.69 6.11
C GLU C 518 -36.74 -42.99 7.47
N TRP C 519 -35.57 -43.09 8.07
CA TRP C 519 -35.33 -42.59 9.44
C TRP C 519 -33.84 -42.72 9.71
N GLU C 520 -33.30 -41.93 10.66
CA GLU C 520 -31.84 -41.86 10.85
C GLU C 520 -31.39 -42.42 12.19
N VAL C 521 -30.22 -43.04 12.16
CA VAL C 521 -29.38 -43.31 13.32
C VAL C 521 -28.68 -41.99 13.67
N LEU C 522 -28.63 -41.68 14.96
CA LEU C 522 -27.98 -40.46 15.44
C LEU C 522 -26.51 -40.75 15.81
N GLY C 523 -25.60 -39.85 15.40
CA GLY C 523 -24.17 -39.96 15.70
C GLY C 523 -23.38 -38.70 16.00
N ARG C 524 -24.08 -37.61 16.32
N ARG C 524 -24.04 -37.58 16.28
CA ARG C 524 -23.47 -36.29 16.54
CA ARG C 524 -23.35 -36.37 16.67
C ARG C 524 -23.97 -35.77 17.91
C ARG C 524 -23.93 -35.82 17.96
N HIS C 525 -23.21 -34.86 18.49
CA HIS C 525 -23.63 -34.03 19.64
C HIS C 525 -23.99 -34.84 20.88
N GLY C 526 -23.25 -35.93 21.11
CA GLY C 526 -23.46 -36.83 22.26
C GLY C 526 -23.94 -38.22 21.95
N SER C 527 -24.66 -38.34 20.83
CA SER C 527 -25.15 -39.62 20.33
C SER C 527 -24.03 -40.44 19.73
N ASN C 528 -23.96 -41.70 20.16
CA ASN C 528 -23.04 -42.66 19.58
C ASN C 528 -23.70 -44.05 19.67
N ILE C 529 -22.88 -45.07 19.46
CA ILE C 529 -23.26 -46.45 19.56
C ILE C 529 -22.45 -47.14 20.64
N GLN C 530 -22.96 -48.30 21.03
CA GLN C 530 -22.27 -49.20 21.95
C GLN C 530 -22.40 -50.58 21.34
N VAL C 531 -21.26 -51.23 21.12
CA VAL C 531 -21.19 -52.55 20.51
C VAL C 531 -20.95 -53.58 21.61
N ASP C 532 -21.78 -54.62 21.63
CA ASP C 532 -21.62 -55.78 22.52
C ASP C 532 -21.01 -56.86 21.66
N GLU C 533 -19.69 -57.03 21.77
CA GLU C 533 -18.98 -58.05 20.99
C GLU C 533 -19.28 -59.49 21.43
N VAL C 534 -19.77 -59.70 22.65
CA VAL C 534 -20.10 -61.05 23.14
C VAL C 534 -21.41 -61.50 22.48
N ARG C 535 -22.48 -60.73 22.73
CA ARG C 535 -23.81 -60.96 22.14
C ARG C 535 -23.94 -60.58 20.66
N ARG C 536 -22.97 -59.85 20.14
CA ARG C 536 -22.91 -59.43 18.74
C ARG C 536 -24.07 -58.49 18.35
N LEU C 537 -24.32 -57.54 19.25
CA LEU C 537 -25.37 -56.53 19.17
C LEU C 537 -24.74 -55.15 19.09
N VAL C 538 -25.53 -54.18 18.64
CA VAL C 538 -25.16 -52.77 18.60
C VAL C 538 -26.33 -51.93 19.12
N TYR C 539 -26.07 -51.10 20.11
CA TYR C 539 -27.05 -50.17 20.66
C TYR C 539 -26.86 -48.86 19.96
N PHE C 540 -27.95 -48.21 19.59
CA PHE C 540 -27.90 -46.90 18.95
C PHE C 540 -29.18 -46.11 19.21
N GLU C 541 -29.08 -44.79 19.04
CA GLU C 541 -30.23 -43.90 19.15
C GLU C 541 -30.74 -43.57 17.75
N GLY C 542 -32.04 -43.35 17.61
CA GLY C 542 -32.64 -43.15 16.29
C GLY C 542 -34.00 -42.53 16.26
N THR C 543 -34.40 -42.16 15.04
CA THR C 543 -35.73 -41.56 14.74
C THR C 543 -36.73 -42.51 14.07
N LYS C 544 -36.52 -43.81 14.24
CA LYS C 544 -37.38 -44.83 13.62
C LYS C 544 -38.85 -44.65 13.96
N ASP C 545 -39.17 -44.53 15.23
CA ASP C 545 -40.57 -44.39 15.66
C ASP C 545 -41.21 -43.04 15.30
N SER C 546 -40.42 -41.98 15.19
CA SER C 546 -40.95 -40.65 14.98
C SER C 546 -39.82 -39.67 14.71
N PRO C 547 -40.01 -38.70 13.79
CA PRO C 547 -39.02 -37.60 13.71
C PRO C 547 -39.04 -36.65 14.93
N LEU C 548 -40.10 -36.68 15.73
CA LEU C 548 -40.24 -35.86 16.94
C LEU C 548 -39.75 -36.50 18.26
N GLU C 549 -39.28 -37.74 18.22
CA GLU C 549 -38.75 -38.44 19.41
C GLU C 549 -37.50 -39.22 19.04
N HIS C 550 -36.47 -39.08 19.86
CA HIS C 550 -35.28 -39.93 19.80
C HIS C 550 -35.50 -41.08 20.77
N HIS C 551 -35.09 -42.28 20.35
CA HIS C 551 -35.22 -43.51 21.14
C HIS C 551 -34.00 -44.35 21.02
N LEU C 552 -33.83 -45.25 21.98
CA LEU C 552 -32.74 -46.22 21.98
C LEU C 552 -33.23 -47.51 21.36
N TYR C 553 -32.37 -48.12 20.53
CA TYR C 553 -32.63 -49.37 19.87
C TYR C 553 -31.44 -50.30 19.99
N VAL C 554 -31.70 -51.59 19.87
CA VAL C 554 -30.68 -52.61 19.69
C VAL C 554 -30.99 -53.48 18.47
N VAL C 555 -29.93 -53.96 17.84
CA VAL C 555 -30.00 -54.79 16.65
C VAL C 555 -28.74 -55.65 16.56
N SER C 556 -28.85 -56.85 15.98
CA SER C 556 -27.68 -57.68 15.72
C SER C 556 -26.86 -57.08 14.59
N TYR C 557 -25.54 -56.99 14.76
CA TYR C 557 -24.63 -56.66 13.67
C TYR C 557 -24.23 -57.82 12.77
N VAL C 558 -24.44 -59.05 13.23
CA VAL C 558 -23.98 -60.23 12.52
C VAL C 558 -25.04 -60.72 11.53
N ASN C 559 -26.30 -60.72 11.96
CA ASN C 559 -27.37 -61.24 11.12
C ASN C 559 -28.58 -60.32 11.28
N PRO C 560 -28.44 -59.08 10.78
CA PRO C 560 -29.33 -58.00 11.19
C PRO C 560 -30.75 -58.19 10.73
N GLY C 561 -31.69 -57.94 11.63
CA GLY C 561 -33.11 -58.08 11.34
C GLY C 561 -33.98 -57.13 12.15
N GLU C 562 -34.61 -57.67 13.19
CA GLU C 562 -35.47 -56.90 14.06
C GLU C 562 -34.63 -55.82 14.74
N VAL C 563 -35.09 -54.58 14.57
CA VAL C 563 -34.63 -53.46 15.38
C VAL C 563 -35.62 -53.37 16.55
N THR C 564 -35.11 -53.59 17.76
CA THR C 564 -35.86 -53.60 18.99
C THR C 564 -35.70 -52.23 19.67
N ARG C 565 -36.81 -51.52 19.92
CA ARG C 565 -36.82 -50.27 20.69
C ARG C 565 -36.78 -50.56 22.17
N LEU C 566 -35.88 -49.89 22.88
CA LEU C 566 -35.73 -50.05 24.32
C LEU C 566 -36.39 -48.96 25.16
N THR C 567 -36.63 -47.80 24.61
CA THR C 567 -37.18 -46.70 25.37
C THR C 567 -38.66 -46.58 25.12
N ASP C 568 -39.37 -46.02 26.10
CA ASP C 568 -40.84 -45.96 26.01
C ASP C 568 -41.28 -44.80 25.16
N ARG C 569 -42.32 -45.00 24.35
CA ARG C 569 -42.92 -43.96 23.50
C ARG C 569 -43.58 -42.90 24.36
N GLY C 570 -43.75 -41.73 23.77
CA GLY C 570 -44.33 -40.56 24.45
C GLY C 570 -43.35 -39.60 25.10
N TYR C 571 -42.06 -39.93 25.09
CA TYR C 571 -40.96 -39.08 25.47
C TYR C 571 -39.88 -39.18 24.40
N SER C 572 -39.07 -38.13 24.28
CA SER C 572 -37.80 -38.16 23.56
C SER C 572 -36.72 -38.47 24.59
N HIS C 573 -35.70 -39.23 24.19
CA HIS C 573 -34.68 -39.77 25.07
C HIS C 573 -33.27 -39.45 24.56
N SER C 574 -32.36 -39.18 25.48
CA SER C 574 -30.93 -39.12 25.24
C SER C 574 -30.32 -40.11 26.19
N CYS C 575 -29.54 -41.07 25.65
CA CYS C 575 -29.13 -42.25 26.39
C CYS C 575 -27.65 -42.47 26.35
N CYS C 576 -27.12 -43.15 27.37
CA CYS C 576 -25.90 -43.91 27.18
C CYS C 576 -25.93 -45.23 27.91
N ILE C 577 -25.12 -46.13 27.37
CA ILE C 577 -25.12 -47.53 27.72
C ILE C 577 -23.84 -47.77 28.50
N SER C 578 -23.96 -48.52 29.59
CA SER C 578 -22.79 -49.04 30.30
C SER C 578 -21.85 -49.73 29.33
N GLN C 579 -20.55 -49.49 29.47
CA GLN C 579 -19.54 -50.30 28.76
C GLN C 579 -19.73 -51.81 28.88
N HIS C 580 -20.30 -52.24 30.00
CA HIS C 580 -20.65 -53.65 30.26
C HIS C 580 -21.96 -54.12 29.62
N CYS C 581 -22.73 -53.22 29.02
CA CYS C 581 -23.87 -53.52 28.17
C CYS C 581 -25.03 -54.22 28.92
N ASP C 582 -25.15 -53.91 30.21
CA ASP C 582 -26.19 -54.44 31.09
C ASP C 582 -27.05 -53.39 31.79
N PHE C 583 -26.72 -52.10 31.65
CA PHE C 583 -27.55 -50.99 32.02
C PHE C 583 -27.45 -49.93 30.96
N PHE C 584 -28.49 -49.12 30.91
CA PHE C 584 -28.42 -47.83 30.25
C PHE C 584 -29.17 -46.80 31.07
N ILE C 585 -28.86 -45.53 30.76
CA ILE C 585 -29.44 -44.37 31.39
C ILE C 585 -30.13 -43.57 30.31
N SER C 586 -31.30 -43.04 30.62
CA SER C 586 -32.05 -42.18 29.69
C SER C 586 -32.34 -40.89 30.40
N LYS C 587 -31.98 -39.77 29.77
CA LYS C 587 -32.46 -38.43 30.10
C LYS C 587 -33.61 -38.24 29.15
N TYR C 588 -34.82 -38.06 29.68
CA TYR C 588 -36.03 -38.01 28.87
C TYR C 588 -37.00 -36.94 29.33
N SER C 589 -37.74 -36.40 28.38
CA SER C 589 -38.74 -35.40 28.61
C SER C 589 -39.77 -35.50 27.53
N ASN C 590 -40.82 -34.72 27.69
CA ASN C 590 -41.76 -34.48 26.63
C ASN C 590 -42.31 -33.08 26.78
N GLN C 591 -43.16 -32.72 25.85
CA GLN C 591 -43.77 -31.39 25.81
C GLN C 591 -44.42 -30.98 27.15
N LYS C 592 -45.07 -31.92 27.83
CA LYS C 592 -45.78 -31.69 29.13
C LYS C 592 -44.95 -31.88 30.40
N ASN C 593 -43.74 -32.47 30.32
CA ASN C 593 -43.01 -32.98 31.49
C ASN C 593 -41.51 -32.64 31.44
N PRO C 594 -40.98 -31.96 32.48
CA PRO C 594 -39.53 -31.65 32.46
C PRO C 594 -38.63 -32.88 32.51
N HIS C 595 -37.35 -32.65 32.19
N HIS C 595 -37.33 -32.63 32.25
CA HIS C 595 -36.37 -33.72 32.03
CA HIS C 595 -36.32 -33.68 32.09
C HIS C 595 -36.21 -34.55 33.32
C HIS C 595 -36.16 -34.54 33.35
N CYS C 596 -36.26 -35.87 33.19
CA CYS C 596 -35.91 -36.85 34.25
C CYS C 596 -34.72 -37.64 33.77
N VAL C 597 -33.98 -38.23 34.69
CA VAL C 597 -32.92 -39.18 34.35
C VAL C 597 -33.14 -40.44 35.14
N SER C 598 -33.31 -41.57 34.44
CA SER C 598 -33.56 -42.86 35.07
C SER C 598 -32.57 -43.91 34.57
N LEU C 599 -32.36 -44.94 35.38
CA LEU C 599 -31.47 -46.05 35.10
C LEU C 599 -32.33 -47.28 34.81
N TYR C 600 -32.02 -47.95 33.70
CA TYR C 600 -32.68 -49.19 33.28
C TYR C 600 -31.69 -50.35 33.23
N LYS C 601 -32.07 -51.50 33.78
CA LYS C 601 -31.29 -52.72 33.67
C LYS C 601 -31.68 -53.49 32.42
N LEU C 602 -30.68 -53.98 31.69
CA LEU C 602 -30.84 -54.84 30.52
C LEU C 602 -30.58 -56.29 30.86
N SER C 603 -31.50 -57.14 30.45
CA SER C 603 -31.25 -58.59 30.44
C SER C 603 -31.78 -59.16 29.17
N SER C 604 -31.48 -60.44 28.98
CA SER C 604 -31.93 -61.20 27.81
C SER C 604 -32.49 -62.53 28.30
N PRO C 605 -33.54 -63.06 27.63
CA PRO C 605 -34.04 -64.41 28.04
C PRO C 605 -33.01 -65.55 27.89
N GLU C 606 -33.13 -66.58 28.75
CA GLU C 606 -32.22 -67.75 28.73
C GLU C 606 -32.15 -68.38 27.33
N ASP C 607 -33.28 -68.46 26.64
CA ASP C 607 -33.35 -69.05 25.29
C ASP C 607 -32.66 -68.29 24.14
N ASP C 608 -32.36 -67.01 24.30
CA ASP C 608 -31.87 -66.18 23.17
C ASP C 608 -31.07 -64.97 23.68
N PRO C 609 -29.74 -65.09 23.75
CA PRO C 609 -28.88 -63.93 24.13
C PRO C 609 -28.94 -62.67 23.21
N THR C 610 -29.38 -62.81 21.97
CA THR C 610 -29.69 -61.67 21.08
C THR C 610 -30.87 -60.83 21.55
N CYS C 611 -31.86 -61.45 22.19
CA CYS C 611 -33.11 -60.72 22.49
C CYS C 611 -32.84 -59.88 23.72
N LYS C 612 -33.10 -58.58 23.64
CA LYS C 612 -32.87 -57.67 24.81
C LYS C 612 -34.17 -57.16 25.40
N THR C 613 -34.23 -57.12 26.73
CA THR C 613 -35.33 -56.52 27.48
C THR C 613 -34.79 -55.56 28.53
N LYS C 614 -35.71 -54.77 29.06
CA LYS C 614 -35.42 -53.65 29.90
C LYS C 614 -36.32 -53.74 31.13
N GLU C 615 -35.75 -53.37 32.26
CA GLU C 615 -36.50 -53.13 33.48
C GLU C 615 -36.01 -51.80 34.10
N PHE C 616 -36.95 -50.95 34.51
CA PHE C 616 -36.62 -49.81 35.36
C PHE C 616 -35.95 -50.29 36.65
N TRP C 617 -34.81 -49.66 36.97
CA TRP C 617 -34.05 -49.97 38.17
C TRP C 617 -34.17 -48.86 39.23
N ALA C 618 -33.83 -47.63 38.83
CA ALA C 618 -33.79 -46.49 39.75
C ALA C 618 -33.80 -45.16 39.05
N THR C 619 -34.26 -44.15 39.76
CA THR C 619 -34.21 -42.75 39.30
C THR C 619 -32.93 -42.08 39.81
N ILE C 620 -32.28 -41.32 38.94
CA ILE C 620 -31.13 -40.47 39.25
C ILE C 620 -31.58 -39.05 39.47
N LEU C 621 -32.42 -38.52 38.59
CA LEU C 621 -33.02 -37.19 38.74
C LEU C 621 -34.50 -37.26 38.45
N ASP C 622 -35.33 -36.85 39.41
CA ASP C 622 -36.78 -36.71 39.20
C ASP C 622 -37.06 -35.26 38.78
N SER C 623 -38.12 -35.03 38.03
CA SER C 623 -38.51 -33.65 37.60
C SER C 623 -39.25 -32.85 38.67
N ALA C 624 -39.82 -33.53 39.69
CA ALA C 624 -40.78 -32.94 40.64
C ALA C 624 -41.99 -32.27 39.94
N GLY C 625 -42.70 -33.09 39.17
CA GLY C 625 -43.98 -32.69 38.53
C GLY C 625 -43.85 -31.68 37.39
N PRO C 626 -44.99 -31.10 36.92
CA PRO C 626 -45.02 -30.08 35.85
C PRO C 626 -44.91 -28.63 36.38
N LEU C 627 -44.28 -27.74 35.61
CA LEU C 627 -44.11 -26.33 35.98
C LEU C 627 -45.48 -25.64 36.16
N PRO C 628 -45.72 -24.94 37.30
CA PRO C 628 -46.87 -24.03 37.33
C PRO C 628 -46.57 -22.76 36.50
N ASP C 629 -47.66 -22.11 36.06
CA ASP C 629 -47.61 -20.95 35.16
C ASP C 629 -46.81 -21.20 33.86
N TYR C 630 -46.92 -22.42 33.34
CA TYR C 630 -46.32 -22.81 32.04
C TYR C 630 -47.33 -23.66 31.31
N THR C 631 -47.73 -23.18 30.13
CA THR C 631 -48.59 -23.91 29.24
C THR C 631 -47.72 -24.31 28.06
N PRO C 632 -47.63 -25.63 27.78
CA PRO C 632 -46.87 -26.05 26.61
C PRO C 632 -47.60 -25.77 25.29
N PRO C 633 -46.85 -25.76 24.18
CA PRO C 633 -47.44 -25.57 22.88
C PRO C 633 -48.03 -26.87 22.35
N GLU C 634 -48.88 -26.76 21.35
CA GLU C 634 -49.39 -27.88 20.58
C GLU C 634 -48.49 -28.08 19.37
N ILE C 635 -48.08 -29.32 19.14
CA ILE C 635 -47.38 -29.67 17.91
C ILE C 635 -48.42 -29.85 16.82
N PHE C 636 -48.21 -29.18 15.70
CA PHE C 636 -48.99 -29.37 14.49
C PHE C 636 -48.07 -29.76 13.33
N SER C 637 -48.70 -30.19 12.25
CA SER C 637 -48.03 -30.44 10.99
C SER C 637 -48.96 -30.12 9.81
N PHE C 638 -48.33 -29.92 8.67
CA PHE C 638 -49.03 -29.64 7.42
C PHE C 638 -48.24 -30.24 6.25
N GLU C 639 -48.97 -30.70 5.24
CA GLU C 639 -48.37 -31.26 4.02
C GLU C 639 -48.03 -30.08 3.13
N SER C 640 -46.74 -29.82 2.95
CA SER C 640 -46.26 -28.68 2.16
C SER C 640 -46.44 -29.00 0.68
N THR C 641 -46.61 -27.95 -0.11
CA THR C 641 -46.53 -28.03 -1.58
C THR C 641 -45.11 -28.41 -2.10
N THR C 642 -44.11 -28.34 -1.21
CA THR C 642 -42.76 -28.83 -1.47
C THR C 642 -42.62 -30.36 -1.46
N GLY C 643 -43.68 -31.09 -1.10
CA GLY C 643 -43.65 -32.55 -1.05
C GLY C 643 -43.44 -33.17 0.33
N PHE C 644 -42.99 -32.39 1.31
CA PHE C 644 -42.66 -32.87 2.65
C PHE C 644 -43.74 -32.47 3.65
N THR C 645 -43.93 -33.33 4.65
CA THR C 645 -44.62 -32.94 5.88
C THR C 645 -43.69 -32.01 6.67
N LEU C 646 -44.20 -30.84 7.06
CA LEU C 646 -43.47 -29.92 7.96
C LEU C 646 -44.15 -29.85 9.30
N TYR C 647 -43.35 -29.78 10.37
CA TYR C 647 -43.85 -29.76 11.73
C TYR C 647 -43.66 -28.39 12.38
N GLY C 648 -44.57 -28.06 13.28
CA GLY C 648 -44.55 -26.78 13.99
C GLY C 648 -45.07 -26.87 15.41
N MET C 649 -44.87 -25.78 16.14
CA MET C 649 -45.41 -25.60 17.49
C MET C 649 -46.23 -24.34 17.53
N LEU C 650 -47.41 -24.42 18.12
CA LEU C 650 -48.32 -23.29 18.28
C LEU C 650 -48.54 -23.05 19.75
N TYR C 651 -48.22 -21.84 20.21
CA TYR C 651 -48.55 -21.37 21.54
C TYR C 651 -49.75 -20.46 21.39
N LYS C 652 -50.93 -20.95 21.78
CA LYS C 652 -52.14 -20.11 21.76
C LYS C 652 -52.04 -19.07 22.86
N PRO C 653 -52.62 -17.87 22.65
CA PRO C 653 -52.69 -16.88 23.74
C PRO C 653 -53.46 -17.42 24.92
N HIS C 654 -52.98 -17.11 26.12
CA HIS C 654 -53.62 -17.54 27.36
C HIS C 654 -54.86 -16.67 27.52
N ASP C 655 -55.94 -17.26 28.06
CA ASP C 655 -57.24 -16.56 28.21
C ASP C 655 -57.71 -16.05 26.82
N LEU C 656 -57.82 -17.00 25.89
CA LEU C 656 -58.17 -16.74 24.52
C LEU C 656 -59.63 -16.33 24.47
N GLN C 657 -59.88 -15.06 24.17
CA GLN C 657 -61.24 -14.52 24.12
C GLN C 657 -61.86 -14.88 22.75
N PRO C 658 -63.18 -15.20 22.72
CA PRO C 658 -63.82 -15.45 21.43
C PRO C 658 -64.06 -14.14 20.66
N GLY C 659 -64.05 -14.25 19.35
CA GLY C 659 -64.21 -13.09 18.47
C GLY C 659 -63.11 -12.04 18.46
N LYS C 660 -61.91 -12.38 18.94
CA LYS C 660 -60.76 -11.48 18.88
C LYS C 660 -59.62 -12.13 18.11
N LYS C 661 -58.76 -11.30 17.51
CA LYS C 661 -57.58 -11.72 16.78
C LYS C 661 -56.33 -11.07 17.41
N TYR C 662 -55.27 -11.85 17.51
CA TYR C 662 -54.15 -11.58 18.38
C TYR C 662 -52.88 -11.42 17.54
N PRO C 663 -51.96 -10.53 17.98
CA PRO C 663 -50.70 -10.39 17.26
C PRO C 663 -49.87 -11.64 17.36
N THR C 664 -49.04 -11.87 16.36
CA THR C 664 -48.39 -13.16 16.17
C THR C 664 -46.89 -12.96 16.07
N VAL C 665 -46.14 -13.76 16.81
CA VAL C 665 -44.69 -13.78 16.78
C VAL C 665 -44.23 -15.14 16.28
N LEU C 666 -43.34 -15.11 15.31
CA LEU C 666 -42.73 -16.29 14.76
C LEU C 666 -41.32 -16.33 15.34
N PHE C 667 -41.06 -17.31 16.18
CA PHE C 667 -39.68 -17.60 16.60
C PHE C 667 -39.08 -18.58 15.57
N ILE C 668 -37.84 -18.32 15.17
CA ILE C 668 -37.20 -19.06 14.10
C ILE C 668 -35.74 -19.34 14.37
N TYR C 669 -35.32 -20.56 14.01
CA TYR C 669 -33.91 -20.88 13.77
C TYR C 669 -33.79 -21.15 12.27
N GLY C 670 -34.34 -22.28 11.80
CA GLY C 670 -34.38 -22.57 10.35
C GLY C 670 -33.11 -22.98 9.62
N GLY C 671 -32.00 -23.06 10.32
CA GLY C 671 -30.74 -23.49 9.77
C GLY C 671 -30.48 -24.97 9.89
N PRO C 672 -29.33 -25.40 9.34
CA PRO C 672 -28.93 -26.79 9.48
C PRO C 672 -28.45 -27.11 10.87
N GLN C 673 -28.46 -28.41 11.14
CA GLN C 673 -27.99 -29.03 12.39
C GLN C 673 -28.88 -28.80 13.63
N VAL C 674 -30.08 -28.25 13.46
CA VAL C 674 -31.03 -27.95 14.56
C VAL C 674 -32.44 -28.39 14.18
N GLN C 675 -33.18 -28.93 15.15
CA GLN C 675 -34.65 -29.01 15.05
C GLN C 675 -35.20 -28.41 16.31
N LEU C 676 -36.06 -27.42 16.16
CA LEU C 676 -36.78 -26.84 17.29
C LEU C 676 -38.04 -27.60 17.68
N VAL C 677 -38.72 -28.19 16.70
CA VAL C 677 -40.06 -28.79 16.89
C VAL C 677 -39.89 -30.29 17.11
N ASN C 678 -40.07 -30.68 18.35
CA ASN C 678 -40.06 -32.11 18.71
C ASN C 678 -40.74 -32.26 20.06
N ASN C 679 -40.89 -33.49 20.53
CA ASN C 679 -41.60 -33.80 21.75
C ASN C 679 -40.61 -33.82 22.92
N ARG C 680 -40.16 -32.63 23.27
CA ARG C 680 -39.29 -32.37 24.42
C ARG C 680 -39.86 -31.24 25.21
N PHE C 681 -39.43 -31.14 26.45
CA PHE C 681 -39.82 -30.02 27.28
C PHE C 681 -39.16 -28.74 26.84
N LYS C 682 -39.99 -27.79 26.42
CA LYS C 682 -39.57 -26.45 25.99
C LYS C 682 -39.69 -25.38 27.07
N GLY C 683 -40.19 -25.74 28.25
CA GLY C 683 -40.36 -24.82 29.35
C GLY C 683 -39.14 -24.31 30.07
N VAL C 684 -37.95 -24.77 29.70
CA VAL C 684 -36.71 -24.23 30.27
C VAL C 684 -36.14 -23.28 29.22
N LYS C 685 -35.61 -23.79 28.10
CA LYS C 685 -34.91 -22.93 27.13
C LYS C 685 -35.84 -21.93 26.42
N TYR C 686 -37.10 -22.33 26.18
CA TYR C 686 -38.07 -21.49 25.44
C TYR C 686 -39.24 -21.06 26.33
N PHE C 687 -38.95 -20.82 27.62
CA PHE C 687 -39.95 -20.37 28.60
C PHE C 687 -40.58 -19.04 28.21
N ARG C 688 -39.80 -18.16 27.61
CA ARG C 688 -40.32 -16.84 27.23
C ARG C 688 -41.24 -16.85 26.03
N LEU C 689 -41.29 -17.94 25.28
CA LEU C 689 -42.35 -18.12 24.30
C LEU C 689 -43.68 -18.26 25.00
N ASN C 690 -43.71 -19.07 26.04
CA ASN C 690 -44.88 -19.15 26.93
C ASN C 690 -45.22 -17.77 27.59
N THR C 691 -44.20 -16.99 27.94
CA THR C 691 -44.42 -15.64 28.47
C THR C 691 -45.11 -14.76 27.45
N LEU C 692 -44.64 -14.79 26.21
CA LEU C 692 -45.26 -14.01 25.14
C LEU C 692 -46.74 -14.40 24.99
N ALA C 693 -47.00 -15.70 24.92
CA ALA C 693 -48.37 -16.22 24.94
C ALA C 693 -49.22 -15.69 26.11
N SER C 694 -48.64 -15.61 27.31
CA SER C 694 -49.33 -15.06 28.49
C SER C 694 -49.70 -13.58 28.38
N LEU C 695 -48.94 -12.81 27.62
CA LEU C 695 -49.26 -11.40 27.32
C LEU C 695 -50.31 -11.18 26.24
N GLY C 696 -50.55 -12.23 25.44
CA GLY C 696 -51.50 -12.23 24.33
C GLY C 696 -50.93 -12.34 22.93
N TYR C 697 -49.66 -12.76 22.78
CA TYR C 697 -49.12 -13.06 21.44
C TYR C 697 -49.44 -14.50 21.08
N VAL C 698 -49.78 -14.73 19.81
CA VAL C 698 -49.71 -16.07 19.23
C VAL C 698 -48.22 -16.27 18.97
N VAL C 699 -47.70 -17.43 19.35
CA VAL C 699 -46.31 -17.77 19.06
C VAL C 699 -46.26 -19.03 18.22
N VAL C 700 -45.50 -18.95 17.13
CA VAL C 700 -45.41 -20.02 16.14
C VAL C 700 -43.94 -20.36 15.93
N VAL C 701 -43.66 -21.65 15.78
CA VAL C 701 -42.33 -22.15 15.43
C VAL C 701 -42.51 -23.23 14.37
N ILE C 702 -41.73 -23.15 13.30
CA ILE C 702 -41.78 -24.12 12.20
C ILE C 702 -40.36 -24.57 11.86
N ASP C 703 -40.20 -25.90 11.68
CA ASP C 703 -38.94 -26.50 11.20
C ASP C 703 -39.08 -26.63 9.70
N ASN C 704 -38.56 -25.61 9.02
CA ASN C 704 -38.46 -25.60 7.56
C ASN C 704 -37.47 -26.63 7.01
N ARG C 705 -37.43 -26.76 5.70
CA ARG C 705 -36.44 -27.60 5.02
C ARG C 705 -35.04 -27.12 5.30
N GLY C 706 -34.12 -28.05 5.49
CA GLY C 706 -32.77 -27.76 6.04
C GLY C 706 -32.55 -28.21 7.47
N SER C 707 -33.62 -28.19 8.27
CA SER C 707 -33.65 -28.77 9.60
C SER C 707 -33.16 -30.21 9.68
N CYS C 708 -32.83 -30.55 10.90
CA CYS C 708 -32.21 -31.77 11.29
C CYS C 708 -33.28 -32.87 11.40
N HIS C 709 -32.81 -34.12 11.38
CA HIS C 709 -33.59 -35.32 11.72
C HIS C 709 -34.65 -35.76 10.72
N ARG C 710 -34.54 -35.26 9.49
CA ARG C 710 -35.42 -35.66 8.39
C ARG C 710 -34.72 -36.25 7.19
N GLY C 711 -33.42 -36.48 7.32
CA GLY C 711 -32.62 -37.08 6.29
C GLY C 711 -31.93 -36.05 5.43
N LEU C 712 -31.04 -36.56 4.61
CA LEU C 712 -30.14 -35.70 3.84
C LEU C 712 -30.82 -34.97 2.70
N LYS C 713 -31.84 -35.59 2.07
CA LYS C 713 -32.58 -34.93 1.00
C LYS C 713 -33.29 -33.69 1.51
N PHE C 714 -33.97 -33.85 2.65
CA PHE C 714 -34.64 -32.76 3.36
C PHE C 714 -33.64 -31.66 3.73
N GLU C 715 -32.54 -32.06 4.33
CA GLU C 715 -31.47 -31.15 4.75
C GLU C 715 -30.87 -30.44 3.53
N GLY C 716 -30.70 -31.18 2.43
CA GLY C 716 -30.10 -30.71 1.19
C GLY C 716 -30.90 -29.69 0.39
N ALA C 717 -32.17 -29.51 0.70
CA ALA C 717 -33.05 -28.57 0.01
C ALA C 717 -32.47 -27.18 -0.21
N PHE C 718 -31.69 -26.65 0.77
CA PHE C 718 -31.00 -25.35 0.60
C PHE C 718 -29.55 -25.35 0.09
N LYS C 719 -29.02 -26.49 -0.37
CA LYS C 719 -27.67 -26.47 -0.94
C LYS C 719 -27.58 -25.38 -2.01
N TYR C 720 -26.58 -24.53 -1.91
CA TYR C 720 -26.38 -23.35 -2.76
C TYR C 720 -27.46 -22.24 -2.68
N LYS C 721 -28.45 -22.40 -1.80
CA LYS C 721 -29.69 -21.61 -1.83
C LYS C 721 -30.05 -21.08 -0.42
N MET C 722 -29.08 -20.95 0.48
CA MET C 722 -29.42 -20.44 1.85
C MET C 722 -30.05 -19.04 1.78
N GLY C 723 -31.09 -18.84 2.58
CA GLY C 723 -31.94 -17.67 2.54
C GLY C 723 -33.08 -17.63 1.54
N GLN C 724 -33.05 -18.51 0.55
CA GLN C 724 -34.01 -18.44 -0.55
C GLN C 724 -35.26 -19.28 -0.34
N ILE C 725 -35.23 -20.30 0.53
CA ILE C 725 -36.37 -21.24 0.68
C ILE C 725 -37.09 -21.26 2.02
N GLU C 726 -36.43 -20.80 3.06
CA GLU C 726 -36.83 -21.07 4.45
C GLU C 726 -38.10 -20.29 4.79
N ILE C 727 -38.17 -19.06 4.31
CA ILE C 727 -39.27 -18.18 4.57
C ILE C 727 -40.54 -18.60 3.85
N ASP C 728 -40.40 -19.17 2.65
CA ASP C 728 -41.55 -19.81 1.96
C ASP C 728 -42.25 -20.87 2.82
N ASP C 729 -41.44 -21.68 3.52
CA ASP C 729 -41.97 -22.71 4.42
C ASP C 729 -42.63 -22.09 5.64
N GLN C 730 -41.98 -21.09 6.22
CA GLN C 730 -42.48 -20.39 7.41
C GLN C 730 -43.81 -19.72 7.14
N VAL C 731 -43.90 -19.02 6.02
CA VAL C 731 -45.14 -18.39 5.59
C VAL C 731 -46.24 -19.42 5.29
N GLU C 732 -45.89 -20.53 4.64
CA GLU C 732 -46.84 -21.60 4.35
C GLU C 732 -47.47 -22.13 5.64
N GLY C 733 -46.63 -22.45 6.61
CA GLY C 733 -47.06 -22.84 7.95
C GLY C 733 -47.94 -21.79 8.63
N LEU C 734 -47.54 -20.55 8.50
CA LEU C 734 -48.29 -19.44 9.04
C LEU C 734 -49.69 -19.30 8.42
N GLN C 735 -49.77 -19.48 7.11
CA GLN C 735 -51.08 -19.47 6.40
C GLN C 735 -51.92 -20.72 6.66
N TYR C 736 -51.28 -21.89 6.84
CA TYR C 736 -51.99 -23.10 7.31
C TYR C 736 -52.71 -22.80 8.62
N LEU C 737 -51.96 -22.26 9.58
CA LEU C 737 -52.55 -21.85 10.86
C LEU C 737 -53.64 -20.83 10.73
N ALA C 738 -53.42 -19.81 9.92
CA ALA C 738 -54.36 -18.68 9.77
C ALA C 738 -55.72 -19.07 9.18
N SER C 739 -55.73 -20.00 8.23
CA SER C 739 -56.97 -20.55 7.68
C SER C 739 -57.74 -21.47 8.67
N ARG C 740 -56.99 -22.16 9.52
CA ARG C 740 -57.51 -23.05 10.55
C ARG C 740 -57.97 -22.30 11.83
N TYR C 741 -57.32 -21.18 12.15
CA TYR C 741 -57.55 -20.43 13.40
C TYR C 741 -57.71 -18.96 13.08
N ASP C 742 -58.93 -18.49 13.21
CA ASP C 742 -59.25 -17.08 13.02
C ASP C 742 -58.61 -16.10 14.04
N PHE C 743 -58.14 -16.59 15.19
CA PHE C 743 -57.44 -15.74 16.19
C PHE C 743 -56.06 -15.17 15.81
N ILE C 744 -55.45 -15.65 14.73
CA ILE C 744 -54.17 -15.11 14.25
C ILE C 744 -54.42 -13.87 13.41
N ASP C 745 -53.96 -12.71 13.89
CA ASP C 745 -54.05 -11.45 13.14
C ASP C 745 -52.85 -11.37 12.20
N LEU C 746 -53.11 -11.59 10.91
CA LEU C 746 -52.05 -11.52 9.87
C LEU C 746 -51.54 -10.11 9.59
N ASP C 747 -52.31 -9.09 9.94
CA ASP C 747 -51.81 -7.70 9.88
C ASP C 747 -50.76 -7.34 10.94
N ARG C 748 -50.53 -8.21 11.94
CA ARG C 748 -49.54 -7.94 13.00
C ARG C 748 -48.68 -9.18 13.30
N VAL C 749 -47.87 -9.54 12.32
CA VAL C 749 -46.94 -10.65 12.46
C VAL C 749 -45.52 -10.14 12.63
N GLY C 750 -44.85 -10.68 13.63
CA GLY C 750 -43.45 -10.39 13.92
C GLY C 750 -42.64 -11.67 13.79
N ILE C 751 -41.32 -11.48 13.66
CA ILE C 751 -40.39 -12.59 13.58
C ILE C 751 -39.14 -12.25 14.35
N HIS C 752 -38.62 -13.26 15.03
CA HIS C 752 -37.45 -13.14 15.87
C HIS C 752 -36.65 -14.41 15.86
N GLY C 753 -35.35 -14.25 15.75
CA GLY C 753 -34.42 -15.36 15.87
C GLY C 753 -33.02 -14.84 16.16
N TRP C 754 -32.21 -15.74 16.69
CA TRP C 754 -30.76 -15.54 16.89
C TRP C 754 -29.99 -16.44 15.93
N SER C 755 -28.78 -16.01 15.59
CA SER C 755 -27.82 -16.79 14.84
C SER C 755 -28.43 -17.04 13.43
N TYR C 756 -28.63 -18.27 12.99
CA TYR C 756 -29.32 -18.52 11.72
C TYR C 756 -30.73 -17.92 11.72
N GLY C 757 -31.37 -17.95 12.88
CA GLY C 757 -32.65 -17.28 13.10
C GLY C 757 -32.66 -15.77 12.87
N GLY C 758 -31.55 -15.11 13.19
CA GLY C 758 -31.37 -13.68 13.00
C GLY C 758 -31.23 -13.39 11.53
N TYR C 759 -30.39 -14.22 10.90
CA TYR C 759 -30.23 -14.22 9.46
C TYR C 759 -31.57 -14.28 8.74
N LEU C 760 -32.37 -15.29 9.11
CA LEU C 760 -33.69 -15.47 8.51
C LEU C 760 -34.67 -14.38 8.86
N SER C 761 -34.56 -13.82 10.04
CA SER C 761 -35.42 -12.69 10.41
C SER C 761 -35.16 -11.52 9.48
N LEU C 762 -33.91 -11.29 9.10
CA LEU C 762 -33.59 -10.25 8.12
C LEU C 762 -34.14 -10.55 6.76
N MET C 763 -34.02 -11.81 6.35
CA MET C 763 -34.53 -12.23 5.05
C MET C 763 -36.04 -12.14 4.97
N ALA C 764 -36.72 -12.52 6.07
CA ALA C 764 -38.19 -12.36 6.20
C ALA C 764 -38.64 -10.95 5.90
N LEU C 765 -38.01 -9.99 6.55
CA LEU C 765 -38.39 -8.57 6.40
C LEU C 765 -38.08 -8.02 5.02
N MET C 766 -37.00 -8.54 4.45
CA MET C 766 -36.52 -8.09 3.15
C MET C 766 -37.36 -8.68 2.02
N GLN C 767 -37.54 -9.99 2.06
CA GLN C 767 -38.34 -10.73 1.07
C GLN C 767 -39.85 -10.53 1.21
N ARG C 768 -40.36 -10.53 2.45
CA ARG C 768 -41.79 -10.59 2.75
C ARG C 768 -42.26 -9.52 3.75
N SER C 769 -41.97 -8.25 3.45
CA SER C 769 -42.48 -7.13 4.25
C SER C 769 -44.00 -7.00 4.25
N ASP C 770 -44.63 -7.52 3.21
CA ASP C 770 -46.10 -7.71 3.19
C ASP C 770 -46.67 -8.55 4.35
N ILE C 771 -45.90 -9.53 4.81
CA ILE C 771 -46.32 -10.41 5.91
C ILE C 771 -45.75 -10.00 7.26
N PHE C 772 -44.45 -9.77 7.30
CA PHE C 772 -43.75 -9.52 8.57
C PHE C 772 -43.64 -8.04 8.82
N ARG C 773 -44.30 -7.58 9.88
CA ARG C 773 -44.28 -6.17 10.29
C ARG C 773 -43.00 -5.80 11.01
N VAL C 774 -42.56 -6.61 11.96
CA VAL C 774 -41.28 -6.39 12.65
C VAL C 774 -40.40 -7.62 12.56
N ALA C 775 -39.10 -7.35 12.50
CA ALA C 775 -38.06 -8.36 12.49
C ALA C 775 -37.03 -7.98 13.54
N ILE C 776 -36.75 -8.91 14.45
CA ILE C 776 -35.78 -8.71 15.50
C ILE C 776 -34.70 -9.77 15.28
N ALA C 777 -33.57 -9.35 14.75
CA ALA C 777 -32.53 -10.24 14.28
C ALA C 777 -31.35 -10.18 15.21
N GLY C 778 -30.99 -11.34 15.77
CA GLY C 778 -29.85 -11.45 16.65
C GLY C 778 -28.67 -12.13 16.01
N ALA C 779 -27.51 -11.48 16.10
CA ALA C 779 -26.23 -12.02 15.60
C ALA C 779 -26.29 -12.68 14.21
N PRO C 780 -26.82 -11.96 13.22
CA PRO C 780 -26.96 -12.53 11.91
C PRO C 780 -25.67 -12.50 11.13
N VAL C 781 -25.54 -13.43 10.20
CA VAL C 781 -24.59 -13.34 9.09
C VAL C 781 -25.31 -12.53 8.05
N THR C 782 -24.74 -11.41 7.67
CA THR C 782 -25.18 -10.57 6.57
C THR C 782 -24.33 -10.63 5.29
N LEU C 783 -23.19 -11.32 5.33
CA LEU C 783 -22.35 -11.53 4.17
C LEU C 783 -21.71 -12.89 4.29
N TRP C 784 -22.13 -13.84 3.47
CA TRP C 784 -21.52 -15.16 3.49
C TRP C 784 -20.01 -15.18 3.21
N ILE C 785 -19.50 -14.20 2.47
CA ILE C 785 -18.04 -14.08 2.21
C ILE C 785 -17.18 -13.87 3.46
N PHE C 786 -17.79 -13.39 4.54
CA PHE C 786 -17.14 -13.26 5.86
C PHE C 786 -17.29 -14.44 6.80
N TYR C 787 -18.15 -15.39 6.50
CA TYR C 787 -18.25 -16.57 7.33
C TYR C 787 -17.15 -17.55 6.92
N ASP C 788 -17.01 -18.64 7.66
CA ASP C 788 -15.83 -19.48 7.55
C ASP C 788 -15.96 -20.55 6.48
N THR C 789 -14.83 -21.14 6.15
CA THR C 789 -14.73 -22.21 5.18
C THR C 789 -15.59 -23.41 5.49
N GLY C 790 -15.46 -23.96 6.68
CA GLY C 790 -16.05 -25.23 7.04
C GLY C 790 -17.56 -25.27 6.95
N TYR C 791 -18.22 -24.22 7.41
CA TYR C 791 -19.67 -24.13 7.35
C TYR C 791 -20.08 -23.71 5.94
N THR C 792 -19.55 -22.58 5.50
CA THR C 792 -20.10 -21.89 4.33
C THR C 792 -19.96 -22.70 3.06
N GLU C 793 -18.79 -23.29 2.85
CA GLU C 793 -18.53 -24.06 1.65
C GLU C 793 -19.26 -25.40 1.64
N ARG C 794 -19.58 -25.92 2.83
CA ARG C 794 -20.36 -27.14 2.93
C ARG C 794 -21.74 -26.95 2.31
N TYR C 795 -22.42 -25.88 2.71
CA TYR C 795 -23.78 -25.57 2.35
C TYR C 795 -23.91 -24.69 1.09
N MET C 796 -22.93 -23.85 0.81
CA MET C 796 -22.98 -22.91 -0.33
C MET C 796 -21.91 -23.07 -1.39
N GLY C 797 -20.99 -24.03 -1.24
CA GLY C 797 -19.90 -24.25 -2.20
C GLY C 797 -18.93 -23.08 -2.26
N HIS C 798 -18.04 -23.12 -3.27
CA HIS C 798 -17.07 -22.03 -3.47
C HIS C 798 -17.80 -20.76 -3.96
N PRO C 799 -17.44 -19.55 -3.51
CA PRO C 799 -18.09 -18.29 -3.99
C PRO C 799 -18.11 -18.05 -5.48
N ASP C 800 -17.08 -18.47 -6.20
CA ASP C 800 -17.03 -18.35 -7.66
C ASP C 800 -17.98 -19.29 -8.40
N GLN C 801 -18.36 -20.39 -7.75
CA GLN C 801 -19.25 -21.42 -8.30
C GLN C 801 -20.69 -21.26 -7.83
N ASN C 802 -20.95 -20.21 -7.06
CA ASN C 802 -22.29 -19.88 -6.65
C ASN C 802 -22.45 -18.36 -6.44
N GLU C 803 -22.15 -17.60 -7.49
CA GLU C 803 -22.16 -16.13 -7.39
C GLU C 803 -23.52 -15.57 -6.99
N GLN C 804 -24.58 -16.10 -7.61
CA GLN C 804 -25.94 -15.67 -7.29
C GLN C 804 -26.39 -16.12 -5.91
N GLY C 805 -26.03 -17.33 -5.50
CA GLY C 805 -26.42 -17.82 -4.17
C GLY C 805 -25.81 -16.99 -3.07
N TYR C 806 -24.51 -16.72 -3.20
CA TYR C 806 -23.82 -15.82 -2.29
C TYR C 806 -24.46 -14.42 -2.28
N TYR C 807 -24.79 -13.88 -3.46
CA TYR C 807 -25.43 -12.56 -3.56
C TYR C 807 -26.78 -12.60 -2.84
N LEU C 808 -27.67 -13.49 -3.27
CA LEU C 808 -29.06 -13.52 -2.78
C LEU C 808 -29.15 -13.91 -1.32
N GLY C 809 -28.22 -14.74 -0.86
CA GLY C 809 -28.15 -15.12 0.54
C GLY C 809 -27.52 -14.08 1.47
N SER C 810 -26.90 -13.04 0.93
CA SER C 810 -26.17 -12.04 1.68
C SER C 810 -27.03 -10.77 1.82
N VAL C 811 -27.60 -10.60 3.00
CA VAL C 811 -28.47 -9.47 3.34
C VAL C 811 -27.86 -8.10 2.99
N ALA C 812 -26.60 -7.91 3.37
CA ALA C 812 -25.88 -6.62 3.21
C ALA C 812 -25.66 -6.18 1.78
N MET C 813 -25.66 -7.13 0.85
CA MET C 813 -25.70 -6.79 -0.59
C MET C 813 -27.07 -6.23 -1.08
N GLN C 814 -28.10 -6.25 -0.22
CA GLN C 814 -29.48 -6.04 -0.59
C GLN C 814 -30.16 -5.03 0.34
N ALA C 815 -29.39 -4.03 0.79
CA ALA C 815 -29.89 -3.03 1.70
C ALA C 815 -31.05 -2.23 1.14
N GLU C 816 -31.02 -1.97 -0.17
CA GLU C 816 -32.14 -1.29 -0.87
C GLU C 816 -33.52 -1.97 -0.72
N LYS C 817 -33.53 -3.29 -0.47
CA LYS C 817 -34.74 -4.08 -0.24
C LYS C 817 -35.37 -3.97 1.15
N PHE C 818 -34.70 -3.32 2.10
CA PHE C 818 -35.29 -3.07 3.42
C PHE C 818 -36.37 -2.01 3.36
N PRO C 819 -37.26 -1.98 4.36
CA PRO C 819 -38.33 -0.97 4.32
C PRO C 819 -37.86 0.43 4.69
N SER C 820 -38.55 1.41 4.13
CA SER C 820 -38.33 2.83 4.44
C SER C 820 -39.14 3.33 5.63
N GLU C 821 -39.90 2.44 6.30
CA GLU C 821 -40.63 2.77 7.54
C GLU C 821 -39.77 2.33 8.72
N PRO C 822 -39.69 3.18 9.75
CA PRO C 822 -39.01 2.75 10.97
C PRO C 822 -39.86 1.83 11.84
N ASN C 823 -39.29 1.36 12.94
CA ASN C 823 -39.95 0.47 13.91
C ASN C 823 -40.30 -0.89 13.36
N ARG C 824 -39.50 -1.34 12.40
CA ARG C 824 -39.65 -2.67 11.78
C ARG C 824 -38.43 -3.55 11.90
N LEU C 825 -37.23 -2.98 11.93
CA LEU C 825 -35.99 -3.72 11.99
C LEU C 825 -35.29 -3.35 13.29
N LEU C 826 -35.01 -4.37 14.09
CA LEU C 826 -34.17 -4.26 15.26
C LEU C 826 -33.03 -5.25 15.11
N LEU C 827 -31.81 -4.75 15.20
CA LEU C 827 -30.59 -5.58 15.16
C LEU C 827 -30.02 -5.74 16.55
N LEU C 828 -29.67 -6.97 16.92
CA LEU C 828 -29.04 -7.27 18.22
C LEU C 828 -27.73 -7.98 17.93
N HIS C 829 -26.68 -7.68 18.67
CA HIS C 829 -25.40 -8.38 18.42
C HIS C 829 -24.46 -8.36 19.64
N GLY C 830 -23.78 -9.48 19.89
CA GLY C 830 -22.69 -9.54 20.85
C GLY C 830 -21.49 -8.82 20.30
N PHE C 831 -21.00 -7.80 20.97
CA PHE C 831 -19.91 -6.97 20.44
C PHE C 831 -18.57 -7.71 20.33
N LEU C 832 -18.37 -8.70 21.17
CA LEU C 832 -17.13 -9.47 21.25
C LEU C 832 -17.14 -10.77 20.46
N ASP C 833 -18.17 -10.97 19.64
CA ASP C 833 -18.43 -12.20 18.91
C ASP C 833 -17.33 -12.40 17.88
N GLU C 834 -16.61 -13.50 18.03
CA GLU C 834 -15.50 -13.94 17.16
C GLU C 834 -15.92 -14.97 16.11
N ASN C 835 -17.17 -15.43 16.19
CA ASN C 835 -17.74 -16.42 15.30
C ASN C 835 -18.47 -15.64 14.19
N VAL C 836 -19.57 -15.00 14.56
CA VAL C 836 -20.22 -14.04 13.68
C VAL C 836 -19.76 -12.64 14.09
N HIS C 837 -18.71 -12.14 13.43
CA HIS C 837 -18.06 -10.86 13.79
C HIS C 837 -19.11 -9.75 13.82
N PHE C 838 -18.90 -8.75 14.67
CA PHE C 838 -19.77 -7.58 14.70
C PHE C 838 -19.89 -6.83 13.35
N ALA C 839 -18.96 -7.10 12.44
CA ALA C 839 -18.86 -6.44 11.17
C ALA C 839 -20.01 -6.82 10.24
N HIS C 840 -20.56 -8.02 10.42
CA HIS C 840 -21.80 -8.41 9.77
C HIS C 840 -22.89 -7.35 10.01
N THR C 841 -23.03 -6.92 11.26
CA THR C 841 -23.96 -5.87 11.63
C THR C 841 -23.43 -4.50 11.18
N SER C 842 -22.16 -4.20 11.44
CA SER C 842 -21.66 -2.87 11.11
C SER C 842 -21.68 -2.58 9.61
N ILE C 843 -21.40 -3.57 8.78
CA ILE C 843 -21.46 -3.43 7.32
C ILE C 843 -22.91 -3.31 6.84
N LEU C 844 -23.84 -4.06 7.42
CA LEU C 844 -25.26 -3.91 7.09
C LEU C 844 -25.71 -2.49 7.36
N LEU C 845 -25.36 -2.00 8.54
CA LEU C 845 -25.67 -0.63 8.92
C LEU C 845 -25.02 0.37 7.99
N SER C 846 -23.79 0.11 7.59
CA SER C 846 -23.09 0.94 6.61
C SER C 846 -23.94 1.17 5.37
N PHE C 847 -24.51 0.08 4.84
CA PHE C 847 -25.35 0.14 3.64
C PHE C 847 -26.75 0.64 3.86
N LEU C 848 -27.36 0.30 5.00
CA LEU C 848 -28.62 0.92 5.39
C LEU C 848 -28.50 2.45 5.51
N VAL C 849 -27.38 2.94 6.03
CA VAL C 849 -27.15 4.37 6.14
C VAL C 849 -27.05 5.00 4.75
N ARG C 850 -26.25 4.40 3.86
CA ARG C 850 -26.15 4.87 2.46
C ARG C 850 -27.49 4.85 1.72
N ALA C 851 -28.26 3.79 1.95
CA ALA C 851 -29.58 3.65 1.38
C ALA C 851 -30.68 4.50 2.03
N GLY C 852 -30.39 5.22 3.12
CA GLY C 852 -31.39 6.04 3.81
C GLY C 852 -32.44 5.27 4.57
N LYS C 853 -32.16 4.03 4.98
CA LYS C 853 -33.17 3.19 5.63
C LYS C 853 -32.99 3.29 7.14
N PRO C 854 -34.10 3.35 7.91
CA PRO C 854 -34.01 3.35 9.37
C PRO C 854 -33.72 1.95 9.92
N TYR C 855 -33.13 1.92 11.10
CA TYR C 855 -32.88 0.68 11.86
C TYR C 855 -32.89 1.00 13.33
N ASP C 856 -33.13 -0.01 14.15
CA ASP C 856 -32.85 0.07 15.59
C ASP C 856 -31.78 -0.92 15.91
N LEU C 857 -30.99 -0.62 16.93
CA LEU C 857 -29.83 -1.40 17.28
C LEU C 857 -29.68 -1.51 18.80
N GLN C 858 -29.38 -2.72 19.27
CA GLN C 858 -28.89 -2.99 20.61
C GLN C 858 -27.65 -3.85 20.53
N ILE C 859 -26.64 -3.49 21.31
CA ILE C 859 -25.37 -4.20 21.44
C ILE C 859 -25.31 -4.77 22.88
N TYR C 860 -24.62 -5.90 23.01
CA TYR C 860 -24.33 -6.54 24.28
C TYR C 860 -22.80 -6.53 24.34
N PRO C 861 -22.23 -5.48 24.96
CA PRO C 861 -20.78 -5.32 24.91
C PRO C 861 -19.92 -6.34 25.63
N GLN C 862 -20.51 -7.12 26.53
CA GLN C 862 -19.77 -8.17 27.24
C GLN C 862 -20.04 -9.57 26.68
N GLU C 863 -20.62 -9.70 25.47
CA GLU C 863 -21.09 -10.97 24.91
C GLU C 863 -20.52 -11.31 23.54
N ARG C 864 -20.41 -12.62 23.30
CA ARG C 864 -19.86 -13.20 22.09
C ARG C 864 -21.09 -13.79 21.37
N HIS C 865 -21.01 -15.01 20.82
CA HIS C 865 -22.14 -15.63 20.15
C HIS C 865 -22.93 -16.50 21.13
N SER C 866 -23.39 -15.84 22.18
CA SER C 866 -23.95 -16.45 23.39
C SER C 866 -24.26 -15.34 24.39
N ILE C 867 -25.14 -15.64 25.32
CA ILE C 867 -25.41 -14.76 26.45
C ILE C 867 -24.97 -15.51 27.69
N ARG C 868 -23.82 -15.08 28.24
CA ARG C 868 -23.21 -15.63 29.44
C ARG C 868 -23.34 -14.77 30.69
N VAL C 869 -23.56 -13.46 30.55
CA VAL C 869 -23.73 -12.58 31.71
C VAL C 869 -25.23 -12.43 31.91
N PRO C 870 -25.77 -12.84 33.07
CA PRO C 870 -27.23 -12.79 33.31
C PRO C 870 -27.91 -11.46 33.04
N GLU C 871 -27.21 -10.37 33.39
CA GLU C 871 -27.70 -9.01 33.17
C GLU C 871 -27.92 -8.71 31.70
N SER C 872 -27.07 -9.27 30.82
CA SER C 872 -27.25 -9.13 29.37
C SER C 872 -28.53 -9.77 28.91
N GLY C 873 -28.80 -10.97 29.42
CA GLY C 873 -30.03 -11.68 29.10
C GLY C 873 -31.27 -11.00 29.63
N GLU C 874 -31.19 -10.56 30.89
CA GLU C 874 -32.29 -9.82 31.49
C GLU C 874 -32.65 -8.59 30.64
N HIS C 875 -31.64 -7.89 30.15
CA HIS C 875 -31.85 -6.67 29.37
C HIS C 875 -32.46 -6.98 28.02
N TYR C 876 -31.88 -7.96 27.34
CA TYR C 876 -32.41 -8.49 26.07
C TYR C 876 -33.88 -8.86 26.13
N GLU C 877 -34.24 -9.70 27.10
CA GLU C 877 -35.62 -10.14 27.26
C GLU C 877 -36.56 -8.97 27.47
N LEU C 878 -36.13 -8.05 28.33
CA LEU C 878 -36.89 -6.85 28.61
C LEU C 878 -37.07 -5.96 27.39
N HIS C 879 -35.97 -5.70 26.70
CA HIS C 879 -36.04 -4.90 25.50
C HIS C 879 -36.90 -5.54 24.41
N LEU C 880 -36.78 -6.85 24.24
CA LEU C 880 -37.58 -7.59 23.25
C LEU C 880 -39.08 -7.44 23.49
N LEU C 881 -39.50 -7.74 24.72
CA LEU C 881 -40.89 -7.60 25.11
C LEU C 881 -41.41 -6.18 24.95
N HIS C 882 -40.58 -5.23 25.37
CA HIS C 882 -40.93 -3.84 25.20
C HIS C 882 -41.05 -3.42 23.74
N TYR C 883 -40.12 -3.87 22.89
CA TYR C 883 -40.14 -3.54 21.46
C TYR C 883 -41.40 -4.07 20.79
N LEU C 884 -41.73 -5.32 21.09
CA LEU C 884 -42.93 -5.97 20.55
C LEU C 884 -44.21 -5.27 21.02
N GLN C 885 -44.26 -4.93 22.29
CA GLN C 885 -45.37 -4.17 22.87
C GLN C 885 -45.58 -2.85 22.12
N GLU C 886 -44.51 -2.07 22.00
CA GLU C 886 -44.59 -0.74 21.42
C GLU C 886 -44.76 -0.71 19.92
N ASN C 887 -44.26 -1.72 19.22
CA ASN C 887 -44.25 -1.74 17.73
C ASN C 887 -45.03 -2.86 17.02
N LEU C 888 -45.69 -3.75 17.79
CA LEU C 888 -46.55 -4.83 17.25
C LEU C 888 -47.87 -4.99 17.99
N GLY C 889 -47.81 -5.24 19.30
CA GLY C 889 -48.95 -5.73 20.06
C GLY C 889 -49.90 -4.73 20.69
N SER C 890 -49.41 -3.56 21.11
CA SER C 890 -50.24 -2.61 21.90
C SER C 890 -51.17 -1.78 21.02
N ARG C 891 -52.08 -1.07 21.69
CA ARG C 891 -52.95 -0.06 21.04
C ARG C 891 -52.06 1.01 20.41
N ILE C 892 -51.12 1.54 21.21
CA ILE C 892 -50.21 2.58 20.73
C ILE C 892 -49.40 2.17 19.49
N ALA C 893 -49.04 0.89 19.38
CA ALA C 893 -48.38 0.36 18.17
C ALA C 893 -49.21 0.55 16.89
N ALA C 894 -50.48 0.17 16.97
CA ALA C 894 -51.43 0.35 15.83
C ALA C 894 -51.64 1.83 15.50
N LEU C 895 -51.69 2.64 16.55
CA LEU C 895 -51.95 4.06 16.45
C LEU C 895 -50.78 4.85 15.84
N LYS C 896 -49.55 4.32 15.89
CA LYS C 896 -48.37 4.99 15.35
C LYS C 896 -47.91 4.48 13.98
N VAL C 897 -48.76 3.76 13.27
CA VAL C 897 -48.33 3.08 12.06
C VAL C 897 -48.41 3.93 10.75
N ILE C 898 -48.79 5.20 10.84
CA ILE C 898 -48.86 6.12 9.66
C ILE C 898 -47.50 6.33 8.89
C2 D06 D . 18.72 6.75 -31.33
C4 D06 D . 20.00 7.12 -32.11
C6 D06 D . 21.32 6.81 -31.38
C7 D06 D . 22.49 7.17 -32.28
C8 D06 D . 22.49 8.64 -32.72
C11 D06 D . 19.98 8.63 -32.35
C15 D06 D . 24.98 10.49 -34.88
C16 D06 D . 23.60 10.26 -34.24
C17 D06 D . 17.52 6.79 -32.23
C21 D06 D . 15.00 9.16 -31.00
C23 D06 D . 13.29 10.82 -30.72
C24 D06 D . 12.70 10.40 -31.90
C27 D06 D . 15.21 7.59 -32.71
N1 D06 D . 18.73 5.40 -30.79
C10 D06 D . 21.11 8.99 -33.30
N12 D06 D . 23.57 8.87 -33.72
C13 D06 D . 24.93 8.74 -33.15
C14 D06 D . 25.86 9.41 -34.20
O18 D06 D . 17.49 6.12 -33.26
N19 D06 D . 16.44 7.51 -31.91
C20 D06 D . 16.22 8.36 -30.74
C22 D06 D . 14.45 10.20 -30.27
C25 D06 D . 13.25 9.35 -32.63
C26 D06 D . 14.41 8.74 -32.18
C2 D06 E . 18.24 11.41 -44.57
C4 D06 E . 17.80 12.82 -45.00
C6 D06 E . 18.88 13.91 -44.91
C7 D06 E . 18.36 15.16 -45.64
C8 D06 E . 16.90 15.60 -45.29
C11 D06 E . 16.63 13.36 -44.12
C15 D06 E . 14.64 17.80 -47.39
C16 D06 E . 14.92 16.54 -46.60
C17 D06 E . 17.04 10.48 -44.83
C21 D06 E . 15.51 9.18 -41.67
C23 D06 E . 14.34 7.95 -39.95
C24 D06 E . 13.51 7.36 -40.91
C27 D06 E . 15.11 9.12 -43.98
N1 D06 E . 19.38 10.96 -45.37
C10 D06 E . 15.95 14.43 -44.94
N12 D06 E . 16.38 16.36 -46.46
C13 D06 E . 17.02 17.67 -46.70
C14 D06 E . 15.82 18.65 -46.88
O18 D06 E . 16.74 10.26 -45.99
N19 D06 E . 16.30 9.97 -43.81
C20 D06 E . 16.47 10.12 -42.36
C22 D06 E . 15.34 8.86 -40.32
C25 D06 E . 13.70 7.68 -42.25
C26 D06 E . 14.70 8.60 -42.63
C2 D06 F . 30.27 -15.60 -53.65
C4 D06 F . 29.87 -17.09 -53.37
C6 D06 F . 29.81 -17.32 -51.83
C7 D06 F . 29.08 -18.59 -51.36
C8 D06 F . 27.74 -18.79 -52.10
C11 D06 F . 28.56 -17.49 -54.06
C15 D06 F . 24.80 -21.09 -51.42
C16 D06 F . 25.74 -20.30 -52.35
C17 D06 F . 30.86 -15.33 -55.04
C21 D06 F . 34.60 -15.54 -55.11
C23 D06 F . 36.95 -15.73 -55.71
C24 D06 F . 36.66 -15.39 -57.03
C27 D06 F . 32.83 -15.00 -56.57
N1 D06 F . 29.18 -14.61 -53.45
C10 D06 F . 28.08 -18.87 -53.60
N12 D06 F . 26.98 -19.99 -51.61
C13 D06 F . 26.54 -19.89 -50.20
C14 D06 F . 25.49 -21.02 -50.02
O18 D06 F . 30.10 -15.07 -55.97
N19 D06 F . 32.20 -15.30 -55.27
C20 D06 F . 33.31 -15.57 -54.33
C22 D06 F . 35.93 -15.80 -54.75
C25 D06 F . 35.34 -15.14 -57.40
C26 D06 F . 34.31 -15.22 -56.44
C2 D06 G . 30.14 -17.82 -60.42
C4 D06 G . 30.21 -18.94 -61.49
C6 D06 G . 28.78 -19.44 -61.76
C7 D06 G . 28.72 -20.39 -62.95
C8 D06 G . 29.26 -19.64 -64.20
C11 D06 G . 30.94 -18.47 -62.77
C15 D06 G . 28.44 -19.36 -67.77
C16 D06 G . 29.53 -19.55 -66.69
C17 D06 G . 31.53 -17.66 -59.82
C21 D06 G . 31.92 -19.60 -56.70
C23 D06 G . 32.42 -20.21 -54.41
C24 D06 G . 33.65 -19.56 -54.49
C27 D06 G . 33.26 -18.34 -58.13
N1 D06 G . 29.65 -16.51 -60.92
C10 D06 G . 30.78 -19.48 -63.91
N12 D06 G . 28.96 -20.29 -65.52
C13 D06 G . 27.53 -20.51 -65.86
C14 D06 G . 27.14 -19.47 -66.95
O18 D06 G . 32.29 -16.85 -60.34
N19 D06 G . 31.93 -18.42 -58.77
C20 D06 G . 31.21 -19.44 -58.01
C22 D06 G . 31.55 -20.23 -55.52
C25 D06 G . 34.01 -18.92 -55.68
C26 D06 G . 33.13 -18.93 -56.76
C2 D06 H . -1.62 14.44 -10.40
C4 D06 H . -0.50 13.38 -10.67
C6 D06 H . 0.42 13.34 -9.40
C7 D06 H . 1.34 12.12 -9.28
C8 D06 H . 0.60 10.80 -9.55
C11 D06 H . -1.08 11.99 -11.02
C15 D06 H . 1.77 7.26 -9.08
C16 D06 H . 1.03 8.33 -9.87
C17 D06 H . -2.26 15.07 -11.65
C21 D06 H . -0.41 18.10 -12.82
C23 D06 H . 0.63 19.85 -14.11
C24 D06 H . -0.39 19.78 -15.06
C27 D06 H . -2.39 16.93 -13.35
N1 D06 H . -2.73 13.97 -9.52
C10 D06 H . 0.02 10.91 -10.99
N12 D06 H . 1.52 9.65 -9.36
C13 D06 H . 1.94 9.41 -7.96
C14 D06 H . 1.79 7.90 -7.67
O18 D06 H . -3.23 14.52 -12.14
N19 D06 H . -1.81 16.23 -12.18
C20 D06 H . -0.68 17.06 -11.75
C22 D06 H . 0.63 19.02 -12.99
C25 D06 H . -1.41 18.86 -14.89
C26 D06 H . -1.43 18.01 -13.77
C2 D06 I . -1.90 33.49 -40.13
C4 D06 I . -3.42 33.74 -39.89
C6 D06 I . -3.83 33.29 -38.47
C7 D06 I . -5.35 33.41 -38.24
C8 D06 I . -6.19 32.65 -39.30
C11 D06 I . -4.26 32.93 -40.90
C15 D06 I . -9.78 31.62 -39.33
C16 D06 I . -8.54 32.15 -40.08
C17 D06 I . -1.47 34.06 -41.48
C21 D06 I . -0.63 31.29 -43.82
C23 D06 I . -0.29 29.75 -45.64
C24 D06 I . -0.05 30.83 -46.48
C27 D06 I . -0.57 33.65 -43.85
N1 D06 I . -1.06 34.11 -39.09
C10 D06 I . -5.76 33.15 -40.68
N12 D06 I . -7.67 32.86 -39.10
C13 D06 I . -8.19 32.49 -37.76
C14 D06 I . -9.72 32.36 -37.96
O18 D06 I . -1.51 35.26 -41.65
N19 D06 I . -1.03 33.27 -42.50
C20 D06 I . -0.92 31.83 -42.45
C22 D06 I . -0.57 29.99 -44.30
C25 D06 I . -0.14 32.14 -46.00
C26 D06 I . -0.42 32.39 -44.65
C2 D06 J . -3.40 12.90 -17.10
C4 D06 J . -3.28 12.45 -18.58
C6 D06 J . -3.66 10.96 -18.68
C7 D06 J . -3.72 10.45 -20.13
C8 D06 J . -4.75 11.29 -20.92
C11 D06 J . -4.12 13.31 -19.57
C15 D06 J . -6.93 10.61 -23.87
C16 D06 J . -5.91 11.51 -23.15
C17 D06 J . -2.59 14.17 -16.92
C21 D06 J . 0.68 13.70 -15.18
C23 D06 J . 2.66 14.00 -13.82
C24 D06 J . 2.62 15.39 -14.01
C27 D06 J . -0.52 15.39 -16.23
N1 D06 J . -4.78 13.14 -16.65
C10 D06 J . -4.14 12.71 -20.98
N12 D06 J . -5.12 10.66 -22.22
C13 D06 J . -5.88 9.38 -22.10
C14 D06 J . -7.27 9.60 -22.75
O18 D06 J . -3.11 15.23 -17.24
N19 D06 J . -1.34 14.18 -16.40
C20 D06 J . -0.47 13.07 -15.92
C22 D06 J . 1.70 13.16 -14.40
C25 D06 J . 1.61 15.92 -14.79
C26 D06 J . 0.64 15.08 -15.36
CAA TMO K . 48.99 20.81 -18.43
NAC TMO K . 47.58 21.19 -18.23
CAD TMO K . 46.81 20.00 -17.80
CAB TMO K . 47.47 22.23 -17.21
OAE TMO K . 47.12 21.60 -19.32
CAA TMO L . 43.51 -1.55 -39.49
NAC TMO L . 42.27 -1.96 -38.83
CAD TMO L . 42.39 -3.36 -38.38
CAB TMO L . 42.04 -1.09 -37.65
OAE TMO L . 41.31 -1.88 -39.63
CAA TMO M . 39.28 7.48 -60.05
NAC TMO M . 39.39 7.29 -58.60
CAD TMO M . 40.69 7.80 -58.11
CAB TMO M . 38.28 8.03 -57.94
OAE TMO M . 39.28 6.07 -58.33
CAA TMO N . 13.88 27.15 -62.24
NAC TMO N . 14.20 26.73 -60.86
CAD TMO N . 15.57 27.16 -60.49
CAB TMO N . 13.22 27.31 -59.93
OAE TMO N . 14.16 25.48 -60.81
CAA TMO O . 6.07 5.80 -7.21
NAC TMO O . 6.40 7.22 -7.08
CAD TMO O . 5.91 7.94 -8.26
CAB TMO O . 5.75 7.77 -5.88
OAE TMO O . 7.63 7.39 -6.98
C2 D06 P . -10.73 18.18 21.57
C4 D06 P . -10.88 19.45 20.68
C6 D06 P . -9.70 20.42 20.81
C7 D06 P . -9.90 21.59 19.84
C8 D06 P . -11.21 22.35 20.07
C11 D06 P . -12.12 20.23 21.14
C15 D06 P . -12.51 25.30 18.16
C16 D06 P . -12.68 24.07 19.05
C17 D06 P . -11.81 17.19 21.23
C21 D06 P . -14.01 16.50 24.08
C23 D06 P . -15.83 16.00 25.58
C24 D06 P . -16.42 15.23 24.60
C27 D06 P . -13.71 15.77 21.90
N1 D06 P . -9.49 17.43 21.41
C10 D06 P . -12.38 21.34 20.13
N12 D06 P . -11.43 23.29 18.95
C13 D06 P . -10.39 24.32 18.76
C14 D06 P . -11.04 25.24 17.71
O18 D06 P . -11.86 16.74 20.12
N19 D06 P . -12.68 16.76 22.15
C20 D06 P . -12.76 17.11 23.58
C22 D06 P . -14.62 16.64 25.32
C25 D06 P . -15.81 15.09 23.36
C26 D06 P . -14.60 15.74 23.10
C2 D06 Q . -21.33 19.75 12.45
C4 D06 Q . -22.80 20.03 12.85
C6 D06 Q . -23.10 21.49 13.26
C7 D06 Q . -24.63 21.69 13.39
C8 D06 Q . -25.41 20.58 14.14
C11 D06 Q . -23.31 19.18 14.05
C15 D06 Q . -29.12 19.75 13.78
C16 D06 Q . -27.64 19.41 13.82
C17 D06 Q . -21.30 18.25 12.17
C21 D06 Q . -19.46 16.44 14.87
C23 D06 Q . -18.28 14.88 16.26
C24 D06 Q . -18.69 13.81 15.47
C27 D06 Q . -20.72 15.93 12.96
N1 D06 Q . -20.94 20.50 11.26
C10 D06 Q . -24.81 19.16 13.94
N12 D06 Q . -26.83 20.64 13.70
C13 D06 Q . -27.61 21.65 14.43
C14 D06 Q . -29.10 21.19 14.34
O18 D06 Q . -21.87 17.85 11.17
N19 D06 Q . -20.74 17.39 13.07
C20 D06 Q . -20.04 17.72 14.32
C22 D06 Q . -18.66 16.20 15.97
C25 D06 Q . -19.51 14.06 14.37
C26 D06 Q . -19.88 15.38 14.08
C2 D06 R . -43.92 15.00 32.01
C4 D06 R . -44.43 13.73 32.76
C6 D06 R . -43.37 13.19 33.74
C7 D06 R . -43.92 12.00 34.55
C8 D06 R . -44.53 10.84 33.71
C11 D06 R . -44.74 12.56 31.81
C15 D06 R . -45.87 7.55 34.79
C16 D06 R . -45.97 8.78 33.86
C17 D06 R . -44.94 15.48 31.00
C21 D06 R . -43.88 14.67 27.50
C23 D06 R . -43.57 14.30 25.12
C24 D06 R . -44.80 14.90 24.88
C27 D06 R . -45.72 15.68 28.58
N1 D06 R . -43.62 16.10 32.96
C10 D06 R . -45.42 11.42 32.59
N12 D06 R . -45.34 9.93 34.56
C13 D06 R . -44.68 9.39 35.77
C14 D06 R . -45.52 8.15 36.17
O18 D06 R . -45.97 16.01 31.38
N19 D06 R . -44.79 15.30 29.66
C20 D06 R . -43.65 14.68 28.99
C22 D06 R . -43.11 14.18 26.44
C25 D06 R . -45.58 15.37 25.95
C26 D06 R . -45.12 15.26 27.26
CAA TMO S . -0.95 50.33 29.89
NAC TMO S . -1.88 50.88 28.90
CAD TMO S . -1.98 52.35 29.07
CAB TMO S . -1.40 50.59 27.54
OAE TMO S . -3.01 50.37 29.04
CAA TMO T . -17.35 33.19 -8.35
NAC TMO T . -17.07 34.55 -7.87
CAD TMO T . -17.34 35.54 -8.91
CAB TMO T . -17.91 34.82 -6.69
OAE TMO T . -15.86 34.63 -7.54
CAA TMO U . 2.12 35.45 11.11
NAC TMO U . 1.76 36.64 10.33
CAD TMO U . 2.33 36.52 8.97
CAB TMO U . 0.29 36.78 10.25
OAE TMO U . 2.23 37.66 10.88
C2 D06 V . -22.17 -22.38 13.25
C4 D06 V . -22.78 -23.38 14.23
C6 D06 V . -22.29 -24.82 14.00
C7 D06 V . -22.84 -25.67 15.13
C8 D06 V . -24.39 -25.70 15.09
C11 D06 V . -24.30 -23.39 14.02
C15 D06 V . -26.72 -27.61 17.33
C16 D06 V . -26.35 -26.44 16.41
C17 D06 V . -22.58 -21.01 13.69
C21 D06 V . -24.65 -19.38 11.16
C23 D06 V . -26.02 -17.98 9.81
C24 D06 V . -26.04 -17.03 10.82
C27 D06 V . -23.80 -18.93 13.29
N1 D06 V . -20.70 -22.38 13.22
C10 D06 V . -24.94 -24.27 15.09
N12 D06 V . -24.88 -26.44 16.27
C13 D06 V . -24.56 -27.89 16.22
C14 D06 V . -25.47 -28.54 17.28
O18 D06 V . -22.21 -20.58 14.75
N19 D06 V . -23.36 -20.26 12.92
C20 D06 V . -23.87 -20.56 11.60
C22 D06 V . -25.33 -19.17 9.98
C25 D06 V . -25.34 -17.24 12.00
C26 D06 V . -24.66 -18.41 12.17
C2 D06 W . -31.06 -18.47 23.59
C4 D06 W . -32.54 -18.05 23.73
C6 D06 W . -33.47 -19.23 23.42
C7 D06 W . -34.90 -18.80 23.77
C8 D06 W . -35.29 -17.62 22.86
C11 D06 W . -32.90 -16.90 22.76
C15 D06 W . -37.54 -15.23 24.25
C16 D06 W . -37.08 -16.71 24.39
C17 D06 W . -30.19 -17.25 23.78
C21 D06 W . -27.75 -16.84 21.03
C23 D06 W . -26.12 -16.09 19.46
C24 D06 W . -25.87 -14.94 20.22
C27 D06 W . -28.38 -15.75 23.00
N1 D06 W . -30.70 -19.50 24.57
C10 D06 W . -34.32 -16.45 23.06
N12 D06 W . -36.68 -17.19 23.06
C13 D06 W . -37.23 -16.23 22.07
C14 D06 W . -37.38 -14.87 22.78
O18 D06 W . -30.41 -16.51 24.72
N19 D06 W . -29.22 -16.93 22.90
C20 D06 W . -28.80 -17.66 21.69
C22 D06 W . -27.05 -17.05 19.85
C25 D06 W . -26.56 -14.74 21.41
C26 D06 W . -27.50 -15.71 21.80
C2 D06 X . -50.50 -2.63 7.78
C4 D06 X . -50.58 -1.29 7.02
C6 D06 X . -49.39 -1.16 6.06
C7 D06 X . -49.47 0.14 5.22
C8 D06 X . -49.60 1.42 6.07
C11 D06 X . -50.52 -0.06 7.95
C15 D06 X . -49.66 5.03 5.04
C16 D06 X . -50.11 3.88 5.98
C17 D06 X . -51.45 -2.71 8.96
C21 D06 X . -49.59 -2.82 12.22
C23 D06 X . -48.78 -2.69 14.49
C24 D06 X . -50.11 -2.67 14.95
C27 D06 X . -51.84 -2.86 11.47
N1 D06 X . -50.85 -3.72 6.85
C10 D06 X . -50.69 1.23 7.15
N12 D06 X . -49.98 2.60 5.23
C13 D06 X . -49.09 2.87 4.08
C14 D06 X . -49.48 4.32 3.67
O18 D06 X . -52.65 -2.64 8.75
N19 D06 X . -51.01 -2.80 10.25
C20 D06 X . -49.63 -2.90 10.72
C22 D06 X . -48.53 -2.77 13.13
C25 D06 X . -51.16 -2.71 14.04
C26 D06 X . -50.92 -2.79 12.67
CAA TMO Y . -33.15 -55.88 6.07
NAC TMO Y . -31.98 -55.15 6.58
CAD TMO Y . -31.89 -55.34 8.03
CAB TMO Y . -30.77 -55.68 5.93
OAE TMO Y . -32.09 -53.93 6.35
CAA TMO Z . -17.99 -43.92 24.09
NAC TMO Z . -17.74 -45.00 23.12
CAD TMO Z . -17.02 -44.45 21.96
CAB TMO Z . -16.93 -46.06 23.73
OAE TMO Z . -18.82 -45.49 22.73
CAA TMO AA . -15.25 -41.03 28.43
NAC TMO AA . -15.60 -40.98 29.87
CAD TMO AA . -16.98 -40.50 30.03
CAB TMO AA . -15.48 -42.34 30.46
OAE TMO AA . -14.83 -40.20 30.45
CAA TMO BA . -31.35 -34.51 44.89
NAC TMO BA . -30.48 -33.75 43.99
CAD TMO BA . -31.28 -32.99 43.02
CAB TMO BA . -29.64 -32.83 44.77
OAE TMO BA . -29.73 -34.55 43.38
CAA TMO CA . -17.64 -61.21 14.43
NAC TMO CA . -16.92 -60.45 15.47
CAD TMO CA . -16.00 -61.32 16.22
CAB TMO CA . -16.13 -59.37 14.85
OAE TMO CA . -17.75 -59.94 16.25
CAA TMO DA . -15.58 -19.09 -12.37
NAC TMO DA . -15.65 -17.63 -12.54
CAD TMO DA . -14.34 -17.03 -12.21
CAB TMO DA . -16.00 -17.33 -13.93
OAE TMO DA . -16.54 -17.16 -11.79
#